data_9ISQ
#
_entry.id   9ISQ
#
_cell.length_a   1.00
_cell.length_b   1.00
_cell.length_c   1.00
_cell.angle_alpha   90.00
_cell.angle_beta   90.00
_cell.angle_gamma   90.00
#
_symmetry.space_group_name_H-M   'P 1'
#
loop_
_entity.id
_entity.type
_entity.pdbx_description
1 polymer 'Protein acetyltransferase'
2 water water
#
_entity_poly.entity_id   1
_entity_poly.type   'polypeptide(L)'
_entity_poly.pdbx_seq_one_letter_code
;GLEALLRPKSIAVIGASMKPNRAGYLMMRNLLAGGFNGPVLPVTPAWKAVLGVLAWPDIASLPFTPDLAVLCTNASRNLA
LLEELGEKGCKTCIILSAPASQHEDLRACALRHNMRLLGPNSLGLLAPWQGLNASFSPVPIKRGKLAFISQSAAVSNTIL
DWAQQRKMGFSYFIALGDSLDIDVDELLDYLARDSKTSAILLYLEQLSDARRFVSAARSASRNKPILVIKSGRSPAAQRL
LNTTAGMDPAWDAAIQRAGLLRVQDTHELFSAVETLSHMRPLRGDRLMIISNGAAPAALALDALWSRNGKLATLSEATCQ
KLRDALPEHVAISNPLDLRDDASSEHYIKTLDILLHSQDFDALMVIHSPSAAAPATESAQVLIEAVKHHPRSKYVSLLTN
WCGEHSSQEARRLFSEAGLPTYRTPEGTITAFMHMVEYRRNQKQLRETPALPSNLTSNTAEAHLLLQQAIAEGATSLDTH
EVQPILQAYGMNTLPTWIASDSTEAVHIAEQIGYPVALKLRSPDIPHKSEVQGVMLYLRTANEVQQAANAIFDRVKMAWP
QARVHGLLVQSMANRAGAQELRVVVEHDPVFGPLIMLGEGGVEWRPEDQAVVALPPLNMNLARYLVIQGIKSKKIRARSA
LRPLDVAGLSQLLVQVSNLIVDCPEIQRLDIHPLLASGSEFTALDVTLDISPFEGDNESRLAVRPYPHQLEEWVELKNGE
RCLFRPILPEDEPQLQQFISRVTKEDLYYRYFSEINEFTHEDLANMTQIDYDREMAFVAVRRIDQTEEILGVTRAISDPD
NIDAEFAVLVRSDLKGLGLGRRLMEKLITYTRDHGLQRLNGITMPNNRGMVALARKLGFNVDIQLEEGIVGLTLNLA
;
_entity_poly.pdbx_strand_id   A,B,C,D
#
# COMPACT_ATOMS: atom_id res chain seq x y z
N GLY A 1 -14.88 44.81 -18.29
CA GLY A 1 -15.40 43.78 -17.40
C GLY A 1 -14.57 42.53 -17.41
N LEU A 2 -14.63 41.76 -16.32
CA LEU A 2 -13.85 40.53 -16.18
C LEU A 2 -14.73 39.28 -16.22
N GLU A 3 -15.96 39.40 -16.70
CA GLU A 3 -16.84 38.24 -16.72
C GLU A 3 -16.59 37.31 -17.89
N ALA A 4 -15.98 37.80 -18.96
CA ALA A 4 -15.58 36.92 -20.05
C ALA A 4 -14.30 36.15 -19.73
N LEU A 5 -13.60 36.53 -18.66
CA LEU A 5 -12.39 35.84 -18.24
C LEU A 5 -12.66 34.86 -17.10
N LEU A 6 -13.34 35.31 -16.04
CA LEU A 6 -13.62 34.45 -14.89
C LEU A 6 -14.90 33.64 -15.06
N ARG A 7 -15.60 33.78 -16.17
CA ARG A 7 -16.81 33.00 -16.39
C ARG A 7 -17.10 32.90 -17.89
N PRO A 8 -16.18 32.35 -18.67
CA PRO A 8 -16.40 32.25 -20.12
C PRO A 8 -17.45 31.20 -20.46
N LYS A 9 -18.03 31.38 -21.65
CA LYS A 9 -18.97 30.41 -22.20
C LYS A 9 -18.36 29.56 -23.31
N SER A 10 -17.31 30.05 -23.97
CA SER A 10 -16.65 29.33 -25.04
C SER A 10 -15.16 29.68 -25.00
N ILE A 11 -14.34 28.75 -25.45
CA ILE A 11 -12.89 28.93 -25.45
C ILE A 11 -12.32 28.42 -26.77
N ALA A 12 -11.37 29.16 -27.32
CA ALA A 12 -10.64 28.76 -28.51
C ALA A 12 -9.16 28.66 -28.17
N VAL A 13 -8.58 27.48 -28.40
CA VAL A 13 -7.16 27.24 -28.17
C VAL A 13 -6.45 27.37 -29.50
N ILE A 14 -5.57 28.36 -29.60
CA ILE A 14 -4.84 28.65 -30.83
C ILE A 14 -3.43 28.10 -30.67
N GLY A 15 -3.10 27.10 -31.47
CA GLY A 15 -1.87 26.34 -31.30
C GLY A 15 -2.06 24.96 -30.74
N ALA A 16 -3.27 24.42 -30.73
CA ALA A 16 -3.51 23.07 -30.24
C ALA A 16 -2.71 22.07 -31.08
N SER A 17 -2.09 21.11 -30.40
CA SER A 17 -1.18 20.19 -31.05
C SER A 17 -1.31 18.80 -30.46
N MET A 18 -0.91 17.81 -31.25
CA MET A 18 -0.86 16.42 -30.83
C MET A 18 0.54 15.99 -30.41
N LYS A 19 1.47 16.93 -30.27
CA LYS A 19 2.82 16.63 -29.80
C LYS A 19 2.87 16.74 -28.28
N PRO A 20 3.17 15.67 -27.55
CA PRO A 20 3.11 15.76 -26.08
C PRO A 20 4.07 16.77 -25.46
N ASN A 21 5.08 17.22 -26.21
CA ASN A 21 6.07 18.15 -25.70
C ASN A 21 5.67 19.61 -25.91
N ARG A 22 4.39 19.89 -26.10
CA ARG A 22 3.91 21.21 -26.44
C ARG A 22 3.01 21.77 -25.35
N ALA A 23 2.91 23.09 -25.31
CA ALA A 23 1.99 23.76 -24.40
C ALA A 23 0.55 23.67 -24.87
N GLY A 24 0.32 23.63 -26.18
CA GLY A 24 -1.03 23.41 -26.68
C GLY A 24 -1.58 22.05 -26.28
N TYR A 25 -0.72 21.03 -26.33
CA TYR A 25 -1.12 19.70 -25.87
C TYR A 25 -1.60 19.74 -24.43
N LEU A 26 -0.79 20.34 -23.55
CA LEU A 26 -1.13 20.38 -22.13
C LEU A 26 -2.36 21.22 -21.89
N MET A 27 -2.51 22.33 -22.60
CA MET A 27 -3.69 23.18 -22.44
C MET A 27 -4.95 22.42 -22.81
N MET A 28 -4.94 21.72 -23.96
CA MET A 28 -6.11 20.95 -24.37
C MET A 28 -6.42 19.85 -23.36
N ARG A 29 -5.38 19.14 -22.89
CA ARG A 29 -5.62 18.04 -21.96
C ARG A 29 -6.16 18.55 -20.63
N ASN A 30 -5.65 19.68 -20.14
CA ASN A 30 -6.16 20.25 -18.90
C ASN A 30 -7.60 20.74 -19.08
N LEU A 31 -7.92 21.30 -20.24
CA LEU A 31 -9.26 21.83 -20.46
C LEU A 31 -10.29 20.72 -20.60
N LEU A 32 -9.90 19.57 -21.16
CA LEU A 32 -10.85 18.49 -21.36
C LEU A 32 -11.02 17.61 -20.14
N ALA A 33 -10.27 17.83 -19.07
CA ALA A 33 -10.35 17.01 -17.86
C ALA A 33 -10.91 17.77 -16.67
N GLY A 34 -11.59 18.88 -16.90
CA GLY A 34 -12.02 19.74 -15.82
C GLY A 34 -13.49 19.65 -15.49
N GLY A 35 -14.34 19.56 -16.50
CA GLY A 35 -15.77 19.60 -16.30
C GLY A 35 -16.39 20.87 -16.82
N PHE A 36 -15.82 21.41 -17.89
CA PHE A 36 -16.34 22.61 -18.52
C PHE A 36 -17.65 22.31 -19.24
N ASN A 37 -18.51 23.33 -19.30
CA ASN A 37 -19.86 23.18 -19.84
C ASN A 37 -20.05 23.89 -21.17
N GLY A 38 -18.96 24.20 -21.87
CA GLY A 38 -19.04 24.83 -23.17
C GLY A 38 -18.13 24.15 -24.16
N PRO A 39 -18.13 24.63 -25.41
CA PRO A 39 -17.26 24.05 -26.42
C PRO A 39 -15.81 24.50 -26.28
N VAL A 40 -14.90 23.58 -26.58
CA VAL A 40 -13.47 23.86 -26.69
C VAL A 40 -13.11 23.71 -28.15
N LEU A 41 -12.57 24.77 -28.75
CA LEU A 41 -12.36 24.82 -30.20
C LEU A 41 -10.87 24.86 -30.52
N PRO A 42 -10.27 23.79 -31.03
CA PRO A 42 -8.86 23.86 -31.44
C PRO A 42 -8.71 24.42 -32.85
N VAL A 43 -7.75 25.32 -33.00
CA VAL A 43 -7.49 26.01 -34.27
C VAL A 43 -6.09 25.65 -34.71
N THR A 44 -5.99 24.92 -35.83
CA THR A 44 -4.71 24.51 -36.38
C THR A 44 -4.90 23.90 -37.77
N PRO A 45 -4.03 24.19 -38.73
CA PRO A 45 -4.06 23.49 -40.01
C PRO A 45 -3.16 22.27 -40.11
N ALA A 46 -2.45 21.90 -39.03
CA ALA A 46 -1.51 20.79 -39.06
C ALA A 46 -2.12 19.47 -38.60
N TRP A 47 -3.39 19.45 -38.23
CA TRP A 47 -4.08 18.22 -37.86
C TRP A 47 -5.54 18.35 -38.27
N LYS A 48 -6.22 17.20 -38.34
CA LYS A 48 -7.65 17.18 -38.57
C LYS A 48 -8.46 17.05 -37.29
N ALA A 49 -7.85 16.57 -36.22
CA ALA A 49 -8.48 16.52 -34.91
C ALA A 49 -7.39 16.41 -33.86
N VAL A 50 -7.63 17.01 -32.70
CA VAL A 50 -6.68 16.99 -31.59
C VAL A 50 -7.36 16.31 -30.41
N LEU A 51 -6.83 15.17 -30.00
CA LEU A 51 -7.36 14.38 -28.88
C LEU A 51 -8.84 14.04 -29.08
N GLY A 52 -9.25 13.86 -30.33
CA GLY A 52 -10.60 13.44 -30.64
C GLY A 52 -11.58 14.54 -30.93
N VAL A 53 -11.13 15.78 -31.12
CA VAL A 53 -12.00 16.91 -31.37
C VAL A 53 -11.63 17.51 -32.73
N LEU A 54 -12.64 17.72 -33.57
CA LEU A 54 -12.43 18.29 -34.90
C LEU A 54 -11.81 19.68 -34.79
N ALA A 55 -10.81 19.94 -35.63
CA ALA A 55 -10.06 21.19 -35.60
C ALA A 55 -10.44 22.07 -36.79
N TRP A 56 -10.10 23.35 -36.68
CA TRP A 56 -10.34 24.35 -37.70
C TRP A 56 -9.02 24.95 -38.17
N PRO A 57 -8.91 25.33 -39.44
CA PRO A 57 -7.61 25.82 -39.94
C PRO A 57 -7.24 27.21 -39.45
N ASP A 58 -8.18 28.15 -39.43
CA ASP A 58 -7.85 29.54 -39.14
C ASP A 58 -8.95 30.19 -38.31
N ILE A 59 -8.66 31.40 -37.84
CA ILE A 59 -9.59 32.12 -36.99
C ILE A 59 -10.85 32.51 -37.76
N ALA A 60 -10.69 32.85 -39.04
CA ALA A 60 -11.84 33.29 -39.83
C ALA A 60 -12.81 32.15 -40.13
N SER A 61 -12.38 30.90 -40.03
CA SER A 61 -13.22 29.75 -40.30
C SER A 61 -13.99 29.27 -39.08
N LEU A 62 -13.81 29.91 -37.93
CA LEU A 62 -14.54 29.50 -36.74
C LEU A 62 -16.04 29.69 -36.96
N PRO A 63 -16.88 28.74 -36.54
CA PRO A 63 -18.32 28.90 -36.77
C PRO A 63 -18.93 30.12 -36.10
N PHE A 64 -18.42 30.51 -34.92
CA PHE A 64 -18.96 31.67 -34.22
C PHE A 64 -17.81 32.36 -33.49
N THR A 65 -18.15 33.46 -32.79
CA THR A 65 -17.15 34.24 -32.06
C THR A 65 -16.99 33.69 -30.64
N PRO A 66 -15.77 33.44 -30.16
CA PRO A 66 -15.58 32.91 -28.81
C PRO A 66 -15.53 34.02 -27.75
N ASP A 67 -15.60 33.58 -26.50
CA ASP A 67 -15.46 34.45 -25.34
C ASP A 67 -14.01 34.63 -24.92
N LEU A 68 -13.24 33.54 -24.92
CA LEU A 68 -11.88 33.51 -24.40
C LEU A 68 -10.99 32.85 -25.43
N ALA A 69 -9.77 33.34 -25.55
CA ALA A 69 -8.77 32.76 -26.44
C ALA A 69 -7.45 32.63 -25.70
N VAL A 70 -6.78 31.50 -25.90
CA VAL A 70 -5.47 31.23 -25.31
C VAL A 70 -4.49 31.03 -26.45
N LEU A 71 -3.39 31.78 -26.42
CA LEU A 71 -2.39 31.75 -27.47
C LEU A 71 -1.23 30.86 -27.03
N CYS A 72 -1.17 29.65 -27.59
CA CYS A 72 -0.10 28.71 -27.31
C CYS A 72 0.94 28.65 -28.40
N THR A 73 0.81 29.48 -29.44
CA THR A 73 1.77 29.52 -30.53
C THR A 73 2.99 30.33 -30.09
N ASN A 74 3.88 30.65 -31.02
CA ASN A 74 5.10 31.35 -30.68
C ASN A 74 4.85 32.86 -30.61
N ALA A 75 5.88 33.57 -30.12
CA ALA A 75 5.77 35.01 -29.94
C ALA A 75 5.79 35.75 -31.27
N SER A 76 6.53 35.24 -32.25
CA SER A 76 6.69 35.93 -33.52
C SER A 76 5.34 36.25 -34.15
N ARG A 77 4.36 35.36 -33.99
CA ARG A 77 3.06 35.55 -34.62
C ARG A 77 2.11 36.40 -33.79
N ASN A 78 2.47 36.72 -32.54
CA ASN A 78 1.56 37.38 -31.62
C ASN A 78 0.81 38.52 -32.30
N LEU A 79 1.54 39.55 -32.74
CA LEU A 79 0.89 40.76 -33.21
C LEU A 79 -0.07 40.49 -34.36
N ALA A 80 0.21 39.49 -35.20
CA ALA A 80 -0.71 39.17 -36.27
C ALA A 80 -1.97 38.53 -35.70
N LEU A 81 -1.82 37.52 -34.86
CA LEU A 81 -2.97 36.75 -34.40
C LEU A 81 -3.94 37.64 -33.65
N LEU A 82 -3.43 38.49 -32.75
CA LEU A 82 -4.29 39.41 -32.04
C LEU A 82 -5.17 40.19 -33.01
N GLU A 83 -4.57 40.72 -34.07
CA GLU A 83 -5.35 41.50 -35.02
C GLU A 83 -6.52 40.70 -35.55
N GLU A 84 -6.27 39.45 -35.94
CA GLU A 84 -7.35 38.61 -36.44
C GLU A 84 -8.47 38.51 -35.41
N LEU A 85 -8.11 38.26 -34.16
CA LEU A 85 -9.12 38.16 -33.11
C LEU A 85 -9.93 39.44 -33.04
N GLY A 86 -9.26 40.59 -33.13
CA GLY A 86 -9.98 41.85 -33.11
C GLY A 86 -11.02 41.93 -34.22
N GLU A 87 -10.69 41.43 -35.41
CA GLU A 87 -11.67 41.41 -36.48
C GLU A 87 -12.84 40.49 -36.13
N LYS A 88 -12.55 39.33 -35.55
CA LYS A 88 -13.63 38.40 -35.20
C LYS A 88 -14.52 38.99 -34.12
N GLY A 89 -13.93 39.62 -33.11
CA GLY A 89 -14.71 40.29 -32.09
C GLY A 89 -14.66 39.62 -30.73
N CYS A 90 -13.52 39.00 -30.39
CA CYS A 90 -13.41 38.36 -29.09
C CYS A 90 -13.08 39.41 -28.02
N LYS A 91 -13.29 39.01 -26.76
CA LYS A 91 -13.23 39.95 -25.63
C LYS A 91 -11.93 39.91 -24.86
N THR A 92 -11.43 38.72 -24.52
CA THR A 92 -10.21 38.60 -23.73
C THR A 92 -9.32 37.53 -24.33
N CYS A 93 -8.02 37.64 -24.06
CA CYS A 93 -7.04 36.67 -24.52
C CYS A 93 -5.95 36.49 -23.47
N ILE A 94 -5.48 35.25 -23.33
CA ILE A 94 -4.38 34.90 -22.45
C ILE A 94 -3.17 34.63 -23.33
N ILE A 95 -2.04 35.27 -23.02
CA ILE A 95 -0.82 35.16 -23.80
C ILE A 95 0.21 34.39 -22.98
N LEU A 96 0.91 33.47 -23.64
CA LEU A 96 1.84 32.58 -22.95
C LEU A 96 3.19 33.24 -22.73
N SER A 97 3.76 33.85 -23.75
CA SER A 97 5.11 34.40 -23.65
C SER A 97 5.27 35.57 -24.61
N ALA A 98 6.14 36.49 -24.23
CA ALA A 98 6.52 37.64 -25.04
C ALA A 98 8.00 37.91 -24.85
N PRO A 99 8.66 38.53 -25.82
CA PRO A 99 10.11 38.77 -25.74
C PRO A 99 10.53 40.01 -24.97
N ALA A 100 9.67 40.57 -24.12
CA ALA A 100 9.93 41.75 -23.28
C ALA A 100 9.78 43.05 -24.07
N SER A 101 9.49 42.99 -25.36
CA SER A 101 9.21 44.17 -26.17
C SER A 101 7.81 44.02 -26.77
N GLN A 102 7.47 44.96 -27.67
CA GLN A 102 6.16 45.04 -28.29
C GLN A 102 5.03 45.12 -27.26
N HIS A 103 5.34 45.44 -26.01
CA HIS A 103 4.28 45.73 -25.05
C HIS A 103 3.47 46.93 -25.53
N GLU A 104 4.14 47.90 -26.16
CA GLU A 104 3.44 49.08 -26.66
C GLU A 104 2.45 48.71 -27.77
N ASP A 105 2.89 47.89 -28.71
CA ASP A 105 2.01 47.49 -29.80
C ASP A 105 0.87 46.62 -29.28
N LEU A 106 1.15 45.75 -28.31
CA LEU A 106 0.10 44.93 -27.72
C LEU A 106 -0.96 45.80 -27.05
N ARG A 107 -0.53 46.78 -26.26
CA ARG A 107 -1.51 47.65 -25.60
C ARG A 107 -2.29 48.47 -26.63
N ALA A 108 -1.61 48.95 -27.67
CA ALA A 108 -2.30 49.72 -28.69
C ALA A 108 -3.36 48.89 -29.38
N CYS A 109 -3.02 47.65 -29.76
CA CYS A 109 -4.00 46.78 -30.41
C CYS A 109 -5.17 46.50 -29.49
N ALA A 110 -4.89 46.18 -28.23
CA ALA A 110 -5.96 45.86 -27.28
C ALA A 110 -6.90 47.05 -27.09
N LEU A 111 -6.34 48.25 -26.93
CA LEU A 111 -7.18 49.44 -26.78
C LEU A 111 -7.97 49.73 -28.04
N ARG A 112 -7.35 49.52 -29.21
CA ARG A 112 -8.03 49.75 -30.47
C ARG A 112 -9.25 48.85 -30.62
N HIS A 113 -9.12 47.58 -30.25
CA HIS A 113 -10.21 46.62 -30.41
C HIS A 113 -11.02 46.39 -29.15
N ASN A 114 -10.73 47.11 -28.06
CA ASN A 114 -11.43 46.95 -26.79
C ASN A 114 -11.32 45.51 -26.29
N MET A 115 -10.08 45.11 -26.01
CA MET A 115 -9.78 43.77 -25.55
C MET A 115 -8.96 43.83 -24.27
N ARG A 116 -9.08 42.79 -23.46
CA ARG A 116 -8.39 42.69 -22.18
C ARG A 116 -7.40 41.52 -22.24
N LEU A 117 -6.19 41.75 -21.76
CA LEU A 117 -5.12 40.76 -21.83
C LEU A 117 -4.75 40.29 -20.44
N LEU A 118 -4.60 38.98 -20.28
CA LEU A 118 -3.95 38.44 -19.09
C LEU A 118 -2.44 38.39 -19.32
N GLY A 119 -1.70 39.02 -18.41
CA GLY A 119 -0.31 39.37 -18.64
C GLY A 119 0.49 38.27 -19.30
N PRO A 120 1.35 38.63 -20.26
CA PRO A 120 2.23 37.63 -20.86
C PRO A 120 3.15 37.01 -19.83
N ASN A 121 3.54 35.76 -20.09
CA ASN A 121 4.33 34.98 -19.14
C ASN A 121 3.52 34.63 -17.91
N SER A 122 2.26 34.26 -18.13
CA SER A 122 1.32 33.90 -17.09
C SER A 122 1.04 32.40 -17.15
N LEU A 123 0.99 31.76 -15.98
CA LEU A 123 0.77 30.32 -15.94
C LEU A 123 -0.68 29.97 -16.24
N GLY A 124 -1.62 30.86 -15.94
CA GLY A 124 -3.00 30.63 -16.31
C GLY A 124 -4.01 30.90 -15.21
N LEU A 125 -5.15 30.22 -15.29
CA LEU A 125 -6.28 30.46 -14.42
C LEU A 125 -6.98 29.16 -14.09
N LEU A 126 -7.39 29.02 -12.83
CA LEU A 126 -8.10 27.84 -12.34
C LEU A 126 -9.33 28.30 -11.59
N ALA A 127 -10.50 27.84 -12.01
CA ALA A 127 -11.78 28.11 -11.36
C ALA A 127 -12.48 26.79 -11.14
N PRO A 128 -12.23 26.13 -10.00
CA PRO A 128 -12.84 24.82 -9.75
C PRO A 128 -14.36 24.82 -9.71
N TRP A 129 -14.98 25.91 -9.25
CA TRP A 129 -16.43 25.93 -9.12
C TRP A 129 -17.12 26.02 -10.48
N GLN A 130 -16.38 26.34 -11.54
CA GLN A 130 -16.88 26.25 -12.90
C GLN A 130 -16.28 25.09 -13.67
N GLY A 131 -15.40 24.30 -13.04
CA GLY A 131 -14.68 23.26 -13.76
C GLY A 131 -13.78 23.79 -14.83
N LEU A 132 -13.07 24.89 -14.56
CA LEU A 132 -12.20 25.53 -15.55
C LEU A 132 -10.75 25.40 -15.12
N ASN A 133 -9.91 24.93 -16.04
CA ASN A 133 -8.50 24.66 -15.78
C ASN A 133 -7.64 25.22 -16.91
N ALA A 134 -7.81 26.50 -17.23
CA ALA A 134 -7.09 27.11 -18.34
C ALA A 134 -5.68 27.47 -17.88
N SER A 135 -4.85 26.44 -17.71
CA SER A 135 -3.54 26.61 -17.10
C SER A 135 -2.54 25.68 -17.74
N PHE A 136 -1.26 25.89 -17.39
CA PHE A 136 -0.16 25.08 -17.87
C PHE A 136 0.48 24.24 -16.76
N SER A 137 -0.14 24.14 -15.60
CA SER A 137 0.48 23.47 -14.48
C SER A 137 0.32 21.96 -14.56
N PRO A 138 1.21 21.19 -13.93
CA PRO A 138 1.10 19.73 -13.96
C PRO A 138 0.42 19.08 -12.76
N VAL A 139 -0.13 19.84 -11.83
CA VAL A 139 -0.70 19.27 -10.61
C VAL A 139 -2.16 19.68 -10.48
N PRO A 140 -3.04 18.82 -9.96
CA PRO A 140 -4.46 19.14 -9.88
C PRO A 140 -4.80 19.97 -8.65
N ILE A 141 -6.03 20.50 -8.63
CA ILE A 141 -6.52 21.26 -7.50
C ILE A 141 -7.98 20.89 -7.25
N LYS A 142 -8.48 21.30 -6.09
CA LYS A 142 -9.78 20.91 -5.57
C LYS A 142 -10.60 22.14 -5.22
N ARG A 143 -11.90 21.94 -5.07
CA ARG A 143 -12.79 23.02 -4.65
C ARG A 143 -12.49 23.43 -3.22
N GLY A 144 -12.74 24.71 -2.92
CA GLY A 144 -12.45 25.23 -1.60
C GLY A 144 -12.95 26.64 -1.37
N LYS A 145 -12.23 27.41 -0.54
CA LYS A 145 -12.67 28.75 -0.18
C LYS A 145 -11.54 29.77 -0.12
N LEU A 146 -10.36 29.46 -0.65
CA LEU A 146 -9.18 30.32 -0.52
C LEU A 146 -8.74 30.78 -1.90
N ALA A 147 -8.62 32.09 -2.07
CA ALA A 147 -8.20 32.68 -3.34
C ALA A 147 -6.74 33.10 -3.25
N PHE A 148 -6.00 32.88 -4.33
CA PHE A 148 -4.58 33.17 -4.37
C PHE A 148 -4.24 33.97 -5.62
N ILE A 149 -3.38 34.98 -5.46
CA ILE A 149 -2.86 35.80 -6.55
C ILE A 149 -1.35 35.78 -6.48
N SER A 150 -0.71 35.58 -7.62
CA SER A 150 0.75 35.51 -7.71
C SER A 150 1.22 36.37 -8.89
N GLN A 151 2.49 36.74 -8.86
CA GLN A 151 3.04 37.71 -9.81
C GLN A 151 3.94 37.09 -10.87
N SER A 152 4.91 36.28 -10.47
CA SER A 152 5.89 35.76 -11.42
C SER A 152 5.56 34.33 -11.81
N ALA A 153 5.83 33.99 -13.07
CA ALA A 153 5.59 32.63 -13.54
C ALA A 153 6.43 31.63 -12.79
N ALA A 154 7.70 31.96 -12.53
CA ALA A 154 8.51 31.13 -11.66
C ALA A 154 7.89 31.07 -10.27
N VAL A 155 7.48 32.23 -9.74
CA VAL A 155 6.78 32.28 -8.46
C VAL A 155 5.48 31.51 -8.55
N SER A 156 4.71 31.71 -9.62
CA SER A 156 3.42 31.05 -9.74
C SER A 156 3.58 29.54 -9.70
N ASN A 157 4.55 29.02 -10.46
CA ASN A 157 4.74 27.57 -10.51
C ASN A 157 5.28 27.04 -9.20
N THR A 158 6.26 27.73 -8.60
CA THR A 158 6.77 27.30 -7.32
C THR A 158 5.66 27.27 -6.27
N ILE A 159 4.82 28.31 -6.24
CA ILE A 159 3.79 28.39 -5.22
C ILE A 159 2.71 27.35 -5.47
N LEU A 160 2.31 27.15 -6.74
CA LEU A 160 1.27 26.15 -6.97
C LEU A 160 1.78 24.75 -6.71
N ASP A 161 3.06 24.48 -7.02
CA ASP A 161 3.65 23.21 -6.62
C ASP A 161 3.59 23.04 -5.11
N TRP A 162 4.08 24.03 -4.37
CA TRP A 162 4.03 23.96 -2.91
C TRP A 162 2.61 23.80 -2.41
N ALA A 163 1.64 24.39 -3.11
CA ALA A 163 0.25 24.34 -2.66
C ALA A 163 -0.36 22.97 -2.91
N GLN A 164 -0.37 22.52 -4.16
CA GLN A 164 -0.92 21.21 -4.46
C GLN A 164 -0.23 20.13 -3.64
N GLN A 165 1.08 20.22 -3.46
CA GLN A 165 1.70 19.28 -2.55
C GLN A 165 1.25 19.52 -1.12
N ARG A 166 0.84 20.74 -0.79
CA ARG A 166 0.12 21.02 0.43
C ARG A 166 -1.36 20.67 0.33
N LYS A 167 -1.86 20.43 -0.88
CA LYS A 167 -3.14 19.84 -1.25
C LYS A 167 -4.31 20.80 -1.08
N MET A 168 -4.14 21.97 -0.48
CA MET A 168 -5.30 22.69 0.01
C MET A 168 -6.20 23.14 -1.14
N GLY A 169 -7.51 23.09 -0.89
CA GLY A 169 -8.47 23.53 -1.88
C GLY A 169 -8.41 25.03 -2.11
N PHE A 170 -8.92 25.45 -3.26
CA PHE A 170 -8.87 26.84 -3.68
C PHE A 170 -10.19 27.26 -4.29
N SER A 171 -10.45 28.55 -4.24
CA SER A 171 -11.58 29.17 -4.92
C SER A 171 -11.17 29.75 -6.27
N TYR A 172 -10.09 30.53 -6.30
CA TYR A 172 -9.53 31.06 -7.52
C TYR A 172 -8.02 30.95 -7.45
N PHE A 173 -7.39 30.96 -8.62
CA PHE A 173 -5.93 30.92 -8.71
C PHE A 173 -5.55 31.65 -9.99
N ILE A 174 -5.13 32.90 -9.86
CA ILE A 174 -4.77 33.75 -10.98
C ILE A 174 -3.28 34.06 -10.90
N ALA A 175 -2.60 33.92 -12.04
CA ALA A 175 -1.17 34.19 -12.15
C ALA A 175 -0.97 35.33 -13.13
N LEU A 176 -0.71 36.53 -12.61
CA LEU A 176 -0.44 37.66 -13.48
C LEU A 176 0.95 37.54 -14.09
N GLY A 177 1.21 38.38 -15.09
CA GLY A 177 2.50 38.40 -15.74
C GLY A 177 3.18 39.74 -15.57
N ASP A 178 3.32 40.46 -16.67
CA ASP A 178 3.82 41.82 -16.62
C ASP A 178 2.75 42.81 -16.17
N SER A 179 1.53 42.34 -15.89
CA SER A 179 0.45 43.22 -15.46
C SER A 179 0.26 44.37 -16.43
N LEU A 180 0.36 44.05 -17.73
CA LEU A 180 0.29 45.09 -18.75
C LEU A 180 -1.09 45.74 -18.80
N ASP A 181 -2.15 44.95 -18.63
CA ASP A 181 -3.51 45.47 -18.74
C ASP A 181 -4.38 45.18 -17.53
N ILE A 182 -4.22 44.02 -16.90
CA ILE A 182 -5.01 43.63 -15.73
C ILE A 182 -4.07 43.59 -14.53
N ASP A 183 -4.46 44.24 -13.45
CA ASP A 183 -3.60 44.45 -12.29
C ASP A 183 -4.32 43.97 -11.02
N VAL A 184 -3.64 44.14 -9.88
CA VAL A 184 -4.13 43.61 -8.62
C VAL A 184 -5.36 44.38 -8.16
N ASP A 185 -5.34 45.70 -8.30
CA ASP A 185 -6.45 46.51 -7.78
C ASP A 185 -7.76 46.10 -8.42
N GLU A 186 -7.77 45.86 -9.73
CA GLU A 186 -9.00 45.46 -10.40
C GLU A 186 -9.51 44.13 -9.87
N LEU A 187 -8.62 43.16 -9.63
CA LEU A 187 -9.04 41.86 -9.16
C LEU A 187 -9.55 41.91 -7.73
N LEU A 188 -9.05 42.84 -6.92
CA LEU A 188 -9.41 42.87 -5.51
C LEU A 188 -10.90 43.12 -5.32
N ASP A 189 -11.49 44.02 -6.13
CA ASP A 189 -12.92 44.28 -6.01
C ASP A 189 -13.73 43.04 -6.28
N TYR A 190 -13.47 42.40 -7.43
CA TYR A 190 -14.21 41.20 -7.79
C TYR A 190 -14.07 40.14 -6.69
N LEU A 191 -12.86 39.94 -6.18
CA LEU A 191 -12.67 38.90 -5.16
C LEU A 191 -13.40 39.26 -3.88
N ALA A 192 -13.39 40.53 -3.48
CA ALA A 192 -14.09 40.93 -2.27
C ALA A 192 -15.58 40.67 -2.40
N ARG A 193 -16.16 41.00 -3.54
CA ARG A 193 -17.60 40.79 -3.73
C ARG A 193 -17.96 39.32 -3.90
N ASP A 194 -17.00 38.44 -4.15
CA ASP A 194 -17.31 37.03 -4.38
C ASP A 194 -17.77 36.36 -3.10
N SER A 195 -18.56 35.30 -3.26
CA SER A 195 -19.15 34.59 -2.14
C SER A 195 -18.44 33.30 -1.79
N LYS A 196 -17.83 32.62 -2.76
CA LYS A 196 -17.10 31.40 -2.48
C LYS A 196 -15.74 31.68 -1.83
N THR A 197 -15.27 32.91 -1.87
CA THR A 197 -13.99 33.27 -1.29
C THR A 197 -14.16 33.62 0.18
N SER A 198 -13.26 33.12 1.02
CA SER A 198 -13.27 33.40 2.45
C SER A 198 -12.01 34.11 2.93
N ALA A 199 -10.90 33.97 2.22
CA ALA A 199 -9.69 34.71 2.54
C ALA A 199 -8.91 34.91 1.25
N ILE A 200 -8.01 35.88 1.25
CA ILE A 200 -7.22 36.23 0.08
C ILE A 200 -5.74 36.17 0.45
N LEU A 201 -4.94 35.65 -0.47
CA LEU A 201 -3.50 35.52 -0.29
C LEU A 201 -2.80 36.17 -1.47
N LEU A 202 -1.71 36.88 -1.18
CA LEU A 202 -0.96 37.61 -2.19
C LEU A 202 0.51 37.22 -2.13
N TYR A 203 1.17 37.32 -3.27
CA TYR A 203 2.62 37.20 -3.36
C TYR A 203 3.09 38.29 -4.30
N LEU A 204 3.69 39.34 -3.74
CA LEU A 204 4.05 40.52 -4.50
C LEU A 204 5.56 40.61 -4.66
N GLU A 205 5.98 41.15 -5.80
CA GLU A 205 7.38 41.29 -6.13
C GLU A 205 7.68 42.73 -6.58
N GLN A 206 6.68 43.38 -7.16
CA GLN A 206 6.81 44.78 -7.58
C GLN A 206 5.42 45.33 -7.81
N LEU A 207 5.32 46.66 -7.82
CA LEU A 207 4.06 47.34 -8.05
C LEU A 207 4.26 48.48 -9.02
N SER A 208 3.18 48.84 -9.72
CA SER A 208 3.19 49.97 -10.65
C SER A 208 2.82 51.27 -9.94
N ASP A 209 1.64 51.33 -9.34
CA ASP A 209 1.21 52.47 -8.54
C ASP A 209 0.65 51.95 -7.24
N ALA A 210 1.15 52.45 -6.12
CA ALA A 210 0.71 51.99 -4.81
C ALA A 210 -0.54 52.69 -4.32
N ARG A 211 -0.92 53.84 -4.91
CA ARG A 211 -2.11 54.54 -4.45
C ARG A 211 -3.35 53.69 -4.65
N ARG A 212 -3.56 53.20 -5.88
CA ARG A 212 -4.74 52.37 -6.13
C ARG A 212 -4.66 51.07 -5.36
N PHE A 213 -3.47 50.50 -5.19
CA PHE A 213 -3.33 49.28 -4.41
C PHE A 213 -3.83 49.50 -3.00
N VAL A 214 -3.36 50.57 -2.34
CA VAL A 214 -3.78 50.85 -0.98
C VAL A 214 -5.28 51.12 -0.93
N SER A 215 -5.80 51.88 -1.89
CA SER A 215 -7.21 52.21 -1.88
C SER A 215 -8.07 50.95 -1.97
N ALA A 216 -7.80 50.11 -2.98
CA ALA A 216 -8.61 48.91 -3.15
C ALA A 216 -8.45 47.94 -1.99
N ALA A 217 -7.21 47.76 -1.49
CA ALA A 217 -7.01 46.87 -0.36
C ALA A 217 -7.77 47.36 0.86
N ARG A 218 -7.74 48.68 1.11
CA ARG A 218 -8.52 49.25 2.20
C ARG A 218 -10.00 48.95 2.02
N SER A 219 -10.50 49.08 0.80
CA SER A 219 -11.92 48.83 0.58
C SER A 219 -12.27 47.37 0.83
N ALA A 220 -11.42 46.45 0.42
CA ALA A 220 -11.74 45.03 0.49
C ALA A 220 -11.35 44.35 1.79
N SER A 221 -10.65 45.04 2.68
CA SER A 221 -10.12 44.41 3.89
C SER A 221 -11.15 44.25 4.99
N ARG A 222 -12.30 44.89 4.89
CA ARG A 222 -13.31 44.79 5.92
C ARG A 222 -14.25 43.61 5.71
N ASN A 223 -14.14 42.90 4.59
CA ASN A 223 -14.95 41.73 4.33
C ASN A 223 -14.28 40.45 4.84
N LYS A 224 -13.05 40.21 4.44
CA LYS A 224 -12.35 38.99 4.75
C LYS A 224 -10.92 39.32 5.14
N PRO A 225 -10.23 38.41 5.82
CA PRO A 225 -8.80 38.62 6.08
C PRO A 225 -7.98 38.56 4.80
N ILE A 226 -6.89 39.32 4.80
CA ILE A 226 -5.97 39.38 3.67
C ILE A 226 -4.55 39.34 4.19
N LEU A 227 -3.70 38.54 3.55
CA LEU A 227 -2.31 38.36 3.97
C LEU A 227 -1.38 38.55 2.77
N VAL A 228 -0.15 38.94 3.05
CA VAL A 228 0.83 39.25 2.03
C VAL A 228 2.15 38.59 2.36
N ILE A 229 3.01 38.49 1.35
CA ILE A 229 4.41 38.13 1.52
C ILE A 229 5.20 38.80 0.41
N LYS A 230 6.32 39.43 0.78
CA LYS A 230 7.20 40.11 -0.15
C LYS A 230 8.63 39.63 0.06
N SER A 231 9.42 39.67 -1.02
CA SER A 231 10.72 39.02 -1.02
C SER A 231 11.88 39.87 -1.51
N GLY A 232 11.66 41.14 -1.86
CA GLY A 232 12.75 41.99 -2.31
C GLY A 232 13.44 42.74 -1.19
N ARG A 233 14.25 42.06 -0.38
CA ARG A 233 14.85 42.66 0.80
C ARG A 233 16.37 42.70 0.80
N SER A 234 17.05 41.90 -0.02
CA SER A 234 18.50 41.89 -0.04
C SER A 234 19.02 42.22 -1.44
N PRO A 235 20.24 42.77 -1.54
CA PRO A 235 20.71 43.26 -2.85
C PRO A 235 20.82 42.16 -3.90
N ALA A 236 21.26 40.96 -3.52
CA ALA A 236 21.34 39.86 -4.47
C ALA A 236 19.95 39.46 -4.95
N ALA A 237 18.99 39.39 -4.04
CA ALA A 237 17.61 39.14 -4.44
C ALA A 237 17.08 40.26 -5.31
N GLN A 238 17.46 41.50 -5.01
CA GLN A 238 17.02 42.61 -5.84
C GLN A 238 17.55 42.49 -7.26
N ARG A 239 18.82 42.11 -7.41
CA ARG A 239 19.39 42.03 -8.74
C ARG A 239 18.90 40.81 -9.52
N LEU A 240 18.65 39.69 -8.84
CA LEU A 240 18.17 38.52 -9.56
C LEU A 240 16.75 38.71 -10.08
N LEU A 241 15.92 39.44 -9.36
CA LEU A 241 14.54 39.67 -9.77
C LEU A 241 14.36 40.98 -10.54
N ASN A 242 15.40 41.80 -10.64
CA ASN A 242 15.34 43.05 -11.39
C ASN A 242 14.25 43.98 -10.86
N THR A 243 14.43 44.42 -9.61
CA THR A 243 13.51 45.34 -8.96
C THR A 243 14.30 46.43 -8.25
N THR A 244 13.64 47.56 -8.03
CA THR A 244 14.24 48.65 -7.27
C THR A 244 14.36 48.24 -5.80
N ALA A 245 15.18 49.00 -5.05
CA ALA A 245 15.62 48.57 -3.73
C ALA A 245 15.11 49.42 -2.59
N GLY A 246 15.40 50.72 -2.58
CA GLY A 246 15.33 51.51 -1.36
C GLY A 246 13.96 52.02 -0.94
N MET A 247 12.99 51.12 -0.72
CA MET A 247 11.68 51.51 -0.23
C MET A 247 11.11 50.51 0.76
N ASP A 248 11.93 49.64 1.36
CA ASP A 248 11.39 48.56 2.17
C ASP A 248 10.61 49.04 3.38
N PRO A 249 11.12 49.94 4.22
CA PRO A 249 10.35 50.35 5.40
C PRO A 249 9.03 51.02 5.06
N ALA A 250 8.90 51.60 3.87
CA ALA A 250 7.62 52.18 3.47
C ALA A 250 6.58 51.11 3.21
N TRP A 251 7.01 49.92 2.79
CA TRP A 251 6.06 48.84 2.55
C TRP A 251 5.34 48.43 3.82
N ASP A 252 6.06 48.38 4.94
CA ASP A 252 5.42 48.07 6.21
C ASP A 252 4.37 49.12 6.56
N ALA A 253 4.69 50.39 6.34
CA ALA A 253 3.73 51.45 6.63
C ALA A 253 2.48 51.31 5.78
N ALA A 254 2.66 51.07 4.48
CA ALA A 254 1.50 50.92 3.61
C ALA A 254 0.66 49.71 4.00
N ILE A 255 1.31 48.60 4.32
CA ILE A 255 0.57 47.39 4.71
C ILE A 255 -0.21 47.64 5.98
N GLN A 256 0.39 48.33 6.96
CA GLN A 256 -0.34 48.66 8.17
C GLN A 256 -1.52 49.56 7.87
N ARG A 257 -1.33 50.56 7.01
CA ARG A 257 -2.41 51.51 6.71
C ARG A 257 -3.59 50.81 6.05
N ALA A 258 -3.31 49.87 5.14
CA ALA A 258 -4.40 49.18 4.45
C ALA A 258 -5.11 48.17 5.33
N GLY A 259 -4.57 47.83 6.49
CA GLY A 259 -5.20 46.87 7.38
C GLY A 259 -4.85 45.42 7.10
N LEU A 260 -3.74 45.16 6.42
CA LEU A 260 -3.35 43.81 6.04
C LEU A 260 -2.29 43.27 6.98
N LEU A 261 -1.88 42.03 6.74
CA LEU A 261 -0.90 41.34 7.57
C LEU A 261 0.24 40.85 6.70
N ARG A 262 1.44 40.79 7.28
CA ARG A 262 2.65 40.38 6.57
C ARG A 262 3.25 39.16 7.24
N VAL A 263 3.75 38.22 6.42
CA VAL A 263 4.44 37.03 6.90
C VAL A 263 5.85 37.04 6.34
N GLN A 264 6.76 36.36 7.05
CA GLN A 264 8.18 36.45 6.77
C GLN A 264 8.63 35.45 5.69
N ASP A 265 8.47 34.17 5.95
CA ASP A 265 9.03 33.11 5.10
C ASP A 265 7.92 32.14 4.71
N THR A 266 8.30 31.13 3.92
CA THR A 266 7.36 30.13 3.48
C THR A 266 7.07 29.08 4.53
N HIS A 267 7.87 29.01 5.61
CA HIS A 267 7.58 28.03 6.64
C HIS A 267 6.33 28.42 7.41
N GLU A 268 6.10 29.71 7.59
CA GLU A 268 4.86 30.22 8.14
C GLU A 268 3.76 30.30 7.08
N LEU A 269 4.05 29.93 5.84
CA LEU A 269 3.06 30.05 4.79
C LEU A 269 2.14 28.83 4.75
N PHE A 270 2.67 27.61 4.94
CA PHE A 270 1.73 26.50 5.04
C PHE A 270 0.98 26.50 6.36
N SER A 271 1.55 27.07 7.41
CA SER A 271 0.75 27.36 8.60
C SER A 271 -0.37 28.32 8.25
N ALA A 272 -0.09 29.30 7.38
CA ALA A 272 -1.13 30.23 6.95
C ALA A 272 -2.21 29.52 6.14
N VAL A 273 -1.81 28.56 5.30
CA VAL A 273 -2.79 27.79 4.55
C VAL A 273 -3.65 26.96 5.48
N GLU A 274 -3.04 26.36 6.50
CA GLU A 274 -3.80 25.55 7.44
C GLU A 274 -4.73 26.40 8.31
N THR A 275 -4.34 27.64 8.61
CA THR A 275 -5.14 28.46 9.52
C THR A 275 -6.22 29.27 8.80
N LEU A 276 -5.99 29.68 7.56
CA LEU A 276 -7.02 30.44 6.85
C LEU A 276 -8.25 29.59 6.58
N SER A 277 -8.03 28.30 6.29
CA SER A 277 -9.10 27.33 6.29
C SER A 277 -9.09 26.54 7.60
N HIS A 278 -10.19 25.83 7.87
CA HIS A 278 -10.33 24.90 8.98
C HIS A 278 -10.37 25.57 10.35
N MET A 279 -10.16 26.88 10.44
CA MET A 279 -10.12 27.56 11.72
C MET A 279 -11.18 28.65 11.73
N ARG A 280 -12.04 28.64 12.74
CA ARG A 280 -13.10 29.63 12.82
C ARG A 280 -12.58 30.90 13.51
N PRO A 281 -13.16 32.06 13.19
CA PRO A 281 -12.70 33.31 13.81
C PRO A 281 -12.86 33.29 15.31
N LEU A 282 -11.97 33.99 15.99
CA LEU A 282 -11.92 34.01 17.44
C LEU A 282 -12.91 35.02 18.01
N ARG A 283 -13.10 34.95 19.33
CA ARG A 283 -13.85 35.95 20.07
C ARG A 283 -13.02 36.60 21.18
N GLY A 284 -11.78 36.17 21.38
CA GLY A 284 -10.95 36.74 22.40
C GLY A 284 -9.51 36.32 22.20
N ASP A 285 -8.73 36.40 23.28
CA ASP A 285 -7.31 36.11 23.20
C ASP A 285 -6.80 35.31 24.40
N ARG A 286 -7.66 34.50 25.01
CA ARG A 286 -7.27 33.66 26.13
C ARG A 286 -7.09 32.22 25.64
N LEU A 287 -5.98 31.61 26.03
CA LEU A 287 -5.58 30.30 25.50
C LEU A 287 -5.43 29.29 26.64
N MET A 288 -5.88 28.08 26.39
CA MET A 288 -5.81 26.96 27.32
C MET A 288 -5.06 25.81 26.66
N ILE A 289 -4.15 25.18 27.40
CA ILE A 289 -3.31 24.12 26.86
C ILE A 289 -3.50 22.85 27.69
N ILE A 290 -3.50 21.70 27.02
CA ILE A 290 -3.49 20.40 27.68
C ILE A 290 -2.55 19.48 26.92
N SER A 291 -1.82 18.64 27.65
CA SER A 291 -0.82 17.77 27.05
C SER A 291 -0.48 16.64 28.02
N ASN A 292 0.26 15.65 27.51
CA ASN A 292 0.73 14.52 28.29
C ASN A 292 2.24 14.55 28.51
N GLY A 293 2.81 15.75 28.67
CA GLY A 293 4.23 15.89 28.89
C GLY A 293 4.62 17.32 29.21
N ALA A 294 5.69 17.51 29.97
CA ALA A 294 6.07 18.85 30.42
C ALA A 294 6.78 19.65 29.35
N ALA A 295 7.77 19.04 28.69
CA ALA A 295 8.62 19.80 27.77
C ALA A 295 7.84 20.45 26.65
N PRO A 296 6.98 19.75 25.91
CA PRO A 296 6.29 20.41 24.79
C PRO A 296 5.59 21.68 25.20
N ALA A 297 4.73 21.62 26.22
CA ALA A 297 4.05 22.82 26.68
C ALA A 297 5.06 23.91 27.03
N ALA A 298 6.15 23.55 27.71
CA ALA A 298 7.17 24.54 28.02
C ALA A 298 7.69 25.22 26.75
N LEU A 299 8.02 24.42 25.74
CA LEU A 299 8.49 24.99 24.48
C LEU A 299 7.45 25.94 23.91
N ALA A 300 6.17 25.65 24.11
CA ALA A 300 5.13 26.56 23.63
C ALA A 300 5.16 27.85 24.44
N LEU A 301 5.25 27.75 25.77
CA LEU A 301 5.12 28.92 26.62
C LEU A 301 6.14 29.98 26.23
N ASP A 302 7.42 29.57 26.10
CA ASP A 302 8.45 30.51 25.69
C ASP A 302 8.04 31.26 24.44
N ALA A 303 7.56 30.55 23.43
CA ALA A 303 7.12 31.21 22.21
C ALA A 303 6.00 32.21 22.53
N LEU A 304 4.99 31.77 23.27
CA LEU A 304 3.91 32.69 23.63
C LEU A 304 4.43 33.83 24.50
N TRP A 305 5.54 33.62 25.19
CA TRP A 305 6.14 34.68 25.99
C TRP A 305 6.90 35.67 25.15
N SER A 306 7.32 35.29 23.95
CA SER A 306 8.08 36.19 23.09
C SER A 306 7.19 37.04 22.19
N ARG A 307 5.89 36.78 22.16
CA ARG A 307 4.94 37.59 21.41
C ARG A 307 3.90 38.24 22.29
N ASN A 308 4.09 38.22 23.61
CA ASN A 308 3.18 38.86 24.55
C ASN A 308 1.75 38.33 24.40
N GLY A 309 1.62 37.02 24.58
CA GLY A 309 0.31 36.39 24.56
C GLY A 309 -0.34 36.34 25.94
N LYS A 310 -1.61 35.92 25.94
CA LYS A 310 -2.42 35.88 27.14
C LYS A 310 -2.79 34.44 27.47
N LEU A 311 -2.73 34.10 28.75
CA LEU A 311 -3.10 32.78 29.23
C LEU A 311 -4.48 32.85 29.88
N ALA A 312 -4.99 31.69 30.26
CA ALA A 312 -6.31 31.58 30.87
C ALA A 312 -6.17 31.21 32.34
N THR A 313 -7.11 31.69 33.15
CA THR A 313 -7.20 31.36 34.56
C THR A 313 -8.49 30.58 34.82
N LEU A 314 -8.37 29.51 35.58
CA LEU A 314 -9.48 28.57 35.77
C LEU A 314 -10.31 28.96 36.99
N SER A 315 -11.62 28.81 36.85
CA SER A 315 -12.53 29.09 37.96
C SER A 315 -12.39 28.01 39.04
N GLU A 316 -12.79 28.38 40.26
CA GLU A 316 -12.71 27.44 41.37
C GLU A 316 -13.68 26.28 41.18
N ALA A 317 -14.83 26.54 40.56
CA ALA A 317 -15.77 25.46 40.28
C ALA A 317 -15.18 24.48 39.28
N THR A 318 -14.59 24.99 38.20
CA THR A 318 -13.95 24.12 37.22
C THR A 318 -12.78 23.38 37.83
N CYS A 319 -12.00 24.07 38.67
CA CYS A 319 -10.89 23.40 39.35
C CYS A 319 -11.38 22.27 40.22
N GLN A 320 -12.47 22.50 40.97
CA GLN A 320 -13.01 21.44 41.83
C GLN A 320 -13.53 20.27 41.01
N LYS A 321 -14.26 20.56 39.94
CA LYS A 321 -14.79 19.48 39.10
C LYS A 321 -13.67 18.67 38.47
N LEU A 322 -12.60 19.33 38.03
CA LEU A 322 -11.48 18.62 37.43
C LEU A 322 -10.84 17.68 38.43
N ARG A 323 -10.73 18.09 39.68
CA ARG A 323 -10.23 17.21 40.73
C ARG A 323 -11.14 16.00 40.85
N ASP A 324 -10.58 14.90 41.33
CA ASP A 324 -11.22 13.60 41.46
C ASP A 324 -11.26 12.85 40.12
N ALA A 325 -10.79 13.46 39.03
CA ALA A 325 -10.65 12.70 37.79
C ALA A 325 -9.48 11.73 37.87
N LEU A 326 -8.38 12.17 38.48
CA LEU A 326 -7.28 11.27 38.83
C LEU A 326 -6.35 12.00 39.80
N PRO A 327 -5.77 11.31 40.78
CA PRO A 327 -4.84 11.98 41.71
C PRO A 327 -3.53 12.34 41.05
N GLU A 328 -2.55 12.78 41.85
CA GLU A 328 -1.18 13.07 41.40
C GLU A 328 -1.15 13.92 40.14
N HIS A 329 -2.19 14.72 39.90
CA HIS A 329 -2.18 15.72 38.84
C HIS A 329 -2.30 17.08 39.51
N VAL A 330 -1.16 17.65 39.91
CA VAL A 330 -1.16 19.00 40.43
C VAL A 330 -1.59 19.99 39.37
N ALA A 331 -1.56 19.59 38.11
CA ALA A 331 -1.78 20.53 37.01
C ALA A 331 -3.16 21.19 37.08
N ILE A 332 -4.01 20.79 38.03
CA ILE A 332 -5.26 21.50 38.25
C ILE A 332 -5.02 22.94 38.68
N SER A 333 -3.77 23.31 38.99
CA SER A 333 -3.44 24.65 39.47
C SER A 333 -2.58 25.37 38.43
N ASN A 334 -2.92 25.21 37.17
CA ASN A 334 -2.25 25.93 36.09
C ASN A 334 -3.02 25.71 34.80
N PRO A 335 -2.87 26.61 33.82
CA PRO A 335 -3.63 26.49 32.56
C PRO A 335 -3.02 25.49 31.59
N LEU A 336 -2.14 24.63 32.10
CA LEU A 336 -1.58 23.54 31.32
C LEU A 336 -1.77 22.25 32.12
N ASP A 337 -2.84 21.52 31.83
CA ASP A 337 -2.99 20.20 32.40
C ASP A 337 -1.82 19.32 31.97
N LEU A 338 -1.34 18.50 32.90
CA LEU A 338 -0.11 17.75 32.70
C LEU A 338 -0.32 16.30 33.12
N ARG A 339 0.10 15.38 32.28
CA ARG A 339 0.05 13.95 32.56
C ARG A 339 1.31 13.32 32.00
N ASP A 340 1.54 12.07 32.36
CA ASP A 340 2.70 11.34 31.87
C ASP A 340 2.34 10.04 31.19
N ASP A 341 1.37 9.30 31.72
CA ASP A 341 0.93 8.03 31.18
C ASP A 341 -0.59 7.99 31.06
N ALA A 342 -1.20 9.13 30.78
CA ALA A 342 -2.65 9.19 30.69
C ALA A 342 -3.16 8.34 29.55
N SER A 343 -4.41 7.91 29.67
CA SER A 343 -5.10 7.19 28.62
C SER A 343 -6.08 8.13 27.91
N SER A 344 -6.74 7.61 26.88
CA SER A 344 -7.75 8.41 26.19
C SER A 344 -8.91 8.75 27.11
N GLU A 345 -9.17 7.90 28.11
CA GLU A 345 -10.25 8.17 29.04
C GLU A 345 -10.03 9.48 29.78
N HIS A 346 -8.80 9.74 30.23
CA HIS A 346 -8.50 11.02 30.85
C HIS A 346 -8.68 12.16 29.87
N TYR A 347 -8.34 11.94 28.60
CA TYR A 347 -8.51 12.97 27.60
C TYR A 347 -9.97 13.38 27.47
N ILE A 348 -10.87 12.40 27.39
CA ILE A 348 -12.30 12.73 27.27
C ILE A 348 -12.82 13.34 28.56
N LYS A 349 -12.42 12.80 29.70
CA LYS A 349 -12.89 13.33 30.98
C LYS A 349 -12.44 14.78 31.17
N THR A 350 -11.31 15.15 30.57
CA THR A 350 -10.88 16.55 30.63
C THR A 350 -11.62 17.39 29.61
N LEU A 351 -11.79 16.88 28.39
CA LEU A 351 -12.42 17.68 27.34
C LEU A 351 -13.84 18.04 27.71
N ASP A 352 -14.61 17.07 28.22
CA ASP A 352 -16.03 17.33 28.50
C ASP A 352 -16.17 18.39 29.59
N ILE A 353 -15.38 18.30 30.66
CA ILE A 353 -15.47 19.30 31.72
C ILE A 353 -15.01 20.65 31.23
N LEU A 354 -13.89 20.70 30.50
CA LEU A 354 -13.34 21.99 30.07
C LEU A 354 -14.28 22.70 29.11
N LEU A 355 -14.88 21.98 28.18
CA LEU A 355 -15.74 22.62 27.19
C LEU A 355 -16.99 23.22 27.82
N HIS A 356 -17.33 22.83 29.05
CA HIS A 356 -18.56 23.31 29.69
C HIS A 356 -18.41 24.69 30.31
N SER A 357 -17.18 25.17 30.52
CA SER A 357 -16.96 26.43 31.21
C SER A 357 -16.97 27.59 30.21
N GLN A 358 -16.72 28.79 30.74
CA GLN A 358 -16.60 30.01 29.95
C GLN A 358 -15.27 30.69 30.25
N ASP A 359 -14.20 29.91 30.30
CA ASP A 359 -12.95 30.36 30.87
C ASP A 359 -11.91 30.79 29.83
N PHE A 360 -12.03 30.35 28.58
CA PHE A 360 -11.01 30.63 27.58
C PHE A 360 -11.68 30.84 26.22
N ASP A 361 -10.84 31.12 25.21
CA ASP A 361 -11.29 31.33 23.85
C ASP A 361 -10.68 30.37 22.84
N ALA A 362 -9.69 29.56 23.24
CA ALA A 362 -9.08 28.61 22.32
C ALA A 362 -8.38 27.53 23.13
N LEU A 363 -8.42 26.31 22.61
CA LEU A 363 -7.87 25.13 23.28
C LEU A 363 -6.81 24.49 22.40
N MET A 364 -5.69 24.13 23.01
CA MET A 364 -4.54 23.54 22.32
C MET A 364 -4.22 22.20 22.96
N VAL A 365 -4.35 21.14 22.18
CA VAL A 365 -4.17 19.76 22.66
C VAL A 365 -2.88 19.22 22.05
N ILE A 366 -1.98 18.74 22.90
CA ILE A 366 -0.69 18.20 22.46
C ILE A 366 -0.65 16.72 22.80
N HIS A 367 -0.10 15.93 21.88
CA HIS A 367 0.04 14.50 22.08
C HIS A 367 1.44 14.05 21.70
N SER A 368 2.11 13.35 22.60
CA SER A 368 3.36 12.66 22.32
C SER A 368 3.08 11.16 22.32
N PRO A 369 3.28 10.44 21.22
CA PRO A 369 2.91 9.02 21.20
C PRO A 369 3.45 8.24 22.39
N SER A 370 2.62 7.34 22.92
CA SER A 370 2.94 6.56 24.10
C SER A 370 2.15 5.26 24.03
N ALA A 371 2.55 4.30 24.87
CA ALA A 371 1.90 2.99 24.88
C ALA A 371 0.48 3.09 25.44
N ALA A 372 0.28 3.91 26.47
CA ALA A 372 -1.04 4.01 27.09
C ALA A 372 -2.07 4.55 26.12
N ALA A 373 -1.72 5.58 25.35
CA ALA A 373 -2.66 6.28 24.47
C ALA A 373 -2.14 6.28 23.04
N PRO A 374 -2.54 5.30 22.22
CA PRO A 374 -2.13 5.31 20.81
C PRO A 374 -2.72 6.49 20.07
N ALA A 375 -2.04 6.86 18.98
CA ALA A 375 -2.39 8.09 18.25
C ALA A 375 -3.77 7.99 17.59
N THR A 376 -4.01 6.90 16.87
CA THR A 376 -5.26 6.82 16.10
C THR A 376 -6.48 6.79 17.01
N GLU A 377 -6.40 6.05 18.12
CA GLU A 377 -7.54 5.97 19.03
C GLU A 377 -7.80 7.31 19.69
N SER A 378 -6.75 7.99 20.12
CA SER A 378 -6.93 9.31 20.71
C SER A 378 -7.54 10.29 19.72
N ALA A 379 -7.08 10.24 18.46
CA ALA A 379 -7.65 11.12 17.44
C ALA A 379 -9.13 10.83 17.24
N GLN A 380 -9.50 9.56 17.11
CA GLN A 380 -10.90 9.21 16.91
C GLN A 380 -11.74 9.67 18.09
N VAL A 381 -11.26 9.44 19.31
CA VAL A 381 -12.01 9.79 20.50
C VAL A 381 -12.20 11.30 20.60
N LEU A 382 -11.14 12.07 20.32
CA LEU A 382 -11.26 13.52 20.35
C LEU A 382 -12.24 14.01 19.30
N ILE A 383 -12.20 13.42 18.10
CA ILE A 383 -13.10 13.85 17.04
C ILE A 383 -14.55 13.61 17.46
N GLU A 384 -14.85 12.43 17.99
CA GLU A 384 -16.22 12.15 18.43
C GLU A 384 -16.65 13.07 19.57
N ALA A 385 -15.75 13.30 20.53
CA ALA A 385 -16.08 14.17 21.64
C ALA A 385 -16.41 15.58 21.17
N VAL A 386 -15.63 16.11 20.23
CA VAL A 386 -15.93 17.43 19.68
C VAL A 386 -17.25 17.38 18.93
N LYS A 387 -17.53 16.28 18.25
CA LYS A 387 -18.78 16.17 17.50
C LYS A 387 -19.98 16.31 18.43
N HIS A 388 -20.00 15.55 19.53
CA HIS A 388 -21.23 15.43 20.31
C HIS A 388 -21.45 16.57 21.30
N HIS A 389 -20.46 17.41 21.56
CA HIS A 389 -20.65 18.47 22.53
C HIS A 389 -21.48 19.61 21.93
N PRO A 390 -22.32 20.28 22.72
CA PRO A 390 -23.09 21.42 22.18
C PRO A 390 -22.36 22.74 22.24
N ARG A 391 -21.30 22.86 23.06
CA ARG A 391 -20.56 24.10 23.21
C ARG A 391 -19.41 24.24 22.22
N SER A 392 -19.15 23.21 21.41
CA SER A 392 -18.00 23.23 20.51
C SER A 392 -18.08 24.33 19.46
N LYS A 393 -19.27 24.90 19.24
CA LYS A 393 -19.40 25.96 18.24
C LYS A 393 -18.69 27.23 18.68
N TYR A 394 -18.63 27.50 19.98
CA TYR A 394 -18.13 28.76 20.50
C TYR A 394 -16.66 28.72 20.88
N VAL A 395 -15.94 27.67 20.48
CA VAL A 395 -14.54 27.49 20.86
C VAL A 395 -13.73 27.18 19.61
N SER A 396 -12.51 27.70 19.57
CA SER A 396 -11.54 27.36 18.53
C SER A 396 -10.68 26.20 19.00
N LEU A 397 -10.34 25.31 18.08
CA LEU A 397 -9.59 24.09 18.39
C LEU A 397 -8.29 24.05 17.60
N LEU A 398 -7.22 23.65 18.29
CA LEU A 398 -5.92 23.42 17.66
C LEU A 398 -5.38 22.08 18.15
N THR A 399 -4.77 21.32 17.25
CA THR A 399 -4.22 20.02 17.58
C THR A 399 -2.77 19.95 17.18
N ASN A 400 -2.01 19.10 17.89
CA ASN A 400 -0.59 18.91 17.59
C ASN A 400 -0.21 17.49 17.99
N TRP A 401 -0.22 16.58 17.03
CA TRP A 401 0.27 15.21 17.23
C TRP A 401 1.73 15.20 16.80
N CYS A 402 2.64 14.96 17.75
CA CYS A 402 4.05 15.26 17.57
C CYS A 402 4.86 14.09 17.02
N GLY A 403 4.22 12.98 16.65
CA GLY A 403 4.95 11.87 16.07
C GLY A 403 4.81 11.78 14.56
N GLU A 404 5.89 12.08 13.84
CA GLU A 404 5.83 12.12 12.39
C GLU A 404 5.47 10.76 11.78
N HIS A 405 6.20 9.71 12.16
CA HIS A 405 5.99 8.40 11.54
C HIS A 405 4.61 7.84 11.86
N SER A 406 4.20 7.92 13.12
CA SER A 406 3.04 7.18 13.60
C SER A 406 1.75 7.99 13.63
N SER A 407 1.77 9.24 13.18
CA SER A 407 0.60 10.11 13.30
C SER A 407 0.08 10.56 11.94
N GLN A 408 0.37 9.83 10.87
CA GLN A 408 -0.11 10.23 9.55
C GLN A 408 -1.61 9.99 9.41
N GLU A 409 -2.07 8.82 9.85
CA GLU A 409 -3.50 8.51 9.76
C GLU A 409 -4.32 9.43 10.65
N ALA A 410 -3.84 9.73 11.84
CA ALA A 410 -4.56 10.64 12.73
C ALA A 410 -4.67 12.03 12.11
N ARG A 411 -3.59 12.50 11.48
CA ARG A 411 -3.63 13.80 10.83
C ARG A 411 -4.59 13.79 9.65
N ARG A 412 -4.63 12.69 8.90
CA ARG A 412 -5.59 12.60 7.79
C ARG A 412 -7.02 12.64 8.30
N LEU A 413 -7.30 11.93 9.40
CA LEU A 413 -8.64 11.97 9.97
C LEU A 413 -9.00 13.36 10.46
N PHE A 414 -8.07 14.04 11.12
CA PHE A 414 -8.31 15.42 11.55
C PHE A 414 -8.64 16.30 10.36
N SER A 415 -7.85 16.20 9.29
CA SER A 415 -8.11 17.01 8.10
C SER A 415 -9.48 16.71 7.52
N GLU A 416 -9.87 15.43 7.50
CA GLU A 416 -11.20 15.08 7.00
C GLU A 416 -12.29 15.72 7.85
N ALA A 417 -12.14 15.70 9.17
CA ALA A 417 -13.12 16.31 10.05
C ALA A 417 -13.15 17.82 9.95
N GLY A 418 -12.14 18.44 9.36
CA GLY A 418 -12.09 19.88 9.23
C GLY A 418 -11.47 20.57 10.43
N LEU A 419 -10.44 19.95 11.01
CA LEU A 419 -9.79 20.46 12.20
C LEU A 419 -8.36 20.86 11.86
N PRO A 420 -7.88 22.03 12.29
CA PRO A 420 -6.50 22.40 12.01
C PRO A 420 -5.52 21.53 12.78
N THR A 421 -4.35 21.32 12.21
CA THR A 421 -3.33 20.49 12.83
C THR A 421 -1.96 20.96 12.35
N TYR A 422 -0.98 20.92 13.25
CA TYR A 422 0.34 21.48 13.00
C TYR A 422 1.41 20.49 13.43
N ARG A 423 2.56 20.57 12.77
CA ARG A 423 3.58 19.54 12.94
C ARG A 423 4.29 19.64 14.28
N THR A 424 4.64 20.85 14.69
CA THR A 424 5.48 21.06 15.86
C THR A 424 4.91 22.17 16.72
N PRO A 425 5.22 22.20 18.01
CA PRO A 425 4.77 23.32 18.85
C PRO A 425 5.47 24.60 18.44
N GLU A 426 4.97 25.70 18.98
CA GLU A 426 5.31 27.06 18.54
C GLU A 426 5.17 27.21 17.02
N GLY A 427 4.42 26.32 16.39
CA GLY A 427 3.90 26.54 15.05
C GLY A 427 2.42 26.81 15.19
N THR A 428 1.84 26.23 16.25
CA THR A 428 0.47 26.56 16.64
C THR A 428 0.40 27.94 17.27
N ILE A 429 1.38 28.27 18.12
CA ILE A 429 1.37 29.59 18.76
C ILE A 429 1.53 30.69 17.72
N THR A 430 2.35 30.44 16.69
CA THR A 430 2.52 31.44 15.65
C THR A 430 1.20 31.74 14.96
N ALA A 431 0.44 30.69 14.61
CA ALA A 431 -0.86 30.90 13.98
C ALA A 431 -1.84 31.62 14.91
N PHE A 432 -1.85 31.21 16.19
CA PHE A 432 -2.77 31.84 17.14
C PHE A 432 -2.46 33.33 17.28
N MET A 433 -1.18 33.69 17.41
CA MET A 433 -0.81 35.09 17.53
C MET A 433 -1.05 35.85 16.23
N HIS A 434 -0.84 35.20 15.08
CA HIS A 434 -1.21 35.81 13.81
C HIS A 434 -2.67 36.24 13.83
N MET A 435 -3.57 35.32 14.20
CA MET A 435 -4.99 35.64 14.17
C MET A 435 -5.33 36.73 15.18
N VAL A 436 -4.73 36.67 16.37
CA VAL A 436 -5.00 37.69 17.38
C VAL A 436 -4.58 39.07 16.87
N GLU A 437 -3.39 39.15 16.27
CA GLU A 437 -2.91 40.42 15.77
C GLU A 437 -3.80 40.93 14.64
N TYR A 438 -4.25 40.04 13.76
CA TYR A 438 -5.16 40.46 12.70
C TYR A 438 -6.43 41.08 13.29
N ARG A 439 -7.01 40.41 14.29
CA ARG A 439 -8.25 40.91 14.88
C ARG A 439 -8.03 42.28 15.52
N ARG A 440 -6.89 42.46 16.21
CA ARG A 440 -6.60 43.75 16.82
C ARG A 440 -6.45 44.85 15.77
N ASN A 441 -5.63 44.58 14.74
CA ASN A 441 -5.41 45.60 13.72
C ASN A 441 -6.72 45.97 13.02
N GLN A 442 -7.56 44.99 12.75
CA GLN A 442 -8.87 45.31 12.17
C GLN A 442 -9.74 46.06 13.17
N LYS A 443 -9.50 45.87 14.47
CA LYS A 443 -10.18 46.68 15.47
C LYS A 443 -9.81 48.15 15.33
N GLN A 444 -8.54 48.45 15.07
CA GLN A 444 -8.06 49.83 15.08
C GLN A 444 -8.08 50.51 13.70
N LEU A 445 -8.55 49.84 12.65
CA LEU A 445 -8.49 50.43 11.32
C LEU A 445 -9.37 51.68 11.20
N ARG A 446 -10.61 51.60 11.69
CA ARG A 446 -11.63 52.57 11.32
C ARG A 446 -11.22 53.97 11.70
N GLU A 447 -10.96 54.81 10.71
CA GLU A 447 -10.44 56.16 10.94
C GLU A 447 -10.48 56.94 9.63
N THR A 448 -10.98 58.17 9.70
CA THR A 448 -10.92 59.12 8.60
C THR A 448 -10.82 60.51 9.19
N PRO A 449 -10.25 61.46 8.43
CA PRO A 449 -9.94 62.76 9.03
C PRO A 449 -11.13 63.69 9.07
N ALA A 450 -10.96 64.80 9.80
CA ALA A 450 -11.94 65.87 9.84
C ALA A 450 -11.19 67.18 10.06
N LEU A 451 -11.65 68.25 9.39
CA LEU A 451 -11.00 69.55 9.47
C LEU A 451 -12.06 70.58 9.86
N PRO A 452 -11.94 71.23 11.01
CA PRO A 452 -13.03 72.12 11.46
C PRO A 452 -13.19 73.37 10.60
N SER A 453 -12.11 74.11 10.39
CA SER A 453 -12.17 75.38 9.67
C SER A 453 -11.03 75.55 8.67
N ASN A 454 -10.36 74.46 8.29
CA ASN A 454 -9.23 74.51 7.36
C ASN A 454 -8.18 75.41 8.01
N LEU A 455 -7.63 76.40 7.30
CA LEU A 455 -6.65 77.31 7.87
C LEU A 455 -6.98 78.72 7.43
N THR A 456 -6.56 79.68 8.25
CA THR A 456 -6.78 81.10 7.96
C THR A 456 -5.75 81.60 6.95
N SER A 457 -5.80 82.90 6.68
CA SER A 457 -4.87 83.51 5.74
C SER A 457 -3.51 83.81 6.36
N ASN A 458 -3.34 83.61 7.67
CA ASN A 458 -2.03 83.85 8.26
C ASN A 458 -0.99 82.90 7.69
N THR A 459 -1.34 81.62 7.48
CA THR A 459 -0.42 80.72 6.81
C THR A 459 -0.05 81.25 5.44
N ALA A 460 -0.95 82.00 4.79
CA ALA A 460 -0.61 82.62 3.52
C ALA A 460 0.59 83.53 3.67
N GLU A 461 0.64 84.30 4.76
CA GLU A 461 1.85 85.06 5.06
C GLU A 461 3.06 84.14 5.06
N ALA A 462 2.97 83.03 5.80
CA ALA A 462 4.06 82.06 5.78
C ALA A 462 4.38 81.63 4.36
N HIS A 463 3.33 81.39 3.55
CA HIS A 463 3.55 81.02 2.16
C HIS A 463 4.42 82.04 1.46
N LEU A 464 4.13 83.33 1.66
CA LEU A 464 4.92 84.36 0.99
C LEU A 464 6.39 84.22 1.33
N LEU A 465 6.69 83.86 2.58
CA LEU A 465 8.09 83.73 2.99
C LEU A 465 8.82 82.75 2.06
N LEU A 466 8.15 81.68 1.65
CA LEU A 466 8.76 80.77 0.69
C LEU A 466 8.80 81.37 -0.70
N GLN A 467 7.71 82.03 -1.12
CA GLN A 467 7.64 82.53 -2.49
C GLN A 467 8.82 83.44 -2.80
N GLN A 468 9.03 84.46 -1.97
CA GLN A 468 10.17 85.35 -2.18
C GLN A 468 11.47 84.55 -2.22
N ALA A 469 11.59 83.55 -1.34
CA ALA A 469 12.80 82.74 -1.32
C ALA A 469 13.02 82.06 -2.67
N ILE A 470 11.95 81.56 -3.29
CA ILE A 470 12.13 80.95 -4.60
C ILE A 470 12.26 82.04 -5.67
N ALA A 471 11.67 83.22 -5.43
CA ALA A 471 11.91 84.35 -6.33
C ALA A 471 13.38 84.77 -6.27
N GLU A 472 13.95 84.80 -5.06
CA GLU A 472 15.38 85.06 -4.90
C GLU A 472 16.24 83.96 -5.49
N GLY A 473 15.66 82.80 -5.82
CA GLY A 473 16.39 81.69 -6.36
C GLY A 473 16.92 80.72 -5.33
N ALA A 474 16.80 81.03 -4.04
CA ALA A 474 17.27 80.12 -3.01
C ALA A 474 16.51 78.81 -3.07
N THR A 475 17.21 77.72 -2.78
CA THR A 475 16.61 76.38 -2.77
C THR A 475 16.66 75.71 -1.41
N SER A 476 17.45 76.22 -0.47
CA SER A 476 17.50 75.68 0.88
C SER A 476 17.56 76.83 1.87
N LEU A 477 16.99 76.60 3.05
CA LEU A 477 16.94 77.60 4.10
C LEU A 477 17.52 77.02 5.38
N ASP A 478 17.92 77.90 6.29
CA ASP A 478 18.49 77.52 7.57
C ASP A 478 17.52 77.87 8.70
N THR A 479 17.96 77.62 9.92
CA THR A 479 17.10 77.84 11.08
C THR A 479 16.69 79.30 11.19
N HIS A 480 17.65 80.21 11.00
CA HIS A 480 17.37 81.64 11.15
C HIS A 480 16.26 82.08 10.21
N GLU A 481 16.29 81.61 8.96
CA GLU A 481 15.24 81.95 8.01
C GLU A 481 13.96 81.16 8.27
N VAL A 482 14.08 79.92 8.76
CA VAL A 482 12.93 79.02 8.87
C VAL A 482 12.10 79.28 10.12
N GLN A 483 12.60 80.04 11.08
CA GLN A 483 11.86 80.27 12.32
C GLN A 483 10.41 80.67 12.11
N PRO A 484 10.08 81.72 11.33
CA PRO A 484 8.67 82.12 11.23
C PRO A 484 7.75 81.05 10.66
N ILE A 485 8.22 80.27 9.68
CA ILE A 485 7.36 79.25 9.10
C ILE A 485 6.96 78.23 10.15
N LEU A 486 7.92 77.76 10.95
CA LEU A 486 7.60 76.83 12.02
C LEU A 486 6.69 77.48 13.05
N GLN A 487 6.95 78.76 13.38
CA GLN A 487 6.11 79.44 14.36
C GLN A 487 4.66 79.50 13.90
N ALA A 488 4.44 79.67 12.60
CA ALA A 488 3.08 79.83 12.09
C ALA A 488 2.23 78.59 12.38
N TYR A 489 2.85 77.42 12.50
CA TYR A 489 2.12 76.18 12.68
C TYR A 489 2.14 75.66 14.12
N GLY A 490 2.58 76.49 15.07
CA GLY A 490 2.57 76.11 16.46
C GLY A 490 3.83 75.43 16.95
N MET A 491 4.92 75.47 16.20
CA MET A 491 6.16 74.84 16.61
C MET A 491 7.01 75.81 17.43
N ASN A 492 7.88 75.25 18.27
CA ASN A 492 8.78 76.02 19.11
C ASN A 492 10.21 75.83 18.63
N THR A 493 10.95 76.92 18.53
CA THR A 493 12.33 76.90 18.09
C THR A 493 13.16 77.85 18.96
N LEU A 494 14.44 77.52 19.13
CA LEU A 494 15.30 78.37 19.93
C LEU A 494 15.89 79.49 19.07
N PRO A 495 16.19 80.65 19.66
CA PRO A 495 16.78 81.74 18.88
C PRO A 495 18.25 81.46 18.58
N THR A 496 18.73 82.10 17.52
CA THR A 496 20.12 81.98 17.10
C THR A 496 20.60 83.32 16.60
N TRP A 497 21.92 83.46 16.53
CA TRP A 497 22.54 84.72 16.11
C TRP A 497 23.57 84.43 15.02
N ILE A 498 23.93 85.49 14.29
CA ILE A 498 24.87 85.40 13.19
C ILE A 498 25.98 86.43 13.41
N ALA A 499 27.22 85.99 13.25
CA ALA A 499 28.40 86.82 13.43
C ALA A 499 29.23 86.84 12.16
N SER A 500 29.70 88.02 11.77
CA SER A 500 30.51 88.14 10.56
C SER A 500 31.93 87.64 10.75
N ASP A 501 32.49 87.77 11.95
CA ASP A 501 33.84 87.29 12.22
C ASP A 501 33.91 86.84 13.68
N SER A 502 35.11 86.49 14.13
CA SER A 502 35.29 85.96 15.47
C SER A 502 34.94 87.00 16.54
N THR A 503 35.31 88.26 16.31
CA THR A 503 35.18 89.28 17.35
C THR A 503 33.74 89.40 17.82
N GLU A 504 32.81 89.64 16.89
CA GLU A 504 31.41 89.75 17.28
C GLU A 504 30.88 88.43 17.81
N ALA A 505 31.37 87.31 17.28
CA ALA A 505 30.94 86.01 17.76
C ALA A 505 31.17 85.90 19.26
N VAL A 506 32.41 86.17 19.71
CA VAL A 506 32.69 86.12 21.14
C VAL A 506 31.98 87.24 21.88
N HIS A 507 31.87 88.42 21.25
CA HIS A 507 31.23 89.55 21.90
C HIS A 507 29.79 89.21 22.29
N ILE A 508 29.12 88.38 21.50
CA ILE A 508 27.77 87.97 21.82
C ILE A 508 27.75 86.69 22.65
N ALA A 509 28.74 85.80 22.46
CA ALA A 509 28.80 84.58 23.25
C ALA A 509 28.96 84.90 24.72
N GLU A 510 29.81 85.87 25.06
CA GLU A 510 29.98 86.25 26.45
C GLU A 510 28.68 86.77 27.05
N GLN A 511 27.81 87.34 26.21
CA GLN A 511 26.54 87.87 26.70
C GLN A 511 25.53 86.74 26.93
N ILE A 512 25.31 85.90 25.91
CA ILE A 512 24.33 84.83 26.04
C ILE A 512 24.74 83.86 27.14
N GLY A 513 26.04 83.59 27.26
CA GLY A 513 26.55 82.74 28.31
C GLY A 513 27.05 81.40 27.83
N TYR A 514 28.29 81.07 28.16
CA TYR A 514 28.87 79.81 27.75
C TYR A 514 28.19 78.66 28.50
N PRO A 515 28.22 77.44 27.94
CA PRO A 515 28.84 77.04 26.66
C PRO A 515 28.08 77.60 25.46
N VAL A 516 28.54 77.31 24.25
CA VAL A 516 27.96 77.90 23.05
C VAL A 516 28.28 77.00 21.87
N ALA A 517 27.32 76.86 20.96
CA ALA A 517 27.45 75.99 19.80
C ALA A 517 27.60 76.84 18.54
N LEU A 518 28.55 76.43 17.68
CA LEU A 518 28.90 77.15 16.47
C LEU A 518 28.56 76.31 15.24
N LYS A 519 28.38 76.99 14.12
CA LYS A 519 28.24 76.34 12.82
C LYS A 519 28.38 77.39 11.73
N LEU A 520 28.53 76.92 10.49
CA LEU A 520 28.76 77.78 9.34
C LEU A 520 27.52 77.79 8.45
N ARG A 521 27.63 78.53 7.34
CA ARG A 521 26.59 78.55 6.31
C ARG A 521 27.26 78.72 4.96
N SER A 522 27.33 77.64 4.19
CA SER A 522 27.92 77.66 2.86
C SER A 522 27.00 76.93 1.90
N PRO A 523 26.36 77.63 0.95
CA PRO A 523 25.37 76.95 0.10
C PRO A 523 25.93 75.79 -0.70
N ASP A 524 27.20 75.85 -1.12
CA ASP A 524 27.72 74.86 -2.05
C ASP A 524 27.72 73.47 -1.43
N ILE A 525 28.30 73.33 -0.24
CA ILE A 525 28.51 72.03 0.39
C ILE A 525 27.54 71.91 1.57
N PRO A 526 26.58 70.98 1.54
CA PRO A 526 25.71 70.79 2.71
C PRO A 526 26.34 69.97 3.82
N HIS A 527 27.54 69.43 3.61
CA HIS A 527 28.17 68.55 4.59
C HIS A 527 28.96 69.40 5.60
N LYS A 528 28.21 70.05 6.50
CA LYS A 528 28.85 70.79 7.57
C LYS A 528 29.57 69.87 8.55
N SER A 529 29.21 68.58 8.55
CA SER A 529 29.98 67.61 9.32
C SER A 529 31.43 67.53 8.83
N GLU A 530 31.65 67.83 7.55
CA GLU A 530 33.01 67.95 7.05
C GLU A 530 33.78 68.99 7.84
N VAL A 531 33.10 70.00 8.37
CA VAL A 531 33.72 71.02 9.19
C VAL A 531 33.58 70.70 10.67
N GLN A 532 32.37 70.32 11.10
CA GLN A 532 32.13 69.85 12.46
C GLN A 532 32.58 70.88 13.50
N GLY A 533 31.91 72.03 13.48
CA GLY A 533 32.20 73.11 14.38
C GLY A 533 31.57 73.00 15.76
N VAL A 534 30.87 71.91 16.04
CA VAL A 534 30.17 71.80 17.32
C VAL A 534 31.16 71.84 18.47
N MET A 535 30.82 72.62 19.49
CA MET A 535 31.68 72.84 20.65
C MET A 535 30.79 72.84 21.89
N LEU A 536 31.28 72.22 22.96
CA LEU A 536 30.49 72.10 24.18
C LEU A 536 31.42 71.88 25.36
N TYR A 537 30.87 72.18 26.55
CA TYR A 537 31.52 72.04 27.86
C TYR A 537 32.75 72.93 28.04
N LEU A 538 32.89 74.00 27.26
CA LEU A 538 33.99 74.94 27.35
C LEU A 538 33.45 76.36 27.44
N ARG A 539 34.25 77.27 28.02
CA ARG A 539 33.83 78.64 28.21
C ARG A 539 34.88 79.67 27.81
N THR A 540 36.05 79.25 27.34
CA THR A 540 37.10 80.20 26.99
C THR A 540 36.86 80.77 25.59
N ALA A 541 37.19 82.06 25.43
CA ALA A 541 36.97 82.72 24.15
C ALA A 541 38.02 82.33 23.11
N ASN A 542 39.26 82.10 23.56
CA ASN A 542 40.34 81.82 22.61
C ASN A 542 40.07 80.55 21.81
N GLU A 543 39.46 79.55 22.45
CA GLU A 543 39.07 78.35 21.70
C GLU A 543 38.09 78.71 20.60
N VAL A 544 37.12 79.57 20.90
CA VAL A 544 36.16 79.98 19.89
C VAL A 544 36.87 80.71 18.75
N GLN A 545 37.80 81.60 19.08
CA GLN A 545 38.53 82.32 18.04
C GLN A 545 39.29 81.36 17.15
N GLN A 546 40.01 80.41 17.75
CA GLN A 546 40.80 79.47 16.96
C GLN A 546 39.91 78.61 16.09
N ALA A 547 38.79 78.11 16.64
CA ALA A 547 37.89 77.28 15.85
C ALA A 547 37.31 78.06 14.68
N ALA A 548 36.87 79.30 14.92
CA ALA A 548 36.28 80.09 13.85
C ALA A 548 37.32 80.38 12.77
N ASN A 549 38.54 80.75 13.17
CA ASN A 549 39.57 81.03 12.19
C ASN A 549 39.96 79.77 11.41
N ALA A 550 40.02 78.62 12.07
CA ALA A 550 40.32 77.38 11.37
C ALA A 550 39.25 77.06 10.34
N ILE A 551 37.98 77.23 10.73
CA ILE A 551 36.89 76.97 9.80
C ILE A 551 36.95 77.91 8.62
N PHE A 552 37.21 79.20 8.89
CA PHE A 552 37.29 80.20 7.83
C PHE A 552 38.43 79.86 6.86
N ASP A 553 39.60 79.54 7.39
CA ASP A 553 40.74 79.21 6.55
C ASP A 553 40.50 77.93 5.76
N ARG A 554 39.86 76.93 6.38
CA ARG A 554 39.57 75.68 5.67
C ARG A 554 38.61 75.92 4.52
N VAL A 555 37.51 76.65 4.77
CA VAL A 555 36.55 76.88 3.70
C VAL A 555 37.17 77.73 2.60
N LYS A 556 38.09 78.63 2.94
CA LYS A 556 38.79 79.38 1.91
C LYS A 556 39.74 78.47 1.11
N MET A 557 40.46 77.59 1.80
CA MET A 557 41.41 76.73 1.11
C MET A 557 40.71 75.79 0.15
N ALA A 558 39.60 75.20 0.57
CA ALA A 558 38.83 74.35 -0.34
C ALA A 558 38.39 75.14 -1.57
N TRP A 559 37.81 76.32 -1.34
CA TRP A 559 37.37 77.19 -2.42
C TRP A 559 37.30 78.62 -1.91
N PRO A 560 38.32 79.45 -2.17
CA PRO A 560 38.30 80.81 -1.60
C PRO A 560 37.08 81.62 -1.96
N GLN A 561 36.52 81.43 -3.16
CA GLN A 561 35.38 82.22 -3.61
C GLN A 561 34.04 81.67 -3.14
N ALA A 562 34.04 80.60 -2.35
CA ALA A 562 32.78 80.07 -1.84
C ALA A 562 32.05 81.15 -1.04
N ARG A 563 30.75 81.28 -1.30
CA ARG A 563 29.97 82.33 -0.65
C ARG A 563 29.73 81.98 0.81
N VAL A 564 30.00 82.93 1.70
CA VAL A 564 29.70 82.80 3.12
C VAL A 564 29.03 84.08 3.57
N HIS A 565 27.84 83.95 4.15
CA HIS A 565 27.05 85.09 4.60
C HIS A 565 27.08 85.28 6.10
N GLY A 566 27.96 84.57 6.80
CA GLY A 566 28.07 84.70 8.25
C GLY A 566 28.31 83.37 8.94
N LEU A 567 28.40 83.40 10.27
CA LEU A 567 28.60 82.21 11.09
C LEU A 567 27.49 82.15 12.13
N LEU A 568 26.80 81.02 12.18
CA LEU A 568 25.68 80.86 13.11
C LEU A 568 26.20 80.42 14.46
N VAL A 569 25.65 81.02 15.52
CA VAL A 569 26.03 80.71 16.89
C VAL A 569 24.78 80.70 17.74
N GLN A 570 24.69 79.74 18.66
CA GLN A 570 23.53 79.62 19.53
C GLN A 570 23.97 79.27 20.94
N SER A 571 23.12 79.66 21.90
CA SER A 571 23.33 79.35 23.30
C SER A 571 22.85 77.94 23.61
N MET A 572 23.23 77.45 24.78
CA MET A 572 22.83 76.13 25.25
C MET A 572 21.95 76.27 26.49
N ALA A 573 20.97 75.38 26.60
CA ALA A 573 20.13 75.21 27.77
C ALA A 573 20.62 73.97 28.53
N ASN A 574 19.89 73.57 29.56
CA ASN A 574 20.24 72.36 30.32
C ASN A 574 20.01 71.02 29.61
N ARG A 575 20.86 70.76 28.62
CA ARG A 575 20.70 69.58 27.79
C ARG A 575 21.18 68.30 28.46
N ALA A 576 21.86 68.40 29.61
CA ALA A 576 22.35 67.20 30.28
C ALA A 576 21.20 66.25 30.61
N GLY A 577 20.09 66.79 31.13
CA GLY A 577 18.90 66.01 31.37
C GLY A 577 17.97 65.88 30.19
N ALA A 578 18.32 66.48 29.05
CA ALA A 578 17.45 66.47 27.89
C ALA A 578 17.61 65.17 27.10
N GLN A 579 16.64 64.92 26.22
CA GLN A 579 16.62 63.75 25.37
C GLN A 579 16.71 64.19 23.92
N GLU A 580 17.50 63.47 23.13
CA GLU A 580 17.72 63.82 21.73
C GLU A 580 16.92 62.90 20.83
N LEU A 581 16.24 63.49 19.85
CA LEU A 581 15.54 62.74 18.80
C LEU A 581 15.92 63.31 17.45
N ARG A 582 15.40 62.70 16.39
CA ARG A 582 15.62 63.21 15.03
C ARG A 582 14.39 62.93 14.20
N VAL A 583 14.02 63.89 13.36
CA VAL A 583 12.84 63.78 12.52
C VAL A 583 13.22 64.12 11.08
N VAL A 584 12.68 63.36 10.13
CA VAL A 584 12.95 63.60 8.73
C VAL A 584 11.66 63.43 7.94
N VAL A 585 11.49 64.26 6.92
CA VAL A 585 10.38 64.13 5.98
C VAL A 585 10.99 64.10 4.58
N GLU A 586 10.73 63.02 3.85
CA GLU A 586 11.31 62.75 2.54
C GLU A 586 10.20 62.54 1.52
N HIS A 587 10.59 62.38 0.25
CA HIS A 587 9.66 62.22 -0.86
C HIS A 587 10.02 60.92 -1.60
N ASP A 588 9.49 59.80 -1.12
CA ASP A 588 9.68 58.55 -1.83
C ASP A 588 8.90 58.55 -3.14
N PRO A 589 9.45 58.00 -4.23
CA PRO A 589 8.76 58.08 -5.51
C PRO A 589 7.68 57.03 -5.71
N VAL A 590 7.58 56.05 -4.83
CA VAL A 590 6.55 55.02 -4.96
C VAL A 590 5.30 55.38 -4.17
N PHE A 591 5.46 55.87 -2.94
CA PHE A 591 4.34 56.17 -2.08
C PHE A 591 4.12 57.67 -1.86
N GLY A 592 5.05 58.53 -2.23
CA GLY A 592 4.91 59.95 -2.05
C GLY A 592 5.65 60.45 -0.82
N PRO A 593 5.13 61.49 -0.18
CA PRO A 593 5.77 61.97 1.04
C PRO A 593 5.79 60.90 2.12
N LEU A 594 6.81 60.96 2.98
CA LEU A 594 7.00 59.95 4.01
C LEU A 594 7.65 60.61 5.22
N ILE A 595 7.24 60.21 6.42
CA ILE A 595 7.72 60.81 7.65
C ILE A 595 8.42 59.74 8.48
N MET A 596 9.66 60.01 8.87
CA MET A 596 10.48 59.07 9.63
C MET A 596 10.96 59.71 10.92
N LEU A 597 11.04 58.89 11.96
CA LEU A 597 11.46 59.33 13.28
C LEU A 597 12.53 58.39 13.81
N GLY A 598 13.50 58.95 14.54
CA GLY A 598 14.58 58.15 15.09
C GLY A 598 15.41 58.90 16.12
N GLU A 599 16.66 58.46 16.30
CA GLU A 599 17.56 59.02 17.30
C GLU A 599 18.69 59.79 16.63
N GLY A 600 19.37 60.61 17.42
CA GLY A 600 20.41 61.48 16.93
C GLY A 600 21.75 60.78 16.78
N GLY A 601 22.70 61.50 16.20
CA GLY A 601 24.03 60.99 15.94
C GLY A 601 24.23 60.59 14.50
N VAL A 602 25.51 60.54 14.09
CA VAL A 602 25.87 60.14 12.73
C VAL A 602 25.47 58.70 12.44
N GLU A 603 25.01 57.96 13.45
CA GLU A 603 24.51 56.61 13.29
C GLU A 603 23.24 56.52 12.46
N TRP A 604 22.63 57.66 12.12
CA TRP A 604 21.33 57.65 11.46
C TRP A 604 21.38 56.86 10.16
N ARG A 605 20.70 55.72 10.14
CA ARG A 605 20.54 54.90 8.94
C ARG A 605 19.07 54.51 8.84
N PRO A 606 18.31 55.13 7.92
CA PRO A 606 16.85 54.96 7.96
C PRO A 606 16.40 53.51 7.91
N GLU A 607 17.07 52.66 7.14
CA GLU A 607 16.66 51.26 7.07
C GLU A 607 16.77 50.56 8.41
N ASP A 608 17.55 51.10 9.35
CA ASP A 608 17.83 50.41 10.60
C ASP A 608 16.87 50.84 11.70
N GLN A 609 16.86 52.14 12.04
CA GLN A 609 16.18 52.61 13.23
C GLN A 609 14.97 53.48 12.95
N ALA A 610 14.80 53.96 11.72
CA ALA A 610 13.72 54.88 11.43
C ALA A 610 12.37 54.17 11.53
N VAL A 611 11.46 54.75 12.29
CA VAL A 611 10.06 54.34 12.30
C VAL A 611 9.30 55.29 11.40
N VAL A 612 8.52 54.74 10.47
CA VAL A 612 8.05 55.48 9.31
C VAL A 612 6.52 55.47 9.27
N ALA A 613 5.96 56.49 8.63
CA ALA A 613 4.52 56.63 8.52
C ALA A 613 4.18 57.50 7.31
N LEU A 614 2.90 57.44 6.92
CA LEU A 614 2.33 58.15 5.79
C LEU A 614 1.44 59.28 6.28
N PRO A 615 1.51 60.48 5.69
CA PRO A 615 0.54 61.52 6.03
C PRO A 615 -0.78 61.27 5.32
N PRO A 616 -1.88 61.87 5.78
CA PRO A 616 -2.01 62.76 6.94
C PRO A 616 -2.07 61.99 8.26
N LEU A 617 -2.02 62.68 9.40
CA LEU A 617 -2.04 62.04 10.70
C LEU A 617 -3.02 62.77 11.61
N ASN A 618 -3.56 62.04 12.57
CA ASN A 618 -4.29 62.60 13.69
C ASN A 618 -3.62 62.10 14.98
N MET A 619 -4.24 62.41 16.12
CA MET A 619 -3.62 62.07 17.39
C MET A 619 -3.47 60.56 17.56
N ASN A 620 -4.49 59.78 17.17
CA ASN A 620 -4.44 58.34 17.39
C ASN A 620 -3.32 57.69 16.58
N LEU A 621 -3.19 58.06 15.31
CA LEU A 621 -2.15 57.46 14.49
C LEU A 621 -0.75 57.81 15.01
N ALA A 622 -0.54 59.06 15.41
CA ALA A 622 0.75 59.45 15.96
C ALA A 622 1.04 58.71 17.26
N ARG A 623 0.03 58.57 18.12
CA ARG A 623 0.22 57.81 19.35
C ARG A 623 0.61 56.37 19.06
N TYR A 624 -0.04 55.76 18.08
CA TYR A 624 0.29 54.38 17.74
C TYR A 624 1.71 54.29 17.20
N LEU A 625 2.12 55.25 16.36
CA LEU A 625 3.49 55.25 15.87
C LEU A 625 4.48 55.33 17.02
N VAL A 626 4.23 56.22 17.97
CA VAL A 626 5.15 56.37 19.10
C VAL A 626 5.21 55.09 19.91
N ILE A 627 4.06 54.48 20.19
CA ILE A 627 4.04 53.26 20.98
C ILE A 627 4.80 52.15 20.28
N GLN A 628 4.57 52.00 18.97
CA GLN A 628 5.28 50.96 18.22
C GLN A 628 6.78 51.21 18.25
N GLY A 629 7.20 52.47 18.07
CA GLY A 629 8.62 52.76 18.09
C GLY A 629 9.26 52.45 19.44
N ILE A 630 8.58 52.81 20.53
CA ILE A 630 9.14 52.56 21.85
C ILE A 630 9.20 51.06 22.13
N LYS A 631 8.11 50.35 21.85
CA LYS A 631 8.03 48.94 22.22
C LYS A 631 9.08 48.11 21.51
N SER A 632 9.31 48.38 20.22
CA SER A 632 10.35 47.69 19.47
C SER A 632 11.75 48.12 19.85
N LYS A 633 11.90 48.98 20.86
CA LYS A 633 13.18 49.45 21.35
C LYS A 633 13.96 50.23 20.28
N LYS A 634 13.27 50.70 19.24
CA LYS A 634 13.91 51.63 18.31
C LYS A 634 14.20 52.96 19.00
N ILE A 635 13.37 53.36 19.95
CA ILE A 635 13.54 54.59 20.71
C ILE A 635 13.41 54.26 22.19
N ARG A 636 14.35 54.75 23.00
CA ARG A 636 14.35 54.48 24.43
C ARG A 636 13.41 55.45 25.14
N ALA A 637 12.79 54.95 26.21
CA ALA A 637 11.78 55.70 26.96
C ALA A 637 12.37 56.51 28.10
N ARG A 638 13.38 56.00 28.79
CA ARG A 638 14.00 56.68 29.93
C ARG A 638 15.49 56.88 29.73
N SER A 639 15.89 57.37 28.55
CA SER A 639 17.30 57.67 28.32
C SER A 639 17.80 58.75 29.27
N ALA A 640 16.90 59.52 29.87
CA ALA A 640 17.23 60.55 30.84
C ALA A 640 16.66 60.17 32.20
N LEU A 641 16.80 61.08 33.16
CA LEU A 641 16.30 60.85 34.51
C LEU A 641 14.77 60.82 34.59
N ARG A 642 14.09 61.25 33.53
CA ARG A 642 12.64 61.37 33.51
C ARG A 642 12.07 60.55 32.38
N PRO A 643 10.80 60.16 32.46
CA PRO A 643 10.18 59.42 31.35
C PRO A 643 9.95 60.30 30.14
N LEU A 644 9.37 59.72 29.09
CA LEU A 644 9.05 60.45 27.87
C LEU A 644 7.54 60.59 27.75
N ASP A 645 7.08 61.82 27.54
CA ASP A 645 5.66 62.08 27.36
C ASP A 645 5.30 61.88 25.89
N VAL A 646 4.20 61.18 25.65
CA VAL A 646 3.84 60.82 24.27
C VAL A 646 2.84 61.79 23.66
N ALA A 647 2.03 62.47 24.49
CA ALA A 647 1.05 63.41 23.94
C ALA A 647 1.75 64.55 23.21
N GLY A 648 2.80 65.11 23.80
CA GLY A 648 3.49 66.22 23.17
C GLY A 648 4.17 65.81 21.87
N LEU A 649 4.80 64.64 21.86
CA LEU A 649 5.45 64.16 20.64
C LEU A 649 4.43 63.90 19.54
N SER A 650 3.28 63.31 19.91
CA SER A 650 2.24 63.08 18.92
C SER A 650 1.70 64.39 18.36
N GLN A 651 1.52 65.38 19.22
CA GLN A 651 1.06 66.69 18.74
C GLN A 651 2.09 67.30 17.79
N LEU A 652 3.38 67.17 18.12
CA LEU A 652 4.42 67.69 17.24
C LEU A 652 4.37 67.01 15.88
N LEU A 653 4.18 65.69 15.88
CA LEU A 653 4.10 64.97 14.60
C LEU A 653 2.87 65.41 13.80
N VAL A 654 1.75 65.63 14.48
CA VAL A 654 0.55 66.10 13.78
C VAL A 654 0.80 67.47 13.15
N GLN A 655 1.49 68.35 13.88
CA GLN A 655 1.81 69.66 13.33
C GLN A 655 2.72 69.52 12.10
N VAL A 656 3.70 68.63 12.17
CA VAL A 656 4.57 68.39 11.01
C VAL A 656 3.75 67.93 9.82
N SER A 657 2.82 66.99 10.05
CA SER A 657 2.00 66.48 8.96
C SER A 657 1.17 67.59 8.33
N ASN A 658 0.53 68.41 9.17
CA ASN A 658 -0.23 69.54 8.64
C ASN A 658 0.65 70.43 7.79
N LEU A 659 1.83 70.78 8.29
CA LEU A 659 2.70 71.69 7.56
C LEU A 659 3.08 71.13 6.21
N ILE A 660 3.52 69.86 6.17
CA ILE A 660 4.02 69.32 4.91
C ILE A 660 2.88 69.12 3.91
N VAL A 661 1.71 68.67 4.38
CA VAL A 661 0.60 68.46 3.45
C VAL A 661 0.13 69.79 2.89
N ASP A 662 0.08 70.83 3.73
CA ASP A 662 -0.40 72.13 3.25
C ASP A 662 0.54 72.70 2.20
N CYS A 663 1.84 72.70 2.47
CA CYS A 663 2.80 73.38 1.60
C CYS A 663 3.50 72.35 0.72
N PRO A 664 3.27 72.36 -0.60
CA PRO A 664 3.95 71.38 -1.46
C PRO A 664 5.32 71.81 -1.94
N GLU A 665 5.68 73.09 -1.81
CA GLU A 665 7.00 73.53 -2.25
C GLU A 665 8.12 72.86 -1.48
N ILE A 666 7.83 72.35 -0.28
CA ILE A 666 8.84 71.67 0.51
C ILE A 666 9.07 70.28 -0.07
N GLN A 667 10.33 69.96 -0.34
CA GLN A 667 10.70 68.63 -0.84
C GLN A 667 11.36 67.77 0.22
N ARG A 668 12.14 68.36 1.12
CA ARG A 668 12.74 67.61 2.21
C ARG A 668 12.84 68.47 3.46
N LEU A 669 12.61 67.85 4.62
CA LEU A 669 12.72 68.55 5.89
C LEU A 669 13.52 67.69 6.86
N ASP A 670 14.42 68.32 7.62
CA ASP A 670 15.25 67.60 8.58
C ASP A 670 15.36 68.40 9.87
N ILE A 671 14.89 67.82 10.96
CA ILE A 671 15.03 68.39 12.30
C ILE A 671 16.00 67.50 13.07
N HIS A 672 17.18 68.05 13.38
CA HIS A 672 18.24 67.33 14.05
C HIS A 672 19.17 68.30 14.77
N PRO A 673 19.30 68.23 16.10
CA PRO A 673 18.59 67.38 17.05
C PRO A 673 17.21 67.95 17.40
N LEU A 674 16.31 67.11 17.89
CA LEU A 674 15.05 67.53 18.48
C LEU A 674 15.17 67.34 19.98
N LEU A 675 15.01 68.43 20.73
CA LEU A 675 15.24 68.44 22.17
C LEU A 675 13.92 68.17 22.87
N ALA A 676 13.82 67.03 23.55
CA ALA A 676 12.66 66.67 24.34
C ALA A 676 13.06 66.78 25.80
N SER A 677 12.44 67.73 26.52
CA SER A 677 12.69 67.92 27.94
C SER A 677 11.34 67.85 28.66
N GLY A 678 11.03 66.67 29.16
CA GLY A 678 9.77 66.50 29.87
C GLY A 678 8.60 66.84 28.96
N SER A 679 7.77 67.79 29.40
CA SER A 679 6.59 68.17 28.64
C SER A 679 6.90 69.12 27.49
N GLU A 680 8.12 69.63 27.39
CA GLU A 680 8.46 70.61 26.37
C GLU A 680 9.27 69.96 25.25
N PHE A 681 9.01 70.42 24.03
CA PHE A 681 9.73 69.98 22.85
C PHE A 681 10.21 71.20 22.08
N THR A 682 11.46 71.15 21.61
CA THR A 682 12.05 72.28 20.93
C THR A 682 12.94 71.78 19.79
N ALA A 683 13.17 72.66 18.83
CA ALA A 683 14.01 72.36 17.68
C ALA A 683 15.34 73.10 17.81
N LEU A 684 16.43 72.37 17.58
CA LEU A 684 17.77 72.96 17.68
C LEU A 684 18.25 73.47 16.33
N ASP A 685 18.33 72.57 15.34
CA ASP A 685 18.73 72.92 13.98
C ASP A 685 17.73 72.29 13.02
N VAL A 686 17.31 73.07 12.03
CA VAL A 686 16.33 72.64 11.04
C VAL A 686 16.83 72.99 9.65
N THR A 687 16.62 72.09 8.70
CA THR A 687 17.04 72.30 7.33
C THR A 687 15.89 71.97 6.39
N LEU A 688 15.65 72.87 5.43
CA LEU A 688 14.58 72.71 4.45
C LEU A 688 15.17 72.73 3.05
N ASP A 689 14.81 71.75 2.23
CA ASP A 689 15.13 71.74 0.81
C ASP A 689 13.83 71.87 0.04
N ILE A 690 13.72 72.94 -0.76
CA ILE A 690 12.46 73.31 -1.39
C ILE A 690 12.67 73.40 -2.90
N SER A 691 11.57 73.20 -3.63
CA SER A 691 11.54 73.27 -5.08
C SER A 691 10.26 73.97 -5.49
N PRO A 692 10.22 74.53 -6.71
CA PRO A 692 9.03 75.26 -7.14
C PRO A 692 7.97 74.40 -7.78
N PHE A 693 6.85 75.02 -8.16
CA PHE A 693 5.82 74.38 -8.98
C PHE A 693 5.09 73.27 -8.24
N GLU A 694 3.83 73.04 -8.61
CA GLU A 694 3.08 71.88 -8.17
C GLU A 694 1.79 71.81 -8.98
N GLY A 695 1.44 70.61 -9.44
CA GLY A 695 0.28 70.44 -10.28
C GLY A 695 -1.05 70.59 -9.57
N ASP A 696 -1.36 69.65 -8.67
CA ASP A 696 -2.64 69.65 -7.97
C ASP A 696 -2.54 69.54 -6.46
N ASN A 697 -1.37 69.17 -5.92
CA ASN A 697 -1.14 69.18 -4.47
C ASN A 697 -1.86 68.04 -3.77
N GLU A 698 -2.65 67.25 -4.50
CA GLU A 698 -3.41 66.15 -3.92
C GLU A 698 -3.06 64.80 -4.51
N SER A 699 -2.84 64.72 -5.82
CA SER A 699 -2.48 63.45 -6.44
C SER A 699 -1.16 62.91 -5.90
N ARG A 700 -0.32 63.77 -5.32
CA ARG A 700 0.97 63.36 -4.79
C ARG A 700 0.86 62.47 -3.57
N LEU A 701 -0.32 62.34 -2.96
CA LEU A 701 -0.52 61.53 -1.77
C LEU A 701 -1.09 60.17 -2.15
N ALA A 702 -1.29 59.32 -1.15
CA ALA A 702 -1.85 57.99 -1.35
C ALA A 702 -3.21 57.80 -0.69
N VAL A 703 -3.53 58.53 0.36
CA VAL A 703 -4.81 58.47 1.04
C VAL A 703 -5.40 59.86 1.08
N ARG A 704 -6.65 60.02 0.63
CA ARG A 704 -7.24 61.35 0.59
C ARG A 704 -8.27 61.53 1.70
N PRO A 705 -8.38 62.73 2.24
CA PRO A 705 -9.17 62.95 3.45
C PRO A 705 -10.67 63.06 3.17
N TYR A 706 -11.40 63.37 4.22
CA TYR A 706 -12.85 63.41 4.23
C TYR A 706 -13.34 64.75 3.72
N PRO A 707 -14.23 64.79 2.71
CA PRO A 707 -14.68 66.08 2.15
C PRO A 707 -15.80 66.75 2.94
N HIS A 708 -15.42 67.49 3.98
CA HIS A 708 -16.40 68.12 4.86
C HIS A 708 -17.09 69.31 4.23
N GLN A 709 -16.68 69.74 3.04
CA GLN A 709 -17.31 70.88 2.39
C GLN A 709 -18.58 70.51 1.63
N LEU A 710 -18.97 69.24 1.62
CA LEU A 710 -20.23 68.80 1.03
C LEU A 710 -21.33 68.63 2.06
N GLU A 711 -21.04 68.88 3.33
CA GLU A 711 -22.03 68.68 4.39
C GLU A 711 -23.09 69.77 4.32
N GLU A 712 -24.37 69.38 4.38
CA GLU A 712 -25.46 70.32 4.13
C GLU A 712 -26.59 70.12 5.12
N TRP A 713 -27.28 71.22 5.42
CA TRP A 713 -28.53 71.23 6.16
C TRP A 713 -29.67 71.51 5.18
N VAL A 714 -30.70 70.69 5.20
CA VAL A 714 -31.82 70.85 4.27
C VAL A 714 -33.13 70.81 5.05
N GLU A 715 -34.01 71.77 4.74
CA GLU A 715 -35.36 71.79 5.27
C GLU A 715 -36.27 71.10 4.27
N LEU A 716 -37.04 70.14 4.77
CA LEU A 716 -37.78 69.23 3.89
C LEU A 716 -38.98 69.97 3.30
N LYS A 717 -39.83 69.23 2.57
CA LYS A 717 -41.05 69.82 2.04
C LYS A 717 -41.97 70.28 3.16
N ASN A 718 -42.12 69.47 4.20
CA ASN A 718 -43.01 69.76 5.32
C ASN A 718 -42.34 70.56 6.42
N GLY A 719 -41.23 71.23 6.12
CA GLY A 719 -40.57 72.08 7.10
C GLY A 719 -39.69 71.35 8.09
N GLU A 720 -39.37 70.08 7.85
CA GLU A 720 -38.52 69.34 8.76
C GLU A 720 -37.05 69.51 8.37
N ARG A 721 -36.18 69.48 9.38
CA ARG A 721 -34.74 69.65 9.20
C ARG A 721 -34.06 68.29 9.14
N CYS A 722 -33.06 68.17 8.28
CA CYS A 722 -32.21 66.99 8.27
C CYS A 722 -30.87 67.36 7.66
N LEU A 723 -29.91 66.44 7.76
CA LEU A 723 -28.55 66.70 7.30
C LEU A 723 -28.17 65.72 6.20
N PHE A 724 -27.68 66.25 5.08
CA PHE A 724 -27.15 65.45 3.98
C PHE A 724 -25.63 65.48 4.06
N ARG A 725 -25.00 64.30 4.14
CA ARG A 725 -23.56 64.28 4.32
C ARG A 725 -23.00 62.97 3.78
N PRO A 726 -21.70 62.92 3.51
CA PRO A 726 -21.08 61.66 3.07
C PRO A 726 -21.06 60.62 4.19
N ILE A 727 -20.89 59.38 3.78
CA ILE A 727 -21.02 58.25 4.70
C ILE A 727 -19.70 58.03 5.45
N LEU A 728 -19.82 57.42 6.62
CA LEU A 728 -18.70 57.12 7.50
C LEU A 728 -18.76 55.67 7.92
N PRO A 729 -17.63 55.09 8.34
CA PRO A 729 -17.66 53.69 8.80
C PRO A 729 -18.51 53.45 10.03
N GLU A 730 -18.83 54.49 10.80
CA GLU A 730 -19.58 54.32 12.04
C GLU A 730 -21.07 54.11 11.81
N ASP A 731 -21.55 54.24 10.58
CA ASP A 731 -22.97 54.17 10.28
C ASP A 731 -23.47 52.75 10.04
N GLU A 732 -22.61 51.74 10.23
CA GLU A 732 -23.01 50.38 9.90
C GLU A 732 -24.20 49.90 10.72
N PRO A 733 -24.22 50.03 12.04
CA PRO A 733 -25.42 49.63 12.79
C PRO A 733 -26.69 50.30 12.30
N GLN A 734 -26.70 51.63 12.22
CA GLN A 734 -27.88 52.33 11.76
C GLN A 734 -28.34 51.82 10.40
N LEU A 735 -27.39 51.42 9.55
CA LEU A 735 -27.73 50.97 8.22
C LEU A 735 -28.46 49.62 8.22
N GLN A 736 -28.22 48.78 9.23
CA GLN A 736 -28.85 47.47 9.23
C GLN A 736 -30.31 47.53 9.63
N GLN A 737 -30.68 48.48 10.51
CA GLN A 737 -32.09 48.63 10.84
C GLN A 737 -32.86 49.29 9.70
N PHE A 738 -32.27 50.33 9.10
CA PHE A 738 -32.95 51.05 8.03
C PHE A 738 -33.33 50.13 6.88
N ILE A 739 -32.59 49.04 6.69
CA ILE A 739 -32.88 48.14 5.58
C ILE A 739 -34.10 47.28 5.84
N SER A 740 -34.49 47.10 7.11
CA SER A 740 -35.68 46.31 7.39
C SER A 740 -36.93 46.98 6.85
N ARG A 741 -37.06 48.29 7.06
CA ARG A 741 -38.28 49.02 6.74
C ARG A 741 -38.17 49.64 5.35
N VAL A 742 -37.86 48.81 4.36
CA VAL A 742 -37.73 49.24 2.97
C VAL A 742 -38.42 48.21 2.09
N THR A 743 -39.17 48.67 1.11
CA THR A 743 -39.93 47.78 0.24
C THR A 743 -38.98 46.86 -0.52
N LYS A 744 -39.51 45.71 -0.94
CA LYS A 744 -38.68 44.70 -1.60
C LYS A 744 -38.37 45.07 -3.04
N GLU A 745 -39.32 45.69 -3.75
CA GLU A 745 -39.13 45.92 -5.17
C GLU A 745 -37.92 46.79 -5.45
N ASP A 746 -37.72 47.83 -4.66
CA ASP A 746 -36.64 48.78 -4.90
C ASP A 746 -35.27 48.23 -4.53
N LEU A 747 -35.19 47.06 -3.89
CA LEU A 747 -33.93 46.54 -3.39
C LEU A 747 -33.10 45.83 -4.44
N TYR A 748 -33.38 46.00 -5.73
CA TYR A 748 -32.64 45.30 -6.77
C TYR A 748 -31.66 46.25 -7.45
N TYR A 749 -30.52 45.70 -7.85
CA TYR A 749 -29.54 46.42 -8.63
C TYR A 749 -28.91 45.47 -9.63
N ARG A 750 -28.18 46.04 -10.60
CA ARG A 750 -27.58 45.30 -11.69
C ARG A 750 -26.07 45.23 -11.48
N TYR A 751 -25.55 44.01 -11.35
CA TYR A 751 -24.12 43.74 -11.23
C TYR A 751 -23.75 42.67 -12.24
N PHE A 752 -22.79 42.98 -13.11
CA PHE A 752 -22.27 42.03 -14.09
C PHE A 752 -23.39 41.30 -14.81
N SER A 753 -24.19 42.07 -15.54
CA SER A 753 -25.28 41.54 -16.37
C SER A 753 -26.17 40.60 -15.59
N GLU A 754 -26.23 40.77 -14.27
CA GLU A 754 -27.13 40.01 -13.41
C GLU A 754 -27.89 40.97 -12.52
N ILE A 755 -29.03 40.52 -12.01
CA ILE A 755 -29.86 41.30 -11.09
C ILE A 755 -29.76 40.63 -9.73
N ASN A 756 -29.32 41.39 -8.73
CA ASN A 756 -29.30 40.91 -7.36
C ASN A 756 -29.98 41.92 -6.47
N GLU A 757 -30.08 41.63 -5.17
CA GLU A 757 -30.70 42.54 -4.22
C GLU A 757 -29.79 42.72 -3.01
N PHE A 758 -29.84 43.92 -2.45
CA PHE A 758 -28.93 44.28 -1.37
C PHE A 758 -29.09 43.37 -0.17
N THR A 759 -27.96 43.03 0.44
CA THR A 759 -27.91 42.30 1.69
C THR A 759 -27.08 43.11 2.68
N HIS A 760 -26.88 42.55 3.88
CA HIS A 760 -26.14 43.28 4.90
C HIS A 760 -24.69 43.49 4.51
N GLU A 761 -24.07 42.47 3.92
CA GLU A 761 -22.67 42.61 3.51
C GLU A 761 -22.50 43.75 2.52
N ASP A 762 -23.48 43.95 1.64
CA ASP A 762 -23.38 45.04 0.67
C ASP A 762 -23.33 46.39 1.36
N LEU A 763 -24.15 46.57 2.40
CA LEU A 763 -24.16 47.84 3.12
C LEU A 763 -22.87 48.02 3.90
N ALA A 764 -22.40 46.98 4.57
CA ALA A 764 -21.12 47.06 5.28
C ALA A 764 -20.01 47.46 4.33
N ASN A 765 -19.99 46.85 3.14
CA ASN A 765 -19.01 47.24 2.13
C ASN A 765 -19.19 48.70 1.74
N MET A 766 -20.44 49.15 1.62
CA MET A 766 -20.70 50.52 1.22
C MET A 766 -20.16 51.51 2.24
N THR A 767 -20.04 51.11 3.50
CA THR A 767 -19.52 52.05 4.49
C THR A 767 -18.04 52.36 4.29
N GLN A 768 -17.25 51.41 3.80
CA GLN A 768 -15.83 51.61 3.55
C GLN A 768 -15.64 52.17 2.15
N ILE A 769 -15.31 53.45 2.05
CA ILE A 769 -15.33 54.17 0.78
C ILE A 769 -14.02 54.92 0.60
N ASP A 770 -13.60 55.03 -0.65
CA ASP A 770 -12.65 56.05 -1.08
C ASP A 770 -13.43 57.10 -1.84
N TYR A 771 -13.22 58.36 -1.48
CA TYR A 771 -14.03 59.43 -2.07
C TYR A 771 -13.39 59.97 -3.34
N ASP A 772 -12.95 59.05 -4.20
CA ASP A 772 -12.39 59.41 -5.49
C ASP A 772 -13.15 58.74 -6.63
N ARG A 773 -13.35 57.42 -6.50
CA ARG A 773 -13.99 56.62 -7.54
C ARG A 773 -15.38 56.16 -7.17
N GLU A 774 -15.75 56.22 -5.90
CA GLU A 774 -17.08 55.83 -5.45
C GLU A 774 -17.55 56.80 -4.39
N MET A 775 -18.83 57.16 -4.45
CA MET A 775 -19.38 58.14 -3.53
C MET A 775 -20.73 57.66 -3.01
N ALA A 776 -21.07 58.08 -1.80
CA ALA A 776 -22.35 57.76 -1.21
C ALA A 776 -22.76 58.87 -0.26
N PHE A 777 -24.02 59.27 -0.33
CA PHE A 777 -24.60 60.29 0.54
C PHE A 777 -25.70 59.66 1.39
N VAL A 778 -25.84 60.16 2.62
CA VAL A 778 -26.91 59.76 3.50
C VAL A 778 -27.64 60.99 4.00
N ALA A 779 -28.93 60.81 4.27
CA ALA A 779 -29.78 61.83 4.89
C ALA A 779 -30.10 61.37 6.31
N VAL A 780 -29.77 62.20 7.29
CA VAL A 780 -29.76 61.78 8.68
C VAL A 780 -30.57 62.75 9.54
N ARG A 781 -31.15 62.20 10.61
CA ARG A 781 -31.97 62.91 11.57
C ARG A 781 -31.43 62.66 12.96
N ARG A 782 -31.52 63.66 13.83
CA ARG A 782 -30.97 63.58 15.19
C ARG A 782 -32.14 63.58 16.18
N ILE A 783 -32.18 62.56 17.05
CA ILE A 783 -33.17 62.48 18.12
C ILE A 783 -32.50 61.87 19.33
N ASP A 784 -32.63 62.54 20.48
CA ASP A 784 -32.23 61.98 21.77
C ASP A 784 -30.81 61.41 21.73
N GLN A 785 -29.91 62.15 21.09
CA GLN A 785 -28.50 61.74 20.99
C GLN A 785 -28.34 60.40 20.28
N THR A 786 -29.15 60.19 19.23
CA THR A 786 -28.95 59.10 18.30
C THR A 786 -29.17 59.61 16.90
N GLU A 787 -28.58 58.93 15.93
CA GLU A 787 -28.72 59.28 14.52
C GLU A 787 -29.49 58.18 13.82
N GLU A 788 -30.54 58.55 13.10
CA GLU A 788 -31.40 57.61 12.41
C GLU A 788 -31.42 57.99 10.92
N ILE A 789 -31.23 56.99 10.06
CA ILE A 789 -31.06 57.24 8.63
C ILE A 789 -32.42 57.20 7.95
N LEU A 790 -32.62 58.10 6.99
CA LEU A 790 -33.85 58.16 6.21
C LEU A 790 -33.65 57.69 4.78
N GLY A 791 -32.56 58.08 4.13
CA GLY A 791 -32.35 57.74 2.73
C GLY A 791 -30.88 57.68 2.39
N VAL A 792 -30.57 56.84 1.39
CA VAL A 792 -29.21 56.60 0.95
C VAL A 792 -29.14 56.74 -0.56
N THR A 793 -28.00 57.22 -1.06
CA THR A 793 -27.74 57.22 -2.50
C THR A 793 -26.27 56.90 -2.72
N ARG A 794 -26.00 56.20 -3.83
CA ARG A 794 -24.66 55.72 -4.14
C ARG A 794 -24.38 55.89 -5.63
N ALA A 795 -23.11 56.15 -5.95
CA ALA A 795 -22.65 56.24 -7.34
C ALA A 795 -21.26 55.63 -7.45
N ILE A 796 -21.07 54.80 -8.47
CA ILE A 796 -19.80 54.12 -8.73
C ILE A 796 -19.36 54.43 -10.15
N SER A 797 -18.10 54.81 -10.30
CA SER A 797 -17.56 55.25 -11.59
C SER A 797 -16.57 54.22 -12.14
N ASP A 798 -16.38 54.25 -13.45
CA ASP A 798 -15.53 53.27 -14.12
C ASP A 798 -14.09 53.75 -14.15
N PRO A 799 -13.15 52.85 -14.46
CA PRO A 799 -11.73 53.25 -14.46
C PRO A 799 -11.41 54.37 -15.41
N ASP A 800 -12.04 54.41 -16.58
CA ASP A 800 -11.70 55.41 -17.60
C ASP A 800 -12.47 56.71 -17.42
N ASN A 801 -13.37 56.79 -16.44
CA ASN A 801 -14.07 58.02 -16.12
C ASN A 801 -14.99 58.46 -17.25
N ILE A 802 -15.81 57.52 -17.74
CA ILE A 802 -16.75 57.81 -18.81
C ILE A 802 -18.17 57.31 -18.51
N ASP A 803 -18.37 56.43 -17.53
CA ASP A 803 -19.68 55.93 -17.19
C ASP A 803 -19.80 55.85 -15.67
N ALA A 804 -21.03 55.68 -15.20
CA ALA A 804 -21.25 55.47 -13.77
C ALA A 804 -22.59 54.80 -13.56
N GLU A 805 -22.74 54.17 -12.40
CA GLU A 805 -23.98 53.51 -12.01
C GLU A 805 -24.43 54.06 -10.67
N PHE A 806 -25.73 54.29 -10.53
CA PHE A 806 -26.28 54.92 -9.35
C PHE A 806 -27.38 54.05 -8.74
N ALA A 807 -27.67 54.34 -7.47
CA ALA A 807 -28.76 53.66 -6.78
C ALA A 807 -29.26 54.56 -5.66
N VAL A 808 -30.57 54.49 -5.40
CA VAL A 808 -31.24 55.30 -4.39
C VAL A 808 -32.16 54.41 -3.58
N LEU A 809 -32.19 54.62 -2.25
CA LEU A 809 -33.06 53.88 -1.37
C LEU A 809 -33.69 54.84 -0.37
N VAL A 810 -35.01 54.71 -0.17
CA VAL A 810 -35.76 55.54 0.76
C VAL A 810 -36.56 54.62 1.67
N ARG A 811 -36.83 55.10 2.88
CA ARG A 811 -37.53 54.31 3.87
C ARG A 811 -39.03 54.35 3.62
N SER A 812 -39.74 53.37 4.17
CA SER A 812 -41.18 53.37 4.13
C SER A 812 -41.71 54.53 4.97
N ASP A 813 -42.99 54.86 4.74
CA ASP A 813 -43.69 55.95 5.41
C ASP A 813 -42.99 57.30 5.23
N LEU A 814 -42.11 57.41 4.24
CA LEU A 814 -41.41 58.67 3.95
C LEU A 814 -41.62 59.11 2.50
N LYS A 815 -42.50 58.46 1.76
CA LYS A 815 -42.64 58.76 0.34
C LYS A 815 -43.44 60.04 0.13
N GLY A 816 -43.23 60.66 -1.02
CA GLY A 816 -43.94 61.86 -1.40
C GLY A 816 -43.38 63.16 -0.87
N LEU A 817 -42.32 63.11 -0.08
CA LEU A 817 -41.74 64.31 0.54
C LEU A 817 -40.58 64.89 -0.24
N GLY A 818 -40.26 64.34 -1.41
CA GLY A 818 -39.20 64.88 -2.25
C GLY A 818 -37.80 64.49 -1.82
N LEU A 819 -37.65 63.64 -0.82
CA LEU A 819 -36.32 63.27 -0.34
C LEU A 819 -35.49 62.64 -1.46
N GLY A 820 -36.10 61.71 -2.20
CA GLY A 820 -35.38 61.09 -3.31
C GLY A 820 -34.95 62.10 -4.34
N ARG A 821 -35.81 63.07 -4.64
CA ARG A 821 -35.46 64.08 -5.64
C ARG A 821 -34.26 64.91 -5.17
N ARG A 822 -34.24 65.29 -3.89
CA ARG A 822 -33.12 66.07 -3.37
C ARG A 822 -31.83 65.26 -3.45
N LEU A 823 -31.88 63.99 -3.05
CA LEU A 823 -30.68 63.16 -3.13
C LEU A 823 -30.19 63.04 -4.57
N MET A 824 -31.11 62.85 -5.52
CA MET A 824 -30.71 62.73 -6.91
C MET A 824 -30.09 64.02 -7.43
N GLU A 825 -30.64 65.17 -7.04
CA GLU A 825 -30.07 66.44 -7.48
C GLU A 825 -28.65 66.61 -6.95
N LYS A 826 -28.45 66.26 -5.67
CA LYS A 826 -27.12 66.34 -5.02
C LYS A 826 -26.13 65.44 -5.76
N LEU A 827 -26.56 64.23 -6.17
CA LEU A 827 -25.70 63.31 -6.92
C LEU A 827 -25.39 63.86 -8.30
N ILE A 828 -26.38 64.46 -8.97
CA ILE A 828 -26.14 65.02 -10.30
C ILE A 828 -25.09 66.12 -10.23
N THR A 829 -25.21 67.00 -9.24
CA THR A 829 -24.23 68.07 -9.09
C THR A 829 -22.83 67.50 -8.92
N TYR A 830 -22.65 66.58 -7.98
CA TYR A 830 -21.32 66.05 -7.71
C TYR A 830 -20.76 65.35 -8.94
N THR A 831 -21.58 64.56 -9.62
CA THR A 831 -21.08 63.78 -10.75
C THR A 831 -20.70 64.69 -11.91
N ARG A 832 -21.52 65.70 -12.20
CA ARG A 832 -21.17 66.62 -13.28
C ARG A 832 -19.89 67.38 -12.95
N ASP A 833 -19.70 67.75 -11.69
CA ASP A 833 -18.46 68.43 -11.33
C ASP A 833 -17.26 67.49 -11.42
N HIS A 834 -17.45 66.20 -11.17
CA HIS A 834 -16.33 65.26 -11.25
C HIS A 834 -15.78 65.20 -12.66
N GLY A 835 -16.65 65.24 -13.67
CA GLY A 835 -16.22 65.24 -15.06
C GLY A 835 -16.65 64.01 -15.82
N LEU A 836 -17.80 63.45 -15.46
CA LEU A 836 -18.32 62.27 -16.12
C LEU A 836 -19.21 62.64 -17.30
N GLN A 837 -19.57 61.64 -18.10
CA GLN A 837 -20.39 61.83 -19.29
C GLN A 837 -21.86 61.52 -19.04
N ARG A 838 -22.17 60.30 -18.60
CA ARG A 838 -23.55 59.87 -18.44
C ARG A 838 -23.70 59.05 -17.18
N LEU A 839 -24.96 58.75 -16.85
CA LEU A 839 -25.31 58.03 -15.63
C LEU A 839 -26.34 56.96 -15.98
N ASN A 840 -26.16 55.77 -15.41
CA ASN A 840 -26.97 54.61 -15.76
C ASN A 840 -27.62 54.02 -14.51
N GLY A 841 -28.81 53.45 -14.69
CA GLY A 841 -29.47 52.79 -13.58
C GLY A 841 -30.58 51.91 -14.10
N ILE A 842 -31.26 51.22 -13.17
CA ILE A 842 -32.37 50.33 -13.51
C ILE A 842 -33.34 50.28 -12.34
N THR A 843 -34.59 49.93 -12.66
CA THR A 843 -35.60 49.68 -11.64
C THR A 843 -36.73 48.88 -12.27
N MET A 844 -37.70 48.51 -11.42
CA MET A 844 -38.83 47.69 -11.86
C MET A 844 -39.86 48.52 -12.63
N PRO A 845 -40.66 47.86 -13.48
CA PRO A 845 -41.74 48.57 -14.16
C PRO A 845 -42.94 48.81 -13.27
N ASN A 846 -43.21 47.86 -12.36
CA ASN A 846 -44.34 48.02 -11.47
C ASN A 846 -44.20 49.23 -10.57
N ASN A 847 -42.96 49.58 -10.20
CA ASN A 847 -42.72 50.74 -9.35
C ASN A 847 -42.89 51.99 -10.20
N ARG A 848 -43.91 52.78 -9.89
CA ARG A 848 -44.23 53.96 -10.68
C ARG A 848 -43.62 55.25 -10.14
N GLY A 849 -43.29 55.29 -8.84
CA GLY A 849 -42.73 56.51 -8.29
C GLY A 849 -41.39 56.88 -8.89
N MET A 850 -40.49 55.90 -8.99
CA MET A 850 -39.16 56.19 -9.51
C MET A 850 -39.21 56.57 -10.99
N VAL A 851 -40.02 55.87 -11.78
CA VAL A 851 -40.13 56.21 -13.19
C VAL A 851 -40.77 57.58 -13.35
N ALA A 852 -41.76 57.90 -12.50
CA ALA A 852 -42.35 59.22 -12.53
C ALA A 852 -41.32 60.30 -12.24
N LEU A 853 -40.47 60.06 -11.23
CA LEU A 853 -39.42 61.02 -10.91
C LEU A 853 -38.43 61.18 -12.07
N ALA A 854 -38.02 60.06 -12.66
CA ALA A 854 -37.08 60.14 -13.78
C ALA A 854 -37.69 60.89 -14.95
N ARG A 855 -38.97 60.63 -15.26
CA ARG A 855 -39.65 61.40 -16.29
C ARG A 855 -39.69 62.87 -15.93
N LYS A 856 -40.00 63.19 -14.68
CA LYS A 856 -39.97 64.58 -14.22
C LYS A 856 -38.63 65.22 -14.57
N LEU A 857 -37.55 64.47 -14.35
CA LEU A 857 -36.25 64.93 -14.84
C LEU A 857 -36.25 65.00 -16.36
N GLY A 858 -37.04 64.15 -17.01
CA GLY A 858 -37.12 64.15 -18.46
C GLY A 858 -36.02 63.37 -19.13
N PHE A 859 -35.41 62.42 -18.42
CA PHE A 859 -34.25 61.69 -18.91
C PHE A 859 -34.66 60.26 -19.27
N ASN A 860 -33.89 59.67 -20.18
CA ASN A 860 -34.39 58.54 -20.96
C ASN A 860 -34.78 57.36 -20.07
N VAL A 861 -35.93 56.77 -20.37
CA VAL A 861 -36.38 55.54 -19.74
C VAL A 861 -36.74 54.56 -20.84
N ASP A 862 -36.03 53.44 -20.89
CA ASP A 862 -36.32 52.34 -21.79
C ASP A 862 -36.86 51.17 -20.99
N ILE A 863 -37.67 50.34 -21.64
CA ILE A 863 -38.33 49.21 -20.98
C ILE A 863 -37.93 47.94 -21.71
N GLN A 864 -37.49 46.93 -20.94
CA GLN A 864 -37.07 45.65 -21.49
C GLN A 864 -38.21 44.66 -21.35
N LEU A 865 -38.62 44.07 -22.47
CA LEU A 865 -39.71 43.10 -22.48
C LEU A 865 -39.15 41.69 -22.28
N GLU A 866 -39.98 40.81 -21.72
CA GLU A 866 -39.69 39.42 -21.41
C GLU A 866 -38.79 39.30 -20.19
N GLU A 867 -38.29 40.41 -19.64
CA GLU A 867 -37.45 40.42 -18.46
C GLU A 867 -37.98 41.29 -17.33
N GLY A 868 -38.76 42.33 -17.65
CA GLY A 868 -39.31 43.18 -16.62
C GLY A 868 -38.33 44.10 -15.94
N ILE A 869 -37.36 44.64 -16.67
CA ILE A 869 -36.41 45.60 -16.16
C ILE A 869 -36.51 46.88 -16.98
N VAL A 870 -36.50 48.02 -16.30
CA VAL A 870 -36.57 49.33 -16.94
C VAL A 870 -35.24 50.03 -16.72
N GLY A 871 -34.59 50.41 -17.81
CA GLY A 871 -33.28 51.04 -17.77
C GLY A 871 -33.39 52.55 -17.87
N LEU A 872 -32.72 53.24 -16.96
CA LEU A 872 -32.73 54.68 -16.85
C LEU A 872 -31.38 55.22 -17.29
N THR A 873 -31.40 56.22 -18.18
CA THR A 873 -30.18 56.85 -18.69
C THR A 873 -30.32 58.35 -18.52
N LEU A 874 -29.27 58.97 -17.97
CA LEU A 874 -29.25 60.40 -17.69
C LEU A 874 -27.95 60.97 -18.22
N ASN A 875 -28.01 61.69 -19.34
CA ASN A 875 -26.82 62.21 -20.01
C ASN A 875 -26.51 63.60 -19.45
N LEU A 876 -25.37 63.72 -18.75
CA LEU A 876 -25.01 64.96 -18.09
C LEU A 876 -24.48 66.01 -19.07
N ALA A 877 -24.45 65.72 -20.36
CA ALA A 877 -23.88 66.63 -21.35
C ALA A 877 -22.36 66.73 -21.15
N GLY B 1 33.37 2.82 37.92
CA GLY B 1 33.37 2.63 36.49
C GLY B 1 31.98 2.45 35.93
N LEU B 2 31.83 2.68 34.62
CA LEU B 2 30.54 2.58 33.95
C LEU B 2 30.47 1.41 32.99
N GLU B 3 31.39 0.44 33.11
CA GLU B 3 31.38 -0.68 32.18
C GLU B 3 30.31 -1.71 32.52
N ALA B 4 29.96 -1.87 33.80
CA ALA B 4 28.87 -2.75 34.17
C ALA B 4 27.51 -2.20 33.77
N LEU B 5 27.44 -0.92 33.40
CA LEU B 5 26.20 -0.30 32.94
C LEU B 5 26.11 -0.25 31.43
N LEU B 6 27.16 0.22 30.75
CA LEU B 6 27.15 0.36 29.30
C LEU B 6 27.58 -0.91 28.59
N ARG B 7 27.97 -1.95 29.32
CA ARG B 7 28.39 -3.19 28.69
C ARG B 7 28.18 -4.35 29.66
N PRO B 8 26.95 -4.58 30.13
CA PRO B 8 26.73 -5.67 31.08
C PRO B 8 26.84 -7.03 30.43
N LYS B 9 27.13 -8.03 31.27
CA LYS B 9 27.14 -9.42 30.84
C LYS B 9 25.90 -10.19 31.30
N SER B 10 25.18 -9.68 32.28
CA SER B 10 24.00 -10.34 32.82
C SER B 10 23.07 -9.28 33.40
N ILE B 11 21.77 -9.55 33.36
CA ILE B 11 20.77 -8.61 33.84
C ILE B 11 19.73 -9.37 34.65
N ALA B 12 19.27 -8.77 35.73
CA ALA B 12 18.18 -9.29 36.54
C ALA B 12 17.07 -8.25 36.59
N VAL B 13 15.86 -8.67 36.20
CA VAL B 13 14.68 -7.81 36.21
C VAL B 13 13.89 -8.12 37.47
N ILE B 14 13.81 -7.15 38.37
CA ILE B 14 13.15 -7.30 39.65
C ILE B 14 11.74 -6.74 39.52
N GLY B 15 10.74 -7.62 39.53
CA GLY B 15 9.38 -7.23 39.27
C GLY B 15 8.84 -7.65 37.93
N ALA B 16 9.46 -8.64 37.27
CA ALA B 16 8.93 -9.12 35.99
C ALA B 16 7.53 -9.68 36.17
N SER B 17 6.65 -9.32 35.25
CA SER B 17 5.23 -9.66 35.37
C SER B 17 4.69 -10.14 34.03
N MET B 18 3.60 -10.90 34.11
CA MET B 18 2.86 -11.35 32.95
C MET B 18 1.62 -10.49 32.69
N LYS B 19 1.48 -9.37 33.38
CA LYS B 19 0.37 -8.45 33.16
C LYS B 19 0.77 -7.40 32.14
N PRO B 20 0.10 -7.31 30.99
CA PRO B 20 0.55 -6.37 29.94
C PRO B 20 0.53 -4.91 30.37
N ASN B 21 -0.08 -4.57 31.50
CA ASN B 21 -0.20 -3.18 31.93
C ASN B 21 0.93 -2.74 32.86
N ARG B 22 1.90 -3.61 33.14
CA ARG B 22 2.98 -3.30 34.05
C ARG B 22 4.26 -2.94 33.28
N ALA B 23 5.17 -2.27 33.99
CA ALA B 23 6.46 -1.91 33.41
C ALA B 23 7.40 -3.10 33.34
N GLY B 24 7.26 -4.06 34.25
CA GLY B 24 8.05 -5.28 34.16
C GLY B 24 7.77 -6.05 32.88
N TYR B 25 6.52 -6.12 32.48
CA TYR B 25 6.16 -6.74 31.21
C TYR B 25 6.90 -6.09 30.05
N LEU B 26 6.84 -4.76 29.98
CA LEU B 26 7.45 -4.04 28.87
C LEU B 26 8.97 -4.18 28.91
N MET B 27 9.56 -4.15 30.10
CA MET B 27 11.01 -4.30 30.21
C MET B 27 11.45 -5.68 29.72
N MET B 28 10.76 -6.73 30.14
CA MET B 28 11.10 -8.08 29.68
C MET B 28 10.94 -8.20 28.17
N ARG B 29 9.85 -7.66 27.64
CA ARG B 29 9.62 -7.77 26.19
C ARG B 29 10.65 -7.00 25.39
N ASN B 30 11.04 -5.81 25.87
CA ASN B 30 12.08 -5.05 25.18
C ASN B 30 13.43 -5.76 25.27
N LEU B 31 13.74 -6.36 26.41
CA LEU B 31 15.02 -7.02 26.57
C LEU B 31 15.12 -8.27 25.71
N LEU B 32 14.03 -8.99 25.54
CA LEU B 32 14.08 -10.24 24.78
C LEU B 32 13.98 -10.03 23.28
N ALA B 33 13.79 -8.80 22.81
CA ALA B 33 13.65 -8.52 21.38
C ALA B 33 14.83 -7.71 20.84
N GLY B 34 15.96 -7.69 21.53
CA GLY B 34 17.05 -6.82 21.15
C GLY B 34 18.22 -7.52 20.50
N GLY B 35 18.56 -8.71 20.97
CA GLY B 35 19.74 -9.41 20.50
C GLY B 35 20.85 -9.44 21.54
N PHE B 36 20.46 -9.52 22.81
CA PHE B 36 21.42 -9.58 23.90
C PHE B 36 22.09 -10.95 23.93
N ASN B 37 23.33 -10.98 24.43
CA ASN B 37 24.16 -12.18 24.41
C ASN B 37 24.39 -12.75 25.81
N GLY B 38 23.54 -12.42 26.77
CA GLY B 38 23.65 -12.95 28.10
C GLY B 38 22.31 -13.38 28.65
N PRO B 39 22.28 -13.90 29.86
CA PRO B 39 21.01 -14.32 30.46
C PRO B 39 20.20 -13.14 30.98
N VAL B 40 18.89 -13.26 30.85
CA VAL B 40 17.93 -12.34 31.44
C VAL B 40 17.18 -13.11 32.51
N LEU B 41 17.28 -12.65 33.75
CA LEU B 41 16.78 -13.40 34.90
C LEU B 41 15.58 -12.70 35.53
N PRO B 42 14.36 -13.21 35.38
CA PRO B 42 13.23 -12.61 36.08
C PRO B 42 13.11 -13.11 37.52
N VAL B 43 12.83 -12.17 38.43
CA VAL B 43 12.74 -12.45 39.85
C VAL B 43 11.34 -12.09 40.31
N THR B 44 10.56 -13.09 40.71
CA THR B 44 9.19 -12.89 41.17
C THR B 44 8.66 -14.18 41.78
N PRO B 45 7.90 -14.11 42.88
CA PRO B 45 7.19 -15.30 43.37
C PRO B 45 5.76 -15.46 42.89
N ALA B 46 5.27 -14.57 42.02
CA ALA B 46 3.89 -14.60 41.57
C ALA B 46 3.69 -15.36 40.26
N TRP B 47 4.77 -15.89 39.68
CA TRP B 47 4.67 -16.70 38.47
C TRP B 47 5.78 -17.73 38.50
N LYS B 48 5.62 -18.78 37.69
CA LYS B 48 6.67 -19.77 37.52
C LYS B 48 7.51 -19.52 36.26
N ALA B 49 7.01 -18.74 35.32
CA ALA B 49 7.76 -18.33 34.15
C ALA B 49 7.12 -17.07 33.58
N VAL B 50 7.94 -16.20 33.03
CA VAL B 50 7.47 -14.95 32.43
C VAL B 50 7.89 -14.97 30.96
N LEU B 51 6.90 -14.97 30.07
CA LEU B 51 7.12 -14.99 28.62
C LEU B 51 8.01 -16.16 28.20
N GLY B 52 7.89 -17.28 28.90
CA GLY B 52 8.61 -18.48 28.54
C GLY B 52 9.96 -18.67 29.21
N VAL B 53 10.28 -17.89 30.24
CA VAL B 53 11.57 -17.97 30.92
C VAL B 53 11.31 -18.29 32.39
N LEU B 54 12.00 -19.30 32.90
CA LEU B 54 11.85 -19.70 34.29
C LEU B 54 12.23 -18.57 35.23
N ALA B 55 11.42 -18.37 36.26
CA ALA B 55 11.57 -17.28 37.20
C ALA B 55 12.08 -17.78 38.55
N TRP B 56 12.61 -16.85 39.34
CA TRP B 56 13.13 -17.13 40.67
C TRP B 56 12.35 -16.33 41.70
N PRO B 57 12.18 -16.87 42.92
CA PRO B 57 11.34 -16.17 43.91
C PRO B 57 11.99 -14.93 44.50
N ASP B 58 13.27 -14.98 44.85
CA ASP B 58 13.89 -13.88 45.57
C ASP B 58 15.33 -13.67 45.09
N ILE B 59 15.93 -12.58 45.57
CA ILE B 59 17.29 -12.22 45.16
C ILE B 59 18.28 -13.25 45.69
N ALA B 60 18.04 -13.79 46.89
CA ALA B 60 18.98 -14.73 47.48
C ALA B 60 19.03 -16.06 46.74
N SER B 61 17.98 -16.42 46.01
CA SER B 61 17.93 -17.68 45.30
C SER B 61 18.53 -17.61 43.91
N LEU B 62 19.04 -16.46 43.49
CA LEU B 62 19.64 -16.37 42.17
C LEU B 62 20.88 -17.26 42.10
N PRO B 63 21.06 -17.99 41.01
CA PRO B 63 22.23 -18.90 40.93
C PRO B 63 23.57 -18.19 41.02
N PHE B 64 23.69 -16.96 40.52
CA PHE B 64 24.95 -16.23 40.59
C PHE B 64 24.64 -14.75 40.75
N THR B 65 25.70 -13.94 40.82
CA THR B 65 25.57 -12.49 41.00
C THR B 65 25.45 -11.80 39.64
N PRO B 66 24.46 -10.94 39.43
CA PRO B 66 24.34 -10.24 38.14
C PRO B 66 25.22 -9.00 38.08
N ASP B 67 25.36 -8.49 36.85
CA ASP B 67 26.04 -7.23 36.58
C ASP B 67 25.12 -6.02 36.73
N LEU B 68 23.88 -6.14 36.23
CA LEU B 68 22.95 -5.04 36.17
C LEU B 68 21.61 -5.49 36.73
N ALA B 69 20.92 -4.57 37.39
CA ALA B 69 19.60 -4.85 37.93
C ALA B 69 18.68 -3.67 37.62
N VAL B 70 17.44 -3.99 37.24
CA VAL B 70 16.42 -2.99 36.96
C VAL B 70 15.26 -3.22 37.92
N LEU B 71 14.87 -2.17 38.64
CA LEU B 71 13.81 -2.26 39.65
C LEU B 71 12.52 -1.77 39.04
N CYS B 72 11.63 -2.70 38.71
CA CYS B 72 10.32 -2.39 38.16
C CYS B 72 9.21 -2.50 39.20
N THR B 73 9.55 -2.78 40.45
CA THR B 73 8.56 -2.86 41.53
C THR B 73 8.20 -1.46 41.98
N ASN B 74 7.47 -1.35 43.09
CA ASN B 74 7.03 -0.05 43.58
C ASN B 74 8.11 0.62 44.41
N ALA B 75 7.85 1.87 44.77
CA ALA B 75 8.84 2.67 45.50
C ALA B 75 8.93 2.25 46.95
N SER B 76 7.82 1.80 47.55
CA SER B 76 7.82 1.48 48.97
C SER B 76 8.88 0.44 49.30
N ARG B 77 9.14 -0.49 48.38
CA ARG B 77 10.09 -1.57 48.62
C ARG B 77 11.53 -1.17 48.32
N ASN B 78 11.75 -0.02 47.68
CA ASN B 78 13.06 0.37 47.19
C ASN B 78 14.16 0.10 48.21
N LEU B 79 14.08 0.77 49.36
CA LEU B 79 15.18 0.73 50.32
C LEU B 79 15.50 -0.70 50.75
N ALA B 80 14.50 -1.56 50.83
CA ALA B 80 14.77 -2.95 51.19
C ALA B 80 15.51 -3.66 50.07
N LEU B 81 15.00 -3.55 48.85
CA LEU B 81 15.55 -4.33 47.75
C LEU B 81 17.01 -4.00 47.51
N LEU B 82 17.33 -2.70 47.49
CA LEU B 82 18.72 -2.29 47.32
C LEU B 82 19.61 -3.02 48.32
N GLU B 83 19.20 -3.06 49.59
CA GLU B 83 20.04 -3.68 50.59
C GLU B 83 20.35 -5.13 50.21
N GLU B 84 19.32 -5.87 49.77
CA GLU B 84 19.54 -7.25 49.37
C GLU B 84 20.59 -7.32 48.27
N LEU B 85 20.46 -6.47 47.26
CA LEU B 85 21.45 -6.46 46.18
C LEU B 85 22.83 -6.22 46.73
N GLY B 86 22.97 -5.30 47.69
CA GLY B 86 24.26 -5.06 48.29
C GLY B 86 24.85 -6.31 48.89
N GLU B 87 24.03 -7.13 49.54
CA GLU B 87 24.52 -8.39 50.08
C GLU B 87 24.96 -9.33 48.96
N LYS B 88 24.19 -9.40 47.87
CA LYS B 88 24.56 -10.27 46.77
C LYS B 88 25.86 -9.81 46.11
N GLY B 89 26.01 -8.51 45.91
CA GLY B 89 27.25 -7.97 45.40
C GLY B 89 27.16 -7.43 43.98
N CYS B 90 26.02 -6.89 43.61
CA CYS B 90 25.87 -6.32 42.27
C CYS B 90 26.45 -4.91 42.23
N LYS B 91 26.71 -4.44 41.00
CA LYS B 91 27.46 -3.20 40.80
C LYS B 91 26.59 -1.99 40.48
N THR B 92 25.60 -2.13 39.60
CA THR B 92 24.77 -1.00 39.19
C THR B 92 23.31 -1.41 39.21
N CYS B 93 22.45 -0.42 39.41
CA CYS B 93 21.01 -0.64 39.40
C CYS B 93 20.32 0.57 38.77
N ILE B 94 19.30 0.29 37.96
CA ILE B 94 18.45 1.32 37.37
C ILE B 94 17.14 1.35 38.15
N ILE B 95 16.77 2.53 38.63
CA ILE B 95 15.55 2.71 39.42
C ILE B 95 14.52 3.46 38.58
N LEU B 96 13.28 3.00 38.64
CA LEU B 96 12.22 3.52 37.79
C LEU B 96 11.55 4.76 38.36
N SER B 97 11.25 4.77 39.66
CA SER B 97 10.51 5.87 40.25
C SER B 97 10.85 6.00 41.72
N ALA B 98 10.76 7.23 42.22
CA ALA B 98 10.97 7.55 43.62
C ALA B 98 10.02 8.67 44.01
N PRO B 99 9.67 8.78 45.29
CA PRO B 99 8.71 9.80 45.72
C PRO B 99 9.30 11.17 46.06
N ALA B 100 10.50 11.49 45.57
CA ALA B 100 11.20 12.75 45.77
C ALA B 100 11.88 12.82 47.14
N SER B 101 11.74 11.81 47.98
CA SER B 101 12.44 11.71 49.24
C SER B 101 13.28 10.43 49.25
N GLN B 102 13.85 10.12 50.40
CA GLN B 102 14.77 9.01 50.58
C GLN B 102 15.94 9.06 49.59
N HIS B 103 16.18 10.20 48.96
CA HIS B 103 17.38 10.36 48.17
C HIS B 103 18.61 10.17 49.05
N GLU B 104 18.57 10.67 50.29
CA GLU B 104 19.71 10.56 51.19
C GLU B 104 19.97 9.11 51.57
N ASP B 105 18.93 8.34 51.87
CA ASP B 105 19.12 6.94 52.22
C ASP B 105 19.61 6.15 51.03
N LEU B 106 19.12 6.45 49.84
CA LEU B 106 19.63 5.81 48.64
C LEU B 106 21.11 6.10 48.45
N ARG B 107 21.52 7.36 48.62
CA ARG B 107 22.93 7.71 48.53
C ARG B 107 23.75 6.94 49.56
N ALA B 108 23.26 6.88 50.79
CA ALA B 108 24.02 6.21 51.84
C ALA B 108 24.18 4.72 51.54
N CYS B 109 23.09 4.07 51.10
CA CYS B 109 23.17 2.65 50.79
C CYS B 109 24.14 2.40 49.65
N ALA B 110 24.03 3.19 48.58
CA ALA B 110 24.90 3.00 47.42
C ALA B 110 26.37 3.20 47.79
N LEU B 111 26.68 4.24 48.56
CA LEU B 111 28.05 4.48 48.96
C LEU B 111 28.55 3.39 49.89
N ARG B 112 27.69 2.90 50.78
CA ARG B 112 28.07 1.85 51.71
C ARG B 112 28.44 0.56 50.96
N HIS B 113 27.68 0.21 49.94
CA HIS B 113 27.90 -1.03 49.21
C HIS B 113 28.72 -0.86 47.95
N ASN B 114 29.20 0.36 47.65
CA ASN B 114 29.97 0.63 46.45
C ASN B 114 29.16 0.27 45.19
N MET B 115 28.04 0.98 45.03
CA MET B 115 27.11 0.72 43.94
C MET B 115 26.78 2.04 43.25
N ARG B 116 26.46 1.93 41.96
CA ARG B 116 26.14 3.07 41.12
C ARG B 116 24.68 3.02 40.71
N LEU B 117 24.04 4.18 40.68
CA LEU B 117 22.60 4.27 40.41
C LEU B 117 22.38 5.13 39.18
N LEU B 118 21.52 4.66 38.27
CA LEU B 118 21.00 5.50 37.21
C LEU B 118 19.74 6.20 37.70
N GLY B 119 19.77 7.53 37.67
CA GLY B 119 18.84 8.35 38.42
C GLY B 119 17.40 7.87 38.38
N PRO B 120 16.70 7.96 39.50
CA PRO B 120 15.27 7.59 39.49
C PRO B 120 14.47 8.47 38.56
N ASN B 121 13.36 7.91 38.09
CA ASN B 121 12.52 8.59 37.10
C ASN B 121 13.24 8.69 35.76
N SER B 122 13.93 7.62 35.39
CA SER B 122 14.71 7.53 34.16
C SER B 122 14.05 6.52 33.23
N LEU B 123 13.97 6.88 31.95
CA LEU B 123 13.35 6.02 30.96
C LEU B 123 14.21 4.81 30.58
N GLY B 124 15.52 4.89 30.77
CA GLY B 124 16.37 3.74 30.55
C GLY B 124 17.55 3.99 29.63
N LEU B 125 18.02 2.92 28.98
CA LEU B 125 19.24 2.96 28.19
C LEU B 125 19.09 2.07 26.96
N LEU B 126 19.62 2.56 25.84
CA LEU B 126 19.61 1.83 24.57
C LEU B 126 21.03 1.81 24.02
N ALA B 127 21.54 0.61 23.74
CA ALA B 127 22.85 0.42 23.14
C ALA B 127 22.68 -0.54 21.96
N PRO B 128 22.37 -0.01 20.77
CA PRO B 128 22.12 -0.90 19.62
C PRO B 128 23.32 -1.75 19.23
N TRP B 129 24.54 -1.26 19.39
CA TRP B 129 25.70 -2.02 18.96
C TRP B 129 25.96 -3.22 19.86
N GLN B 130 25.35 -3.27 21.04
CA GLN B 130 25.36 -4.45 21.89
C GLN B 130 24.03 -5.19 21.88
N GLY B 131 23.05 -4.70 21.14
CA GLY B 131 21.71 -5.28 21.18
C GLY B 131 21.04 -5.13 22.53
N LEU B 132 21.19 -3.99 23.18
CA LEU B 132 20.65 -3.77 24.52
C LEU B 132 19.55 -2.72 24.47
N ASN B 133 18.41 -3.05 25.05
CA ASN B 133 17.22 -2.20 25.03
C ASN B 133 16.61 -2.11 26.43
N ALA B 134 17.41 -1.74 27.43
CA ALA B 134 16.92 -1.71 28.81
C ALA B 134 16.16 -0.40 29.03
N SER B 135 14.97 -0.33 28.46
CA SER B 135 14.21 0.91 28.42
C SER B 135 12.72 0.62 28.59
N PHE B 136 11.96 1.69 28.79
CA PHE B 136 10.51 1.63 28.97
C PHE B 136 9.74 2.25 27.81
N SER B 137 10.38 2.45 26.66
CA SER B 137 9.78 3.19 25.57
C SER B 137 9.13 2.25 24.56
N PRO B 138 8.13 2.73 23.82
CA PRO B 138 7.47 1.89 22.81
C PRO B 138 7.98 2.05 21.38
N VAL B 139 9.07 2.77 21.16
CA VAL B 139 9.55 3.10 19.82
C VAL B 139 10.87 2.37 19.59
N PRO B 140 11.04 1.68 18.47
CA PRO B 140 12.33 1.03 18.18
C PRO B 140 13.37 2.02 17.70
N ILE B 141 14.63 1.58 17.73
CA ILE B 141 15.74 2.39 17.22
C ILE B 141 16.69 1.48 16.45
N LYS B 142 17.61 2.13 15.74
CA LYS B 142 18.51 1.48 14.80
C LYS B 142 19.95 1.84 15.13
N ARG B 143 20.88 1.08 14.55
CA ARG B 143 22.29 1.39 14.71
C ARG B 143 22.66 2.67 13.98
N GLY B 144 23.65 3.39 14.51
CA GLY B 144 24.05 4.65 13.93
C GLY B 144 25.33 5.22 14.52
N LYS B 145 25.44 6.55 14.56
CA LYS B 145 26.65 7.20 15.03
C LYS B 145 26.39 8.43 15.90
N LEU B 146 25.16 8.67 16.33
CA LEU B 146 24.81 9.87 17.07
C LEU B 146 24.38 9.50 18.49
N ALA B 147 25.01 10.13 19.47
CA ALA B 147 24.71 9.88 20.88
C ALA B 147 23.85 11.02 21.42
N PHE B 148 22.86 10.66 22.24
CA PHE B 148 21.93 11.64 22.81
C PHE B 148 21.83 11.46 24.32
N ILE B 149 21.82 12.58 25.03
CA ILE B 149 21.65 12.61 26.48
C ILE B 149 20.50 13.55 26.80
N SER B 150 19.60 13.10 27.68
CA SER B 150 18.42 13.86 28.06
C SER B 150 18.30 13.83 29.58
N GLN B 151 17.51 14.78 30.11
CA GLN B 151 17.44 15.01 31.56
C GLN B 151 16.14 14.52 32.19
N SER B 152 15.00 14.91 31.63
CA SER B 152 13.71 14.61 32.25
C SER B 152 13.02 13.45 31.54
N ALA B 153 12.29 12.64 32.31
CA ALA B 153 11.55 11.52 31.74
C ALA B 153 10.49 12.01 30.76
N ALA B 154 9.78 13.08 31.12
CA ALA B 154 8.87 13.69 30.16
C ALA B 154 9.65 14.19 28.95
N VAL B 155 10.76 14.89 29.19
CA VAL B 155 11.61 15.34 28.10
C VAL B 155 12.17 14.13 27.34
N SER B 156 12.61 13.11 28.06
CA SER B 156 13.22 11.96 27.40
C SER B 156 12.22 11.27 26.48
N ASN B 157 11.00 11.07 26.96
CA ASN B 157 9.98 10.42 26.14
C ASN B 157 9.58 11.30 24.96
N THR B 158 9.39 12.59 25.20
CA THR B 158 9.07 13.50 24.11
C THR B 158 10.15 13.45 23.04
N ILE B 159 11.41 13.49 23.47
CA ILE B 159 12.51 13.55 22.51
C ILE B 159 12.66 12.23 21.78
N LEU B 160 12.57 11.10 22.48
CA LEU B 160 12.74 9.82 21.79
C LEU B 160 11.56 9.56 20.86
N ASP B 161 10.37 10.03 21.22
CA ASP B 161 9.25 9.96 20.28
C ASP B 161 9.55 10.82 19.04
N TRP B 162 9.92 12.08 19.25
CA TRP B 162 10.29 12.92 18.12
C TRP B 162 11.39 12.29 17.29
N ALA B 163 12.28 11.51 17.93
CA ALA B 163 13.42 10.94 17.23
C ALA B 163 13.02 9.73 16.39
N GLN B 164 12.42 8.71 17.01
CA GLN B 164 12.03 7.54 16.24
C GLN B 164 11.05 7.91 15.14
N GLN B 165 10.10 8.80 15.43
CA GLN B 165 9.30 9.33 14.33
C GLN B 165 10.13 10.17 13.36
N ARG B 166 11.29 10.69 13.79
CA ARG B 166 12.29 11.15 12.86
C ARG B 166 13.15 10.01 12.32
N LYS B 167 13.21 8.87 13.03
CA LYS B 167 13.73 7.57 12.62
C LYS B 167 15.25 7.48 12.70
N MET B 168 15.97 8.54 13.04
CA MET B 168 17.40 8.52 12.83
C MET B 168 18.09 7.51 13.74
N GLY B 169 19.15 6.88 13.22
CA GLY B 169 19.91 5.93 13.99
C GLY B 169 20.68 6.59 15.12
N PHE B 170 21.04 5.78 16.12
CA PHE B 170 21.71 6.27 17.31
C PHE B 170 22.83 5.32 17.71
N SER B 171 23.80 5.87 18.42
CA SER B 171 24.88 5.10 19.04
C SER B 171 24.59 4.79 20.50
N TYR B 172 24.22 5.81 21.27
CA TYR B 172 23.79 5.65 22.66
C TYR B 172 22.58 6.52 22.89
N PHE B 173 21.81 6.15 23.91
CA PHE B 173 20.63 6.92 24.31
C PHE B 173 20.45 6.72 25.80
N ILE B 174 20.88 7.72 26.58
CA ILE B 174 20.84 7.65 28.04
C ILE B 174 19.88 8.71 28.54
N ALA B 175 19.00 8.32 29.45
CA ALA B 175 18.01 9.21 30.05
C ALA B 175 18.29 9.30 31.55
N LEU B 176 18.87 10.42 31.97
CA LEU B 176 19.14 10.64 33.38
C LEU B 176 17.84 10.96 34.11
N GLY B 177 17.94 11.08 35.44
CA GLY B 177 16.81 11.44 36.26
C GLY B 177 17.15 12.62 37.15
N ASP B 178 17.05 12.42 38.45
CA ASP B 178 17.52 13.42 39.40
C ASP B 178 19.04 13.53 39.43
N SER B 179 19.74 12.74 38.62
CA SER B 179 21.20 12.81 38.53
C SER B 179 21.83 12.70 39.91
N LEU B 180 21.29 11.79 40.72
CA LEU B 180 21.72 11.67 42.11
C LEU B 180 23.15 11.17 42.21
N ASP B 181 23.54 10.22 41.36
CA ASP B 181 24.86 9.59 41.44
C ASP B 181 25.65 9.69 40.14
N ILE B 182 25.01 9.57 38.98
CA ILE B 182 25.68 9.63 37.69
C ILE B 182 25.21 10.90 36.99
N ASP B 183 26.17 11.70 36.52
CA ASP B 183 25.90 13.03 35.99
C ASP B 183 26.47 13.15 34.58
N VAL B 184 26.34 14.36 34.01
CA VAL B 184 26.71 14.58 32.62
C VAL B 184 28.24 14.53 32.46
N ASP B 185 28.96 15.13 33.40
CA ASP B 185 30.41 15.22 33.26
C ASP B 185 31.04 13.84 33.15
N GLU B 186 30.57 12.89 33.96
CA GLU B 186 31.14 11.54 33.91
C GLU B 186 30.87 10.88 32.56
N LEU B 187 29.68 11.08 32.01
CA LEU B 187 29.34 10.45 30.73
C LEU B 187 30.11 11.08 29.57
N LEU B 188 30.46 12.37 29.68
CA LEU B 188 31.10 13.05 28.56
C LEU B 188 32.45 12.42 28.23
N ASP B 189 33.23 12.04 29.25
CA ASP B 189 34.52 11.42 28.98
C ASP B 189 34.36 10.11 28.22
N TYR B 190 33.50 9.23 28.73
CA TYR B 190 33.28 7.95 28.07
C TYR B 190 32.83 8.16 26.63
N LEU B 191 31.92 9.10 26.41
CA LEU B 191 31.42 9.31 25.05
C LEU B 191 32.49 9.87 24.14
N ALA B 192 33.33 10.77 24.66
CA ALA B 192 34.42 11.31 23.86
C ALA B 192 35.38 10.22 23.41
N ARG B 193 35.75 9.33 24.34
CA ARG B 193 36.67 8.25 23.98
C ARG B 193 36.04 7.19 23.09
N ASP B 194 34.71 7.15 22.99
CA ASP B 194 34.06 6.11 22.21
C ASP B 194 34.33 6.28 20.72
N SER B 195 34.27 5.17 19.99
CA SER B 195 34.60 5.14 18.57
C SER B 195 33.38 5.12 17.67
N LYS B 196 32.27 4.56 18.12
CA LYS B 196 31.05 4.54 17.33
C LYS B 196 30.32 5.87 17.34
N THR B 197 30.69 6.80 18.22
CA THR B 197 30.03 8.08 18.32
C THR B 197 30.72 9.09 17.40
N SER B 198 29.92 9.85 16.67
CA SER B 198 30.40 10.89 15.78
C SER B 198 30.01 12.30 16.20
N ALA B 199 28.88 12.47 16.88
CA ALA B 199 28.49 13.75 17.42
C ALA B 199 27.67 13.50 18.68
N ILE B 200 27.57 14.53 19.51
CA ILE B 200 26.87 14.43 20.79
C ILE B 200 25.80 15.50 20.84
N LEU B 201 24.62 15.12 21.33
CA LEU B 201 23.48 16.01 21.48
C LEU B 201 23.03 16.03 22.93
N LEU B 202 22.69 17.21 23.42
CA LEU B 202 22.29 17.40 24.81
C LEU B 202 20.95 18.09 24.87
N TYR B 203 20.22 17.81 25.95
CA TYR B 203 19.01 18.55 26.29
C TYR B 203 19.05 18.80 27.78
N LEU B 204 19.35 20.03 28.17
CA LEU B 204 19.58 20.40 29.56
C LEU B 204 18.42 21.23 30.08
N GLU B 205 18.15 21.05 31.38
CA GLU B 205 17.04 21.74 32.04
C GLU B 205 17.52 22.34 33.36
N GLN B 206 18.59 21.79 33.92
CA GLN B 206 19.19 22.31 35.14
C GLN B 206 20.50 21.59 35.38
N LEU B 207 21.38 22.23 36.14
CA LEU B 207 22.69 21.66 36.44
C LEU B 207 22.98 21.79 37.93
N SER B 208 23.84 20.90 38.41
CA SER B 208 24.27 20.89 39.81
C SER B 208 25.47 21.81 40.01
N ASP B 209 26.58 21.54 39.31
CA ASP B 209 27.75 22.39 39.35
C ASP B 209 28.25 22.60 37.93
N ALA B 210 28.42 23.86 37.53
CA ALA B 210 28.88 24.19 36.19
C ALA B 210 30.39 24.07 36.05
N ARG B 211 31.14 24.02 37.16
CA ARG B 211 32.58 23.87 37.06
C ARG B 211 32.96 22.62 36.27
N ARG B 212 32.58 21.44 36.78
CA ARG B 212 32.96 20.22 36.10
C ARG B 212 32.30 20.10 34.75
N PHE B 213 31.09 20.64 34.59
CA PHE B 213 30.45 20.59 33.28
C PHE B 213 31.28 21.31 32.24
N VAL B 214 31.68 22.55 32.53
CA VAL B 214 32.47 23.31 31.58
C VAL B 214 33.81 22.62 31.35
N SER B 215 34.43 22.11 32.42
CA SER B 215 35.73 21.47 32.26
C SER B 215 35.65 20.27 31.33
N ALA B 216 34.72 19.35 31.60
CA ALA B 216 34.62 18.14 30.80
C ALA B 216 34.18 18.45 29.38
N ALA B 217 33.23 19.37 29.20
CA ALA B 217 32.82 19.73 27.85
C ALA B 217 33.98 20.32 27.06
N ARG B 218 34.76 21.19 27.70
CA ARG B 218 35.95 21.74 27.06
C ARG B 218 36.90 20.63 26.65
N SER B 219 37.09 19.64 27.52
CA SER B 219 38.01 18.56 27.19
C SER B 219 37.51 17.72 26.02
N ALA B 220 36.21 17.49 25.94
CA ALA B 220 35.66 16.57 24.95
C ALA B 220 35.26 17.24 23.64
N SER B 221 35.35 18.57 23.55
CA SER B 221 34.86 19.27 22.37
C SER B 221 35.84 19.27 21.21
N ARG B 222 37.10 18.92 21.43
CA ARG B 222 38.06 18.93 20.35
C ARG B 222 38.03 17.65 19.54
N ASN B 223 37.28 16.64 19.97
CA ASN B 223 37.15 15.39 19.22
C ASN B 223 36.00 15.44 18.22
N LYS B 224 34.81 15.77 18.67
CA LYS B 224 33.62 15.73 17.84
C LYS B 224 32.80 16.98 18.12
N PRO B 225 31.90 17.34 17.22
CA PRO B 225 30.98 18.45 17.49
C PRO B 225 29.99 18.11 18.60
N ILE B 226 29.58 19.14 19.34
CA ILE B 226 28.63 18.99 20.42
C ILE B 226 27.64 20.15 20.37
N LEU B 227 26.36 19.84 20.54
CA LEU B 227 25.29 20.82 20.45
C LEU B 227 24.40 20.72 21.68
N VAL B 228 23.73 21.83 22.00
CA VAL B 228 22.93 21.93 23.21
C VAL B 228 21.58 22.55 22.87
N ILE B 229 20.64 22.40 23.80
CA ILE B 229 19.38 23.15 23.78
C ILE B 229 18.89 23.26 25.22
N LYS B 230 18.53 24.47 25.62
CA LYS B 230 18.02 24.74 26.96
C LYS B 230 16.69 25.47 26.86
N SER B 231 15.84 25.30 27.87
CA SER B 231 14.45 25.71 27.78
C SER B 231 13.94 26.54 28.96
N GLY B 232 14.80 26.88 29.92
CA GLY B 232 14.37 27.68 31.05
C GLY B 232 14.51 29.18 30.82
N ARG B 233 13.64 29.77 30.00
CA ARG B 233 13.80 31.16 29.60
C ARG B 233 12.65 32.07 29.97
N SER B 234 11.45 31.55 30.25
CA SER B 234 10.32 32.39 30.60
C SER B 234 9.78 31.99 31.97
N PRO B 235 9.17 32.92 32.70
CA PRO B 235 8.78 32.63 34.10
C PRO B 235 7.79 31.49 34.23
N ALA B 236 6.82 31.37 33.31
CA ALA B 236 5.88 30.26 33.37
C ALA B 236 6.57 28.93 33.14
N ALA B 237 7.48 28.88 32.18
CA ALA B 237 8.28 27.67 31.97
C ALA B 237 9.13 27.37 33.19
N GLN B 238 9.67 28.41 33.84
CA GLN B 238 10.44 28.20 35.05
C GLN B 238 9.58 27.58 36.14
N ARG B 239 8.35 28.08 36.33
CA ARG B 239 7.52 27.56 37.40
C ARG B 239 6.99 26.16 37.10
N LEU B 240 6.73 25.83 35.83
CA LEU B 240 6.25 24.49 35.52
C LEU B 240 7.36 23.45 35.63
N LEU B 241 8.62 23.87 35.54
CA LEU B 241 9.75 22.96 35.66
C LEU B 241 10.51 23.12 36.97
N ASN B 242 10.18 24.12 37.77
CA ASN B 242 10.82 24.34 39.07
C ASN B 242 12.32 24.57 38.93
N THR B 243 12.67 25.67 38.28
CA THR B 243 14.06 26.08 38.12
C THR B 243 14.19 27.58 38.38
N THR B 244 15.40 27.99 38.73
CA THR B 244 15.68 29.40 39.00
C THR B 244 15.79 30.16 37.67
N ALA B 245 15.66 31.49 37.76
CA ALA B 245 15.42 32.32 36.57
C ALA B 245 16.66 33.04 36.07
N GLY B 246 17.27 33.87 36.90
CA GLY B 246 18.15 34.93 36.40
C GLY B 246 19.59 34.56 36.09
N MET B 247 19.80 33.63 35.16
CA MET B 247 21.16 33.31 34.74
C MET B 247 21.28 33.05 33.24
N ASP B 248 20.35 33.50 32.41
CA ASP B 248 20.37 33.08 31.00
C ASP B 248 21.61 33.55 30.25
N PRO B 249 21.98 34.83 30.29
CA PRO B 249 23.21 35.23 29.57
C PRO B 249 24.47 34.54 30.09
N ALA B 250 24.49 34.18 31.38
CA ALA B 250 25.60 33.40 31.89
C ALA B 250 25.71 32.06 31.19
N TRP B 251 24.56 31.45 30.84
CA TRP B 251 24.59 30.19 30.13
C TRP B 251 25.19 30.36 28.74
N ASP B 252 24.85 31.46 28.05
CA ASP B 252 25.47 31.73 26.77
C ASP B 252 26.97 31.90 26.92
N ALA B 253 27.40 32.62 27.95
CA ALA B 253 28.83 32.81 28.18
C ALA B 253 29.55 31.48 28.38
N ALA B 254 28.98 30.62 29.23
CA ALA B 254 29.63 29.34 29.50
C ALA B 254 29.65 28.46 28.25
N ILE B 255 28.55 28.45 27.49
CA ILE B 255 28.51 27.64 26.27
C ILE B 255 29.55 28.11 25.28
N GLN B 256 29.70 29.44 25.15
CA GLN B 256 30.76 29.95 24.28
C GLN B 256 32.14 29.53 24.77
N ARG B 257 32.37 29.62 26.08
CA ARG B 257 33.69 29.29 26.61
C ARG B 257 34.04 27.83 26.36
N ALA B 258 33.07 26.92 26.52
CA ALA B 258 33.35 25.51 26.34
C ALA B 258 33.52 25.10 24.88
N GLY B 259 33.18 25.97 23.94
CA GLY B 259 33.30 25.64 22.53
C GLY B 259 32.12 24.92 21.92
N LEU B 260 30.93 25.03 22.51
CA LEU B 260 29.75 24.33 22.04
C LEU B 260 28.83 25.28 21.27
N LEU B 261 27.76 24.71 20.72
CA LEU B 261 26.80 25.45 19.92
C LEU B 261 25.41 25.30 20.52
N ARG B 262 24.62 26.37 20.41
CA ARG B 262 23.27 26.43 20.96
C ARG B 262 22.25 26.55 19.84
N VAL B 263 21.13 25.84 19.97
CA VAL B 263 20.02 25.94 19.03
C VAL B 263 18.79 26.42 19.79
N GLN B 264 17.88 27.07 19.06
CA GLN B 264 16.76 27.76 19.69
C GLN B 264 15.62 26.81 20.03
N ASP B 265 15.02 26.19 19.01
CA ASP B 265 13.79 25.43 19.17
C ASP B 265 13.96 24.04 18.55
N THR B 266 12.87 23.28 18.56
CA THR B 266 12.87 21.94 18.00
C THR B 266 12.72 21.92 16.49
N HIS B 267 12.31 23.03 15.90
CA HIS B 267 12.14 23.06 14.45
C HIS B 267 13.50 23.07 13.76
N GLU B 268 14.51 23.62 14.42
CA GLU B 268 15.91 23.50 14.01
C GLU B 268 16.56 22.24 14.55
N LEU B 269 15.85 21.45 15.35
CA LEU B 269 16.45 20.29 15.98
C LEU B 269 16.49 19.10 15.03
N PHE B 270 15.43 18.84 14.27
CA PHE B 270 15.55 17.75 13.29
C PHE B 270 16.41 18.16 12.10
N SER B 271 16.53 19.46 11.81
CA SER B 271 17.59 19.88 10.89
C SER B 271 18.95 19.52 11.46
N ALA B 272 19.12 19.64 12.77
CA ALA B 272 20.38 19.25 13.41
C ALA B 272 20.59 17.75 13.34
N VAL B 273 19.52 16.97 13.46
CA VAL B 273 19.63 15.52 13.32
C VAL B 273 20.04 15.17 11.89
N GLU B 274 19.45 15.84 10.91
CA GLU B 274 19.77 15.56 9.51
C GLU B 274 21.19 16.00 9.17
N THR B 275 21.70 17.05 9.79
CA THR B 275 23.02 17.56 9.44
C THR B 275 24.14 16.89 10.20
N LEU B 276 23.93 16.49 11.46
CA LEU B 276 24.99 15.84 12.20
C LEU B 276 25.37 14.50 11.58
N SER B 277 24.38 13.78 11.06
CA SER B 277 24.62 12.64 10.19
C SER B 277 24.46 13.05 8.73
N HIS B 278 24.98 12.22 7.84
CA HIS B 278 24.82 12.34 6.39
C HIS B 278 25.55 13.51 5.78
N MET B 279 26.18 14.37 6.57
CA MET B 279 26.88 15.54 6.05
C MET B 279 28.34 15.49 6.46
N ARG B 280 29.23 15.61 5.49
CA ARG B 280 30.65 15.58 5.78
C ARG B 280 31.14 16.96 6.20
N PRO B 281 32.18 17.04 7.02
CA PRO B 281 32.69 18.33 7.47
C PRO B 281 33.20 19.17 6.30
N LEU B 282 33.07 20.48 6.44
CA LEU B 282 33.41 21.41 5.37
C LEU B 282 34.91 21.70 5.37
N ARG B 283 35.35 22.38 4.30
CA ARG B 283 36.69 22.90 4.19
C ARG B 283 36.72 24.41 3.95
N GLY B 284 35.56 25.06 3.90
CA GLY B 284 35.51 26.48 3.66
C GLY B 284 34.12 27.01 3.87
N ASP B 285 33.87 28.20 3.32
CA ASP B 285 32.58 28.87 3.55
C ASP B 285 31.98 29.45 2.28
N ARG B 286 32.31 28.91 1.11
CA ARG B 286 31.76 29.40 -0.16
C ARG B 286 30.66 28.47 -0.63
N LEU B 287 29.53 29.04 -1.03
CA LEU B 287 28.33 28.28 -1.37
C LEU B 287 27.88 28.57 -2.79
N MET B 288 27.44 27.52 -3.47
CA MET B 288 26.94 27.58 -4.84
C MET B 288 25.53 27.00 -4.87
N ILE B 289 24.63 27.65 -5.60
CA ILE B 289 23.23 27.25 -5.66
C ILE B 289 22.84 27.01 -7.11
N ILE B 290 22.00 26.00 -7.33
CA ILE B 290 21.39 25.75 -8.64
C ILE B 290 19.94 25.36 -8.43
N SER B 291 19.06 25.82 -9.31
CA SER B 291 17.64 25.58 -9.17
C SER B 291 16.95 25.79 -10.53
N ASN B 292 15.71 25.31 -10.61
CA ASN B 292 14.86 25.48 -11.79
C ASN B 292 13.75 26.50 -11.55
N GLY B 293 14.03 27.51 -10.73
CA GLY B 293 13.06 28.55 -10.46
C GLY B 293 13.71 29.69 -9.71
N ALA B 294 13.15 30.89 -9.90
CA ALA B 294 13.77 32.10 -9.40
C ALA B 294 13.46 32.37 -7.93
N ALA B 295 12.18 32.29 -7.56
CA ALA B 295 11.79 32.66 -6.21
C ALA B 295 12.46 31.83 -5.14
N PRO B 296 12.50 30.49 -5.22
CA PRO B 296 13.15 29.73 -4.14
C PRO B 296 14.54 30.23 -3.82
N ALA B 297 15.41 30.31 -4.83
CA ALA B 297 16.75 30.84 -4.62
C ALA B 297 16.70 32.20 -3.92
N ALA B 298 15.81 33.10 -4.38
CA ALA B 298 15.70 34.39 -3.73
C ALA B 298 15.39 34.23 -2.25
N LEU B 299 14.42 33.38 -1.91
CA LEU B 299 14.09 33.17 -0.50
C LEU B 299 15.31 32.69 0.27
N ALA B 300 16.17 31.90 -0.38
CA ALA B 300 17.40 31.48 0.28
C ALA B 300 18.34 32.65 0.49
N LEU B 301 18.51 33.48 -0.54
CA LEU B 301 19.50 34.54 -0.48
C LEU B 301 19.24 35.45 0.72
N ASP B 302 18.00 35.90 0.88
CA ASP B 302 17.66 36.75 2.02
C ASP B 302 18.12 36.11 3.32
N ALA B 303 17.84 34.83 3.50
CA ALA B 303 18.26 34.16 4.72
C ALA B 303 19.78 34.19 4.85
N LEU B 304 20.49 33.84 3.78
CA LEU B 304 21.94 33.91 3.81
C LEU B 304 22.44 35.33 4.01
N TRP B 305 21.62 36.33 3.64
CA TRP B 305 21.98 37.72 3.86
C TRP B 305 21.79 38.15 5.30
N SER B 306 20.94 37.44 6.05
CA SER B 306 20.67 37.81 7.43
C SER B 306 21.63 37.15 8.41
N ARG B 307 22.52 36.29 7.93
CA ARG B 307 23.55 35.67 8.76
C ARG B 307 24.95 35.95 8.24
N ASN B 308 25.10 36.91 7.32
CA ASN B 308 26.40 37.28 6.77
C ASN B 308 27.14 36.06 6.22
N GLY B 309 26.49 35.42 5.24
CA GLY B 309 27.11 34.31 4.54
C GLY B 309 27.92 34.76 3.33
N LYS B 310 28.61 33.80 2.74
CA LYS B 310 29.53 34.05 1.64
C LYS B 310 29.06 33.27 0.41
N LEU B 311 29.04 33.93 -0.74
CA LEU B 311 28.70 33.30 -2.00
C LEU B 311 29.99 32.97 -2.75
N ALA B 312 29.83 32.33 -3.91
CA ALA B 312 30.95 31.90 -4.73
C ALA B 312 30.99 32.70 -6.02
N THR B 313 32.21 32.88 -6.54
CA THR B 313 32.43 33.54 -7.82
C THR B 313 32.98 32.52 -8.82
N LEU B 314 32.44 32.56 -10.03
CA LEU B 314 32.75 31.57 -11.05
C LEU B 314 33.92 32.01 -11.91
N SER B 315 34.83 31.08 -12.18
CA SER B 315 35.97 31.36 -13.04
C SER B 315 35.52 31.56 -14.48
N GLU B 316 36.36 32.27 -15.25
CA GLU B 316 36.04 32.53 -16.65
C GLU B 316 36.03 31.23 -17.45
N ALA B 317 36.93 30.30 -17.14
CA ALA B 317 36.93 29.02 -17.82
C ALA B 317 35.66 28.23 -17.54
N THR B 318 35.24 28.19 -16.26
CA THR B 318 34.01 27.51 -15.92
C THR B 318 32.81 28.19 -16.56
N CYS B 319 32.80 29.53 -16.58
CA CYS B 319 31.73 30.25 -17.23
C CYS B 319 31.65 29.92 -18.72
N GLN B 320 32.81 29.86 -19.38
CA GLN B 320 32.84 29.54 -20.81
C GLN B 320 32.34 28.13 -21.05
N LYS B 321 32.80 27.17 -20.25
CA LYS B 321 32.37 25.79 -20.43
C LYS B 321 30.86 25.65 -20.20
N LEU B 322 30.34 26.35 -19.20
CA LEU B 322 28.90 26.28 -18.92
C LEU B 322 28.10 26.80 -20.10
N ARG B 323 28.57 27.88 -20.74
CA ARG B 323 27.92 28.38 -21.94
C ARG B 323 27.98 27.31 -23.03
N ASP B 324 26.99 27.36 -23.92
CA ASP B 324 26.76 26.41 -25.01
C ASP B 324 26.08 25.14 -24.50
N ALA B 325 25.80 25.02 -23.21
CA ALA B 325 25.02 23.89 -22.73
C ALA B 325 23.54 24.06 -23.06
N LEU B 326 23.03 25.30 -22.97
CA LEU B 326 21.67 25.61 -23.38
C LEU B 326 21.57 27.11 -23.47
N PRO B 327 21.06 27.67 -24.58
CA PRO B 327 21.00 29.13 -24.71
C PRO B 327 20.01 29.76 -23.75
N GLU B 328 19.78 31.08 -23.89
CA GLU B 328 18.77 31.81 -23.14
C GLU B 328 18.87 31.59 -21.64
N HIS B 329 20.08 31.34 -21.14
CA HIS B 329 20.34 31.15 -19.72
C HIS B 329 21.26 32.27 -19.27
N VAL B 330 20.67 33.40 -18.86
CA VAL B 330 21.46 34.48 -18.29
C VAL B 330 22.17 34.01 -17.04
N ALA B 331 21.63 32.99 -16.37
CA ALA B 331 22.14 32.58 -15.06
C ALA B 331 23.60 32.13 -15.12
N ILE B 332 24.18 32.01 -16.30
CA ILE B 332 25.61 31.74 -16.41
C ILE B 332 26.43 32.85 -15.74
N SER B 333 25.83 34.00 -15.48
CA SER B 333 26.54 35.18 -14.97
C SER B 333 26.16 35.47 -13.54
N ASN B 334 25.97 34.42 -12.75
CA ASN B 334 25.73 34.58 -11.32
C ASN B 334 25.92 33.21 -10.66
N PRO B 335 26.15 33.18 -9.35
CA PRO B 335 26.26 31.91 -8.66
C PRO B 335 24.97 31.20 -8.33
N LEU B 336 23.85 31.53 -9.01
CA LEU B 336 22.64 30.70 -8.94
C LEU B 336 22.23 30.41 -10.38
N ASP B 337 22.59 29.23 -10.87
CA ASP B 337 22.04 28.81 -12.15
C ASP B 337 20.53 28.77 -12.06
N LEU B 338 19.86 29.23 -13.12
CA LEU B 338 18.43 29.43 -13.11
C LEU B 338 17.82 28.85 -14.36
N ARG B 339 16.73 28.10 -14.19
CA ARG B 339 16.01 27.51 -15.31
C ARG B 339 14.53 27.66 -15.06
N ASP B 340 13.73 27.43 -16.10
CA ASP B 340 12.28 27.48 -15.99
C ASP B 340 11.63 26.16 -16.35
N ASP B 341 12.01 25.56 -17.47
CA ASP B 341 11.46 24.30 -17.96
C ASP B 341 12.57 23.31 -18.26
N ALA B 342 13.64 23.34 -17.48
CA ALA B 342 14.78 22.47 -17.73
C ALA B 342 14.37 21.00 -17.56
N SER B 343 15.24 20.12 -18.03
CA SER B 343 15.08 18.69 -17.92
C SER B 343 16.24 18.11 -17.13
N SER B 344 16.24 16.78 -16.99
CA SER B 344 17.30 16.10 -16.25
C SER B 344 18.65 16.24 -16.95
N GLU B 345 18.66 16.25 -18.28
CA GLU B 345 19.91 16.36 -19.02
C GLU B 345 20.64 17.65 -18.67
N HIS B 346 19.91 18.75 -18.56
CA HIS B 346 20.54 20.00 -18.14
C HIS B 346 21.12 19.87 -16.74
N TYR B 347 20.41 19.17 -15.86
CA TYR B 347 20.91 18.97 -14.49
C TYR B 347 22.25 18.26 -14.50
N ILE B 348 22.35 17.16 -15.25
CA ILE B 348 23.61 16.40 -15.25
C ILE B 348 24.71 17.18 -15.95
N LYS B 349 24.39 17.85 -17.06
CA LYS B 349 25.39 18.62 -17.79
C LYS B 349 25.87 19.82 -16.99
N THR B 350 25.08 20.29 -16.03
CA THR B 350 25.57 21.33 -15.13
C THR B 350 26.40 20.73 -14.01
N LEU B 351 25.95 19.61 -13.44
CA LEU B 351 26.65 19.03 -12.30
C LEU B 351 28.05 18.57 -12.69
N ASP B 352 28.19 17.93 -13.86
CA ASP B 352 29.50 17.41 -14.23
C ASP B 352 30.52 18.52 -14.41
N ILE B 353 30.13 19.61 -15.07
CA ILE B 353 31.05 20.73 -15.25
C ILE B 353 31.34 21.39 -13.90
N LEU B 354 30.31 21.61 -13.09
CA LEU B 354 30.50 22.32 -11.83
C LEU B 354 31.43 21.56 -10.90
N LEU B 355 31.27 20.24 -10.81
CA LEU B 355 32.08 19.46 -9.87
C LEU B 355 33.55 19.45 -10.27
N HIS B 356 33.88 19.79 -11.50
CA HIS B 356 35.26 19.75 -11.97
C HIS B 356 36.08 20.95 -11.55
N SER B 357 35.45 22.05 -11.13
CA SER B 357 36.17 23.26 -10.79
C SER B 357 36.62 23.23 -9.33
N GLN B 358 37.23 24.32 -8.90
CA GLN B 358 37.67 24.52 -7.52
C GLN B 358 37.14 25.85 -6.99
N ASP B 359 35.86 26.12 -7.25
CA ASP B 359 35.30 27.44 -7.06
C ASP B 359 34.49 27.60 -5.79
N PHE B 360 33.94 26.52 -5.23
CA PHE B 360 33.07 26.59 -4.07
C PHE B 360 33.42 25.49 -3.09
N ASP B 361 32.70 25.49 -1.96
CA ASP B 361 32.88 24.48 -0.92
C ASP B 361 31.61 23.69 -0.62
N ALA B 362 30.46 24.07 -1.16
CA ALA B 362 29.23 23.34 -0.95
C ALA B 362 28.24 23.71 -2.03
N LEU B 363 27.44 22.73 -2.45
CA LEU B 363 26.49 22.88 -3.54
C LEU B 363 25.08 22.59 -3.04
N MET B 364 24.14 23.47 -3.37
CA MET B 364 22.75 23.36 -2.94
C MET B 364 21.87 23.29 -4.17
N VAL B 365 21.13 22.20 -4.31
CA VAL B 365 20.31 21.93 -5.48
C VAL B 365 18.84 22.00 -5.07
N ILE B 366 18.07 22.80 -5.79
CA ILE B 366 16.65 23.02 -5.48
C ILE B 366 15.82 22.49 -6.65
N HIS B 367 14.70 21.85 -6.34
CA HIS B 367 13.81 21.31 -7.35
C HIS B 367 12.36 21.69 -7.02
N SER B 368 11.69 22.29 -7.99
CA SER B 368 10.25 22.51 -7.93
C SER B 368 9.58 21.62 -8.97
N PRO B 369 8.70 20.70 -8.60
CA PRO B 369 8.21 19.71 -9.57
C PRO B 369 7.58 20.37 -10.80
N SER B 370 7.82 19.74 -11.95
CA SER B 370 7.32 20.23 -13.24
C SER B 370 7.22 19.03 -14.18
N ALA B 371 6.52 19.25 -15.29
CA ALA B 371 6.34 18.17 -16.26
C ALA B 371 7.65 17.74 -16.89
N ALA B 372 8.53 18.71 -17.18
CA ALA B 372 9.76 18.39 -17.89
C ALA B 372 10.65 17.47 -17.05
N ALA B 373 10.75 17.72 -15.75
CA ALA B 373 11.67 17.01 -14.86
C ALA B 373 10.91 16.40 -13.69
N PRO B 374 10.42 15.16 -13.83
CA PRO B 374 9.78 14.50 -12.69
C PRO B 374 10.75 14.28 -11.54
N ALA B 375 10.20 14.22 -10.32
CA ALA B 375 11.02 14.21 -9.12
C ALA B 375 11.84 12.93 -9.01
N THR B 376 11.20 11.77 -9.18
CA THR B 376 11.88 10.51 -8.92
C THR B 376 13.04 10.29 -9.88
N GLU B 377 12.83 10.52 -11.17
CA GLU B 377 13.88 10.29 -12.14
C GLU B 377 15.01 11.29 -11.97
N SER B 378 14.69 12.54 -11.65
CA SER B 378 15.73 13.53 -11.39
C SER B 378 16.57 13.12 -10.19
N ALA B 379 15.93 12.63 -9.13
CA ALA B 379 16.66 12.17 -7.97
C ALA B 379 17.58 11.00 -8.31
N GLN B 380 17.06 10.03 -9.07
CA GLN B 380 17.89 8.90 -9.48
C GLN B 380 19.11 9.37 -10.28
N VAL B 381 18.88 10.28 -11.23
CA VAL B 381 19.97 10.77 -12.07
C VAL B 381 21.01 11.51 -11.23
N LEU B 382 20.56 12.34 -10.30
CA LEU B 382 21.49 13.04 -9.42
C LEU B 382 22.32 12.06 -8.61
N ILE B 383 21.67 11.02 -8.07
CA ILE B 383 22.38 10.07 -7.23
C ILE B 383 23.46 9.35 -8.04
N GLU B 384 23.11 8.88 -9.24
CA GLU B 384 24.12 8.16 -10.03
C GLU B 384 25.24 9.11 -10.45
N ALA B 385 24.91 10.35 -10.81
CA ALA B 385 25.94 11.30 -11.21
C ALA B 385 26.91 11.55 -10.07
N VAL B 386 26.40 11.74 -8.85
CA VAL B 386 27.28 11.93 -7.70
C VAL B 386 28.10 10.67 -7.46
N LYS B 387 27.51 9.50 -7.68
CA LYS B 387 28.23 8.26 -7.48
C LYS B 387 29.46 8.17 -8.37
N HIS B 388 29.29 8.41 -9.68
CA HIS B 388 30.34 8.10 -10.63
C HIS B 388 31.42 9.18 -10.74
N HIS B 389 31.23 10.35 -10.14
CA HIS B 389 32.23 11.40 -10.25
C HIS B 389 33.41 11.11 -9.32
N PRO B 390 34.64 11.51 -9.70
CA PRO B 390 35.77 11.31 -8.79
C PRO B 390 35.99 12.45 -7.80
N ARG B 391 35.40 13.63 -8.04
CA ARG B 391 35.60 14.79 -7.18
C ARG B 391 34.54 14.92 -6.09
N SER B 392 33.55 14.03 -6.06
CA SER B 392 32.46 14.16 -5.09
C SER B 392 32.96 14.04 -3.66
N LYS B 393 34.15 13.47 -3.45
CA LYS B 393 34.68 13.33 -2.09
C LYS B 393 34.91 14.70 -1.47
N TYR B 394 35.42 15.64 -2.24
CA TYR B 394 35.91 16.91 -1.71
C TYR B 394 34.84 18.00 -1.66
N VAL B 395 33.56 17.64 -1.81
CA VAL B 395 32.48 18.61 -1.86
C VAL B 395 31.35 18.14 -0.96
N SER B 396 30.72 19.08 -0.26
CA SER B 396 29.52 18.81 0.52
C SER B 396 28.28 19.06 -0.33
N LEU B 397 27.25 18.23 -0.14
CA LEU B 397 26.05 18.28 -0.95
C LEU B 397 24.83 18.53 -0.08
N LEU B 398 23.94 19.39 -0.57
CA LEU B 398 22.65 19.64 0.06
C LEU B 398 21.58 19.56 -1.01
N THR B 399 20.43 18.96 -0.65
CA THR B 399 19.32 18.80 -1.58
C THR B 399 18.06 19.39 -0.97
N ASN B 400 17.15 19.84 -1.84
CA ASN B 400 15.86 20.37 -1.38
C ASN B 400 14.84 20.14 -2.48
N TRP B 401 14.07 19.05 -2.36
CA TRP B 401 12.94 18.78 -3.23
C TRP B 401 11.69 19.35 -2.56
N CYS B 402 11.07 20.34 -3.20
CA CYS B 402 10.12 21.21 -2.53
C CYS B 402 8.66 20.76 -2.68
N GLY B 403 8.41 19.58 -3.23
CA GLY B 403 7.05 19.10 -3.34
C GLY B 403 6.72 18.00 -2.33
N GLU B 404 5.92 18.33 -1.31
CA GLU B 404 5.69 17.41 -0.21
C GLU B 404 4.99 16.13 -0.67
N HIS B 405 3.90 16.27 -1.42
CA HIS B 405 3.14 15.10 -1.85
C HIS B 405 3.96 14.20 -2.76
N SER B 406 4.63 14.78 -3.75
CA SER B 406 5.20 14.02 -4.85
C SER B 406 6.67 13.68 -4.67
N SER B 407 7.29 14.05 -3.56
CA SER B 407 8.73 13.87 -3.38
C SER B 407 9.07 12.91 -2.24
N GLN B 408 8.13 12.06 -1.84
CA GLN B 408 8.41 11.12 -0.75
C GLN B 408 9.42 10.06 -1.18
N GLU B 409 9.23 9.49 -2.36
CA GLU B 409 10.12 8.42 -2.82
C GLU B 409 11.52 8.97 -3.09
N ALA B 410 11.60 10.15 -3.70
CA ALA B 410 12.91 10.75 -3.94
C ALA B 410 13.65 11.02 -2.63
N ARG B 411 12.93 11.50 -1.63
CA ARG B 411 13.55 11.75 -0.33
C ARG B 411 14.01 10.46 0.31
N ARG B 412 13.22 9.38 0.18
CA ARG B 412 13.64 8.10 0.72
C ARG B 412 14.90 7.60 0.02
N LEU B 413 14.96 7.75 -1.30
CA LEU B 413 16.16 7.34 -2.03
C LEU B 413 17.38 8.15 -1.59
N PHE B 414 17.21 9.45 -1.43
CA PHE B 414 18.31 10.29 -0.95
C PHE B 414 18.78 9.80 0.42
N SER B 415 17.85 9.53 1.33
CA SER B 415 18.22 9.04 2.65
C SER B 415 18.98 7.72 2.56
N GLU B 416 18.53 6.83 1.67
CA GLU B 416 19.24 5.56 1.50
C GLU B 416 20.67 5.78 1.01
N ALA B 417 20.86 6.69 0.06
CA ALA B 417 22.20 6.96 -0.45
C ALA B 417 23.08 7.65 0.57
N GLY B 418 22.50 8.22 1.63
CA GLY B 418 23.28 8.90 2.65
C GLY B 418 23.50 10.37 2.35
N LEU B 419 22.48 11.02 1.80
CA LEU B 419 22.56 12.42 1.41
C LEU B 419 21.62 13.26 2.26
N PRO B 420 22.05 14.43 2.74
CA PRO B 420 21.15 15.28 3.51
C PRO B 420 20.05 15.84 2.63
N THR B 421 18.88 16.08 3.23
CA THR B 421 17.74 16.59 2.51
C THR B 421 16.86 17.35 3.47
N TYR B 422 16.30 18.48 3.01
CA TYR B 422 15.57 19.40 3.86
C TYR B 422 14.26 19.79 3.18
N ARG B 423 13.26 20.11 4.00
CA ARG B 423 11.91 20.32 3.50
C ARG B 423 11.76 21.65 2.78
N THR B 424 12.40 22.71 3.26
CA THR B 424 12.17 24.05 2.76
C THR B 424 13.49 24.77 2.51
N PRO B 425 13.50 25.78 1.65
CA PRO B 425 14.69 26.63 1.55
C PRO B 425 14.81 27.51 2.78
N GLU B 426 16.04 27.95 3.04
CA GLU B 426 16.48 28.59 4.27
C GLU B 426 16.27 27.72 5.50
N GLY B 427 15.91 26.45 5.32
CA GLY B 427 16.14 25.43 6.33
C GLY B 427 17.48 24.79 6.05
N THR B 428 17.87 24.81 4.77
CA THR B 428 19.20 24.39 4.36
C THR B 428 20.24 25.44 4.74
N ILE B 429 19.93 26.71 4.52
CA ILE B 429 20.89 27.77 4.85
C ILE B 429 21.14 27.80 6.35
N THR B 430 20.10 27.52 7.15
CA THR B 430 20.29 27.50 8.59
C THR B 430 21.32 26.45 8.99
N ALA B 431 21.21 25.24 8.42
CA ALA B 431 22.19 24.19 8.72
C ALA B 431 23.58 24.56 8.23
N PHE B 432 23.68 25.12 7.03
CA PHE B 432 24.98 25.49 6.49
C PHE B 432 25.66 26.52 7.38
N MET B 433 24.91 27.55 7.80
CA MET B 433 25.49 28.57 8.68
C MET B 433 25.78 28.01 10.06
N HIS B 434 24.96 27.10 10.56
CA HIS B 434 25.29 26.41 11.80
C HIS B 434 26.68 25.79 11.72
N MET B 435 26.92 25.01 10.67
CA MET B 435 28.20 24.31 10.57
C MET B 435 29.35 25.29 10.38
N VAL B 436 29.14 26.35 9.59
CA VAL B 436 30.20 27.34 9.40
C VAL B 436 30.56 28.00 10.73
N GLU B 437 29.55 28.39 11.50
CA GLU B 437 29.80 29.03 12.79
C GLU B 437 30.51 28.08 13.74
N TYR B 438 30.11 26.81 13.74
CA TYR B 438 30.79 25.85 14.60
C TYR B 438 32.27 25.76 14.25
N ARG B 439 32.57 25.66 12.95
CA ARG B 439 33.97 25.54 12.54
C ARG B 439 34.77 26.77 12.95
N ARG B 440 34.18 27.96 12.77
CA ARG B 440 34.89 29.18 13.16
C ARG B 440 35.15 29.21 14.67
N ASN B 441 34.12 28.95 15.46
CA ASN B 441 34.28 29.01 16.91
C ASN B 441 35.33 28.00 17.38
N GLN B 442 35.32 26.79 16.81
CA GLN B 442 36.35 25.84 17.17
C GLN B 442 37.72 26.30 16.69
N LYS B 443 37.77 27.07 15.61
CA LYS B 443 39.04 27.66 15.19
C LYS B 443 39.58 28.62 16.25
N GLN B 444 38.70 29.39 16.89
CA GLN B 444 39.14 30.42 17.82
C GLN B 444 39.20 29.97 19.28
N LEU B 445 38.90 28.70 19.57
CA LEU B 445 38.88 28.25 20.97
C LEU B 445 40.28 28.17 21.57
N ARG B 446 41.22 27.54 20.87
CA ARG B 446 42.53 27.24 21.44
C ARG B 446 43.18 28.50 22.01
N GLU B 447 43.67 28.39 23.24
CA GLU B 447 44.18 29.56 23.96
C GLU B 447 45.44 29.18 24.71
N THR B 448 46.00 30.17 25.40
CA THR B 448 47.17 29.99 26.27
C THR B 448 46.77 30.52 27.64
N PRO B 449 45.84 29.85 28.31
CA PRO B 449 45.24 30.41 29.53
C PRO B 449 46.24 30.39 30.68
N ALA B 450 46.79 31.55 31.01
CA ALA B 450 47.89 31.62 31.96
C ALA B 450 47.82 32.93 32.74
N LEU B 451 48.73 33.08 33.69
CA LEU B 451 48.95 34.34 34.41
C LEU B 451 50.45 34.64 34.38
N PRO B 452 51.03 34.81 33.18
CA PRO B 452 52.49 34.96 33.10
C PRO B 452 52.98 36.27 33.67
N SER B 453 52.25 37.37 33.46
CA SER B 453 52.64 38.64 34.03
C SER B 453 52.73 38.55 35.55
N ASN B 454 51.84 37.77 36.16
CA ASN B 454 51.81 37.63 37.62
C ASN B 454 51.64 39.03 38.18
N LEU B 455 52.30 39.37 39.29
CA LEU B 455 52.27 40.72 39.83
C LEU B 455 53.26 40.79 40.99
N THR B 456 53.73 42.00 41.27
CA THR B 456 54.63 42.22 42.38
C THR B 456 53.85 42.21 43.70
N SER B 457 54.59 42.08 44.79
CA SER B 457 54.00 42.07 46.13
C SER B 457 53.71 43.47 46.66
N ASN B 458 54.11 44.52 45.94
CA ASN B 458 53.84 45.88 46.38
C ASN B 458 52.35 46.21 46.34
N THR B 459 51.58 45.57 45.47
CA THR B 459 50.14 45.77 45.49
C THR B 459 49.52 45.22 46.76
N ALA B 460 50.29 44.49 47.57
CA ALA B 460 49.85 44.18 48.91
C ALA B 460 49.46 45.45 49.66
N GLU B 461 50.17 46.54 49.40
CA GLU B 461 49.77 47.83 49.96
C GLU B 461 48.31 48.10 49.64
N ALA B 462 47.92 47.97 48.37
CA ALA B 462 46.53 48.12 48.01
C ALA B 462 45.64 47.21 48.84
N HIS B 463 46.05 45.96 49.02
CA HIS B 463 45.27 45.05 49.85
C HIS B 463 45.04 45.62 51.24
N LEU B 464 46.07 46.22 51.84
CA LEU B 464 45.91 46.79 53.17
C LEU B 464 44.81 47.83 53.18
N LEU B 465 44.72 48.63 52.12
CA LEU B 465 43.68 49.64 52.06
C LEU B 465 42.31 49.02 52.28
N LEU B 466 42.08 47.84 51.70
CA LEU B 466 40.82 47.14 51.94
C LEU B 466 40.77 46.57 53.36
N GLN B 467 41.87 45.95 53.80
CA GLN B 467 41.84 45.26 55.08
C GLN B 467 41.42 46.19 56.21
N GLN B 468 42.09 47.33 56.34
CA GLN B 468 41.70 48.28 57.37
C GLN B 468 40.24 48.68 57.22
N ALA B 469 39.77 48.87 55.99
CA ALA B 469 38.39 49.24 55.78
C ALA B 469 37.44 48.18 56.35
N ILE B 470 37.80 46.90 56.20
CA ILE B 470 36.97 45.86 56.82
C ILE B 470 37.32 45.71 58.29
N ALA B 471 38.55 46.04 58.70
CA ALA B 471 38.87 46.08 60.11
C ALA B 471 38.05 47.15 60.81
N GLU B 472 37.91 48.31 60.17
CA GLU B 472 37.03 49.37 60.67
C GLU B 472 35.56 48.98 60.60
N GLY B 473 35.23 47.89 59.92
CA GLY B 473 33.86 47.45 59.79
C GLY B 473 33.14 47.93 58.55
N ALA B 474 33.76 48.83 57.77
CA ALA B 474 33.11 49.31 56.56
C ALA B 474 32.87 48.16 55.59
N THR B 475 31.76 48.25 54.87
CA THR B 475 31.40 47.25 53.88
C THR B 475 31.24 47.79 52.48
N SER B 476 31.28 49.11 52.30
CA SER B 476 31.24 49.71 50.98
C SER B 476 32.21 50.88 50.94
N LEU B 477 32.52 51.33 49.72
CA LEU B 477 33.44 52.44 49.52
C LEU B 477 32.94 53.31 48.40
N ASP B 478 33.44 54.55 48.36
CA ASP B 478 33.09 55.53 47.34
C ASP B 478 34.29 55.78 46.43
N THR B 479 34.08 56.65 45.45
CA THR B 479 35.15 56.96 44.49
C THR B 479 36.36 57.56 45.19
N HIS B 480 36.12 58.49 46.13
CA HIS B 480 37.21 59.19 46.78
C HIS B 480 38.13 58.22 47.51
N GLU B 481 37.55 57.24 48.20
CA GLU B 481 38.36 56.24 48.90
C GLU B 481 38.93 55.20 47.96
N VAL B 482 38.23 54.90 46.85
CA VAL B 482 38.62 53.80 45.98
C VAL B 482 39.72 54.20 45.01
N GLN B 483 39.95 55.50 44.81
CA GLN B 483 40.95 55.98 43.85
C GLN B 483 42.23 55.15 43.89
N PRO B 484 42.94 55.08 45.02
CA PRO B 484 44.26 54.40 44.99
C PRO B 484 44.20 52.94 44.57
N ILE B 485 43.16 52.20 44.95
CA ILE B 485 43.09 50.80 44.58
C ILE B 485 43.02 50.65 43.07
N LEU B 486 42.18 51.46 42.42
CA LEU B 486 42.11 51.43 40.97
C LEU B 486 43.42 51.87 40.35
N GLN B 487 44.06 52.89 40.94
CA GLN B 487 45.32 53.38 40.40
C GLN B 487 46.39 52.28 40.42
N ALA B 488 46.41 51.47 41.47
CA ALA B 488 47.44 50.44 41.59
C ALA B 488 47.41 49.44 40.44
N TYR B 489 46.27 49.28 39.77
CA TYR B 489 46.13 48.30 38.70
C TYR B 489 46.17 48.94 37.31
N GLY B 490 46.51 50.22 37.21
CA GLY B 490 46.65 50.87 35.93
C GLY B 490 45.41 51.55 35.39
N MET B 491 44.40 51.77 36.23
CA MET B 491 43.17 52.43 35.81
C MET B 491 43.25 53.92 36.11
N ASN B 492 42.59 54.71 35.27
CA ASN B 492 42.54 56.16 35.42
C ASN B 492 41.22 56.58 36.05
N THR B 493 41.28 57.61 36.89
CA THR B 493 40.08 58.13 37.55
C THR B 493 40.19 59.64 37.65
N LEU B 494 39.02 60.31 37.71
CA LEU B 494 39.03 61.76 37.82
C LEU B 494 39.04 62.19 39.28
N PRO B 495 39.65 63.32 39.60
CA PRO B 495 39.63 63.79 40.98
C PRO B 495 38.25 64.30 41.40
N THR B 496 38.00 64.23 42.70
CA THR B 496 36.75 64.70 43.27
C THR B 496 37.03 65.31 44.63
N TRP B 497 36.09 66.13 45.09
CA TRP B 497 36.26 66.86 46.34
C TRP B 497 35.07 66.65 47.25
N ILE B 498 35.30 66.85 48.55
CA ILE B 498 34.30 66.67 49.59
C ILE B 498 34.06 68.01 50.27
N ALA B 499 32.79 68.37 50.42
CA ALA B 499 32.40 69.63 51.04
C ALA B 499 31.51 69.36 52.24
N SER B 500 31.58 70.25 53.24
CA SER B 500 30.80 70.06 54.45
C SER B 500 29.40 70.65 54.33
N ASP B 501 29.25 71.76 53.60
CA ASP B 501 27.95 72.38 53.41
C ASP B 501 27.93 73.07 52.05
N SER B 502 26.87 73.83 51.79
CA SER B 502 26.70 74.48 50.50
C SER B 502 27.77 75.54 50.26
N THR B 503 28.12 76.30 51.30
CA THR B 503 29.01 77.43 51.14
C THR B 503 30.34 77.00 50.53
N GLU B 504 31.08 76.15 51.25
CA GLU B 504 32.37 75.69 50.73
C GLU B 504 32.19 74.92 49.43
N ALA B 505 31.07 74.24 49.25
CA ALA B 505 30.83 73.51 48.01
C ALA B 505 30.89 74.45 46.82
N VAL B 506 30.11 75.54 46.87
CA VAL B 506 30.14 76.50 45.76
C VAL B 506 31.48 77.24 45.73
N HIS B 507 32.07 77.47 46.90
CA HIS B 507 33.33 78.19 46.95
C HIS B 507 34.42 77.45 46.19
N ILE B 508 34.38 76.12 46.22
CA ILE B 508 35.34 75.34 45.45
C ILE B 508 34.83 75.06 44.04
N ALA B 509 33.52 75.03 43.85
CA ALA B 509 32.96 74.85 42.51
C ALA B 509 33.40 75.98 41.58
N GLU B 510 33.38 77.21 42.09
CA GLU B 510 33.84 78.33 41.28
C GLU B 510 35.31 78.20 40.92
N GLN B 511 36.11 77.62 41.82
CA GLN B 511 37.54 77.44 41.53
C GLN B 511 37.76 76.37 40.47
N ILE B 512 37.13 75.20 40.63
CA ILE B 512 37.36 74.12 39.68
C ILE B 512 36.85 74.49 38.31
N GLY B 513 35.75 75.24 38.25
CA GLY B 513 35.21 75.71 36.99
C GLY B 513 33.92 75.01 36.60
N TYR B 514 32.91 75.79 36.24
CA TYR B 514 31.63 75.22 35.83
C TYR B 514 31.78 74.51 34.50
N PRO B 515 30.89 73.55 34.21
CA PRO B 515 29.77 73.07 35.03
C PRO B 515 30.25 72.16 36.16
N VAL B 516 29.37 71.73 37.06
CA VAL B 516 29.78 70.95 38.22
C VAL B 516 28.70 69.93 38.53
N ALA B 517 29.12 68.74 38.95
CA ALA B 517 28.21 67.65 39.29
C ALA B 517 28.31 67.34 40.78
N LEU B 518 27.15 67.09 41.40
CA LEU B 518 27.04 66.89 42.84
C LEU B 518 26.55 65.48 43.15
N LYS B 519 26.78 65.06 44.39
CA LYS B 519 26.22 63.81 44.92
C LYS B 519 26.42 63.80 46.42
N LEU B 520 25.69 62.91 47.09
CA LEU B 520 25.71 62.78 48.54
C LEU B 520 26.39 61.48 48.95
N ARG B 521 26.55 61.30 50.26
CA ARG B 521 27.10 60.07 50.82
C ARG B 521 26.33 59.72 52.08
N SER B 522 25.48 58.71 51.99
CA SER B 522 24.67 58.26 53.12
C SER B 522 24.80 56.75 53.27
N PRO B 523 25.46 56.25 54.32
CA PRO B 523 25.67 54.80 54.41
C PRO B 523 24.39 53.98 54.45
N ASP B 524 23.31 54.53 55.02
CA ASP B 524 22.10 53.73 55.22
C ASP B 524 21.46 53.36 53.89
N ILE B 525 21.02 54.35 53.12
CA ILE B 525 20.26 54.13 51.90
C ILE B 525 21.21 54.27 50.71
N PRO B 526 21.46 53.21 49.93
CA PRO B 526 22.34 53.34 48.77
C PRO B 526 21.67 53.97 47.56
N HIS B 527 20.36 54.19 47.59
CA HIS B 527 19.61 54.70 46.44
C HIS B 527 19.68 56.22 46.46
N LYS B 528 20.80 56.76 46.00
CA LYS B 528 20.92 58.21 45.87
C LYS B 528 20.06 58.75 44.73
N SER B 529 19.62 57.89 43.81
CA SER B 529 18.62 58.29 42.84
C SER B 529 17.28 58.55 43.53
N GLU B 530 16.98 57.78 44.58
CA GLU B 530 15.77 58.05 45.35
C GLU B 530 15.78 59.46 45.91
N VAL B 531 16.93 59.91 46.40
CA VAL B 531 17.08 61.31 46.80
C VAL B 531 16.88 62.22 45.59
N GLN B 532 17.48 61.85 44.45
CA GLN B 532 17.32 62.58 43.20
C GLN B 532 17.74 64.03 43.34
N GLY B 533 18.71 64.26 44.24
CA GLY B 533 19.24 65.61 44.44
C GLY B 533 20.33 66.00 43.48
N VAL B 534 20.80 65.09 42.64
CA VAL B 534 21.88 65.38 41.71
C VAL B 534 21.43 66.43 40.71
N MET B 535 22.27 67.44 40.49
CA MET B 535 22.02 68.46 39.48
C MET B 535 23.24 68.53 38.56
N LEU B 536 23.00 68.59 37.26
CA LEU B 536 24.06 68.57 36.27
C LEU B 536 23.98 69.80 35.37
N TYR B 537 25.14 70.37 35.06
CA TYR B 537 25.40 71.31 33.98
C TYR B 537 24.91 72.74 34.30
N LEU B 538 24.25 72.98 35.42
CA LEU B 538 23.81 74.32 35.76
C LEU B 538 24.99 75.12 36.30
N ARG B 539 24.99 76.43 36.03
CA ARG B 539 26.14 77.28 36.31
C ARG B 539 25.79 78.45 37.23
N THR B 540 25.00 78.19 38.26
CA THR B 540 24.64 79.22 39.25
C THR B 540 24.85 78.66 40.65
N ALA B 541 25.54 79.43 41.50
CA ALA B 541 25.85 78.96 42.83
C ALA B 541 24.60 78.75 43.67
N ASN B 542 23.66 79.70 43.60
CA ASN B 542 22.47 79.60 44.45
C ASN B 542 21.67 78.35 44.16
N GLU B 543 21.65 77.89 42.91
CA GLU B 543 21.00 76.62 42.61
C GLU B 543 21.69 75.47 43.32
N VAL B 544 23.03 75.50 43.39
CA VAL B 544 23.76 74.48 44.14
C VAL B 544 23.37 74.54 45.61
N GLN B 545 23.29 75.75 46.15
CA GLN B 545 22.89 75.90 47.56
C GLN B 545 21.52 75.30 47.80
N GLN B 546 20.56 75.62 46.93
CA GLN B 546 19.21 75.10 47.09
C GLN B 546 19.16 73.60 46.96
N ALA B 547 19.89 73.04 45.99
CA ALA B 547 19.89 71.59 45.82
C ALA B 547 20.48 70.88 47.03
N ALA B 548 21.60 71.40 47.54
CA ALA B 548 22.22 70.79 48.71
C ALA B 548 21.31 70.90 49.93
N ASN B 549 20.66 72.05 50.10
CA ASN B 549 19.74 72.21 51.23
C ASN B 549 18.56 71.26 51.10
N ALA B 550 18.05 71.08 49.88
CA ALA B 550 16.97 70.14 49.66
C ALA B 550 17.39 68.72 49.98
N ILE B 551 18.61 68.34 49.60
CA ILE B 551 19.11 67.01 49.93
C ILE B 551 19.21 66.85 51.44
N PHE B 552 19.73 67.87 52.12
CA PHE B 552 19.85 67.82 53.57
C PHE B 552 18.48 67.63 54.21
N ASP B 553 17.50 68.44 53.81
CA ASP B 553 16.16 68.35 54.38
C ASP B 553 15.52 67.01 54.06
N ARG B 554 15.71 66.50 52.85
CA ARG B 554 15.08 65.24 52.46
C ARG B 554 15.66 64.08 53.24
N VAL B 555 16.99 64.02 53.38
CA VAL B 555 17.58 62.94 54.14
C VAL B 555 17.21 63.06 55.62
N LYS B 556 17.01 64.29 56.11
CA LYS B 556 16.58 64.45 57.50
C LYS B 556 15.14 63.98 57.69
N MET B 557 14.25 64.37 56.78
CA MET B 557 12.83 64.02 56.92
C MET B 557 12.62 62.52 56.74
N ALA B 558 13.42 61.90 55.87
CA ALA B 558 13.41 60.43 55.81
C ALA B 558 13.92 59.85 57.12
N TRP B 559 15.07 60.32 57.60
CA TRP B 559 15.66 59.84 58.83
C TRP B 559 16.61 60.90 59.40
N PRO B 560 16.17 61.68 60.41
CA PRO B 560 17.06 62.75 60.91
C PRO B 560 18.41 62.26 61.39
N GLN B 561 18.49 61.04 61.92
CA GLN B 561 19.74 60.52 62.46
C GLN B 561 20.62 59.87 61.41
N ALA B 562 20.19 59.83 60.15
CA ALA B 562 21.02 59.24 59.10
C ALA B 562 22.36 59.94 59.03
N ARG B 563 23.42 59.15 58.89
CA ARG B 563 24.77 59.71 58.87
C ARG B 563 24.98 60.54 57.60
N VAL B 564 25.77 61.60 57.73
CA VAL B 564 26.20 62.41 56.60
C VAL B 564 27.61 62.87 56.88
N HIS B 565 28.57 62.37 56.09
CA HIS B 565 29.98 62.72 56.27
C HIS B 565 30.46 63.73 55.23
N GLY B 566 29.55 64.33 54.46
CA GLY B 566 29.93 65.32 53.48
C GLY B 566 29.17 65.19 52.17
N LEU B 567 29.56 65.99 51.18
CA LEU B 567 28.93 66.00 49.88
C LEU B 567 30.04 65.92 48.83
N LEU B 568 29.92 64.98 47.91
CA LEU B 568 30.91 64.83 46.85
C LEU B 568 30.57 65.76 45.69
N VAL B 569 31.60 66.41 45.14
CA VAL B 569 31.44 67.35 44.04
C VAL B 569 32.61 67.17 43.08
N GLN B 570 32.33 67.25 41.79
CA GLN B 570 33.36 67.10 40.77
C GLN B 570 33.09 68.07 39.63
N SER B 571 34.14 68.34 38.86
CA SER B 571 34.08 69.28 37.75
C SER B 571 34.01 68.52 36.44
N MET B 572 33.09 68.91 35.56
CA MET B 572 32.91 68.23 34.30
C MET B 572 34.08 68.48 33.36
N ALA B 573 34.40 67.48 32.55
CA ALA B 573 35.35 67.62 31.46
C ALA B 573 34.57 68.00 30.19
N ASN B 574 35.23 67.93 29.02
CA ASN B 574 34.56 68.18 27.69
C ASN B 574 33.73 66.87 27.58
N ARG B 575 32.57 66.85 28.24
CA ARG B 575 31.81 65.60 28.29
C ARG B 575 30.87 65.47 27.09
N ALA B 576 30.45 66.58 26.49
CA ALA B 576 29.46 66.51 25.42
C ALA B 576 29.96 65.64 24.27
N GLY B 577 31.24 65.76 23.91
CA GLY B 577 31.77 64.91 22.86
C GLY B 577 32.03 63.49 23.34
N ALA B 578 32.09 63.28 24.66
CA ALA B 578 32.45 61.99 25.20
C ALA B 578 31.32 60.98 25.03
N GLN B 579 31.69 59.71 25.05
CA GLN B 579 30.75 58.60 24.98
C GLN B 579 30.67 57.92 26.35
N GLU B 580 29.49 57.37 26.64
CA GLU B 580 29.20 56.83 27.96
C GLU B 580 28.98 55.34 27.88
N LEU B 581 29.59 54.60 28.79
CA LEU B 581 29.39 53.16 28.92
C LEU B 581 29.11 52.83 30.38
N ARG B 582 28.87 51.55 30.66
CA ARG B 582 28.67 51.09 32.03
C ARG B 582 29.26 49.70 32.18
N VAL B 583 29.91 49.45 33.32
CA VAL B 583 30.54 48.17 33.60
C VAL B 583 30.11 47.71 34.98
N VAL B 584 29.90 46.40 35.15
CA VAL B 584 29.54 45.86 36.44
C VAL B 584 30.13 44.47 36.58
N VAL B 585 30.49 44.11 37.80
CA VAL B 585 31.01 42.78 38.13
C VAL B 585 30.21 42.25 39.31
N GLU B 586 29.60 41.08 39.12
CA GLU B 586 28.70 40.45 40.09
C GLU B 586 29.20 39.05 40.42
N HIS B 587 28.51 38.40 41.35
CA HIS B 587 28.85 37.05 41.81
C HIS B 587 27.63 36.16 41.63
N ASP B 588 27.48 35.58 40.44
CA ASP B 588 26.40 34.63 40.21
C ASP B 588 26.67 33.36 40.99
N PRO B 589 25.63 32.73 41.57
CA PRO B 589 25.87 31.54 42.41
C PRO B 589 26.11 30.27 41.63
N VAL B 590 25.76 30.21 40.35
CA VAL B 590 25.96 29.00 39.55
C VAL B 590 27.36 28.96 38.95
N PHE B 591 27.83 30.08 38.40
CA PHE B 591 29.10 30.10 37.69
C PHE B 591 30.20 30.86 38.42
N GLY B 592 29.87 31.66 39.44
CA GLY B 592 30.87 32.41 40.15
C GLY B 592 30.89 33.87 39.72
N PRO B 593 32.05 34.51 39.81
CA PRO B 593 32.14 35.91 39.36
C PRO B 593 31.81 36.05 37.89
N LEU B 594 31.25 37.21 37.53
CA LEU B 594 30.77 37.44 36.19
C LEU B 594 30.94 38.92 35.85
N ILE B 595 31.31 39.22 34.61
CA ILE B 595 31.58 40.59 34.19
C ILE B 595 30.62 40.96 33.08
N MET B 596 29.90 42.08 33.26
CA MET B 596 28.90 42.52 32.31
C MET B 596 29.20 43.95 31.86
N LEU B 597 28.95 44.22 30.59
CA LEU B 597 29.21 45.51 29.98
C LEU B 597 27.95 45.97 29.24
N GLY B 598 27.70 47.29 29.28
CA GLY B 598 26.54 47.84 28.61
C GLY B 598 26.56 49.36 28.54
N GLU B 599 25.39 49.98 28.47
CA GLU B 599 25.25 51.42 28.37
C GLU B 599 24.62 52.00 29.63
N GLY B 600 24.81 53.31 29.82
CA GLY B 600 24.37 53.96 31.03
C GLY B 600 22.90 54.33 31.02
N GLY B 601 22.44 54.79 32.17
CA GLY B 601 21.05 55.19 32.36
C GLY B 601 20.28 54.20 33.21
N VAL B 602 19.20 54.70 33.83
CA VAL B 602 18.33 53.87 34.66
C VAL B 602 17.70 52.73 33.86
N GLU B 603 17.83 52.75 32.54
CA GLU B 603 17.35 51.67 31.69
C GLU B 603 18.12 50.36 31.90
N TRP B 604 19.23 50.40 32.63
CA TRP B 604 20.10 49.23 32.74
C TRP B 604 19.34 48.02 33.27
N ARG B 605 19.14 47.03 32.41
CA ARG B 605 18.57 45.75 32.79
C ARG B 605 19.40 44.65 32.14
N PRO B 606 20.20 43.91 32.92
CA PRO B 606 21.23 43.06 32.29
C PRO B 606 20.68 42.05 31.30
N GLU B 607 19.47 41.53 31.53
CA GLU B 607 18.97 40.45 30.68
C GLU B 607 18.90 40.87 29.22
N ASP B 608 18.70 42.15 28.94
CA ASP B 608 18.54 42.62 27.57
C ASP B 608 19.84 43.14 26.96
N GLN B 609 20.42 44.19 27.55
CA GLN B 609 21.50 44.92 26.90
C GLN B 609 22.89 44.51 27.36
N ALA B 610 23.01 43.75 28.46
CA ALA B 610 24.32 43.42 28.98
C ALA B 610 24.98 42.33 28.15
N VAL B 611 26.26 42.52 27.85
CA VAL B 611 27.11 41.50 27.24
C VAL B 611 28.04 40.99 28.34
N VAL B 612 28.13 39.67 28.47
CA VAL B 612 28.65 39.06 29.69
C VAL B 612 29.81 38.13 29.35
N ALA B 613 30.68 37.94 30.34
CA ALA B 613 31.84 37.08 30.19
C ALA B 613 32.31 36.58 31.54
N LEU B 614 33.17 35.53 31.49
CA LEU B 614 33.76 34.83 32.61
C LEU B 614 35.25 35.19 32.74
N PRO B 615 35.74 35.51 33.93
CA PRO B 615 37.18 35.70 34.10
C PRO B 615 37.89 34.38 34.17
N PRO B 616 39.21 34.35 33.93
CA PRO B 616 40.10 35.46 33.57
C PRO B 616 40.02 35.80 32.09
N LEU B 617 40.61 36.92 31.68
CA LEU B 617 40.57 37.36 30.29
C LEU B 617 41.98 37.72 29.82
N ASN B 618 42.19 37.58 28.52
CA ASN B 618 43.37 38.12 27.86
C ASN B 618 42.91 39.08 26.78
N MET B 619 43.84 39.60 25.97
CA MET B 619 43.46 40.61 24.98
C MET B 619 42.50 40.04 23.95
N ASN B 620 42.73 38.81 23.48
CA ASN B 620 41.91 38.26 22.41
C ASN B 620 40.47 38.06 22.86
N LEU B 621 40.26 37.51 24.06
CA LEU B 621 38.91 37.29 24.54
C LEU B 621 38.17 38.60 24.73
N ALA B 622 38.85 39.62 25.28
CA ALA B 622 38.22 40.92 25.43
C ALA B 622 37.87 41.54 24.09
N ARG B 623 38.77 41.41 23.10
CA ARG B 623 38.48 41.93 21.77
C ARG B 623 37.26 41.25 21.17
N TYR B 624 37.16 39.93 21.32
CA TYR B 624 36.00 39.23 20.80
C TYR B 624 34.73 39.66 21.51
N LEU B 625 34.79 39.85 22.82
CA LEU B 625 33.63 40.34 23.54
C LEU B 625 33.16 41.69 22.99
N VAL B 626 34.11 42.61 22.78
CA VAL B 626 33.76 43.93 22.27
C VAL B 626 33.15 43.82 20.88
N ILE B 627 33.75 43.02 20.01
CA ILE B 627 33.25 42.89 18.65
C ILE B 627 31.85 42.31 18.65
N GLN B 628 31.61 41.27 19.45
CA GLN B 628 30.28 40.68 19.52
C GLN B 628 29.27 41.69 20.04
N GLY B 629 29.64 42.45 21.07
CA GLY B 629 28.72 43.44 21.60
C GLY B 629 28.35 44.50 20.58
N ILE B 630 29.34 44.98 19.83
CA ILE B 630 29.06 46.01 18.83
C ILE B 630 28.20 45.44 17.71
N LYS B 631 28.57 44.26 17.19
CA LYS B 631 27.87 43.70 16.04
C LYS B 631 26.41 43.42 16.37
N SER B 632 26.13 42.86 17.53
CA SER B 632 24.76 42.63 17.96
C SER B 632 24.03 43.92 18.28
N LYS B 633 24.70 45.07 18.17
CA LYS B 633 24.09 46.38 18.35
C LYS B 633 23.64 46.62 19.79
N LYS B 634 24.17 45.85 20.74
CA LYS B 634 23.97 46.16 22.15
C LYS B 634 24.73 47.42 22.55
N ILE B 635 25.83 47.72 21.86
CA ILE B 635 26.64 48.91 22.10
C ILE B 635 26.97 49.53 20.75
N ARG B 636 26.92 50.85 20.69
CA ARG B 636 27.12 51.56 19.43
C ARG B 636 28.58 51.88 19.21
N ALA B 637 28.96 52.01 17.95
CA ALA B 637 30.34 52.33 17.59
C ALA B 637 30.58 53.82 17.38
N ARG B 638 29.54 54.57 16.97
CA ARG B 638 29.71 55.99 16.68
C ARG B 638 28.58 56.83 17.25
N SER B 639 28.23 56.62 18.52
CA SER B 639 27.24 57.49 19.14
C SER B 639 27.72 58.94 19.17
N ALA B 640 29.01 59.16 19.08
CA ALA B 640 29.60 60.50 19.05
C ALA B 640 30.16 60.75 17.64
N LEU B 641 30.82 61.90 17.50
CA LEU B 641 31.41 62.29 16.22
C LEU B 641 32.60 61.41 15.82
N ARG B 642 33.13 60.61 16.74
CA ARG B 642 34.31 59.81 16.51
C ARG B 642 34.01 58.33 16.73
N PRO B 643 34.80 57.44 16.13
CA PRO B 643 34.59 56.01 16.38
C PRO B 643 35.02 55.60 17.78
N LEU B 644 34.80 54.33 18.11
CA LEU B 644 35.22 53.76 19.39
C LEU B 644 36.43 52.87 19.17
N ASP B 645 37.51 53.15 19.90
CA ASP B 645 38.71 52.34 19.82
C ASP B 645 38.55 51.11 20.70
N VAL B 646 38.91 49.95 20.17
CA VAL B 646 38.66 48.70 20.86
C VAL B 646 39.85 48.24 21.70
N ALA B 647 41.08 48.63 21.32
CA ALA B 647 42.25 48.21 22.07
C ALA B 647 42.19 48.74 23.50
N GLY B 648 41.85 50.01 23.67
CA GLY B 648 41.80 50.59 24.99
C GLY B 648 40.73 49.96 25.86
N LEU B 649 39.54 49.73 25.29
CA LEU B 649 38.47 49.10 26.05
C LEU B 649 38.84 47.67 26.45
N SER B 650 39.47 46.93 25.53
CA SER B 650 39.90 45.57 25.87
C SER B 650 40.95 45.59 26.98
N GLN B 651 41.89 46.54 26.92
CA GLN B 651 42.88 46.66 27.99
C GLN B 651 42.22 46.97 29.32
N LEU B 652 41.22 47.87 29.31
CA LEU B 652 40.50 48.19 30.53
C LEU B 652 39.83 46.96 31.11
N LEU B 653 39.20 46.16 30.25
CA LEU B 653 38.54 44.94 30.72
C LEU B 653 39.55 43.95 31.29
N VAL B 654 40.73 43.85 30.66
CA VAL B 654 41.76 42.95 31.18
C VAL B 654 42.21 43.41 32.57
N GLN B 655 42.37 44.73 32.74
CA GLN B 655 42.74 45.25 34.06
C GLN B 655 41.68 44.92 35.10
N VAL B 656 40.41 45.09 34.74
CA VAL B 656 39.32 44.77 35.67
C VAL B 656 39.37 43.29 36.05
N SER B 657 39.59 42.42 35.06
CA SER B 657 39.66 40.99 35.34
C SER B 657 40.80 40.68 36.30
N ASN B 658 41.98 41.25 36.05
CA ASN B 658 43.10 41.05 36.95
C ASN B 658 42.73 41.47 38.37
N LEU B 659 42.13 42.66 38.50
CA LEU B 659 41.81 43.19 39.82
C LEU B 659 40.86 42.26 40.56
N ILE B 660 39.78 41.83 39.89
CA ILE B 660 38.77 41.05 40.60
C ILE B 660 39.32 39.66 40.94
N VAL B 661 40.11 39.06 40.06
CA VAL B 661 40.63 37.73 40.34
C VAL B 661 41.64 37.78 41.48
N ASP B 662 42.47 38.83 41.53
CA ASP B 662 43.47 38.92 42.59
C ASP B 662 42.83 39.09 43.96
N CYS B 663 41.84 39.98 44.07
CA CYS B 663 41.28 40.35 45.37
C CYS B 663 39.90 39.70 45.54
N PRO B 664 39.75 38.69 46.40
CA PRO B 664 38.43 38.08 46.59
C PRO B 664 37.55 38.80 47.59
N GLU B 665 38.07 39.77 48.33
CA GLU B 665 37.24 40.51 49.28
C GLU B 665 36.15 41.31 48.58
N ILE B 666 36.33 41.63 47.30
CA ILE B 666 35.33 42.38 46.56
C ILE B 666 34.22 41.44 46.15
N GLN B 667 32.98 41.81 46.48
CA GLN B 667 31.81 41.04 46.08
C GLN B 667 31.05 41.65 44.91
N ARG B 668 31.02 42.98 44.80
CA ARG B 668 30.38 43.62 43.67
C ARG B 668 31.14 44.89 43.30
N LEU B 669 31.24 45.16 42.00
CA LEU B 669 31.86 46.38 41.50
C LEU B 669 30.94 47.01 40.47
N ASP B 670 30.81 48.35 40.52
CA ASP B 670 29.97 49.06 39.58
C ASP B 670 30.66 50.34 39.14
N ILE B 671 30.92 50.46 37.83
CA ILE B 671 31.50 51.66 37.25
C ILE B 671 30.46 52.26 36.32
N HIS B 672 29.95 53.44 36.69
CA HIS B 672 28.88 54.11 35.96
C HIS B 672 28.90 55.60 36.27
N PRO B 673 29.07 56.47 35.27
CA PRO B 673 29.37 56.21 33.86
C PRO B 673 30.84 55.92 33.63
N LEU B 674 31.17 55.25 32.53
CA LEU B 674 32.54 55.10 32.07
C LEU B 674 32.70 56.00 30.86
N LEU B 675 33.64 56.95 30.94
CA LEU B 675 33.79 57.99 29.93
C LEU B 675 34.84 57.55 28.93
N ALA B 676 34.45 57.37 27.67
CA ALA B 676 35.35 57.02 26.59
C ALA B 676 35.45 58.21 25.66
N SER B 677 36.67 58.68 25.43
CA SER B 677 36.96 59.83 24.57
C SER B 677 38.17 59.47 23.71
N GLY B 678 37.93 59.02 22.49
CA GLY B 678 39.03 58.62 21.64
C GLY B 678 39.81 57.48 22.26
N SER B 679 41.12 57.66 22.35
CA SER B 679 41.98 56.64 22.97
C SER B 679 41.95 56.68 24.49
N GLU B 680 41.30 57.67 25.09
CA GLU B 680 41.32 57.84 26.53
C GLU B 680 40.07 57.23 27.17
N PHE B 681 40.26 56.55 28.29
CA PHE B 681 39.17 55.96 29.05
C PHE B 681 39.32 56.40 30.51
N THR B 682 38.21 56.83 31.10
CA THR B 682 38.23 57.36 32.46
C THR B 682 36.98 56.89 33.21
N ALA B 683 37.08 56.89 34.53
CA ALA B 683 35.97 56.50 35.39
C ALA B 683 35.41 57.72 36.11
N LEU B 684 34.08 57.84 36.11
CA LEU B 684 33.40 58.96 36.73
C LEU B 684 32.99 58.66 38.17
N ASP B 685 32.17 57.62 38.35
CA ASP B 685 31.73 57.18 39.67
C ASP B 685 31.92 55.67 39.77
N VAL B 686 32.43 55.21 40.90
CA VAL B 686 32.71 53.80 41.13
C VAL B 686 32.21 53.42 42.51
N THR B 687 31.59 52.25 42.61
CA THR B 687 31.07 51.74 43.87
C THR B 687 31.55 50.30 44.08
N LEU B 688 32.09 50.03 45.26
CA LEU B 688 32.60 48.72 45.62
C LEU B 688 31.87 48.20 46.84
N ASP B 689 31.34 46.98 46.75
CA ASP B 689 30.74 46.29 47.87
C ASP B 689 31.61 45.09 48.20
N ILE B 690 32.13 45.05 49.43
CA ILE B 690 33.15 44.07 49.81
C ILE B 690 32.69 43.32 51.05
N SER B 691 33.21 42.11 51.20
CA SER B 691 32.95 41.27 52.35
C SER B 691 34.23 40.55 52.73
N PRO B 692 34.36 40.10 53.97
CA PRO B 692 35.59 39.44 54.41
C PRO B 692 35.61 37.97 54.03
N PHE B 693 36.65 37.28 54.50
CA PHE B 693 36.78 35.83 54.36
C PHE B 693 37.00 35.39 52.92
N GLU B 694 37.72 34.28 52.74
CA GLU B 694 37.80 33.58 51.47
C GLU B 694 38.52 32.26 51.69
N GLY B 695 37.99 31.20 51.09
CA GLY B 695 38.55 29.87 51.26
C GLY B 695 39.90 29.69 50.59
N ASP B 696 39.92 29.72 49.25
CA ASP B 696 41.16 29.53 48.50
C ASP B 696 41.34 30.49 47.35
N ASN B 697 40.32 31.27 46.97
CA ASN B 697 40.44 32.28 45.93
C ASN B 697 40.52 31.66 44.53
N GLU B 698 40.56 30.33 44.46
CA GLU B 698 40.67 29.63 43.18
C GLU B 698 39.48 28.74 42.89
N SER B 699 39.03 27.96 43.87
CA SER B 699 37.85 27.12 43.67
C SER B 699 36.61 27.94 43.35
N ARG B 700 36.63 29.24 43.68
CA ARG B 700 35.50 30.10 43.43
C ARG B 700 35.25 30.35 41.95
N LEU B 701 36.22 30.02 41.09
CA LEU B 701 36.11 30.27 39.66
C LEU B 701 35.63 29.02 38.93
N ALA B 702 35.54 29.12 37.61
CA ALA B 702 35.10 28.01 36.76
C ALA B 702 36.18 27.49 35.83
N VAL B 703 37.17 28.31 35.47
CA VAL B 703 38.27 27.91 34.60
C VAL B 703 39.57 28.28 35.30
N ARG B 704 40.52 27.33 35.34
CA ARG B 704 41.76 27.56 36.05
C ARG B 704 42.93 27.70 35.09
N PRO B 705 43.86 28.61 35.34
CA PRO B 705 44.87 28.97 34.33
C PRO B 705 46.06 28.01 34.32
N TYR B 706 47.02 28.35 33.48
CA TYR B 706 48.21 27.55 33.23
C TYR B 706 49.19 27.69 34.39
N PRO B 707 49.66 26.57 34.98
CA PRO B 707 50.59 26.67 36.12
C PRO B 707 52.04 26.86 35.70
N HIS B 708 52.43 28.11 35.45
CA HIS B 708 53.78 28.40 34.95
C HIS B 708 54.87 28.20 35.99
N GLN B 709 54.52 27.94 37.25
CA GLN B 709 55.53 27.76 38.28
C GLN B 709 56.13 26.37 38.31
N LEU B 710 55.73 25.48 37.40
CA LEU B 710 56.31 24.15 37.27
C LEU B 710 57.27 24.03 36.09
N GLU B 711 57.58 25.14 35.43
CA GLU B 711 58.47 25.11 34.26
C GLU B 711 59.92 25.03 34.73
N GLU B 712 60.67 24.08 34.16
CA GLU B 712 62.00 23.76 34.67
C GLU B 712 63.01 23.61 33.54
N TRP B 713 64.25 23.97 33.84
CA TRP B 713 65.41 23.71 33.00
C TRP B 713 66.22 22.59 33.65
N VAL B 714 66.55 21.55 32.88
CA VAL B 714 67.25 20.39 33.43
C VAL B 714 68.40 20.01 32.53
N GLU B 715 69.53 19.66 33.16
CA GLU B 715 70.71 19.15 32.50
C GLU B 715 70.74 17.63 32.67
N LEU B 716 71.02 16.93 31.57
CA LEU B 716 70.83 15.49 31.52
C LEU B 716 72.06 14.77 32.07
N LYS B 717 72.05 13.44 31.95
CA LYS B 717 73.20 12.64 32.37
C LYS B 717 74.44 12.99 31.55
N ASN B 718 74.27 13.17 30.24
CA ASN B 718 75.38 13.51 29.37
C ASN B 718 75.70 15.00 29.35
N GLY B 719 74.94 15.81 30.09
CA GLY B 719 75.18 17.24 30.14
C GLY B 719 74.39 18.07 29.15
N GLU B 720 73.36 17.49 28.54
CA GLU B 720 72.56 18.24 27.57
C GLU B 720 71.45 18.99 28.28
N ARG B 721 71.06 20.13 27.70
CA ARG B 721 70.04 21.00 28.29
C ARG B 721 68.68 20.72 27.66
N CYS B 722 67.63 20.74 28.48
CA CYS B 722 66.27 20.62 27.95
C CYS B 722 65.30 21.24 28.97
N LEU B 723 64.05 21.38 28.54
CA LEU B 723 63.04 22.04 29.35
C LEU B 723 61.89 21.09 29.65
N PHE B 724 61.53 20.96 30.92
CA PHE B 724 60.37 20.17 31.35
C PHE B 724 59.23 21.13 31.67
N ARG B 725 58.07 20.94 31.03
CA ARG B 725 56.99 21.87 31.23
C ARG B 725 55.66 21.20 30.95
N PRO B 726 54.55 21.78 31.42
CA PRO B 726 53.23 21.22 31.11
C PRO B 726 52.87 21.41 29.64
N ILE B 727 51.90 20.61 29.21
CA ILE B 727 51.56 20.53 27.79
C ILE B 727 50.58 21.64 27.41
N LEU B 728 50.58 21.98 26.14
CA LEU B 728 49.75 23.03 25.56
C LEU B 728 49.07 22.51 24.31
N PRO B 729 47.96 23.14 23.90
CA PRO B 729 47.30 22.70 22.66
C PRO B 729 48.15 22.86 21.42
N GLU B 730 49.15 23.73 21.42
CA GLU B 730 49.95 23.97 20.23
C GLU B 730 50.92 22.84 19.92
N ASP B 731 51.07 21.88 20.82
CA ASP B 731 52.05 20.81 20.66
C ASP B 731 51.53 19.64 19.83
N GLU B 732 50.35 19.75 19.24
CA GLU B 732 49.77 18.61 18.53
C GLU B 732 50.61 18.19 17.33
N PRO B 733 51.03 19.09 16.43
CA PRO B 733 51.91 18.65 15.34
C PRO B 733 53.15 17.94 15.83
N GLN B 734 53.93 18.57 16.70
CA GLN B 734 55.16 17.94 17.19
C GLN B 734 54.88 16.57 17.76
N LEU B 735 53.68 16.37 18.32
CA LEU B 735 53.38 15.11 18.98
C LEU B 735 53.26 13.96 18.00
N GLN B 736 52.87 14.24 16.76
CA GLN B 736 52.69 13.15 15.80
C GLN B 736 54.04 12.58 15.36
N GLN B 737 54.99 13.45 15.01
CA GLN B 737 56.29 12.96 14.57
C GLN B 737 56.94 12.13 15.67
N PHE B 738 56.90 12.62 16.90
CA PHE B 738 57.51 11.90 18.00
C PHE B 738 56.92 10.50 18.15
N ILE B 739 55.68 10.28 17.70
CA ILE B 739 55.08 8.97 17.88
C ILE B 739 55.51 7.98 16.81
N SER B 740 56.09 8.45 15.71
CA SER B 740 56.57 7.51 14.70
C SER B 740 57.78 6.74 15.19
N ARG B 741 58.74 7.44 15.77
CA ARG B 741 60.03 6.84 16.15
C ARG B 741 60.03 6.46 17.63
N VAL B 742 59.07 5.60 17.98
CA VAL B 742 58.93 5.08 19.33
C VAL B 742 58.66 3.59 19.23
N THR B 743 59.30 2.82 20.11
CA THR B 743 59.17 1.36 20.09
C THR B 743 57.70 0.97 20.18
N LYS B 744 57.39 -0.28 19.83
CA LYS B 744 56.00 -0.70 19.75
C LYS B 744 55.49 -1.32 21.05
N GLU B 745 56.35 -1.98 21.82
CA GLU B 745 55.89 -2.62 23.05
C GLU B 745 55.36 -1.59 24.04
N ASP B 746 56.05 -0.47 24.20
CA ASP B 746 55.70 0.50 25.23
C ASP B 746 54.41 1.24 24.93
N LEU B 747 53.85 1.11 23.74
CA LEU B 747 52.69 1.89 23.33
C LEU B 747 51.38 1.38 23.91
N TYR B 748 51.40 0.43 24.85
CA TYR B 748 50.16 -0.12 25.38
C TYR B 748 49.80 0.52 26.70
N TYR B 749 48.50 0.58 26.98
CA TYR B 749 47.98 1.05 28.25
C TYR B 749 46.68 0.33 28.53
N ARG B 750 46.21 0.47 29.78
CA ARG B 750 45.03 -0.24 30.26
C ARG B 750 43.88 0.75 30.43
N TYR B 751 42.82 0.54 29.64
CA TYR B 751 41.59 1.31 29.75
C TYR B 751 40.44 0.33 29.93
N PHE B 752 39.68 0.49 31.00
CA PHE B 752 38.49 -0.32 31.27
C PHE B 752 38.78 -1.80 31.09
N SER B 753 39.68 -2.31 31.93
CA SER B 753 40.06 -3.71 31.94
C SER B 753 40.34 -4.25 30.55
N GLU B 754 40.83 -3.39 29.66
CA GLU B 754 41.25 -3.80 28.32
C GLU B 754 42.59 -3.16 28.03
N ILE B 755 43.40 -3.84 27.24
CA ILE B 755 44.69 -3.32 26.80
C ILE B 755 44.52 -2.76 25.40
N ASN B 756 44.83 -1.48 25.23
CA ASN B 756 44.87 -0.87 23.91
C ASN B 756 46.21 -0.18 23.73
N GLU B 757 46.42 0.42 22.56
CA GLU B 757 47.66 1.12 22.26
C GLU B 757 47.37 2.50 21.70
N PHE B 758 48.25 3.44 22.02
CA PHE B 758 48.03 4.83 21.66
C PHE B 758 47.91 4.99 20.16
N THR B 759 46.98 5.85 19.75
CA THR B 759 46.84 6.30 18.37
C THR B 759 46.94 7.82 18.37
N HIS B 760 46.82 8.42 17.19
CA HIS B 760 47.00 9.87 17.09
C HIS B 760 45.88 10.62 17.79
N GLU B 761 44.65 10.10 17.72
CA GLU B 761 43.54 10.78 18.38
C GLU B 761 43.74 10.83 19.88
N ASP B 762 44.36 9.80 20.47
CA ASP B 762 44.64 9.83 21.89
C ASP B 762 45.58 10.97 22.25
N LEU B 763 46.59 11.22 21.43
CA LEU B 763 47.52 12.30 21.70
C LEU B 763 46.84 13.66 21.53
N ALA B 764 46.07 13.82 20.45
CA ALA B 764 45.31 15.05 20.28
C ALA B 764 44.42 15.31 21.49
N ASN B 765 43.77 14.26 22.00
CA ASN B 765 42.98 14.40 23.22
C ASN B 765 43.85 14.83 24.39
N MET B 766 45.05 14.24 24.51
CA MET B 766 45.90 14.58 25.64
C MET B 766 46.33 16.05 25.62
N THR B 767 46.34 16.68 24.44
CA THR B 767 46.74 18.08 24.40
C THR B 767 45.73 19.00 25.08
N GLN B 768 44.45 18.62 25.14
CA GLN B 768 43.41 19.42 25.78
C GLN B 768 43.24 18.93 27.21
N ILE B 769 43.71 19.72 28.17
CA ILE B 769 43.85 19.29 29.55
C ILE B 769 43.23 20.32 30.47
N ASP B 770 42.64 19.86 31.56
CA ASP B 770 42.40 20.69 32.74
C ASP B 770 43.44 20.31 33.77
N TYR B 771 44.11 21.31 34.33
CA TYR B 771 45.22 21.02 35.24
C TYR B 771 44.74 20.87 36.68
N ASP B 772 43.67 20.10 36.84
CA ASP B 772 43.12 19.80 38.17
C ASP B 772 43.04 18.30 38.39
N ARG B 773 42.46 17.59 37.44
CA ARG B 773 42.23 16.16 37.55
C ARG B 773 43.13 15.33 36.63
N GLU B 774 43.75 15.94 35.64
CA GLU B 774 44.65 15.24 34.75
C GLU B 774 45.85 16.14 34.47
N MET B 775 47.04 15.55 34.47
CA MET B 775 48.27 16.29 34.24
C MET B 775 49.15 15.57 33.23
N ALA B 776 49.96 16.33 32.51
CA ALA B 776 50.88 15.78 31.55
C ALA B 776 52.09 16.71 31.44
N PHE B 777 53.28 16.12 31.45
CA PHE B 777 54.53 16.86 31.30
C PHE B 777 55.22 16.41 30.02
N VAL B 778 55.92 17.36 29.39
CA VAL B 778 56.73 17.06 28.22
C VAL B 778 58.14 17.59 28.44
N ALA B 779 59.10 16.91 27.81
CA ALA B 779 60.49 17.33 27.77
C ALA B 779 60.80 17.80 26.36
N VAL B 780 61.27 19.03 26.24
CA VAL B 780 61.36 19.70 24.95
C VAL B 780 62.76 20.26 24.75
N ARG B 781 63.16 20.34 23.47
CA ARG B 781 64.46 20.81 23.04
C ARG B 781 64.28 21.85 21.93
N ARG B 782 65.05 22.93 22.02
CA ARG B 782 64.95 24.03 21.08
C ARG B 782 66.02 23.89 20.01
N ILE B 783 65.62 24.02 18.74
CA ILE B 783 66.54 23.97 17.62
C ILE B 783 66.06 24.99 16.58
N ASP B 784 66.81 26.08 16.42
CA ASP B 784 66.60 27.07 15.35
C ASP B 784 65.13 27.30 15.03
N GLN B 785 64.38 27.80 16.02
CA GLN B 785 62.99 28.21 15.83
C GLN B 785 62.06 27.03 15.66
N THR B 786 62.32 25.94 16.38
CA THR B 786 61.42 24.80 16.42
C THR B 786 61.53 24.13 17.77
N GLU B 787 60.52 23.33 18.10
CA GLU B 787 60.53 22.53 19.31
C GLU B 787 60.35 21.06 18.95
N GLU B 788 61.22 20.21 19.48
CA GLU B 788 61.17 18.78 19.23
C GLU B 788 60.98 18.08 20.58
N ILE B 789 60.02 17.18 20.63
CA ILE B 789 59.66 16.52 21.88
C ILE B 789 60.49 15.25 22.04
N LEU B 790 61.04 15.06 23.24
CA LEU B 790 61.83 13.88 23.57
C LEU B 790 61.07 12.86 24.38
N GLY B 791 60.22 13.29 25.30
CA GLY B 791 59.52 12.36 26.15
C GLY B 791 58.27 12.97 26.76
N VAL B 792 57.30 12.12 27.05
CA VAL B 792 56.00 12.51 27.59
C VAL B 792 55.70 11.68 28.82
N THR B 793 54.95 12.28 29.74
CA THR B 793 54.41 11.52 30.87
C THR B 793 53.04 12.08 31.22
N ARG B 794 52.13 11.19 31.66
CA ARG B 794 50.75 11.56 31.93
C ARG B 794 50.27 10.88 33.21
N ALA B 795 49.36 11.56 33.92
CA ALA B 795 48.71 11.01 35.11
C ALA B 795 47.26 11.45 35.15
N ILE B 796 46.36 10.50 35.41
CA ILE B 796 44.93 10.73 35.48
C ILE B 796 44.43 10.25 36.84
N SER B 797 43.65 11.09 37.51
CA SER B 797 43.17 10.82 38.86
C SER B 797 41.67 10.54 38.84
N ASP B 798 41.20 9.88 39.89
CA ASP B 798 39.82 9.45 39.98
C ASP B 798 38.98 10.51 40.67
N PRO B 799 37.65 10.40 40.58
CA PRO B 799 36.79 11.44 41.19
C PRO B 799 36.98 11.61 42.68
N ASP B 800 37.21 10.53 43.41
CA ASP B 800 37.30 10.60 44.86
C ASP B 800 38.71 10.92 45.35
N ASN B 801 39.68 11.05 44.45
CA ASN B 801 41.03 11.49 44.79
C ASN B 801 41.73 10.44 45.68
N ILE B 802 41.67 9.19 45.27
CA ILE B 802 42.31 8.11 46.01
C ILE B 802 43.18 7.21 45.14
N ASP B 803 43.03 7.23 43.82
CA ASP B 803 43.82 6.40 42.92
C ASP B 803 44.21 7.24 41.71
N ALA B 804 45.20 6.77 40.97
CA ALA B 804 45.55 7.42 39.71
C ALA B 804 46.34 6.45 38.84
N GLU B 805 46.29 6.72 37.54
CA GLU B 805 46.97 5.90 36.54
C GLU B 805 47.98 6.76 35.79
N PHE B 806 49.16 6.20 35.54
CA PHE B 806 50.26 6.94 34.93
C PHE B 806 50.72 6.25 33.66
N ALA B 807 51.45 6.99 32.84
CA ALA B 807 52.06 6.43 31.64
C ALA B 807 53.26 7.29 31.24
N VAL B 808 54.28 6.65 30.69
CA VAL B 808 55.52 7.31 30.29
C VAL B 808 55.89 6.82 28.89
N LEU B 809 56.37 7.74 28.06
CA LEU B 809 56.83 7.40 26.71
C LEU B 809 58.13 8.14 26.43
N VAL B 810 59.12 7.40 25.92
CA VAL B 810 60.41 7.96 25.57
C VAL B 810 60.75 7.56 24.13
N ARG B 811 61.38 8.48 23.41
CA ARG B 811 61.70 8.26 22.01
C ARG B 811 62.90 7.33 21.86
N SER B 812 62.94 6.61 20.74
CA SER B 812 64.08 5.77 20.44
C SER B 812 65.35 6.60 20.37
N ASP B 813 66.49 5.91 20.37
CA ASP B 813 67.82 6.50 20.31
C ASP B 813 68.12 7.45 21.46
N LEU B 814 67.32 7.43 22.53
CA LEU B 814 67.52 8.32 23.66
C LEU B 814 67.41 7.56 24.98
N LYS B 815 67.72 6.27 24.96
CA LYS B 815 67.62 5.45 26.16
C LYS B 815 68.93 5.48 26.95
N GLY B 816 68.81 5.19 28.25
CA GLY B 816 69.95 5.17 29.14
C GLY B 816 70.38 6.52 29.66
N LEU B 817 69.73 7.61 29.26
CA LEU B 817 70.12 8.95 29.67
C LEU B 817 69.38 9.45 30.90
N GLY B 818 68.53 8.62 31.52
CA GLY B 818 67.84 9.02 32.72
C GLY B 818 66.62 9.89 32.49
N LEU B 819 66.25 10.16 31.23
CA LEU B 819 65.11 11.02 30.95
C LEU B 819 63.84 10.45 31.59
N GLY B 820 63.59 9.16 31.41
CA GLY B 820 62.42 8.55 32.02
C GLY B 820 62.42 8.69 33.53
N ARG B 821 63.59 8.49 34.16
CA ARG B 821 63.66 8.60 35.61
C ARG B 821 63.33 10.02 36.07
N ARG B 822 63.85 11.03 35.37
CA ARG B 822 63.56 12.41 35.75
C ARG B 822 62.07 12.71 35.62
N LEU B 823 61.46 12.29 34.51
CA LEU B 823 60.03 12.52 34.33
C LEU B 823 59.24 11.84 35.44
N MET B 824 59.62 10.61 35.79
CA MET B 824 58.92 9.88 36.84
C MET B 824 59.05 10.59 38.18
N GLU B 825 60.24 11.11 38.49
CA GLU B 825 60.42 11.82 39.76
C GLU B 825 59.54 13.06 39.83
N LYS B 826 59.50 13.80 38.71
CA LYS B 826 58.69 15.04 38.62
C LYS B 826 57.21 14.68 38.83
N LEU B 827 56.74 13.57 38.26
CA LEU B 827 55.35 13.14 38.42
C LEU B 827 55.09 12.73 39.87
N ILE B 828 56.02 12.03 40.49
CA ILE B 828 55.84 11.62 41.89
C ILE B 828 55.69 12.84 42.78
N THR B 829 56.55 13.84 42.58
CA THR B 829 56.46 15.04 43.40
C THR B 829 55.09 15.69 43.26
N TYR B 830 54.65 15.92 42.01
CA TYR B 830 53.36 16.58 41.82
C TYR B 830 52.22 15.78 42.43
N THR B 831 52.23 14.46 42.21
CA THR B 831 51.12 13.64 42.70
C THR B 831 51.08 13.62 44.22
N ARG B 832 52.24 13.50 44.88
CA ARG B 832 52.26 13.51 46.33
C ARG B 832 51.77 14.84 46.87
N ASP B 833 52.15 15.95 46.22
CA ASP B 833 51.66 17.24 46.67
C ASP B 833 50.16 17.38 46.47
N HIS B 834 49.61 16.78 45.41
CA HIS B 834 48.18 16.88 45.18
C HIS B 834 47.38 16.28 46.32
N GLY B 835 47.87 15.18 46.90
CA GLY B 835 47.20 14.57 48.04
C GLY B 835 46.61 13.22 47.73
N LEU B 836 47.26 12.46 46.85
CA LEU B 836 46.78 11.15 46.46
C LEU B 836 47.39 10.07 47.35
N GLN B 837 46.89 8.84 47.19
CA GLN B 837 47.36 7.71 47.97
C GLN B 837 48.36 6.85 47.23
N ARG B 838 47.99 6.33 46.05
CA ARG B 838 48.84 5.38 45.34
C ARG B 838 48.79 5.67 43.84
N LEU B 839 49.68 5.00 43.11
CA LEU B 839 49.84 5.16 41.69
C LEU B 839 49.90 3.79 41.04
N ASN B 840 49.17 3.62 39.94
CA ASN B 840 49.04 2.32 39.28
C ASN B 840 49.48 2.41 37.83
N GLY B 841 50.04 1.33 37.31
CA GLY B 841 50.45 1.30 35.91
C GLY B 841 50.66 -0.13 35.46
N ILE B 842 51.00 -0.27 34.18
CA ILE B 842 51.27 -1.59 33.61
C ILE B 842 52.30 -1.45 32.50
N THR B 843 52.98 -2.56 32.22
CA THR B 843 53.91 -2.62 31.09
C THR B 843 54.14 -4.10 30.75
N MET B 844 54.91 -4.34 29.70
CA MET B 844 55.19 -5.69 29.25
C MET B 844 56.33 -6.32 30.04
N PRO B 845 56.37 -7.66 30.10
CA PRO B 845 57.51 -8.33 30.76
C PRO B 845 58.76 -8.32 29.91
N ASN B 846 58.59 -8.44 28.59
CA ASN B 846 59.75 -8.44 27.71
C ASN B 846 60.51 -7.12 27.80
N ASN B 847 59.81 -6.03 28.11
CA ASN B 847 60.46 -4.73 28.30
C ASN B 847 61.13 -4.72 29.67
N ARG B 848 62.45 -4.86 29.68
CA ARG B 848 63.18 -4.99 30.93
C ARG B 848 63.65 -3.65 31.48
N GLY B 849 63.78 -2.62 30.65
CA GLY B 849 64.24 -1.33 31.14
C GLY B 849 63.26 -0.71 32.11
N MET B 850 61.96 -0.74 31.77
CA MET B 850 60.97 -0.11 32.62
C MET B 850 60.85 -0.83 33.96
N VAL B 851 60.86 -2.17 33.95
CA VAL B 851 60.79 -2.90 35.21
C VAL B 851 62.07 -2.71 36.01
N ALA B 852 63.21 -2.56 35.34
CA ALA B 852 64.44 -2.23 36.05
C ALA B 852 64.32 -0.89 36.75
N LEU B 853 63.75 0.10 36.05
CA LEU B 853 63.56 1.42 36.67
C LEU B 853 62.60 1.33 37.86
N ALA B 854 61.49 0.63 37.70
CA ALA B 854 60.55 0.49 38.79
C ALA B 854 61.18 -0.19 39.99
N ARG B 855 61.98 -1.24 39.75
CA ARG B 855 62.73 -1.87 40.85
C ARG B 855 63.69 -0.88 41.49
N LYS B 856 64.40 -0.10 40.67
CA LYS B 856 65.28 0.93 41.23
C LYS B 856 64.52 1.80 42.20
N LEU B 857 63.29 2.18 41.84
CA LEU B 857 62.43 2.84 42.82
C LEU B 857 62.11 1.89 43.97
N GLY B 858 62.07 0.59 43.70
CA GLY B 858 61.82 -0.39 44.75
C GLY B 858 60.36 -0.59 45.05
N PHE B 859 59.49 -0.29 44.09
CA PHE B 859 58.05 -0.32 44.29
C PHE B 859 57.44 -1.52 43.60
N ASN B 860 56.24 -1.90 44.04
CA ASN B 860 55.75 -3.25 43.82
C ASN B 860 55.56 -3.56 42.34
N VAL B 861 55.98 -4.75 41.94
CA VAL B 861 55.76 -5.28 40.60
C VAL B 861 55.16 -6.68 40.73
N ASP B 862 54.00 -6.87 40.09
CA ASP B 862 53.35 -8.17 40.02
C ASP B 862 53.24 -8.59 38.56
N ILE B 863 53.16 -9.89 38.34
CA ILE B 863 53.20 -10.45 36.99
C ILE B 863 51.96 -11.33 36.79
N GLN B 864 51.29 -11.14 35.65
CA GLN B 864 50.08 -11.86 35.32
C GLN B 864 50.39 -12.89 34.23
N LEU B 865 49.89 -14.11 34.42
CA LEU B 865 50.17 -15.21 33.52
C LEU B 865 48.98 -15.46 32.59
N GLU B 866 49.28 -16.05 31.43
CA GLU B 866 48.38 -16.19 30.29
C GLU B 866 47.94 -14.85 29.73
N GLU B 867 48.53 -13.74 30.19
CA GLU B 867 48.22 -12.41 29.71
C GLU B 867 49.46 -11.62 29.30
N GLY B 868 50.59 -11.83 29.97
CA GLY B 868 51.78 -11.08 29.65
C GLY B 868 51.74 -9.63 30.04
N ILE B 869 51.02 -9.28 31.11
CA ILE B 869 50.94 -7.92 31.62
C ILE B 869 51.56 -7.89 33.00
N VAL B 870 52.44 -6.92 33.24
CA VAL B 870 53.09 -6.71 34.52
C VAL B 870 52.53 -5.43 35.13
N GLY B 871 51.96 -5.56 36.33
CA GLY B 871 51.34 -4.44 37.00
C GLY B 871 52.28 -3.80 38.00
N LEU B 872 52.37 -2.47 37.94
CA LEU B 872 53.27 -1.68 38.77
C LEU B 872 52.43 -0.89 39.75
N THR B 873 52.82 -0.92 41.03
CA THR B 873 52.12 -0.21 42.08
C THR B 873 53.13 0.59 42.88
N LEU B 874 52.80 1.86 43.15
CA LEU B 874 53.71 2.77 43.83
C LEU B 874 52.91 3.52 44.89
N ASN B 875 53.08 3.15 46.15
CA ASN B 875 52.31 3.73 47.25
C ASN B 875 53.02 4.97 47.75
N LEU B 876 52.46 6.15 47.47
CA LEU B 876 53.13 7.40 47.80
C LEU B 876 53.32 7.55 49.31
N ALA B 877 52.29 7.23 50.09
CA ALA B 877 52.36 7.27 51.55
C ALA B 877 51.00 6.97 52.14
N GLY C 1 -17.38 -5.18 -47.27
CA GLY C 1 -16.11 -5.13 -46.58
C GLY C 1 -16.25 -4.75 -45.12
N LEU C 2 -15.26 -5.10 -44.31
CA LEU C 2 -15.27 -4.81 -42.89
C LEU C 2 -14.20 -3.79 -42.49
N GLU C 3 -13.68 -3.02 -43.44
CA GLU C 3 -12.64 -2.06 -43.11
C GLU C 3 -13.19 -0.76 -42.56
N ALA C 4 -14.45 -0.44 -42.82
CA ALA C 4 -15.07 0.72 -42.19
C ALA C 4 -15.50 0.44 -40.76
N LEU C 5 -15.51 -0.83 -40.34
CA LEU C 5 -15.82 -1.22 -38.98
C LEU C 5 -14.57 -1.45 -38.14
N LEU C 6 -13.62 -2.23 -38.65
CA LEU C 6 -12.42 -2.56 -37.90
C LEU C 6 -11.31 -1.53 -38.07
N ARG C 7 -11.54 -0.50 -38.89
CA ARG C 7 -10.53 0.54 -39.08
C ARG C 7 -11.20 1.83 -39.54
N PRO C 8 -12.12 2.38 -38.75
CA PRO C 8 -12.81 3.60 -39.17
C PRO C 8 -11.90 4.81 -39.12
N LYS C 9 -12.28 5.82 -39.90
CA LYS C 9 -11.61 7.12 -39.88
C LYS C 9 -12.41 8.19 -39.15
N SER C 10 -13.72 8.01 -39.02
CA SER C 10 -14.58 8.97 -38.33
C SER C 10 -15.72 8.20 -37.69
N ILE C 11 -16.25 8.75 -36.59
CA ILE C 11 -17.32 8.12 -35.85
C ILE C 11 -18.33 9.18 -35.43
N ALA C 12 -19.61 8.83 -35.53
CA ALA C 12 -20.71 9.68 -35.07
C ALA C 12 -21.49 8.93 -34.01
N VAL C 13 -21.60 9.54 -32.83
CA VAL C 13 -22.36 8.97 -31.72
C VAL C 13 -23.73 9.63 -31.71
N ILE C 14 -24.77 8.84 -31.93
CA ILE C 14 -26.14 9.32 -32.01
C ILE C 14 -26.83 8.98 -30.70
N GLY C 15 -27.17 10.00 -29.93
CA GLY C 15 -27.65 9.83 -28.58
C GLY C 15 -26.67 10.23 -27.50
N ALA C 16 -25.62 10.98 -27.85
CA ALA C 16 -24.66 11.41 -26.84
C ALA C 16 -25.35 12.29 -25.80
N SER C 17 -25.02 12.05 -24.53
CA SER C 17 -25.72 12.71 -23.44
C SER C 17 -24.72 13.09 -22.35
N MET C 18 -25.13 14.07 -21.54
CA MET C 18 -24.37 14.50 -20.37
C MET C 18 -24.91 13.91 -19.08
N LYS C 19 -25.81 12.93 -19.16
CA LYS C 19 -26.33 12.24 -17.99
C LYS C 19 -25.51 11.00 -17.70
N PRO C 20 -24.87 10.89 -16.53
CA PRO C 20 -24.01 9.72 -16.30
C PRO C 20 -24.72 8.39 -16.32
N ASN C 21 -26.05 8.38 -16.24
CA ASN C 21 -26.83 7.13 -16.23
C ASN C 21 -27.20 6.67 -17.63
N ARG C 22 -26.50 7.14 -18.66
CA ARG C 22 -26.84 6.85 -20.05
C ARG C 22 -25.73 6.08 -20.73
N ALA C 23 -26.11 5.35 -21.78
CA ALA C 23 -25.15 4.66 -22.61
C ALA C 23 -24.38 5.60 -23.52
N GLY C 24 -25.02 6.69 -23.95
CA GLY C 24 -24.29 7.70 -24.72
C GLY C 24 -23.17 8.32 -23.93
N TYR C 25 -23.40 8.61 -22.65
CA TYR C 25 -22.36 9.12 -21.78
C TYR C 25 -21.16 8.17 -21.76
N LEU C 26 -21.42 6.90 -21.49
CA LEU C 26 -20.34 5.92 -21.39
C LEU C 26 -19.63 5.75 -22.73
N MET C 27 -20.37 5.74 -23.82
CA MET C 27 -19.75 5.59 -25.13
C MET C 27 -18.82 6.76 -25.43
N MET C 28 -19.28 7.99 -25.18
CA MET C 28 -18.42 9.15 -25.41
C MET C 28 -17.18 9.11 -24.53
N ARG C 29 -17.35 8.76 -23.26
CA ARG C 29 -16.21 8.73 -22.35
C ARG C 29 -15.21 7.66 -22.74
N ASN C 30 -15.69 6.49 -23.14
CA ASN C 30 -14.78 5.44 -23.60
C ASN C 30 -14.07 5.84 -24.88
N LEU C 31 -14.77 6.50 -25.79
CA LEU C 31 -14.16 6.88 -27.06
C LEU C 31 -13.11 7.96 -26.89
N LEU C 32 -13.31 8.88 -25.95
CA LEU C 32 -12.36 9.97 -25.77
C LEU C 32 -11.16 9.60 -24.91
N ALA C 33 -11.13 8.40 -24.34
CA ALA C 33 -10.02 7.97 -23.48
C ALA C 33 -9.19 6.87 -24.10
N GLY C 34 -9.26 6.69 -25.41
CA GLY C 34 -8.61 5.58 -26.05
C GLY C 34 -7.35 5.92 -26.81
N GLY C 35 -7.34 7.06 -27.49
CA GLY C 35 -6.23 7.42 -28.36
C GLY C 35 -6.59 7.35 -29.82
N PHE C 36 -7.85 7.64 -30.14
CA PHE C 36 -8.33 7.64 -31.51
C PHE C 36 -7.74 8.83 -32.28
N ASN C 37 -7.56 8.64 -33.58
CA ASN C 37 -6.89 9.62 -34.43
C ASN C 37 -7.84 10.30 -35.41
N GLY C 38 -9.14 10.27 -35.13
CA GLY C 38 -10.10 10.94 -35.98
C GLY C 38 -11.10 11.72 -35.15
N PRO C 39 -12.05 12.38 -35.82
CA PRO C 39 -13.06 13.13 -35.09
C PRO C 39 -14.15 12.24 -34.50
N VAL C 40 -14.62 12.63 -33.32
CA VAL C 40 -15.78 12.03 -32.68
C VAL C 40 -16.88 13.08 -32.70
N LEU C 41 -18.00 12.76 -33.32
CA LEU C 41 -19.06 13.73 -33.58
C LEU C 41 -20.32 13.40 -32.79
N PRO C 42 -20.65 14.15 -31.73
CA PRO C 42 -21.91 13.90 -31.02
C PRO C 42 -23.09 14.58 -31.70
N VAL C 43 -24.20 13.85 -31.79
CA VAL C 43 -25.40 14.34 -32.47
C VAL C 43 -26.53 14.33 -31.46
N THR C 44 -27.03 15.52 -31.12
CA THR C 44 -28.14 15.68 -30.20
C THR C 44 -28.61 17.12 -30.19
N PRO C 45 -29.92 17.38 -30.07
CA PRO C 45 -30.40 18.74 -29.87
C PRO C 45 -30.63 19.15 -28.42
N ALA C 46 -30.33 18.28 -27.46
CA ALA C 46 -30.58 18.56 -26.05
C ALA C 46 -29.39 19.16 -25.32
N TRP C 47 -28.27 19.37 -26.01
CA TRP C 47 -27.11 20.01 -25.40
C TRP C 47 -26.39 20.79 -26.49
N LYS C 48 -25.54 21.73 -26.06
CA LYS C 48 -24.68 22.45 -26.99
C LYS C 48 -23.28 21.85 -27.08
N ALA C 49 -22.88 21.06 -26.09
CA ALA C 49 -21.61 20.36 -26.11
C ALA C 49 -21.68 19.22 -25.10
N VAL C 50 -21.01 18.12 -25.41
CA VAL C 50 -20.98 16.95 -24.54
C VAL C 50 -19.53 16.70 -24.17
N LEU C 51 -19.23 16.82 -22.87
CA LEU C 51 -17.88 16.59 -22.34
C LEU C 51 -16.84 17.47 -23.05
N GLY C 52 -17.26 18.66 -23.46
CA GLY C 52 -16.36 19.62 -24.05
C GLY C 52 -16.27 19.61 -25.56
N VAL C 53 -17.15 18.91 -26.25
CA VAL C 53 -17.12 18.81 -27.71
C VAL C 53 -18.43 19.36 -28.26
N LEU C 54 -18.33 20.26 -29.22
CA LEU C 54 -19.50 20.86 -29.85
C LEU C 54 -20.37 19.80 -30.50
N ALA C 55 -21.68 19.91 -30.30
CA ALA C 55 -22.65 18.94 -30.77
C ALA C 55 -23.44 19.49 -31.94
N TRP C 56 -24.06 18.58 -32.69
CA TRP C 56 -24.91 18.90 -33.83
C TRP C 56 -26.34 18.42 -33.58
N PRO C 57 -27.34 19.14 -34.10
CA PRO C 57 -28.72 18.75 -33.78
C PRO C 57 -29.20 17.49 -34.48
N ASP C 58 -28.90 17.32 -35.76
CA ASP C 58 -29.48 16.21 -36.53
C ASP C 58 -28.44 15.63 -37.48
N ILE C 59 -28.80 14.50 -38.10
CA ILE C 59 -27.89 13.81 -39.00
C ILE C 59 -27.64 14.64 -40.25
N ALA C 60 -28.65 15.37 -40.72
CA ALA C 60 -28.51 16.14 -41.95
C ALA C 60 -27.58 17.33 -41.78
N SER C 61 -27.36 17.79 -40.55
CA SER C 61 -26.51 18.95 -40.29
C SER C 61 -25.05 18.58 -40.10
N LEU C 62 -24.70 17.30 -40.20
CA LEU C 62 -23.30 16.91 -40.05
C LEU C 62 -22.47 17.52 -41.17
N PRO C 63 -21.28 18.04 -40.89
CA PRO C 63 -20.48 18.65 -41.96
C PRO C 63 -20.09 17.69 -43.06
N PHE C 64 -19.85 16.41 -42.76
CA PHE C 64 -19.49 15.44 -43.78
C PHE C 64 -20.09 14.10 -43.41
N THR C 65 -19.85 13.09 -44.26
CA THR C 65 -20.38 11.75 -44.04
C THR C 65 -19.42 10.93 -43.18
N PRO C 66 -19.89 10.28 -42.12
CA PRO C 66 -18.98 9.48 -41.29
C PRO C 66 -18.77 8.07 -41.83
N ASP C 67 -17.79 7.39 -41.26
CA ASP C 67 -17.51 5.99 -41.56
C ASP C 67 -18.33 5.04 -40.70
N LEU C 68 -18.44 5.33 -39.40
CA LEU C 68 -19.07 4.46 -38.43
C LEU C 68 -20.07 5.26 -37.63
N ALA C 69 -21.20 4.63 -37.29
CA ALA C 69 -22.21 5.26 -36.46
C ALA C 69 -22.63 4.28 -35.37
N VAL C 70 -22.83 4.81 -34.17
CA VAL C 70 -23.27 4.02 -33.02
C VAL C 70 -24.57 4.62 -32.52
N LEU C 71 -25.59 3.78 -32.37
CA LEU C 71 -26.93 4.23 -31.99
C LEU C 71 -27.13 3.94 -30.51
N CYS C 72 -27.06 5.00 -29.70
CA CYS C 72 -27.28 4.91 -28.26
C CYS C 72 -28.66 5.39 -27.86
N THR C 73 -29.51 5.74 -28.83
CA THR C 73 -30.87 6.18 -28.54
C THR C 73 -31.74 4.95 -28.27
N ASN C 74 -33.05 5.14 -28.20
CA ASN C 74 -33.96 4.05 -27.90
C ASN C 74 -34.31 3.26 -29.15
N ALA C 75 -34.97 2.12 -28.94
CA ALA C 75 -35.31 1.23 -30.05
C ALA C 75 -36.43 1.81 -30.90
N SER C 76 -37.35 2.55 -30.29
CA SER C 76 -38.51 3.04 -31.03
C SER C 76 -38.10 3.87 -32.25
N ARG C 77 -36.97 4.57 -32.15
CA ARG C 77 -36.52 5.44 -33.23
C ARG C 77 -35.68 4.71 -34.27
N ASN C 78 -35.27 3.47 -33.99
CA ASN C 78 -34.31 2.77 -34.84
C ASN C 78 -34.62 2.93 -36.32
N LEU C 79 -35.79 2.44 -36.73
CA LEU C 79 -36.09 2.37 -38.16
C LEU C 79 -35.99 3.73 -38.82
N ALA C 80 -36.35 4.80 -38.11
CA ALA C 80 -36.23 6.13 -38.71
C ALA C 80 -34.76 6.51 -38.87
N LEU C 81 -33.99 6.38 -37.80
CA LEU C 81 -32.62 6.87 -37.82
C LEU C 81 -31.81 6.19 -38.90
N LEU C 82 -31.93 4.86 -39.01
CA LEU C 82 -31.22 4.14 -40.06
C LEU C 82 -31.49 4.78 -41.41
N GLU C 83 -32.75 5.07 -41.72
CA GLU C 83 -33.08 5.63 -43.02
C GLU C 83 -32.29 6.91 -43.25
N GLU C 84 -32.25 7.79 -42.26
CA GLU C 84 -31.50 9.03 -42.40
C GLU C 84 -30.05 8.74 -42.75
N LEU C 85 -29.44 7.80 -42.03
CA LEU C 85 -28.06 7.45 -42.32
C LEU C 85 -27.92 6.99 -43.76
N GLY C 86 -28.87 6.18 -44.24
CA GLY C 86 -28.81 5.74 -45.62
C GLY C 86 -28.79 6.91 -46.59
N GLU C 87 -29.58 7.95 -46.30
CA GLU C 87 -29.55 9.13 -47.15
C GLU C 87 -28.19 9.82 -47.09
N LYS C 88 -27.60 9.92 -45.90
CA LYS C 88 -26.30 10.56 -45.77
C LYS C 88 -25.22 9.77 -46.50
N GLY C 89 -25.24 8.45 -46.37
CA GLY C 89 -24.32 7.60 -47.10
C GLY C 89 -23.28 6.91 -46.24
N CYS C 90 -23.63 6.58 -44.99
CA CYS C 90 -22.68 5.90 -44.14
C CYS C 90 -22.66 4.40 -44.47
N LYS C 91 -21.61 3.73 -43.99
CA LYS C 91 -21.34 2.34 -44.37
C LYS C 91 -21.71 1.31 -43.32
N THR C 92 -21.39 1.55 -42.05
CA THR C 92 -21.65 0.59 -40.99
C THR C 92 -22.30 1.28 -39.81
N CYS C 93 -23.08 0.52 -39.04
CA CYS C 93 -23.71 1.03 -37.83
C CYS C 93 -23.74 -0.07 -36.77
N ILE C 94 -23.51 0.33 -35.52
CA ILE C 94 -23.62 -0.56 -34.36
C ILE C 94 -24.90 -0.20 -33.63
N ILE C 95 -25.73 -1.21 -33.35
CA ILE C 95 -27.02 -1.02 -32.71
C ILE C 95 -26.96 -1.58 -31.30
N LEU C 96 -27.50 -0.83 -30.35
CA LEU C 96 -27.40 -1.20 -28.94
C LEU C 96 -28.44 -2.24 -28.55
N SER C 97 -29.71 -2.01 -28.89
CA SER C 97 -30.78 -2.88 -28.42
C SER C 97 -31.91 -2.90 -29.45
N ALA C 98 -32.65 -3.99 -29.45
CA ALA C 98 -33.83 -4.16 -30.30
C ALA C 98 -34.87 -4.94 -29.53
N PRO C 99 -36.15 -4.79 -29.89
CA PRO C 99 -37.22 -5.46 -29.15
C PRO C 99 -37.53 -6.86 -29.66
N ALA C 100 -36.60 -7.48 -30.37
CA ALA C 100 -36.68 -8.84 -30.90
C ALA C 100 -37.54 -8.92 -32.16
N SER C 101 -38.12 -7.82 -32.62
CA SER C 101 -38.84 -7.76 -33.88
C SER C 101 -38.19 -6.71 -34.77
N GLN C 102 -38.86 -6.39 -35.87
CA GLN C 102 -38.33 -5.48 -36.88
C GLN C 102 -36.96 -5.90 -37.38
N HIS C 103 -36.56 -7.15 -37.15
CA HIS C 103 -35.34 -7.65 -37.77
C HIS C 103 -35.47 -7.61 -39.28
N GLU C 104 -36.64 -7.99 -39.81
CA GLU C 104 -36.83 -8.02 -41.25
C GLU C 104 -36.71 -6.62 -41.85
N ASP C 105 -37.31 -5.62 -41.20
CA ASP C 105 -37.22 -4.26 -41.72
C ASP C 105 -35.80 -3.73 -41.64
N LEU C 106 -35.07 -4.08 -40.58
CA LEU C 106 -33.67 -3.69 -40.48
C LEU C 106 -32.85 -4.29 -41.62
N ARG C 107 -33.06 -5.58 -41.91
CA ARG C 107 -32.35 -6.19 -43.02
C ARG C 107 -32.72 -5.55 -44.35
N ALA C 108 -34.01 -5.26 -44.54
CA ALA C 108 -34.44 -4.65 -45.80
C ALA C 108 -33.78 -3.29 -45.98
N CYS C 109 -33.77 -2.47 -44.93
CA CYS C 109 -33.16 -1.15 -45.01
C CYS C 109 -31.67 -1.26 -45.31
N ALA C 110 -30.98 -2.14 -44.58
CA ALA C 110 -29.54 -2.29 -44.78
C ALA C 110 -29.21 -2.74 -46.20
N LEU C 111 -29.94 -3.72 -46.71
CA LEU C 111 -29.71 -4.19 -48.07
C LEU C 111 -30.03 -3.11 -49.09
N ARG C 112 -31.10 -2.34 -48.85
CA ARG C 112 -31.48 -1.27 -49.77
C ARG C 112 -30.40 -0.22 -49.86
N HIS C 113 -29.79 0.14 -48.73
CA HIS C 113 -28.78 1.20 -48.71
C HIS C 113 -27.36 0.67 -48.74
N ASN C 114 -27.17 -0.64 -48.84
CA ASN C 114 -25.83 -1.25 -48.85
C ASN C 114 -25.05 -0.87 -47.59
N MET C 115 -25.58 -1.32 -46.45
CA MET C 115 -25.01 -1.03 -45.15
C MET C 115 -24.85 -2.33 -44.37
N ARG C 116 -23.88 -2.34 -43.47
CA ARG C 116 -23.56 -3.50 -42.66
C ARG C 116 -23.84 -3.18 -41.19
N LEU C 117 -24.46 -4.12 -40.49
CA LEU C 117 -24.88 -3.93 -39.12
C LEU C 117 -24.12 -4.86 -38.19
N LEU C 118 -23.69 -4.33 -37.05
CA LEU C 118 -23.21 -5.16 -35.96
C LEU C 118 -24.38 -5.49 -35.03
N GLY C 119 -24.62 -6.79 -34.85
CA GLY C 119 -25.86 -7.30 -34.32
C GLY C 119 -26.39 -6.52 -33.13
N PRO C 120 -27.70 -6.30 -33.07
CA PRO C 120 -28.27 -5.63 -31.90
C PRO C 120 -28.03 -6.44 -30.63
N ASN C 121 -28.00 -5.73 -29.51
CA ASN C 121 -27.68 -6.33 -28.21
C ASN C 121 -26.21 -6.74 -28.16
N SER C 122 -25.36 -5.91 -28.76
CA SER C 122 -23.92 -6.15 -28.82
C SER C 122 -23.22 -5.20 -27.87
N LEU C 123 -22.23 -5.72 -27.14
CA LEU C 123 -21.50 -4.89 -26.18
C LEU C 123 -20.58 -3.90 -26.88
N GLY C 124 -20.03 -4.27 -28.03
CA GLY C 124 -19.23 -3.35 -28.81
C GLY C 124 -17.95 -3.92 -29.38
N LEU C 125 -16.97 -3.06 -29.61
CA LEU C 125 -15.73 -3.43 -30.28
C LEU C 125 -14.56 -2.71 -29.63
N LEU C 126 -13.45 -3.45 -29.48
CA LEU C 126 -12.22 -2.93 -28.90
C LEU C 126 -11.06 -3.28 -29.83
N ALA C 127 -10.35 -2.26 -30.29
CA ALA C 127 -9.17 -2.43 -31.14
C ALA C 127 -8.04 -1.62 -30.51
N PRO C 128 -7.28 -2.22 -29.59
CA PRO C 128 -6.22 -1.46 -28.90
C PRO C 128 -5.14 -0.94 -29.82
N TRP C 129 -4.81 -1.64 -30.90
CA TRP C 129 -3.74 -1.20 -31.78
C TRP C 129 -4.12 0.02 -32.60
N GLN C 130 -5.40 0.38 -32.65
CA GLN C 130 -5.85 1.64 -33.22
C GLN C 130 -6.30 2.64 -32.17
N GLY C 131 -6.26 2.26 -30.89
CA GLY C 131 -6.80 3.10 -29.85
C GLY C 131 -8.30 3.28 -29.95
N LEU C 132 -9.02 2.21 -30.27
CA LEU C 132 -10.46 2.27 -30.46
C LEU C 132 -11.16 1.49 -29.36
N ASN C 133 -12.14 2.13 -28.71
CA ASN C 133 -12.87 1.56 -27.58
C ASN C 133 -14.36 1.79 -27.74
N ALA C 134 -14.92 1.39 -28.89
CA ALA C 134 -16.33 1.64 -29.17
C ALA C 134 -17.17 0.56 -28.48
N SER C 135 -17.25 0.68 -27.15
CA SER C 135 -17.85 -0.37 -26.33
C SER C 135 -18.62 0.26 -25.17
N PHE C 136 -19.35 -0.59 -24.46
CA PHE C 136 -20.13 -0.19 -23.29
C PHE C 136 -19.60 -0.80 -22.00
N SER C 137 -18.41 -1.39 -22.01
CA SER C 137 -17.92 -2.11 -20.85
C SER C 137 -17.28 -1.16 -19.84
N PRO C 138 -17.25 -1.54 -18.57
CA PRO C 138 -16.68 -0.68 -17.53
C PRO C 138 -15.22 -0.95 -17.15
N VAL C 139 -14.52 -1.85 -17.84
CA VAL C 139 -13.16 -2.20 -17.43
C VAL C 139 -12.21 -2.03 -18.62
N PRO C 140 -10.96 -1.65 -18.38
CA PRO C 140 -10.05 -1.37 -19.50
C PRO C 140 -9.38 -2.64 -20.02
N ILE C 141 -8.68 -2.48 -21.15
CA ILE C 141 -7.92 -3.56 -21.76
C ILE C 141 -6.62 -3.00 -22.31
N LYS C 142 -5.70 -3.91 -22.62
CA LYS C 142 -4.33 -3.60 -23.02
C LYS C 142 -4.03 -4.21 -24.39
N ARG C 143 -2.92 -3.79 -24.96
CA ARG C 143 -2.45 -4.36 -26.22
C ARG C 143 -1.94 -5.78 -26.01
N GLY C 144 -2.03 -6.59 -27.07
CA GLY C 144 -1.62 -7.98 -26.97
C GLY C 144 -1.66 -8.73 -28.29
N LYS C 145 -1.93 -10.04 -28.24
CA LYS C 145 -1.92 -10.86 -29.43
C LYS C 145 -3.04 -11.88 -29.48
N LEU C 146 -4.06 -11.78 -28.62
CA LEU C 146 -5.12 -12.76 -28.53
C LEU C 146 -6.44 -12.14 -28.94
N ALA C 147 -7.12 -12.76 -29.90
CA ALA C 147 -8.41 -12.28 -30.39
C ALA C 147 -9.53 -13.12 -29.79
N PHE C 148 -10.62 -12.45 -29.41
CA PHE C 148 -11.75 -13.12 -28.78
C PHE C 148 -13.04 -12.74 -29.49
N ILE C 149 -13.91 -13.73 -29.68
CA ILE C 149 -15.23 -13.55 -30.26
C ILE C 149 -16.25 -14.15 -29.30
N SER C 150 -17.32 -13.42 -29.03
CA SER C 150 -18.36 -13.84 -28.11
C SER C 150 -19.72 -13.62 -28.76
N GLN C 151 -20.74 -14.30 -28.22
CA GLN C 151 -22.06 -14.33 -28.85
C GLN C 151 -23.12 -13.54 -28.09
N SER C 152 -23.22 -13.69 -26.77
CA SER C 152 -24.29 -13.06 -26.00
C SER C 152 -23.74 -11.89 -25.21
N ALA C 153 -24.57 -10.84 -25.08
CA ALA C 153 -24.17 -9.66 -24.32
C ALA C 153 -23.92 -10.02 -22.85
N ALA C 154 -24.78 -10.85 -22.27
CA ALA C 154 -24.51 -11.37 -20.94
C ALA C 154 -23.21 -12.17 -20.94
N VAL C 155 -23.04 -13.04 -21.93
CA VAL C 155 -21.80 -13.79 -22.07
C VAL C 155 -20.64 -12.83 -22.33
N SER C 156 -20.86 -11.84 -23.18
CA SER C 156 -19.79 -10.90 -23.50
C SER C 156 -19.30 -10.18 -22.25
N ASN C 157 -20.23 -9.70 -21.43
CA ASN C 157 -19.85 -9.00 -20.21
C ASN C 157 -19.20 -9.94 -19.21
N THR C 158 -19.72 -11.15 -19.06
CA THR C 158 -19.10 -12.10 -18.15
C THR C 158 -17.68 -12.43 -18.59
N ILE C 159 -17.47 -12.62 -19.89
CA ILE C 159 -16.14 -12.98 -20.36
C ILE C 159 -15.19 -11.79 -20.27
N LEU C 160 -15.65 -10.59 -20.60
CA LEU C 160 -14.76 -9.44 -20.51
C LEU C 160 -14.42 -9.15 -19.06
N ASP C 161 -15.39 -9.33 -18.15
CA ASP C 161 -15.06 -9.43 -16.74
C ASP C 161 -13.89 -10.37 -16.53
N TRP C 162 -14.14 -11.66 -16.74
CA TRP C 162 -13.14 -12.66 -16.41
C TRP C 162 -11.81 -12.34 -17.05
N ALA C 163 -11.82 -11.66 -18.20
CA ALA C 163 -10.59 -11.30 -18.88
C ALA C 163 -9.87 -10.16 -18.16
N GLN C 164 -10.51 -8.99 -18.06
CA GLN C 164 -9.84 -7.86 -17.42
C GLN C 164 -9.44 -8.19 -15.99
N GLN C 165 -10.31 -8.84 -15.24
CA GLN C 165 -9.90 -9.34 -13.94
C GLN C 165 -8.80 -10.39 -14.08
N ARG C 166 -8.70 -11.06 -15.23
CA ARG C 166 -7.53 -11.86 -15.57
C ARG C 166 -6.41 -11.03 -16.20
N LYS C 167 -6.71 -9.78 -16.58
CA LYS C 167 -5.79 -8.73 -17.01
C LYS C 167 -5.28 -8.94 -18.43
N MET C 168 -5.56 -10.06 -19.08
CA MET C 168 -4.76 -10.44 -20.24
C MET C 168 -4.95 -9.46 -21.39
N GLY C 169 -3.86 -9.19 -22.12
CA GLY C 169 -3.94 -8.33 -23.27
C GLY C 169 -4.68 -8.98 -24.42
N PHE C 170 -5.15 -8.14 -25.35
CA PHE C 170 -5.97 -8.59 -26.46
C PHE C 170 -5.57 -7.86 -27.74
N SER C 171 -5.89 -8.50 -28.86
CA SER C 171 -5.74 -7.91 -30.19
C SER C 171 -7.05 -7.37 -30.72
N TYR C 172 -8.11 -8.18 -30.65
CA TYR C 172 -9.46 -7.76 -31.02
C TYR C 172 -10.43 -8.30 -29.99
N PHE C 173 -11.58 -7.65 -29.89
CA PHE C 173 -12.64 -8.09 -28.98
C PHE C 173 -13.97 -7.68 -29.61
N ILE C 174 -14.63 -8.63 -30.25
CA ILE C 174 -15.89 -8.39 -30.95
C ILE C 174 -16.99 -9.16 -30.24
N ALA C 175 -18.10 -8.49 -29.97
CA ALA C 175 -19.26 -9.09 -29.32
C ALA C 175 -20.43 -9.03 -30.29
N LEU C 176 -20.76 -10.18 -30.88
CA LEU C 176 -21.89 -10.24 -31.80
C LEU C 176 -23.20 -10.21 -31.01
N GLY C 177 -24.30 -10.08 -31.73
CA GLY C 177 -25.61 -10.09 -31.13
C GLY C 177 -26.47 -11.20 -31.72
N ASP C 178 -27.57 -10.80 -32.36
CA ASP C 178 -28.38 -11.74 -33.10
C ASP C 178 -27.72 -12.21 -34.38
N SER C 179 -26.54 -11.69 -34.71
CA SER C 179 -25.80 -12.09 -35.91
C SER C 179 -26.68 -11.95 -37.15
N LEU C 180 -27.43 -10.86 -37.20
CA LEU C 180 -28.38 -10.66 -38.28
C LEU C 180 -27.69 -10.47 -39.62
N ASP C 181 -26.57 -9.75 -39.63
CA ASP C 181 -25.88 -9.43 -40.89
C ASP C 181 -24.43 -9.88 -40.91
N ILE C 182 -23.71 -9.77 -39.79
CA ILE C 182 -22.32 -10.14 -39.70
C ILE C 182 -22.21 -11.35 -38.78
N ASP C 183 -21.52 -12.39 -39.26
CA ASP C 183 -21.47 -13.69 -38.60
C ASP C 183 -20.01 -14.11 -38.36
N VAL C 184 -19.85 -15.30 -37.81
CA VAL C 184 -18.52 -15.77 -37.40
C VAL C 184 -17.66 -16.09 -38.63
N ASP C 185 -18.27 -16.71 -39.64
CA ASP C 185 -17.49 -17.13 -40.80
C ASP C 185 -16.79 -15.96 -41.46
N GLU C 186 -17.49 -14.83 -41.59
CA GLU C 186 -16.89 -13.65 -42.22
C GLU C 186 -15.71 -13.13 -41.40
N LEU C 187 -15.85 -13.12 -40.07
CA LEU C 187 -14.78 -12.61 -39.22
C LEU C 187 -13.56 -13.51 -39.23
N LEU C 188 -13.77 -14.82 -39.41
CA LEU C 188 -12.65 -15.76 -39.30
C LEU C 188 -11.59 -15.48 -40.35
N ASP C 189 -12.01 -15.17 -41.59
CA ASP C 189 -11.03 -14.89 -42.64
C ASP C 189 -10.18 -13.68 -42.29
N TYR C 190 -10.82 -12.58 -41.94
CA TYR C 190 -10.09 -11.37 -41.59
C TYR C 190 -9.12 -11.63 -40.45
N LEU C 191 -9.58 -12.37 -39.42
CA LEU C 191 -8.70 -12.64 -38.28
C LEU C 191 -7.53 -13.52 -38.70
N ALA C 192 -7.77 -14.51 -39.56
CA ALA C 192 -6.68 -15.37 -40.01
C ALA C 192 -5.61 -14.57 -40.73
N ARG C 193 -6.02 -13.66 -41.62
CA ARG C 193 -5.05 -12.85 -42.35
C ARG C 193 -4.33 -11.84 -41.46
N ASP C 194 -4.89 -11.50 -40.31
CA ASP C 194 -4.31 -10.46 -39.47
C ASP C 194 -2.95 -10.90 -38.92
N SER C 195 -2.08 -9.91 -38.70
CA SER C 195 -0.72 -10.17 -38.26
C SER C 195 -0.52 -9.99 -36.77
N LYS C 196 -1.30 -9.12 -36.12
CA LYS C 196 -1.19 -8.95 -34.68
C LYS C 196 -1.87 -10.08 -33.90
N THR C 197 -2.69 -10.89 -34.56
CA THR C 197 -3.34 -12.00 -33.90
C THR C 197 -2.45 -13.24 -33.92
N SER C 198 -2.39 -13.92 -32.78
CA SER C 198 -1.60 -15.14 -32.64
C SER C 198 -2.45 -16.37 -32.30
N ALA C 199 -3.59 -16.18 -31.64
CA ALA C 199 -4.52 -17.27 -31.39
C ALA C 199 -5.92 -16.70 -31.36
N ILE C 200 -6.91 -17.57 -31.53
CA ILE C 200 -8.30 -17.16 -31.59
C ILE C 200 -9.08 -17.97 -30.55
N LEU C 201 -9.99 -17.29 -29.87
CA LEU C 201 -10.85 -17.90 -28.86
C LEU C 201 -12.30 -17.61 -29.20
N LEU C 202 -13.15 -18.63 -29.02
CA LEU C 202 -14.55 -18.54 -29.37
C LEU C 202 -15.41 -18.91 -28.16
N TYR C 203 -16.62 -18.38 -28.15
CA TYR C 203 -17.64 -18.76 -27.18
C TYR C 203 -18.96 -18.81 -27.95
N LEU C 204 -19.45 -20.03 -28.20
CA LEU C 204 -20.61 -20.24 -29.05
C LEU C 204 -21.79 -20.72 -28.23
N GLU C 205 -22.98 -20.33 -28.67
CA GLU C 205 -24.22 -20.69 -27.99
C GLU C 205 -25.23 -21.27 -29.00
N GLN C 206 -25.14 -20.82 -30.24
CA GLN C 206 -26.00 -21.32 -31.30
C GLN C 206 -25.41 -20.91 -32.64
N LEU C 207 -25.82 -21.60 -33.70
CA LEU C 207 -25.34 -21.30 -35.04
C LEU C 207 -26.51 -21.29 -36.01
N SER C 208 -26.34 -20.53 -37.10
CA SER C 208 -27.33 -20.48 -38.17
C SER C 208 -27.12 -21.61 -39.16
N ASP C 209 -25.95 -21.64 -39.80
CA ASP C 209 -25.57 -22.72 -40.70
C ASP C 209 -24.16 -23.16 -40.36
N ALA C 210 -23.99 -24.47 -40.13
CA ALA C 210 -22.69 -25.00 -39.76
C ALA C 210 -21.79 -25.28 -40.96
N ARG C 211 -22.34 -25.31 -42.17
CA ARG C 211 -21.51 -25.59 -43.33
C ARG C 211 -20.42 -24.54 -43.51
N ARG C 212 -20.83 -23.26 -43.56
CA ARG C 212 -19.84 -22.21 -43.73
C ARG C 212 -18.93 -22.10 -42.53
N PHE C 213 -19.46 -22.37 -41.32
CA PHE C 213 -18.61 -22.33 -40.14
C PHE C 213 -17.48 -23.35 -40.26
N VAL C 214 -17.81 -24.59 -40.60
CA VAL C 214 -16.79 -25.62 -40.74
C VAL C 214 -15.83 -25.25 -41.86
N SER C 215 -16.35 -24.76 -42.98
CA SER C 215 -15.48 -24.42 -44.10
C SER C 215 -14.46 -23.35 -43.71
N ALA C 216 -14.93 -22.24 -43.15
CA ALA C 216 -14.03 -21.15 -42.81
C ALA C 216 -13.07 -21.54 -41.69
N ALA C 217 -13.56 -22.27 -40.67
CA ALA C 217 -12.67 -22.71 -39.61
C ALA C 217 -11.58 -23.62 -40.14
N ARG C 218 -11.95 -24.54 -41.04
CA ARG C 218 -10.95 -25.39 -41.67
C ARG C 218 -9.93 -24.55 -42.41
N SER C 219 -10.38 -23.53 -43.13
CA SER C 219 -9.44 -22.70 -43.89
C SER C 219 -8.47 -21.96 -42.96
N ALA C 220 -8.96 -21.46 -41.83
CA ALA C 220 -8.17 -20.60 -40.97
C ALA C 220 -7.39 -21.33 -39.90
N SER C 221 -7.57 -22.65 -39.76
CA SER C 221 -6.96 -23.39 -38.67
C SER C 221 -5.51 -23.74 -38.90
N ARG C 222 -5.00 -23.62 -40.11
CA ARG C 222 -3.62 -23.96 -40.39
C ARG C 222 -2.66 -22.82 -40.15
N ASN C 223 -3.18 -21.63 -39.81
CA ASN C 223 -2.33 -20.49 -39.49
C ASN C 223 -2.02 -20.41 -38.00
N LYS C 224 -3.05 -20.45 -37.17
CA LYS C 224 -2.90 -20.25 -35.74
C LYS C 224 -3.78 -21.25 -35.02
N PRO C 225 -3.51 -21.52 -33.74
CA PRO C 225 -4.42 -22.37 -32.96
C PRO C 225 -5.75 -21.68 -32.72
N ILE C 226 -6.80 -22.50 -32.61
CA ILE C 226 -8.16 -22.02 -32.36
C ILE C 226 -8.81 -22.92 -31.33
N LEU C 227 -9.51 -22.32 -30.37
CA LEU C 227 -10.14 -23.05 -29.28
C LEU C 227 -11.59 -22.60 -29.15
N VAL C 228 -12.43 -23.50 -28.63
CA VAL C 228 -13.86 -23.27 -28.52
C VAL C 228 -14.32 -23.64 -27.12
N ILE C 229 -15.49 -23.13 -26.76
CA ILE C 229 -16.23 -23.58 -25.59
C ILE C 229 -17.71 -23.39 -25.87
N LYS C 230 -18.51 -24.41 -25.54
CA LYS C 230 -19.94 -24.41 -25.76
C LYS C 230 -20.64 -24.79 -24.46
N SER C 231 -21.90 -24.36 -24.33
CA SER C 231 -22.60 -24.43 -23.05
C SER C 231 -24.02 -25.00 -23.11
N GLY C 232 -24.52 -25.36 -24.28
CA GLY C 232 -25.87 -25.91 -24.39
C GLY C 232 -25.93 -27.42 -24.24
N ARG C 233 -25.77 -27.92 -23.00
CA ARG C 233 -25.65 -29.36 -22.78
C ARG C 233 -26.72 -29.95 -21.87
N SER C 234 -27.39 -29.16 -21.05
CA SER C 234 -28.40 -29.69 -20.14
C SER C 234 -29.74 -29.02 -20.39
N PRO C 235 -30.85 -29.72 -20.09
CA PRO C 235 -32.17 -29.18 -20.46
C PRO C 235 -32.49 -27.83 -19.82
N ALA C 236 -32.11 -27.62 -18.56
CA ALA C 236 -32.35 -26.33 -17.93
C ALA C 236 -31.56 -25.23 -18.61
N ALA C 237 -30.29 -25.50 -18.93
CA ALA C 237 -29.49 -24.52 -19.67
C ALA C 237 -30.07 -24.30 -21.06
N GLN C 238 -30.60 -25.36 -21.68
CA GLN C 238 -31.24 -25.21 -22.97
C GLN C 238 -32.44 -24.27 -22.88
N ARG C 239 -33.26 -24.41 -21.84
CA ARG C 239 -34.47 -23.62 -21.74
C ARG C 239 -34.16 -22.18 -21.34
N LEU C 240 -33.13 -21.95 -20.52
CA LEU C 240 -32.82 -20.59 -20.11
C LEU C 240 -32.18 -19.79 -21.24
N LEU C 241 -31.42 -20.44 -22.12
CA LEU C 241 -30.78 -19.76 -23.24
C LEU C 241 -31.60 -19.83 -24.53
N ASN C 242 -32.70 -20.57 -24.54
CA ASN C 242 -33.59 -20.67 -25.70
C ASN C 242 -32.84 -21.19 -26.93
N THR C 243 -32.39 -22.44 -26.83
CA THR C 243 -31.69 -23.10 -27.92
C THR C 243 -32.19 -24.53 -28.07
N THR C 244 -32.02 -25.09 -29.26
CA THR C 244 -32.41 -26.46 -29.53
C THR C 244 -31.43 -27.43 -28.88
N ALA C 245 -31.89 -28.66 -28.66
CA ALA C 245 -31.21 -29.58 -27.74
C ALA C 245 -30.34 -30.63 -28.43
N GLY C 246 -30.91 -31.47 -29.28
CA GLY C 246 -30.31 -32.77 -29.56
C GLY C 246 -29.29 -32.87 -30.69
N MET C 247 -28.16 -32.19 -30.56
CA MET C 247 -27.07 -32.35 -31.51
C MET C 247 -25.68 -32.31 -30.86
N ASP C 248 -25.55 -32.67 -29.59
CA ASP C 248 -24.28 -32.47 -28.91
C ASP C 248 -23.14 -33.28 -29.52
N PRO C 249 -23.25 -34.59 -29.70
CA PRO C 249 -22.14 -35.33 -30.32
C PRO C 249 -21.81 -34.88 -31.72
N ALA C 250 -22.80 -34.38 -32.47
CA ALA C 250 -22.51 -33.81 -33.77
C ALA C 250 -21.56 -32.62 -33.66
N TRP C 251 -21.67 -31.84 -32.58
CA TRP C 251 -20.77 -30.72 -32.39
C TRP C 251 -19.33 -31.21 -32.17
N ASP C 252 -19.16 -32.28 -31.40
CA ASP C 252 -17.84 -32.86 -31.24
C ASP C 252 -17.30 -33.33 -32.60
N ALA C 253 -18.14 -33.98 -33.39
CA ALA C 253 -17.70 -34.45 -34.70
C ALA C 253 -17.23 -33.29 -35.57
N ALA C 254 -18.03 -32.22 -35.63
CA ALA C 254 -17.66 -31.08 -36.47
C ALA C 254 -16.39 -30.40 -35.98
N ILE C 255 -16.26 -30.25 -34.65
CA ILE C 255 -15.06 -29.62 -34.10
C ILE C 255 -13.83 -30.44 -34.44
N GLN C 256 -13.93 -31.76 -34.32
CA GLN C 256 -12.80 -32.61 -34.73
C GLN C 256 -12.49 -32.44 -36.21
N ARG C 257 -13.52 -32.40 -37.05
CA ARG C 257 -13.29 -32.30 -38.49
C ARG C 257 -12.58 -31.00 -38.85
N ALA C 258 -12.96 -29.89 -38.21
CA ALA C 258 -12.37 -28.61 -38.56
C ALA C 258 -10.96 -28.43 -38.02
N GLY C 259 -10.50 -29.30 -37.12
CA GLY C 259 -9.17 -29.19 -36.57
C GLY C 259 -9.05 -28.32 -35.34
N LEU C 260 -10.15 -28.06 -34.64
CA LEU C 260 -10.17 -27.19 -33.48
C LEU C 260 -10.12 -28.01 -32.19
N LEU C 261 -10.11 -27.30 -31.06
CA LEU C 261 -10.03 -27.92 -29.75
C LEU C 261 -11.18 -27.41 -28.88
N ARG C 262 -11.64 -28.26 -27.97
CA ARG C 262 -12.75 -27.96 -27.09
C ARG C 262 -12.31 -28.00 -25.64
N VAL C 263 -12.82 -27.07 -24.83
CA VAL C 263 -12.57 -27.05 -23.39
C VAL C 263 -13.91 -27.15 -22.67
N GLN C 264 -13.87 -27.65 -21.44
CA GLN C 264 -15.08 -28.00 -20.71
C GLN C 264 -15.67 -26.80 -19.97
N ASP C 265 -14.93 -26.23 -19.04
CA ASP C 265 -15.43 -25.21 -18.12
C ASP C 265 -14.55 -23.97 -18.19
N THR C 266 -14.91 -22.97 -17.38
CA THR C 266 -14.14 -21.75 -17.29
C THR C 266 -12.90 -21.89 -16.42
N HIS C 267 -12.79 -22.97 -15.65
CA HIS C 267 -11.62 -23.13 -14.80
C HIS C 267 -10.39 -23.51 -15.62
N GLU C 268 -10.60 -24.16 -16.75
CA GLU C 268 -9.57 -24.42 -17.73
C GLU C 268 -9.42 -23.27 -18.73
N LEU C 269 -10.22 -22.22 -18.59
CA LEU C 269 -10.20 -21.12 -19.55
C LEU C 269 -9.16 -20.07 -19.21
N PHE C 270 -8.96 -19.73 -17.93
CA PHE C 270 -7.85 -18.83 -17.64
C PHE C 270 -6.52 -19.55 -17.77
N SER C 271 -6.49 -20.86 -17.57
CA SER C 271 -5.33 -21.63 -18.02
C SER C 271 -5.16 -21.48 -19.53
N ALA C 272 -6.27 -21.39 -20.26
CA ALA C 272 -6.19 -21.25 -21.71
C ALA C 272 -5.61 -19.90 -22.10
N VAL C 273 -5.99 -18.83 -21.41
CA VAL C 273 -5.39 -17.53 -21.72
C VAL C 273 -3.94 -17.46 -21.26
N GLU C 274 -3.59 -18.12 -20.16
CA GLU C 274 -2.20 -18.15 -19.73
C GLU C 274 -1.32 -18.96 -20.67
N THR C 275 -1.87 -19.98 -21.34
CA THR C 275 -1.07 -20.81 -22.24
C THR C 275 -1.06 -20.31 -23.67
N LEU C 276 -2.14 -19.70 -24.15
CA LEU C 276 -2.14 -19.20 -25.52
C LEU C 276 -1.15 -18.06 -25.69
N SER C 277 -1.01 -17.23 -24.67
CA SER C 277 0.08 -16.27 -24.56
C SER C 277 1.14 -16.80 -23.61
N HIS C 278 2.36 -16.29 -23.76
CA HIS C 278 3.50 -16.56 -22.89
C HIS C 278 4.11 -17.93 -23.08
N MET C 279 3.50 -18.82 -23.86
CA MET C 279 4.03 -20.16 -24.07
C MET C 279 4.38 -20.35 -25.54
N ARG C 280 5.61 -20.77 -25.80
CA ARG C 280 6.03 -21.00 -27.18
C ARG C 280 5.62 -22.41 -27.62
N PRO C 281 5.39 -22.60 -28.93
CA PRO C 281 4.98 -23.91 -29.41
C PRO C 281 6.02 -24.97 -29.14
N LEU C 282 5.56 -26.20 -28.95
CA LEU C 282 6.42 -27.31 -28.59
C LEU C 282 7.09 -27.92 -29.81
N ARG C 283 8.07 -28.78 -29.56
CA ARG C 283 8.69 -29.59 -30.59
C ARG C 283 8.58 -31.08 -30.30
N GLY C 284 7.92 -31.46 -29.22
CA GLY C 284 7.80 -32.86 -28.87
C GLY C 284 6.83 -33.04 -27.71
N ASP C 285 6.93 -34.20 -27.05
CA ASP C 285 5.97 -34.54 -26.01
C ASP C 285 6.65 -35.16 -24.79
N ARG C 286 7.90 -34.85 -24.54
CA ARG C 286 8.63 -35.36 -23.38
C ARG C 286 8.73 -34.28 -22.32
N LEU C 287 8.44 -34.64 -21.07
CA LEU C 287 8.32 -33.68 -19.98
C LEU C 287 9.28 -34.04 -18.86
N MET C 288 9.88 -33.00 -18.26
CA MET C 288 10.81 -33.13 -17.15
C MET C 288 10.32 -32.28 -15.99
N ILE C 289 10.38 -32.81 -14.77
CA ILE C 289 9.85 -32.13 -13.59
C ILE C 289 10.96 -31.99 -12.56
N ILE C 290 10.96 -30.88 -11.84
CA ILE C 290 11.83 -30.68 -10.68
C ILE C 290 11.05 -29.96 -9.60
N SER C 291 11.31 -30.31 -8.34
CA SER C 291 10.57 -29.73 -7.22
C SER C 291 11.35 -29.97 -5.94
N ASN C 292 10.91 -29.31 -4.87
CA ASN C 292 11.47 -29.44 -3.53
C ASN C 292 10.51 -30.18 -2.58
N GLY C 293 9.76 -31.13 -3.10
CA GLY C 293 8.83 -31.90 -2.28
C GLY C 293 8.20 -33.03 -3.06
N ALA C 294 7.97 -34.17 -2.41
CA ALA C 294 7.52 -35.36 -3.12
C ALA C 294 6.06 -35.27 -3.54
N ALA C 295 5.18 -34.82 -2.64
CA ALA C 295 3.74 -34.88 -2.92
C ALA C 295 3.34 -34.05 -4.14
N PRO C 296 3.77 -32.79 -4.29
CA PRO C 296 3.32 -32.02 -5.45
C PRO C 296 3.62 -32.71 -6.76
N ALA C 297 4.79 -33.36 -6.87
CA ALA C 297 5.09 -34.13 -8.07
C ALA C 297 4.15 -35.30 -8.22
N ALA C 298 3.90 -36.05 -7.14
CA ALA C 298 3.03 -37.20 -7.22
C ALA C 298 1.64 -36.80 -7.72
N LEU C 299 1.06 -35.76 -7.12
CA LEU C 299 -0.23 -35.27 -7.58
C LEU C 299 -0.19 -34.96 -9.07
N ALA C 300 0.92 -34.43 -9.55
CA ALA C 300 1.05 -34.18 -10.99
C ALA C 300 1.07 -35.49 -11.77
N LEU C 301 1.87 -36.46 -11.32
CA LEU C 301 2.04 -37.68 -12.11
C LEU C 301 0.72 -38.38 -12.35
N ASP C 302 -0.09 -38.54 -11.30
CA ASP C 302 -1.40 -39.15 -11.47
C ASP C 302 -2.17 -38.48 -12.59
N ALA C 303 -2.20 -37.14 -12.60
CA ALA C 303 -2.90 -36.44 -13.65
C ALA C 303 -2.31 -36.78 -15.02
N LEU C 304 -0.98 -36.72 -15.13
CA LEU C 304 -0.34 -37.09 -16.39
C LEU C 304 -0.60 -38.54 -16.74
N TRP C 305 -0.86 -39.38 -15.73
CA TRP C 305 -1.17 -40.77 -15.97
C TRP C 305 -2.59 -40.97 -16.47
N SER C 306 -3.49 -40.01 -16.21
CA SER C 306 -4.87 -40.13 -16.63
C SER C 306 -5.11 -39.58 -18.03
N ARG C 307 -4.10 -38.94 -18.63
CA ARG C 307 -4.19 -38.43 -19.99
C ARG C 307 -3.17 -39.08 -20.91
N ASN C 308 -2.49 -40.13 -20.46
CA ASN C 308 -1.51 -40.86 -21.26
C ASN C 308 -0.43 -39.92 -21.78
N GLY C 309 0.26 -39.26 -20.84
CA GLY C 309 1.39 -38.44 -21.18
C GLY C 309 2.70 -39.21 -21.20
N LYS C 310 3.75 -38.53 -21.63
CA LYS C 310 5.07 -39.12 -21.80
C LYS C 310 6.06 -38.45 -20.88
N LEU C 311 6.89 -39.25 -20.23
CA LEU C 311 7.96 -38.74 -19.37
C LEU C 311 9.29 -38.80 -20.12
N ALA C 312 10.33 -38.27 -19.48
CA ALA C 312 11.66 -38.21 -20.07
C ALA C 312 12.60 -39.17 -19.33
N THR C 313 13.55 -39.72 -20.07
CA THR C 313 14.61 -40.54 -19.51
C THR C 313 15.94 -39.81 -19.66
N LEU C 314 16.75 -39.84 -18.60
CA LEU C 314 17.96 -39.04 -18.53
C LEU C 314 19.15 -39.82 -19.07
N SER C 315 20.00 -39.15 -19.83
CA SER C 315 21.20 -39.76 -20.35
C SER C 315 22.18 -40.06 -19.22
N GLU C 316 23.06 -41.02 -19.46
CA GLU C 316 24.05 -41.40 -18.45
C GLU C 316 25.03 -40.27 -18.19
N ALA C 317 25.42 -39.53 -19.23
CA ALA C 317 26.30 -38.39 -19.03
C ALA C 317 25.61 -37.30 -18.20
N THR C 318 24.34 -37.00 -18.51
CA THR C 318 23.62 -36.01 -17.72
C THR C 318 23.44 -36.49 -16.29
N CYS C 319 23.14 -37.77 -16.10
CA CYS C 319 23.01 -38.31 -14.75
C CYS C 319 24.32 -38.18 -13.99
N GLN C 320 25.44 -38.49 -14.65
CA GLN C 320 26.74 -38.38 -13.98
C GLN C 320 27.05 -36.93 -13.60
N LYS C 321 26.81 -36.01 -14.53
CA LYS C 321 27.08 -34.60 -14.24
C LYS C 321 26.19 -34.10 -13.10
N LEU C 322 24.94 -34.54 -13.06
CA LEU C 322 24.04 -34.13 -11.98
C LEU C 322 24.57 -34.59 -10.63
N ARG C 323 25.10 -35.81 -10.56
CA ARG C 323 25.71 -36.29 -9.34
C ARG C 323 26.89 -35.39 -8.99
N ASP C 324 27.22 -35.35 -7.69
CA ASP C 324 28.24 -34.50 -7.08
C ASP C 324 27.74 -33.08 -6.88
N ALA C 325 26.51 -32.75 -7.26
CA ALA C 325 25.93 -31.46 -6.91
C ALA C 325 25.51 -31.43 -5.45
N LEU C 326 24.98 -32.55 -4.94
CA LEU C 326 24.72 -32.71 -3.52
C LEU C 326 24.42 -34.18 -3.25
N PRO C 327 24.89 -34.74 -2.13
CA PRO C 327 24.58 -36.15 -1.83
C PRO C 327 23.13 -36.35 -1.43
N GLU C 328 22.79 -37.54 -0.95
CA GLU C 328 21.45 -37.87 -0.43
C GLU C 328 20.36 -37.42 -1.39
N HIS C 329 20.60 -37.48 -2.69
CA HIS C 329 19.62 -37.18 -3.72
C HIS C 329 19.43 -38.44 -4.55
N VAL C 330 18.53 -39.31 -4.10
CA VAL C 330 18.17 -40.47 -4.90
C VAL C 330 17.49 -40.03 -6.19
N ALA C 331 16.95 -38.82 -6.22
CA ALA C 331 16.11 -38.39 -7.34
C ALA C 331 16.89 -38.30 -8.64
N ILE C 332 18.20 -38.59 -8.63
CA ILE C 332 18.94 -38.70 -9.88
C ILE C 332 18.50 -39.91 -10.69
N SER C 333 17.71 -40.80 -10.09
CA SER C 333 17.25 -42.02 -10.74
C SER C 333 15.79 -41.90 -11.16
N ASN C 334 15.36 -40.70 -11.58
CA ASN C 334 13.99 -40.50 -12.02
C ASN C 334 13.89 -39.11 -12.67
N PRO C 335 12.82 -38.86 -13.45
CA PRO C 335 12.69 -37.57 -14.11
C PRO C 335 11.97 -36.51 -13.30
N LEU C 336 11.89 -36.72 -11.98
CA LEU C 336 11.43 -35.71 -11.02
C LEU C 336 12.53 -35.59 -9.97
N ASP C 337 13.41 -34.61 -10.15
CA ASP C 337 14.37 -34.28 -9.10
C ASP C 337 13.61 -33.89 -7.84
N LEU C 338 14.10 -34.36 -6.70
CA LEU C 338 13.40 -34.21 -5.43
C LEU C 338 14.36 -33.66 -4.38
N ARG C 339 13.88 -32.66 -3.64
CA ARG C 339 14.64 -32.09 -2.55
C ARG C 339 13.66 -31.83 -1.40
N ASP C 340 14.20 -31.47 -0.26
CA ASP C 340 13.35 -31.13 0.89
C ASP C 340 13.72 -29.80 1.52
N ASP C 341 15.02 -29.48 1.59
CA ASP C 341 15.51 -28.23 2.17
C ASP C 341 16.49 -27.56 1.22
N ALA C 342 16.35 -27.81 -0.08
CA ALA C 342 17.26 -27.22 -1.05
C ALA C 342 17.14 -25.71 -1.02
N SER C 343 18.20 -25.05 -1.48
CA SER C 343 18.25 -23.59 -1.58
C SER C 343 18.33 -23.20 -3.05
N SER C 344 18.48 -21.89 -3.28
CA SER C 344 18.49 -21.39 -4.66
C SER C 344 19.70 -21.90 -5.44
N GLU C 345 20.82 -22.15 -4.76
CA GLU C 345 22.02 -22.59 -5.45
C GLU C 345 21.81 -23.95 -6.10
N HIS C 346 21.14 -24.86 -5.40
CA HIS C 346 20.82 -26.14 -6.03
C HIS C 346 19.90 -25.94 -7.22
N TYR C 347 18.96 -24.99 -7.12
CA TYR C 347 18.07 -24.72 -8.25
C TYR C 347 18.86 -24.31 -9.49
N ILE C 348 19.79 -23.36 -9.35
CA ILE C 348 20.54 -22.92 -10.52
C ILE C 348 21.49 -24.01 -11.01
N LYS C 349 22.13 -24.72 -10.08
CA LYS C 349 23.05 -25.77 -10.46
C LYS C 349 22.35 -26.90 -11.19
N THR C 350 21.05 -27.09 -10.92
CA THR C 350 20.29 -28.08 -11.67
C THR C 350 19.84 -27.51 -13.01
N LEU C 351 19.38 -26.26 -13.03
CA LEU C 351 18.87 -25.68 -14.25
C LEU C 351 19.96 -25.61 -15.33
N ASP C 352 21.16 -25.17 -14.96
CA ASP C 352 22.20 -25.00 -15.96
C ASP C 352 22.60 -26.33 -16.59
N ILE C 353 22.74 -27.38 -15.77
CA ILE C 353 23.09 -28.69 -16.30
C ILE C 353 21.96 -29.24 -17.16
N LEU C 354 20.72 -29.13 -16.68
CA LEU C 354 19.59 -29.72 -17.39
C LEU C 354 19.38 -29.05 -18.75
N LEU C 355 19.51 -27.72 -18.81
CA LEU C 355 19.27 -27.02 -20.05
C LEU C 355 20.28 -27.37 -21.13
N HIS C 356 21.41 -27.97 -20.76
CA HIS C 356 22.47 -28.25 -21.72
C HIS C 356 22.25 -29.54 -22.49
N SER C 357 21.35 -30.41 -22.03
CA SER C 357 21.14 -31.70 -22.66
C SER C 357 20.09 -31.61 -23.76
N GLN C 358 19.78 -32.75 -24.36
CA GLN C 358 18.75 -32.84 -25.39
C GLN C 358 17.77 -33.95 -25.00
N ASP C 359 17.34 -33.95 -23.74
CA ASP C 359 16.64 -35.09 -23.17
C ASP C 359 15.13 -34.91 -23.09
N PHE C 360 14.63 -33.68 -23.14
CA PHE C 360 13.20 -33.43 -22.96
C PHE C 360 12.77 -32.29 -23.88
N ASP C 361 11.47 -31.99 -23.83
CA ASP C 361 10.87 -30.93 -24.63
C ASP C 361 10.21 -29.86 -23.79
N ALA C 362 10.08 -30.06 -22.47
CA ALA C 362 9.45 -29.07 -21.62
C ALA C 362 9.85 -29.33 -20.17
N LEU C 363 10.02 -28.25 -19.41
CA LEU C 363 10.49 -28.31 -18.04
C LEU C 363 9.43 -27.70 -17.11
N MET C 364 9.19 -28.37 -15.99
CA MET C 364 8.16 -27.97 -15.04
C MET C 364 8.79 -27.85 -13.67
N VAL C 365 8.81 -26.64 -13.12
CA VAL C 365 9.48 -26.32 -11.86
C VAL C 365 8.40 -26.04 -10.82
N ILE C 366 8.47 -26.74 -9.69
CA ILE C 366 7.51 -26.59 -8.61
C ILE C 366 8.24 -26.08 -7.39
N HIS C 367 7.63 -25.14 -6.67
CA HIS C 367 8.21 -24.56 -5.46
C HIS C 367 7.18 -24.54 -4.35
N SER C 368 7.63 -24.87 -3.13
CA SER C 368 6.84 -24.78 -1.93
C SER C 368 7.59 -23.96 -0.89
N PRO C 369 6.88 -23.31 0.03
CA PRO C 369 7.56 -22.43 1.00
C PRO C 369 8.57 -23.18 1.85
N SER C 370 9.67 -22.49 2.13
CA SER C 370 10.72 -23.01 3.00
C SER C 370 11.59 -21.84 3.42
N ALA C 371 12.26 -22.01 4.56
CA ALA C 371 13.17 -20.97 5.03
C ALA C 371 14.44 -20.93 4.20
N ALA C 372 14.82 -22.05 3.59
CA ALA C 372 16.06 -22.09 2.82
C ALA C 372 15.92 -21.31 1.51
N ALA C 373 14.76 -21.41 0.84
CA ALA C 373 14.55 -20.83 -0.48
C ALA C 373 13.31 -19.96 -0.48
N PRO C 374 13.46 -18.68 -0.13
CA PRO C 374 12.30 -17.77 -0.22
C PRO C 374 11.81 -17.61 -1.64
N ALA C 375 10.52 -17.29 -1.77
CA ALA C 375 9.87 -17.29 -3.08
C ALA C 375 10.44 -16.23 -4.00
N THR C 376 10.56 -14.99 -3.51
CA THR C 376 10.97 -13.89 -4.39
C THR C 376 12.39 -14.09 -4.89
N GLU C 377 13.31 -14.48 -3.99
CA GLU C 377 14.70 -14.68 -4.39
C GLU C 377 14.83 -15.80 -5.40
N SER C 378 14.12 -16.91 -5.16
CA SER C 378 14.17 -18.03 -6.10
C SER C 378 13.61 -17.63 -7.46
N ALA C 379 12.52 -16.86 -7.47
CA ALA C 379 11.97 -16.39 -8.73
C ALA C 379 12.96 -15.53 -9.49
N GLN C 380 13.60 -14.60 -8.78
CA GLN C 380 14.59 -13.74 -9.43
C GLN C 380 15.74 -14.56 -10.00
N VAL C 381 16.23 -15.53 -9.23
CA VAL C 381 17.36 -16.34 -9.69
C VAL C 381 16.97 -17.16 -10.90
N LEU C 382 15.78 -17.77 -10.89
CA LEU C 382 15.34 -18.55 -12.04
C LEU C 382 15.20 -17.66 -13.28
N ILE C 383 14.65 -16.45 -13.10
CA ILE C 383 14.47 -15.56 -14.23
C ILE C 383 15.81 -15.20 -14.85
N GLU C 384 16.79 -14.84 -14.02
CA GLU C 384 18.10 -14.47 -14.56
C GLU C 384 18.78 -15.67 -15.23
N ALA C 385 18.65 -16.85 -14.63
CA ALA C 385 19.26 -18.04 -15.22
C ALA C 385 18.66 -18.33 -16.59
N VAL C 386 17.33 -18.24 -16.72
CA VAL C 386 16.70 -18.43 -18.02
C VAL C 386 17.17 -17.36 -18.99
N LYS C 387 17.37 -16.14 -18.51
CA LYS C 387 17.82 -15.06 -19.37
C LYS C 387 19.17 -15.39 -20.00
N HIS C 388 20.14 -15.80 -19.18
CA HIS C 388 21.52 -15.85 -19.65
C HIS C 388 21.88 -17.13 -20.41
N HIS C 389 21.02 -18.14 -20.40
CA HIS C 389 21.36 -19.39 -21.09
C HIS C 389 21.13 -19.24 -22.59
N PRO C 390 21.96 -19.88 -23.43
CA PRO C 390 21.70 -19.82 -24.88
C PRO C 390 20.75 -20.88 -25.39
N ARG C 391 20.52 -21.96 -24.64
CA ARG C 391 19.63 -23.04 -25.06
C ARG C 391 18.18 -22.80 -24.65
N SER C 392 17.90 -21.76 -23.88
CA SER C 392 16.54 -21.51 -23.41
C SER C 392 15.56 -21.28 -24.55
N LYS C 393 16.03 -20.94 -25.74
CA LYS C 393 15.14 -20.72 -26.87
C LYS C 393 14.45 -22.02 -27.28
N TYR C 394 15.15 -23.14 -27.20
CA TYR C 394 14.67 -24.42 -27.73
C TYR C 394 13.84 -25.21 -26.73
N VAL C 395 13.47 -24.62 -25.60
CA VAL C 395 12.77 -25.33 -24.53
C VAL C 395 11.56 -24.51 -24.08
N SER C 396 10.48 -25.19 -23.74
CA SER C 396 9.32 -24.55 -23.13
C SER C 396 9.43 -24.62 -21.62
N LEU C 397 8.94 -23.58 -20.95
CA LEU C 397 9.05 -23.45 -19.50
C LEU C 397 7.67 -23.33 -18.87
N LEU C 398 7.48 -24.02 -17.76
CA LEU C 398 6.29 -23.89 -16.94
C LEU C 398 6.70 -23.75 -15.48
N THR C 399 6.02 -22.87 -14.76
CA THR C 399 6.32 -22.61 -13.36
C THR C 399 5.08 -22.82 -12.51
N ASN C 400 5.29 -23.15 -11.24
CA ASN C 400 4.19 -23.33 -10.30
C ASN C 400 4.71 -23.02 -8.90
N TRP C 401 4.46 -21.80 -8.44
CA TRP C 401 4.76 -21.39 -7.07
C TRP C 401 3.48 -21.60 -6.25
N CYS C 402 3.51 -22.57 -5.34
CA CYS C 402 2.31 -23.10 -4.73
C CYS C 402 1.90 -22.38 -3.45
N GLY C 403 2.34 -21.14 -3.25
CA GLY C 403 1.94 -20.38 -2.09
C GLY C 403 1.14 -19.14 -2.44
N GLU C 404 -0.16 -19.14 -2.11
CA GLU C 404 -1.04 -18.04 -2.51
C GLU C 404 -0.61 -16.73 -1.86
N HIS C 405 -0.44 -16.72 -0.54
CA HIS C 405 -0.17 -15.47 0.17
C HIS C 405 1.21 -14.92 -0.19
N SER C 406 2.24 -15.75 -0.16
CA SER C 406 3.61 -15.29 -0.20
C SER C 406 4.22 -15.28 -1.60
N SER C 407 3.46 -15.62 -2.65
CA SER C 407 4.01 -15.74 -3.98
C SER C 407 3.37 -14.78 -4.98
N GLN C 408 2.80 -13.68 -4.50
CA GLN C 408 2.18 -12.71 -5.41
C GLN C 408 3.25 -11.93 -6.19
N GLU C 409 4.28 -11.46 -5.50
CA GLU C 409 5.33 -10.70 -6.15
C GLU C 409 6.10 -11.57 -7.15
N ALA C 410 6.40 -12.81 -6.78
CA ALA C 410 7.10 -13.70 -7.69
C ALA C 410 6.27 -13.95 -8.94
N ARG C 411 4.96 -14.14 -8.77
CA ARG C 411 4.09 -14.36 -9.92
C ARG C 411 4.04 -13.13 -10.80
N ARG C 412 4.01 -11.94 -10.21
CA ARG C 412 4.02 -10.71 -10.99
C ARG C 412 5.32 -10.58 -11.78
N LEU C 413 6.45 -10.91 -11.16
CA LEU C 413 7.73 -10.86 -11.87
C LEU C 413 7.76 -11.86 -13.02
N PHE C 414 7.26 -13.07 -12.79
CA PHE C 414 7.18 -14.06 -13.86
C PHE C 414 6.34 -13.53 -15.02
N SER C 415 5.17 -12.96 -14.71
CA SER C 415 4.31 -12.44 -15.76
C SER C 415 5.01 -11.34 -16.54
N GLU C 416 5.74 -10.46 -15.85
CA GLU C 416 6.47 -9.40 -16.54
C GLU C 416 7.54 -9.96 -17.46
N ALA C 417 8.26 -10.99 -17.00
CA ALA C 417 9.27 -11.62 -17.85
C ALA C 417 8.68 -12.35 -19.04
N GLY C 418 7.38 -12.65 -19.02
CA GLY C 418 6.75 -13.34 -20.13
C GLY C 418 6.78 -14.84 -19.98
N LEU C 419 6.63 -15.32 -18.74
CA LEU C 419 6.70 -16.74 -18.44
C LEU C 419 5.34 -17.24 -17.94
N PRO C 420 4.87 -18.40 -18.42
CA PRO C 420 3.61 -18.91 -17.92
C PRO C 420 3.71 -19.35 -16.47
N THR C 421 2.60 -19.26 -15.75
CA THR C 421 2.57 -19.60 -14.34
C THR C 421 1.16 -20.02 -13.97
N TYR C 422 1.06 -21.04 -13.12
CA TYR C 422 -0.21 -21.67 -12.79
C TYR C 422 -0.32 -21.87 -11.29
N ARG C 423 -1.55 -21.84 -10.79
CA ARG C 423 -1.78 -21.78 -9.35
C ARG C 423 -1.51 -23.13 -8.68
N THR C 424 -1.91 -24.22 -9.30
CA THR C 424 -1.88 -25.54 -8.68
C THR C 424 -1.30 -26.55 -9.63
N PRO C 425 -0.75 -27.65 -9.12
CA PRO C 425 -0.30 -28.73 -10.02
C PRO C 425 -1.47 -29.45 -10.64
N GLU C 426 -1.19 -30.16 -11.71
CA GLU C 426 -2.21 -30.72 -12.61
C GLU C 426 -3.19 -29.64 -13.10
N GLY C 427 -2.80 -28.37 -13.00
CA GLY C 427 -3.36 -27.32 -13.81
C GLY C 427 -2.34 -27.00 -14.88
N THR C 428 -1.08 -27.26 -14.56
CA THR C 428 -0.01 -27.20 -15.55
C THR C 428 -0.06 -28.40 -16.48
N ILE C 429 -0.32 -29.58 -15.94
CA ILE C 429 -0.39 -30.78 -16.78
C ILE C 429 -1.56 -30.68 -17.75
N THR C 430 -2.67 -30.08 -17.31
CA THR C 430 -3.80 -29.92 -18.21
C THR C 430 -3.42 -29.07 -19.41
N ALA C 431 -2.72 -27.96 -19.18
CA ALA C 431 -2.29 -27.10 -20.28
C ALA C 431 -1.30 -27.82 -21.19
N PHE C 432 -0.35 -28.55 -20.60
CA PHE C 432 0.64 -29.26 -21.41
C PHE C 432 -0.02 -30.29 -22.30
N MET C 433 -0.96 -31.07 -21.74
CA MET C 433 -1.65 -32.08 -22.54
C MET C 433 -2.57 -31.43 -23.58
N HIS C 434 -3.18 -30.29 -23.23
CA HIS C 434 -3.93 -29.54 -24.22
C HIS C 434 -3.08 -29.25 -25.44
N MET C 435 -1.89 -28.68 -25.20
CA MET C 435 -1.04 -28.29 -26.32
C MET C 435 -0.57 -29.51 -27.11
N VAL C 436 -0.24 -30.59 -26.41
CA VAL C 436 0.21 -31.80 -27.11
C VAL C 436 -0.90 -32.34 -28.00
N GLU C 437 -2.12 -32.41 -27.47
CA GLU C 437 -3.24 -32.92 -28.25
C GLU C 437 -3.52 -32.03 -29.45
N TYR C 438 -3.44 -30.71 -29.26
CA TYR C 438 -3.64 -29.81 -30.40
C TYR C 438 -2.62 -30.08 -31.49
N ARG C 439 -1.35 -30.21 -31.10
CA ARG C 439 -0.31 -30.43 -32.10
C ARG C 439 -0.54 -31.72 -32.86
N ARG C 440 -0.93 -32.79 -32.14
CA ARG C 440 -1.21 -34.06 -32.81
C ARG C 440 -2.36 -33.92 -33.79
N ASN C 441 -3.49 -33.38 -33.33
CA ASN C 441 -4.66 -33.27 -34.18
C ASN C 441 -4.37 -32.44 -35.43
N GLN C 442 -3.65 -31.33 -35.26
CA GLN C 442 -3.30 -30.53 -36.41
C GLN C 442 -2.34 -31.26 -37.35
N LYS C 443 -1.42 -32.06 -36.78
CA LYS C 443 -0.58 -32.90 -37.63
C LYS C 443 -1.42 -33.86 -38.46
N GLN C 444 -2.60 -34.25 -37.96
CA GLN C 444 -3.45 -35.20 -38.68
C GLN C 444 -4.64 -34.55 -39.38
N LEU C 445 -4.57 -33.25 -39.68
CA LEU C 445 -5.70 -32.59 -40.34
C LEU C 445 -5.76 -32.91 -41.82
N ARG C 446 -4.65 -32.71 -42.54
CA ARG C 446 -4.67 -32.72 -44.00
C ARG C 446 -5.24 -34.02 -44.53
N GLU C 447 -6.36 -33.92 -45.25
CA GLU C 447 -7.04 -35.10 -45.77
C GLU C 447 -8.05 -34.65 -46.82
N THR C 448 -7.87 -35.11 -48.06
CA THR C 448 -8.86 -34.91 -49.10
C THR C 448 -9.15 -36.24 -49.78
N PRO C 449 -10.34 -36.46 -50.31
CA PRO C 449 -10.81 -37.83 -50.56
C PRO C 449 -9.98 -38.57 -51.60
N ALA C 450 -9.93 -39.89 -51.43
CA ALA C 450 -9.30 -40.80 -52.37
C ALA C 450 -10.00 -42.15 -52.24
N LEU C 451 -10.68 -42.57 -53.32
CA LEU C 451 -11.49 -43.80 -53.31
C LEU C 451 -11.10 -44.64 -54.52
N PRO C 452 -10.04 -45.46 -54.39
CA PRO C 452 -9.56 -46.19 -55.57
C PRO C 452 -10.59 -47.10 -56.21
N SER C 453 -11.40 -47.81 -55.41
CA SER C 453 -12.41 -48.68 -55.98
C SER C 453 -13.45 -47.88 -56.75
N ASN C 454 -13.89 -46.76 -56.19
CA ASN C 454 -14.89 -45.87 -56.79
C ASN C 454 -16.09 -46.73 -57.17
N LEU C 455 -16.77 -46.44 -58.29
CA LEU C 455 -17.94 -47.20 -58.69
C LEU C 455 -18.14 -47.07 -60.19
N THR C 456 -18.82 -48.06 -60.76
CA THR C 456 -19.24 -48.04 -62.15
C THR C 456 -20.73 -47.69 -62.23
N SER C 457 -21.28 -47.83 -63.44
CA SER C 457 -22.67 -47.45 -63.68
C SER C 457 -23.68 -48.44 -63.10
N ASN C 458 -23.22 -49.58 -62.57
CA ASN C 458 -24.16 -50.57 -62.07
C ASN C 458 -25.06 -50.04 -60.96
N THR C 459 -24.63 -48.99 -60.25
CA THR C 459 -25.50 -48.42 -59.23
C THR C 459 -26.85 -48.02 -59.82
N ALA C 460 -26.86 -47.62 -61.10
CA ALA C 460 -28.12 -47.32 -61.76
C ALA C 460 -29.11 -48.45 -61.59
N GLU C 461 -28.66 -49.69 -61.85
CA GLU C 461 -29.53 -50.84 -61.60
C GLU C 461 -30.05 -50.81 -60.17
N ALA C 462 -29.15 -50.69 -59.20
CA ALA C 462 -29.58 -50.57 -57.81
C ALA C 462 -30.57 -49.43 -57.65
N HIS C 463 -30.28 -48.30 -58.29
CA HIS C 463 -31.19 -47.16 -58.20
C HIS C 463 -32.59 -47.55 -58.63
N LEU C 464 -32.72 -48.32 -59.70
CA LEU C 464 -34.05 -48.72 -60.15
C LEU C 464 -34.80 -49.44 -59.04
N LEU C 465 -34.11 -50.33 -58.33
CA LEU C 465 -34.76 -51.07 -57.25
C LEU C 465 -35.44 -50.11 -56.29
N LEU C 466 -34.79 -48.97 -56.01
CA LEU C 466 -35.42 -47.98 -55.15
C LEU C 466 -36.56 -47.26 -55.86
N GLN C 467 -36.32 -46.82 -57.11
CA GLN C 467 -37.33 -46.02 -57.80
C GLN C 467 -38.65 -46.78 -57.90
N GLN C 468 -38.61 -48.00 -58.43
CA GLN C 468 -39.82 -48.79 -58.50
C GLN C 468 -40.45 -48.96 -57.12
N ALA C 469 -39.60 -49.15 -56.10
CA ALA C 469 -40.12 -49.31 -54.75
C ALA C 469 -40.92 -48.08 -54.33
N ILE C 470 -40.47 -46.89 -54.72
CA ILE C 470 -41.23 -45.69 -54.42
C ILE C 470 -42.27 -45.42 -55.49
N ALA C 471 -42.15 -46.03 -56.67
CA ALA C 471 -43.22 -45.91 -57.66
C ALA C 471 -44.52 -46.48 -57.14
N GLU C 472 -44.45 -47.63 -56.46
CA GLU C 472 -45.62 -48.22 -55.81
C GLU C 472 -45.97 -47.50 -54.51
N GLY C 473 -45.18 -46.51 -54.10
CA GLY C 473 -45.47 -45.74 -52.91
C GLY C 473 -44.82 -46.23 -51.64
N ALA C 474 -44.14 -47.38 -51.68
CA ALA C 474 -43.50 -47.89 -50.48
C ALA C 474 -42.51 -46.88 -49.94
N THR C 475 -42.46 -46.76 -48.60
CA THR C 475 -41.56 -45.83 -47.94
C THR C 475 -40.52 -46.51 -47.06
N SER C 476 -40.69 -47.78 -46.73
CA SER C 476 -39.72 -48.52 -45.95
C SER C 476 -39.51 -49.90 -46.58
N LEU C 477 -38.35 -50.47 -46.33
CA LEU C 477 -37.99 -51.78 -46.86
C LEU C 477 -37.36 -52.62 -45.75
N ASP C 478 -37.41 -53.93 -45.92
CA ASP C 478 -36.85 -54.88 -44.98
C ASP C 478 -35.63 -55.57 -45.59
N THR C 479 -35.08 -56.53 -44.85
CA THR C 479 -33.87 -57.22 -45.30
C THR C 479 -34.10 -57.93 -46.63
N HIS C 480 -35.24 -58.60 -46.77
CA HIS C 480 -35.50 -59.38 -47.96
C HIS C 480 -35.46 -58.52 -49.21
N GLU C 481 -36.07 -57.33 -49.15
CA GLU C 481 -36.05 -56.43 -50.29
C GLU C 481 -34.73 -55.66 -50.43
N VAL C 482 -34.00 -55.47 -49.33
CA VAL C 482 -32.81 -54.63 -49.34
C VAL C 482 -31.55 -55.39 -49.73
N GLN C 483 -31.59 -56.73 -49.71
CA GLN C 483 -30.41 -57.53 -50.02
C GLN C 483 -29.66 -57.01 -51.25
N PRO C 484 -30.29 -56.92 -52.43
CA PRO C 484 -29.53 -56.54 -53.63
C PRO C 484 -28.87 -55.18 -53.55
N ILE C 485 -29.51 -54.20 -52.91
CA ILE C 485 -28.92 -52.87 -52.81
C ILE C 485 -27.61 -52.94 -52.04
N LEU C 486 -27.61 -53.64 -50.91
CA LEU C 486 -26.37 -53.82 -50.15
C LEU C 486 -25.34 -54.58 -50.96
N GLN C 487 -25.78 -55.62 -51.69
CA GLN C 487 -24.84 -56.40 -52.48
C GLN C 487 -24.14 -55.53 -53.52
N ALA C 488 -24.88 -54.58 -54.10
CA ALA C 488 -24.30 -53.74 -55.15
C ALA C 488 -23.08 -52.96 -54.68
N TYR C 489 -22.98 -52.66 -53.38
CA TYR C 489 -21.90 -51.85 -52.86
C TYR C 489 -20.85 -52.67 -52.11
N GLY C 490 -20.91 -54.00 -52.19
CA GLY C 490 -19.90 -54.84 -51.59
C GLY C 490 -20.19 -55.28 -50.18
N MET C 491 -21.43 -55.12 -49.70
CA MET C 491 -21.80 -55.56 -48.36
C MET C 491 -22.26 -57.01 -48.39
N ASN C 492 -22.09 -57.69 -47.26
CA ASN C 492 -22.48 -59.08 -47.09
C ASN C 492 -23.71 -59.17 -46.20
N THR C 493 -24.67 -60.00 -46.61
CA THR C 493 -25.90 -60.19 -45.85
C THR C 493 -26.26 -61.67 -45.86
N LEU C 494 -26.95 -62.12 -44.78
CA LEU C 494 -27.33 -63.52 -44.71
C LEU C 494 -28.70 -63.73 -45.37
N PRO C 495 -28.96 -64.93 -45.89
CA PRO C 495 -30.27 -65.19 -46.51
C PRO C 495 -31.37 -65.28 -45.47
N THR C 496 -32.58 -64.98 -45.93
CA THR C 496 -33.76 -65.05 -45.08
C THR C 496 -34.93 -65.55 -45.90
N TRP C 497 -35.93 -66.10 -45.22
CA TRP C 497 -37.08 -66.69 -45.87
C TRP C 497 -38.36 -66.09 -45.31
N ILE C 498 -39.45 -66.24 -46.06
CA ILE C 498 -40.76 -65.72 -45.69
C ILE C 498 -41.76 -66.86 -45.72
N ALA C 499 -42.57 -66.97 -44.67
CA ALA C 499 -43.53 -68.05 -44.51
C ALA C 499 -44.94 -67.47 -44.46
N SER C 500 -45.87 -68.11 -45.16
CA SER C 500 -47.25 -67.65 -45.18
C SER C 500 -47.95 -67.95 -43.86
N ASP C 501 -47.69 -69.11 -43.26
CA ASP C 501 -48.28 -69.48 -41.98
C ASP C 501 -47.24 -70.27 -41.18
N SER C 502 -47.68 -70.80 -40.04
CA SER C 502 -46.77 -71.50 -39.15
C SER C 502 -46.26 -72.80 -39.77
N THR C 503 -47.13 -73.51 -40.48
CA THR C 503 -46.77 -74.85 -40.94
C THR C 503 -45.55 -74.81 -41.86
N GLU C 504 -45.60 -73.98 -42.91
CA GLU C 504 -44.45 -73.87 -43.80
C GLU C 504 -43.27 -73.25 -43.09
N ALA C 505 -43.51 -72.34 -42.14
CA ALA C 505 -42.41 -71.76 -41.38
C ALA C 505 -41.59 -72.84 -40.70
N VAL C 506 -42.26 -73.73 -39.95
CA VAL C 506 -41.53 -74.81 -39.29
C VAL C 506 -40.99 -75.81 -40.31
N HIS C 507 -41.73 -76.04 -41.40
CA HIS C 507 -41.30 -77.01 -42.39
C HIS C 507 -39.98 -76.58 -43.02
N ILE C 508 -39.74 -75.28 -43.14
CA ILE C 508 -38.46 -74.81 -43.66
C ILE C 508 -37.45 -74.60 -42.53
N ALA C 509 -37.91 -74.29 -41.32
CA ALA C 509 -37.00 -74.16 -40.19
C ALA C 509 -36.26 -75.47 -39.93
N GLU C 510 -36.97 -76.60 -40.00
CA GLU C 510 -36.31 -77.88 -39.83
C GLU C 510 -35.26 -78.12 -40.91
N GLN C 511 -35.47 -77.57 -42.11
CA GLN C 511 -34.49 -77.72 -43.18
C GLN C 511 -33.25 -76.88 -42.90
N ILE C 512 -33.43 -75.58 -42.68
CA ILE C 512 -32.29 -74.72 -42.41
C ILE C 512 -31.59 -75.13 -41.13
N GLY C 513 -32.37 -75.60 -40.14
CA GLY C 513 -31.80 -76.14 -38.92
C GLY C 513 -32.01 -75.26 -37.70
N TYR C 514 -32.62 -75.83 -36.66
CA TYR C 514 -32.82 -75.10 -35.43
C TYR C 514 -31.49 -74.88 -34.72
N PRO C 515 -31.39 -73.83 -33.88
CA PRO C 515 -32.43 -72.85 -33.53
C PRO C 515 -32.73 -71.89 -34.67
N VAL C 516 -33.80 -71.12 -34.58
CA VAL C 516 -34.27 -70.30 -35.69
C VAL C 516 -34.94 -69.06 -35.13
N ALA C 517 -34.73 -67.93 -35.79
CA ALA C 517 -35.25 -66.64 -35.35
C ALA C 517 -36.40 -66.21 -36.25
N LEU C 518 -37.48 -65.73 -35.62
CA LEU C 518 -38.69 -65.31 -36.31
C LEU C 518 -38.92 -63.81 -36.10
N LYS C 519 -39.69 -63.22 -37.01
CA LYS C 519 -40.14 -61.84 -36.85
C LYS C 519 -41.27 -61.60 -37.85
N LEU C 520 -42.00 -60.51 -37.64
CA LEU C 520 -43.15 -60.17 -38.45
C LEU C 520 -42.92 -58.85 -39.19
N ARG C 521 -43.71 -58.65 -40.25
CA ARG C 521 -43.64 -57.44 -41.06
C ARG C 521 -45.02 -56.79 -41.07
N SER C 522 -45.14 -55.64 -40.38
CA SER C 522 -46.37 -54.87 -40.33
C SER C 522 -46.07 -53.42 -40.67
N PRO C 523 -46.52 -52.91 -41.83
CA PRO C 523 -46.20 -51.52 -42.17
C PRO C 523 -46.71 -50.51 -41.17
N ASP C 524 -47.86 -50.76 -40.53
CA ASP C 524 -48.45 -49.76 -39.66
C ASP C 524 -47.57 -49.48 -38.44
N ILE C 525 -47.17 -50.53 -37.73
CA ILE C 525 -46.48 -50.40 -36.45
C ILE C 525 -45.00 -50.72 -36.70
N PRO C 526 -44.08 -49.76 -36.57
CA PRO C 526 -42.66 -50.07 -36.73
C PRO C 526 -41.99 -50.61 -35.49
N HIS C 527 -42.71 -50.74 -34.37
CA HIS C 527 -42.12 -51.15 -33.10
C HIS C 527 -42.18 -52.66 -33.01
N LYS C 528 -41.06 -53.31 -33.34
CA LYS C 528 -40.97 -54.76 -33.25
C LYS C 528 -40.84 -55.25 -31.82
N SER C 529 -40.62 -54.36 -30.86
CA SER C 529 -40.69 -54.75 -29.46
C SER C 529 -42.06 -55.33 -29.14
N GLU C 530 -43.11 -54.78 -29.74
CA GLU C 530 -44.42 -55.41 -29.65
C GLU C 530 -44.42 -56.78 -30.31
N VAL C 531 -43.60 -56.96 -31.34
CA VAL C 531 -43.45 -58.27 -31.98
C VAL C 531 -42.57 -59.17 -31.13
N GLN C 532 -41.30 -58.79 -30.97
CA GLN C 532 -40.35 -59.49 -30.11
C GLN C 532 -40.43 -61.01 -30.33
N GLY C 533 -40.28 -61.42 -31.58
CA GLY C 533 -40.33 -62.82 -31.93
C GLY C 533 -39.03 -63.58 -31.77
N VAL C 534 -37.97 -62.91 -31.32
CA VAL C 534 -36.66 -63.56 -31.27
C VAL C 534 -36.70 -64.71 -30.27
N MET C 535 -36.39 -65.91 -30.76
CA MET C 535 -36.31 -67.11 -29.93
C MET C 535 -35.08 -67.88 -30.36
N LEU C 536 -34.43 -68.55 -29.41
CA LEU C 536 -33.17 -69.21 -29.71
C LEU C 536 -33.01 -70.43 -28.81
N TYR C 537 -32.05 -71.28 -29.18
CA TYR C 537 -31.66 -72.47 -28.43
C TYR C 537 -32.82 -73.44 -28.22
N LEU C 538 -33.77 -73.43 -29.16
CA LEU C 538 -34.89 -74.37 -29.11
C LEU C 538 -35.07 -75.02 -30.48
N ARG C 539 -35.53 -76.27 -30.46
CA ARG C 539 -35.72 -77.04 -31.68
C ARG C 539 -37.14 -77.53 -31.89
N THR C 540 -38.02 -77.43 -30.90
CA THR C 540 -39.38 -77.92 -31.04
C THR C 540 -40.15 -77.04 -32.03
N ALA C 541 -40.82 -77.68 -32.98
CA ALA C 541 -41.62 -76.95 -33.96
C ALA C 541 -42.88 -76.36 -33.35
N ASN C 542 -43.48 -77.06 -32.38
CA ASN C 542 -44.71 -76.56 -31.78
C ASN C 542 -44.49 -75.25 -31.05
N GLU C 543 -43.32 -75.05 -30.47
CA GLU C 543 -43.02 -73.75 -29.86
C GLU C 543 -43.06 -72.64 -30.89
N VAL C 544 -42.43 -72.87 -32.05
CA VAL C 544 -42.45 -71.86 -33.11
C VAL C 544 -43.87 -71.62 -33.58
N GLN C 545 -44.65 -72.69 -33.72
CA GLN C 545 -46.04 -72.54 -34.14
C GLN C 545 -46.82 -71.70 -33.14
N GLN C 546 -46.68 -72.00 -31.85
CA GLN C 546 -47.43 -71.25 -30.85
C GLN C 546 -47.01 -69.79 -30.84
N ALA C 547 -45.71 -69.53 -30.98
CA ALA C 547 -45.25 -68.15 -31.02
C ALA C 547 -45.85 -67.41 -32.21
N ALA C 548 -45.85 -68.04 -33.38
CA ALA C 548 -46.39 -67.38 -34.57
C ALA C 548 -47.88 -67.11 -34.44
N ASN C 549 -48.65 -68.07 -33.92
CA ASN C 549 -50.07 -67.84 -33.68
C ASN C 549 -50.29 -66.74 -32.64
N ALA C 550 -49.47 -66.70 -31.60
CA ALA C 550 -49.60 -65.63 -30.61
C ALA C 550 -49.35 -64.27 -31.24
N ILE C 551 -48.33 -64.16 -32.09
CA ILE C 551 -48.04 -62.90 -32.77
C ILE C 551 -49.20 -62.52 -33.68
N PHE C 552 -49.71 -63.49 -34.45
CA PHE C 552 -50.82 -63.23 -35.36
C PHE C 552 -52.04 -62.74 -34.58
N ASP C 553 -52.36 -63.40 -33.48
CA ASP C 553 -53.50 -63.00 -32.68
C ASP C 553 -53.29 -61.62 -32.08
N ARG C 554 -52.08 -61.33 -31.60
CA ARG C 554 -51.82 -60.02 -31.02
C ARG C 554 -52.01 -58.93 -32.05
N VAL C 555 -51.46 -59.13 -33.26
CA VAL C 555 -51.59 -58.10 -34.28
C VAL C 555 -53.03 -57.95 -34.72
N LYS C 556 -53.80 -59.04 -34.76
CA LYS C 556 -55.21 -58.91 -35.13
C LYS C 556 -56.01 -58.19 -34.04
N MET C 557 -55.86 -58.60 -32.78
CA MET C 557 -56.55 -57.90 -31.70
C MET C 557 -56.22 -56.41 -31.69
N ALA C 558 -54.93 -56.07 -31.77
CA ALA C 558 -54.57 -54.66 -31.78
C ALA C 558 -55.22 -53.93 -32.95
N TRP C 559 -55.15 -54.53 -34.13
CA TRP C 559 -55.73 -53.95 -35.34
C TRP C 559 -56.00 -55.07 -36.35
N PRO C 560 -57.25 -55.56 -36.43
CA PRO C 560 -57.50 -56.71 -37.31
C PRO C 560 -57.11 -56.48 -38.76
N GLN C 561 -57.15 -55.24 -39.24
CA GLN C 561 -56.84 -54.94 -40.64
C GLN C 561 -55.35 -54.69 -40.87
N ALA C 562 -54.52 -54.87 -39.85
CA ALA C 562 -53.08 -54.68 -40.03
C ALA C 562 -52.57 -55.62 -41.12
N ARG C 563 -51.79 -55.07 -42.05
CA ARG C 563 -51.30 -55.83 -43.19
C ARG C 563 -50.21 -56.79 -42.72
N VAL C 564 -50.30 -58.04 -43.15
CA VAL C 564 -49.24 -59.03 -42.94
C VAL C 564 -48.99 -59.72 -44.27
N HIS C 565 -47.79 -59.54 -44.82
CA HIS C 565 -47.41 -60.15 -46.09
C HIS C 565 -46.61 -61.43 -45.88
N GLY C 566 -46.54 -61.94 -44.65
CA GLY C 566 -45.76 -63.11 -44.33
C GLY C 566 -44.95 -62.92 -43.07
N LEU C 567 -44.27 -63.96 -42.63
CA LEU C 567 -43.43 -63.92 -41.44
C LEU C 567 -41.99 -64.21 -41.85
N LEU C 568 -41.07 -63.33 -41.48
CA LEU C 568 -39.67 -63.51 -41.80
C LEU C 568 -39.03 -64.49 -40.83
N VAL C 569 -38.22 -65.39 -41.36
CA VAL C 569 -37.56 -66.42 -40.58
C VAL C 569 -36.15 -66.61 -41.09
N GLN C 570 -35.22 -66.86 -40.17
CA GLN C 570 -33.83 -67.07 -40.55
C GLN C 570 -33.19 -68.05 -39.58
N SER C 571 -32.06 -68.62 -40.01
CA SER C 571 -31.23 -69.47 -39.17
C SER C 571 -29.87 -68.83 -38.99
N MET C 572 -29.29 -69.05 -37.82
CA MET C 572 -28.04 -68.42 -37.44
C MET C 572 -26.93 -69.48 -37.39
N ALA C 573 -25.83 -69.20 -38.07
CA ALA C 573 -24.61 -69.95 -37.84
C ALA C 573 -24.10 -69.66 -36.44
N ASN C 574 -22.99 -70.31 -36.07
CA ASN C 574 -22.41 -70.12 -34.76
C ASN C 574 -22.27 -68.64 -34.45
N ARG C 575 -22.96 -68.20 -33.40
CA ARG C 575 -22.96 -66.80 -33.00
C ARG C 575 -22.56 -66.59 -31.55
N ALA C 576 -22.46 -67.65 -30.74
CA ALA C 576 -22.04 -67.48 -29.35
C ALA C 576 -20.64 -66.88 -29.25
N GLY C 577 -19.78 -67.17 -30.22
CA GLY C 577 -18.45 -66.59 -30.27
C GLY C 577 -18.40 -65.36 -31.15
N ALA C 578 -19.56 -64.81 -31.49
CA ALA C 578 -19.67 -63.69 -32.41
C ALA C 578 -19.86 -62.39 -31.63
N GLN C 579 -19.38 -61.30 -32.21
CA GLN C 579 -19.49 -59.97 -31.62
C GLN C 579 -20.63 -59.22 -32.27
N GLU C 580 -21.39 -58.48 -31.46
CA GLU C 580 -22.57 -57.77 -31.91
C GLU C 580 -22.32 -56.26 -31.86
N LEU C 581 -22.62 -55.57 -32.95
CA LEU C 581 -22.52 -54.12 -33.03
C LEU C 581 -23.83 -53.56 -33.56
N ARG C 582 -23.91 -52.24 -33.65
CA ARG C 582 -25.07 -51.57 -34.23
C ARG C 582 -24.61 -50.34 -35.00
N VAL C 583 -25.23 -50.10 -36.15
CA VAL C 583 -24.88 -48.98 -37.01
C VAL C 583 -26.16 -48.23 -37.37
N VAL C 584 -26.09 -46.90 -37.34
CA VAL C 584 -27.22 -46.06 -37.70
C VAL C 584 -26.74 -44.90 -38.57
N VAL C 585 -27.58 -44.50 -39.51
CA VAL C 585 -27.34 -43.32 -40.33
C VAL C 585 -28.60 -42.48 -40.29
N GLU C 586 -28.48 -41.24 -39.82
CA GLU C 586 -29.59 -40.33 -39.62
C GLU C 586 -29.34 -39.04 -40.39
N HIS C 587 -30.32 -38.14 -40.34
CA HIS C 587 -30.26 -36.84 -41.05
C HIS C 587 -30.50 -35.73 -40.04
N ASP C 588 -29.44 -35.27 -39.39
CA ASP C 588 -29.54 -34.12 -38.52
C ASP C 588 -29.80 -32.86 -39.35
N PRO C 589 -30.66 -31.95 -38.87
CA PRO C 589 -30.99 -30.77 -39.69
C PRO C 589 -29.96 -29.66 -39.63
N VAL C 590 -28.98 -29.74 -38.72
CA VAL C 590 -27.97 -28.70 -38.62
C VAL C 590 -26.74 -29.04 -39.45
N PHE C 591 -26.30 -30.29 -39.41
CA PHE C 591 -25.09 -30.72 -40.10
C PHE C 591 -25.35 -31.60 -41.30
N GLY C 592 -26.54 -32.16 -41.45
CA GLY C 592 -26.85 -33.03 -42.55
C GLY C 592 -26.81 -34.50 -42.16
N PRO C 593 -26.44 -35.37 -43.09
CA PRO C 593 -26.33 -36.80 -42.76
C PRO C 593 -25.27 -37.03 -41.69
N LEU C 594 -25.49 -38.06 -40.88
CA LEU C 594 -24.62 -38.35 -39.76
C LEU C 594 -24.58 -39.86 -39.55
N ILE C 595 -23.41 -40.38 -39.20
CA ILE C 595 -23.20 -41.82 -39.05
C ILE C 595 -22.80 -42.11 -37.61
N MET C 596 -23.52 -43.04 -36.97
CA MET C 596 -23.30 -43.40 -35.58
C MET C 596 -23.04 -44.89 -35.46
N LEU C 597 -22.12 -45.24 -34.58
CA LEU C 597 -21.74 -46.63 -34.32
C LEU C 597 -21.82 -46.90 -32.84
N GLY C 598 -22.33 -48.08 -32.48
CA GLY C 598 -22.47 -48.44 -31.09
C GLY C 598 -22.64 -49.93 -30.90
N GLU C 599 -23.22 -50.30 -29.76
CA GLU C 599 -23.42 -51.69 -29.37
C GLU C 599 -24.90 -52.03 -29.36
N GLY C 600 -25.18 -53.33 -29.35
CA GLY C 600 -26.54 -53.83 -29.41
C GLY C 600 -27.26 -53.78 -28.08
N GLY C 601 -28.54 -54.13 -28.11
CA GLY C 601 -29.39 -54.12 -26.95
C GLY C 601 -30.33 -52.93 -26.94
N VAL C 602 -31.45 -53.10 -26.21
CA VAL C 602 -32.44 -52.03 -26.07
C VAL C 602 -31.89 -50.81 -25.35
N GLU C 603 -30.66 -50.89 -24.84
CA GLU C 603 -29.99 -49.78 -24.18
C GLU C 603 -29.55 -48.69 -25.15
N TRP C 604 -29.94 -48.75 -26.43
CA TRP C 604 -29.43 -47.82 -27.41
C TRP C 604 -29.87 -46.39 -27.10
N ARG C 605 -28.92 -45.59 -26.63
CA ARG C 605 -29.13 -44.16 -26.39
C ARG C 605 -27.96 -43.43 -27.03
N PRO C 606 -28.12 -42.81 -28.20
CA PRO C 606 -26.95 -42.27 -28.89
C PRO C 606 -26.15 -41.26 -28.09
N GLU C 607 -26.81 -40.50 -27.20
CA GLU C 607 -26.10 -39.45 -26.48
C GLU C 607 -24.98 -40.02 -25.62
N ASP C 608 -25.10 -41.27 -25.19
CA ASP C 608 -24.12 -41.84 -24.26
C ASP C 608 -23.03 -42.62 -24.96
N GLN C 609 -23.40 -43.68 -25.70
CA GLN C 609 -22.43 -44.64 -26.20
C GLN C 609 -22.12 -44.48 -27.69
N ALA C 610 -23.01 -43.86 -28.46
CA ALA C 610 -22.79 -43.77 -29.89
C ALA C 610 -21.58 -42.90 -30.20
N VAL C 611 -20.72 -43.38 -31.09
CA VAL C 611 -19.62 -42.60 -31.63
C VAL C 611 -20.01 -42.15 -33.02
N VAL C 612 -19.78 -40.87 -33.31
CA VAL C 612 -20.43 -40.19 -34.44
C VAL C 612 -19.39 -39.66 -35.40
N ALA C 613 -19.79 -39.54 -36.67
CA ALA C 613 -18.91 -39.00 -37.70
C ALA C 613 -19.74 -38.43 -38.85
N LEU C 614 -19.05 -37.63 -39.69
CA LEU C 614 -19.58 -36.93 -40.85
C LEU C 614 -19.08 -37.59 -42.14
N PRO C 615 -19.95 -37.82 -43.12
CA PRO C 615 -19.47 -38.29 -44.43
C PRO C 615 -18.91 -37.13 -45.24
N PRO C 616 -18.09 -37.41 -46.25
CA PRO C 616 -17.61 -38.72 -46.71
C PRO C 616 -16.47 -39.23 -45.85
N LEU C 617 -16.06 -40.49 -46.04
CA LEU C 617 -14.99 -41.10 -45.25
C LEU C 617 -14.03 -41.83 -46.17
N ASN C 618 -12.79 -41.94 -45.72
CA ASN C 618 -11.81 -42.82 -46.32
C ASN C 618 -11.28 -43.75 -45.22
N MET C 619 -10.25 -44.53 -45.56
CA MET C 619 -9.77 -45.55 -44.62
C MET C 619 -9.23 -44.91 -43.33
N ASN C 620 -8.46 -43.83 -43.47
CA ASN C 620 -7.82 -43.24 -42.28
C ASN C 620 -8.85 -42.69 -41.30
N LEU C 621 -9.86 -41.98 -41.81
CA LEU C 621 -10.86 -41.41 -40.92
C LEU C 621 -11.65 -42.50 -40.20
N ALA C 622 -12.02 -43.55 -40.92
CA ALA C 622 -12.72 -44.66 -40.30
C ALA C 622 -11.86 -45.34 -39.24
N ARG C 623 -10.58 -45.52 -39.54
CA ARG C 623 -9.67 -46.13 -38.57
C ARG C 623 -9.58 -45.27 -37.31
N TYR C 624 -9.49 -43.95 -37.47
CA TYR C 624 -9.45 -43.07 -36.32
C TYR C 624 -10.74 -43.17 -35.51
N LEU C 625 -11.88 -43.24 -36.19
CA LEU C 625 -13.15 -43.38 -35.48
C LEU C 625 -13.15 -44.65 -34.65
N VAL C 626 -12.72 -45.77 -35.25
CA VAL C 626 -12.72 -47.04 -34.53
C VAL C 626 -11.77 -46.98 -33.33
N ILE C 627 -10.58 -46.42 -33.52
CA ILE C 627 -9.61 -46.36 -32.43
C ILE C 627 -10.15 -45.51 -31.29
N GLN C 628 -10.74 -44.35 -31.62
CA GLN C 628 -11.30 -43.49 -30.58
C GLN C 628 -12.42 -44.20 -29.84
N GLY C 629 -13.29 -44.89 -30.57
CA GLY C 629 -14.38 -45.60 -29.91
C GLY C 629 -13.89 -46.68 -28.97
N ILE C 630 -12.90 -47.45 -29.39
CA ILE C 630 -12.37 -48.52 -28.54
C ILE C 630 -11.67 -47.95 -27.32
N LYS C 631 -10.81 -46.95 -27.54
CA LYS C 631 -9.99 -46.43 -26.44
C LYS C 631 -10.87 -45.82 -25.35
N SER C 632 -11.90 -45.08 -25.73
CA SER C 632 -12.82 -44.51 -24.75
C SER C 632 -13.74 -45.54 -24.12
N LYS C 633 -13.55 -46.83 -24.43
CA LYS C 633 -14.32 -47.93 -23.84
C LYS C 633 -15.80 -47.85 -24.19
N LYS C 634 -16.17 -47.05 -25.20
CA LYS C 634 -17.54 -47.08 -25.68
C LYS C 634 -17.83 -48.38 -26.43
N ILE C 635 -16.80 -48.97 -27.04
CA ILE C 635 -16.92 -50.25 -27.74
C ILE C 635 -15.79 -51.15 -27.26
N ARG C 636 -16.13 -52.41 -27.00
CA ARG C 636 -15.18 -53.36 -26.44
C ARG C 636 -14.35 -54.01 -27.53
N ALA C 637 -13.10 -54.34 -27.19
CA ALA C 637 -12.20 -54.98 -28.14
C ALA C 637 -12.21 -56.50 -28.05
N ARG C 638 -12.50 -57.05 -26.87
CA ARG C 638 -12.46 -58.50 -26.67
C ARG C 638 -13.67 -59.01 -25.90
N SER C 639 -14.88 -58.60 -26.30
CA SER C 639 -16.07 -59.16 -25.67
C SER C 639 -16.15 -60.67 -25.86
N ALA C 640 -15.47 -61.21 -26.87
CA ALA C 640 -15.45 -62.63 -27.15
C ALA C 640 -14.04 -63.18 -26.92
N LEU C 641 -13.85 -64.45 -27.25
CA LEU C 641 -12.56 -65.10 -27.09
C LEU C 641 -11.51 -64.57 -28.06
N ARG C 642 -11.91 -63.78 -29.06
CA ARG C 642 -11.03 -63.30 -30.10
C ARG C 642 -10.98 -61.77 -30.10
N PRO C 643 -9.92 -61.18 -30.63
CA PRO C 643 -9.88 -59.72 -30.75
C PRO C 643 -10.80 -59.23 -31.86
N LEU C 644 -10.82 -57.92 -32.07
CA LEU C 644 -11.63 -57.31 -33.12
C LEU C 644 -10.70 -56.72 -34.19
N ASP C 645 -10.94 -57.09 -35.44
CA ASP C 645 -10.16 -56.57 -36.55
C ASP C 645 -10.73 -55.21 -36.95
N VAL C 646 -9.85 -54.23 -37.13
CA VAL C 646 -10.29 -52.87 -37.40
C VAL C 646 -10.34 -52.57 -38.90
N ALA C 647 -9.52 -53.24 -39.70
CA ALA C 647 -9.54 -53.00 -41.14
C ALA C 647 -10.89 -53.32 -41.75
N GLY C 648 -11.46 -54.48 -41.36
CA GLY C 648 -12.75 -54.86 -41.91
C GLY C 648 -13.86 -53.90 -41.52
N LEU C 649 -13.89 -53.48 -40.26
CA LEU C 649 -14.90 -52.55 -39.82
C LEU C 649 -14.76 -51.20 -40.52
N SER C 650 -13.52 -50.73 -40.69
CA SER C 650 -13.30 -49.48 -41.40
C SER C 650 -13.75 -49.58 -42.85
N GLN C 651 -13.48 -50.71 -43.51
CA GLN C 651 -13.94 -50.90 -44.88
C GLN C 651 -15.46 -50.91 -44.94
N LEU C 652 -16.11 -51.55 -43.98
CA LEU C 652 -17.57 -51.56 -43.93
C LEU C 652 -18.11 -50.14 -43.79
N LEU C 653 -17.49 -49.33 -42.94
CA LEU C 653 -17.93 -47.95 -42.77
C LEU C 653 -17.73 -47.15 -44.05
N VAL C 654 -16.62 -47.38 -44.76
CA VAL C 654 -16.40 -46.68 -46.02
C VAL C 654 -17.46 -47.05 -47.04
N GLN C 655 -17.82 -48.34 -47.10
CA GLN C 655 -18.88 -48.76 -48.01
C GLN C 655 -20.20 -48.09 -47.66
N VAL C 656 -20.52 -48.01 -46.37
CA VAL C 656 -21.76 -47.34 -45.96
C VAL C 656 -21.74 -45.88 -46.38
N SER C 657 -20.61 -45.21 -46.19
CA SER C 657 -20.50 -43.81 -46.59
C SER C 657 -20.73 -43.64 -48.08
N ASN C 658 -20.09 -44.48 -48.89
CA ASN C 658 -20.30 -44.42 -50.33
C ASN C 658 -21.78 -44.59 -50.65
N LEU C 659 -22.42 -45.59 -50.05
CA LEU C 659 -23.81 -45.86 -50.36
C LEU C 659 -24.69 -44.66 -50.03
N ILE C 660 -24.54 -44.10 -48.84
CA ILE C 660 -25.46 -43.04 -48.43
C ILE C 660 -25.21 -41.77 -49.23
N VAL C 661 -23.94 -41.46 -49.53
CA VAL C 661 -23.66 -40.24 -50.29
C VAL C 661 -24.17 -40.37 -51.73
N ASP C 662 -23.98 -41.54 -52.34
CA ASP C 662 -24.41 -41.71 -53.73
C ASP C 662 -25.93 -41.63 -53.85
N CYS C 663 -26.65 -42.27 -52.94
CA CYS C 663 -28.10 -42.37 -53.03
C CYS C 663 -28.75 -41.41 -52.05
N PRO C 664 -29.38 -40.32 -52.51
CA PRO C 664 -30.00 -39.39 -51.57
C PRO C 664 -31.42 -39.74 -51.18
N GLU C 665 -32.06 -40.68 -51.88
CA GLU C 665 -33.43 -41.06 -51.52
C GLU C 665 -33.51 -41.67 -50.13
N ILE C 666 -32.41 -42.20 -49.61
CA ILE C 666 -32.40 -42.80 -48.28
C ILE C 666 -32.39 -41.69 -47.24
N GLN C 667 -33.33 -41.75 -46.31
CA GLN C 667 -33.39 -40.80 -45.20
C GLN C 667 -32.86 -41.37 -43.89
N ARG C 668 -33.12 -42.65 -43.62
CA ARG C 668 -32.59 -43.29 -42.42
C ARG C 668 -32.19 -44.72 -42.73
N LEU C 669 -31.08 -45.16 -42.13
CA LEU C 669 -30.62 -46.54 -42.27
C LEU C 669 -30.29 -47.10 -40.89
N ASP C 670 -30.68 -48.34 -40.64
CA ASP C 670 -30.42 -48.97 -39.35
C ASP C 670 -30.01 -50.42 -39.58
N ILE C 671 -28.80 -50.77 -39.11
CA ILE C 671 -28.31 -52.14 -39.15
C ILE C 671 -28.13 -52.61 -37.72
N HIS C 672 -28.91 -53.61 -37.33
CA HIS C 672 -28.88 -54.15 -35.97
C HIS C 672 -29.46 -55.55 -35.96
N PRO C 673 -28.73 -56.57 -35.49
CA PRO C 673 -27.32 -56.56 -35.08
C PRO C 673 -26.39 -56.60 -36.28
N LEU C 674 -25.16 -56.10 -36.11
CA LEU C 674 -24.08 -56.32 -37.07
C LEU C 674 -23.16 -57.39 -36.48
N LEU C 675 -23.01 -58.50 -37.19
CA LEU C 675 -22.31 -59.67 -36.67
C LEU C 675 -20.87 -59.63 -37.15
N ALA C 676 -19.93 -59.46 -36.23
CA ALA C 676 -18.50 -59.48 -36.53
C ALA C 676 -17.94 -60.80 -35.99
N SER C 677 -17.36 -61.59 -36.88
CA SER C 677 -16.74 -62.87 -36.54
C SER C 677 -15.35 -62.90 -37.17
N GLY C 678 -14.34 -62.61 -36.35
CA GLY C 678 -12.98 -62.60 -36.84
C GLY C 678 -12.77 -61.57 -37.93
N SER C 679 -12.48 -62.03 -39.14
CA SER C 679 -12.29 -61.14 -40.28
C SER C 679 -13.55 -60.93 -41.10
N GLU C 680 -14.66 -61.57 -40.75
CA GLU C 680 -15.89 -61.47 -41.53
C GLU C 680 -16.90 -60.58 -40.81
N PHE C 681 -17.64 -59.79 -41.59
CA PHE C 681 -18.71 -58.96 -41.08
C PHE C 681 -19.97 -59.22 -41.89
N THR C 682 -21.10 -59.33 -41.19
CA THR C 682 -22.36 -59.66 -41.83
C THR C 682 -23.49 -58.84 -41.20
N ALA C 683 -24.54 -58.64 -41.97
CA ALA C 683 -25.72 -57.90 -41.53
C ALA C 683 -26.85 -58.88 -41.26
N LEU C 684 -27.50 -58.72 -40.11
CA LEU C 684 -28.59 -59.61 -39.71
C LEU C 684 -29.95 -59.04 -40.11
N ASP C 685 -30.26 -57.85 -39.61
CA ASP C 685 -31.50 -57.15 -39.93
C ASP C 685 -31.18 -55.72 -40.33
N VAL C 686 -31.79 -55.26 -41.41
CA VAL C 686 -31.55 -53.91 -41.94
C VAL C 686 -32.89 -53.26 -42.21
N THR C 687 -33.00 -51.97 -41.86
CA THR C 687 -34.20 -51.19 -42.08
C THR C 687 -33.84 -49.89 -42.79
N LEU C 688 -34.54 -49.60 -43.88
CA LEU C 688 -34.33 -48.39 -44.67
C LEU C 688 -35.61 -47.58 -44.71
N ASP C 689 -35.51 -46.30 -44.37
CA ASP C 689 -36.61 -45.35 -44.51
C ASP C 689 -36.22 -44.35 -45.58
N ILE C 690 -37.03 -44.25 -46.63
CA ILE C 690 -36.68 -43.50 -47.83
C ILE C 690 -37.80 -42.53 -48.16
N SER C 691 -37.45 -41.48 -48.89
CA SER C 691 -38.37 -40.45 -49.33
C SER C 691 -37.97 -40.00 -50.72
N PRO C 692 -38.90 -39.41 -51.48
CA PRO C 692 -38.57 -38.97 -52.84
C PRO C 692 -37.89 -37.61 -52.90
N PHE C 693 -37.63 -37.13 -54.12
CA PHE C 693 -37.14 -35.78 -54.34
C PHE C 693 -35.71 -35.59 -53.84
N GLU C 694 -34.97 -34.71 -54.50
CA GLU C 694 -33.68 -34.25 -54.01
C GLU C 694 -33.22 -33.08 -54.88
N GLY C 695 -32.71 -32.03 -54.24
CA GLY C 695 -32.31 -30.84 -54.97
C GLY C 695 -31.05 -31.01 -55.80
N ASP C 696 -29.91 -31.17 -55.13
CA ASP C 696 -28.63 -31.29 -55.83
C ASP C 696 -27.72 -32.38 -55.31
N ASN C 697 -28.01 -32.97 -54.14
CA ASN C 697 -27.26 -34.11 -53.62
C ASN C 697 -25.88 -33.72 -53.12
N GLU C 698 -25.50 -32.45 -53.27
CA GLU C 698 -24.20 -31.98 -52.82
C GLU C 698 -24.31 -30.88 -51.77
N SER C 699 -25.17 -29.89 -51.98
CA SER C 699 -25.36 -28.86 -50.98
C SER C 699 -25.90 -29.44 -49.68
N ARG C 700 -26.47 -30.65 -49.73
CA ARG C 700 -27.01 -31.29 -48.53
C ARG C 700 -25.92 -31.65 -47.52
N LEU C 701 -24.66 -31.68 -47.93
CA LEU C 701 -23.57 -32.06 -47.05
C LEU C 701 -22.90 -30.84 -46.45
N ALA C 702 -21.83 -31.06 -45.68
CA ALA C 702 -21.08 -30.00 -45.04
C ALA C 702 -19.66 -29.86 -45.55
N VAL C 703 -19.05 -30.92 -46.06
CA VAL C 703 -17.70 -30.88 -46.63
C VAL C 703 -17.76 -31.46 -48.03
N ARG C 704 -17.20 -30.73 -49.01
CA ARG C 704 -17.30 -31.19 -50.39
C ARG C 704 -15.97 -31.73 -50.89
N PRO C 705 -15.99 -32.77 -51.71
CA PRO C 705 -14.77 -33.50 -52.03
C PRO C 705 -13.93 -32.82 -53.11
N TYR C 706 -12.87 -33.51 -53.50
CA TYR C 706 -11.88 -33.02 -54.45
C TYR C 706 -12.39 -33.18 -55.87
N PRO C 707 -12.39 -32.12 -56.69
CA PRO C 707 -12.93 -32.22 -58.05
C PRO C 707 -11.93 -32.78 -59.06
N HIS C 708 -11.82 -34.10 -59.16
CA HIS C 708 -10.83 -34.72 -60.02
C HIS C 708 -11.18 -34.64 -61.50
N GLN C 709 -12.34 -34.11 -61.87
CA GLN C 709 -12.70 -34.02 -63.27
C GLN C 709 -12.12 -32.82 -63.97
N LEU C 710 -11.36 -31.98 -63.27
CA LEU C 710 -10.68 -30.84 -63.87
C LEU C 710 -9.19 -31.11 -64.14
N GLU C 711 -8.72 -32.31 -63.84
CA GLU C 711 -7.31 -32.63 -64.05
C GLU C 711 -7.03 -32.79 -65.54
N GLU C 712 -5.98 -32.12 -66.02
CA GLU C 712 -5.72 -32.04 -67.46
C GLU C 712 -4.25 -32.25 -67.78
N TRP C 713 -4.00 -32.82 -68.95
CA TRP C 713 -2.69 -32.92 -69.55
C TRP C 713 -2.61 -31.93 -70.70
N VAL C 714 -1.58 -31.09 -70.72
CA VAL C 714 -1.44 -30.06 -71.73
C VAL C 714 -0.04 -30.09 -72.33
N GLU C 715 0.02 -30.01 -73.65
CA GLU C 715 1.28 -29.90 -74.38
C GLU C 715 1.55 -28.42 -74.66
N LEU C 716 2.77 -27.99 -74.38
CA LEU C 716 3.08 -26.57 -74.28
C LEU C 716 3.27 -25.97 -75.66
N LYS C 717 3.74 -24.71 -75.70
CA LYS C 717 4.03 -24.05 -76.96
C LYS C 717 5.17 -24.74 -77.70
N ASN C 718 6.20 -25.17 -76.97
CA ASN C 718 7.36 -25.81 -77.55
C ASN C 718 7.28 -27.33 -77.54
N GLY C 719 6.09 -27.89 -77.34
CA GLY C 719 5.92 -29.33 -77.35
C GLY C 719 6.19 -30.04 -76.05
N GLU C 720 6.27 -29.31 -74.94
CA GLU C 720 6.51 -29.94 -73.65
C GLU C 720 5.20 -30.32 -72.98
N ARG C 721 5.25 -31.37 -72.17
CA ARG C 721 4.09 -31.89 -71.47
C ARG C 721 4.07 -31.39 -70.03
N CYS C 722 2.88 -31.09 -69.52
CA CYS C 722 2.72 -30.77 -68.11
C CYS C 722 1.28 -31.04 -67.72
N LEU C 723 1.01 -30.98 -66.42
CA LEU C 723 -0.32 -31.30 -65.88
C LEU C 723 -0.88 -30.09 -65.16
N PHE C 724 -2.11 -29.71 -65.52
CA PHE C 724 -2.84 -28.64 -64.85
C PHE C 724 -3.88 -29.26 -63.93
N ARG C 725 -3.83 -28.91 -62.64
CA ARG C 725 -4.72 -29.55 -61.70
C ARG C 725 -4.95 -28.66 -60.50
N PRO C 726 -6.01 -28.91 -59.72
CA PRO C 726 -6.23 -28.14 -58.49
C PRO C 726 -5.17 -28.42 -57.44
N ILE C 727 -5.07 -27.51 -56.49
CA ILE C 727 -4.00 -27.54 -55.50
C ILE C 727 -4.37 -28.46 -54.35
N LEU C 728 -3.35 -28.96 -53.66
CA LEU C 728 -3.48 -29.88 -52.54
C LEU C 728 -2.64 -29.38 -51.38
N PRO C 729 -2.95 -29.78 -50.16
CA PRO C 729 -2.13 -29.37 -49.01
C PRO C 729 -0.69 -29.85 -49.06
N GLU C 730 -0.40 -30.90 -49.83
CA GLU C 730 0.96 -31.45 -49.87
C GLU C 730 1.93 -30.60 -50.69
N ASP C 731 1.45 -29.57 -51.37
CA ASP C 731 2.28 -28.79 -52.27
C ASP C 731 3.00 -27.64 -51.57
N GLU C 732 2.89 -27.54 -50.25
CA GLU C 732 3.48 -26.38 -49.57
C GLU C 732 4.99 -26.30 -49.73
N PRO C 733 5.77 -27.37 -49.51
CA PRO C 733 7.21 -27.27 -49.76
C PRO C 733 7.53 -26.80 -51.16
N GLN C 734 7.01 -27.50 -52.17
CA GLN C 734 7.29 -27.11 -53.55
C GLN C 734 6.95 -25.65 -53.78
N LEU C 735 5.93 -25.14 -53.11
CA LEU C 735 5.48 -23.77 -53.34
C LEU C 735 6.51 -22.76 -52.88
N GLN C 736 7.26 -23.06 -51.81
CA GLN C 736 8.19 -22.07 -51.29
C GLN C 736 9.36 -21.86 -52.23
N GLN C 737 9.97 -22.93 -52.72
CA GLN C 737 11.09 -22.77 -53.64
C GLN C 737 10.67 -22.01 -54.88
N PHE C 738 9.50 -22.34 -55.42
CA PHE C 738 9.02 -21.66 -56.63
C PHE C 738 8.92 -20.16 -56.40
N ILE C 739 8.75 -19.71 -55.16
CA ILE C 739 8.60 -18.28 -54.91
C ILE C 739 9.93 -17.54 -54.92
N SER C 740 11.05 -18.26 -54.86
CA SER C 740 12.34 -17.59 -54.93
C SER C 740 12.62 -17.10 -56.34
N ARG C 741 12.34 -17.92 -57.34
CA ARG C 741 12.69 -17.61 -58.72
C ARG C 741 11.52 -16.94 -59.45
N VAL C 742 11.04 -15.85 -58.86
CA VAL C 742 9.94 -15.08 -59.43
C VAL C 742 10.26 -13.60 -59.27
N THR C 743 10.03 -12.82 -60.32
CA THR C 743 10.36 -11.41 -60.30
C THR C 743 9.56 -10.69 -59.21
N LYS C 744 10.08 -9.55 -58.78
CA LYS C 744 9.46 -8.82 -57.67
C LYS C 744 8.22 -8.04 -58.13
N GLU C 745 8.22 -7.54 -59.36
CA GLU C 745 7.14 -6.66 -59.79
C GLU C 745 5.79 -7.37 -59.75
N ASP C 746 5.75 -8.63 -60.17
CA ASP C 746 4.49 -9.35 -60.28
C ASP C 746 3.98 -9.87 -58.94
N LEU C 747 4.74 -9.73 -57.87
CA LEU C 747 4.38 -10.28 -56.57
C LEU C 747 3.39 -9.42 -55.79
N TYR C 748 2.75 -8.44 -56.42
CA TYR C 748 1.86 -7.53 -55.72
C TYR C 748 0.41 -7.91 -55.97
N TYR C 749 -0.43 -7.71 -54.97
CA TYR C 749 -1.87 -7.87 -55.09
C TYR C 749 -2.56 -6.84 -54.22
N ARG C 750 -3.87 -6.73 -54.42
CA ARG C 750 -4.69 -5.72 -53.75
C ARG C 750 -5.61 -6.39 -52.74
N TYR C 751 -5.38 -6.10 -51.46
CA TYR C 751 -6.22 -6.57 -50.37
C TYR C 751 -6.71 -5.35 -49.60
N PHE C 752 -8.03 -5.24 -49.45
CA PHE C 752 -8.66 -4.17 -48.69
C PHE C 752 -8.07 -2.81 -49.06
N SER C 753 -8.26 -2.44 -50.33
CA SER C 753 -7.84 -1.14 -50.83
C SER C 753 -6.40 -0.82 -50.43
N GLU C 754 -5.58 -1.85 -50.29
CA GLU C 754 -4.16 -1.68 -50.03
C GLU C 754 -3.38 -2.64 -50.92
N ILE C 755 -2.14 -2.28 -51.21
CA ILE C 755 -1.26 -3.09 -52.04
C ILE C 755 -0.26 -3.78 -51.14
N ASN C 756 -0.22 -5.12 -51.20
CA ASN C 756 0.79 -5.89 -50.49
C ASN C 756 1.43 -6.86 -51.47
N GLU C 757 2.41 -7.63 -50.98
CA GLU C 757 3.09 -8.61 -51.81
C GLU C 757 3.13 -9.95 -51.09
N PHE C 758 3.08 -11.02 -51.89
CA PHE C 758 2.97 -12.36 -51.35
C PHE C 758 4.14 -12.70 -50.45
N THR C 759 3.85 -13.39 -49.35
CA THR C 759 4.88 -13.96 -48.49
C THR C 759 4.61 -15.46 -48.35
N HIS C 760 5.40 -16.14 -47.52
CA HIS C 760 5.24 -17.59 -47.40
C HIS C 760 3.92 -17.95 -46.75
N GLU C 761 3.51 -17.21 -45.72
CA GLU C 761 2.25 -17.50 -45.07
C GLU C 761 1.09 -17.43 -46.04
N ASP C 762 1.14 -16.51 -47.00
CA ASP C 762 0.05 -16.40 -47.97
C ASP C 762 -0.06 -17.67 -48.80
N LEU C 763 1.08 -18.25 -49.21
CA LEU C 763 1.04 -19.47 -50.01
C LEU C 763 0.57 -20.65 -49.17
N ALA C 764 1.08 -20.77 -47.95
CA ALA C 764 0.60 -21.82 -47.05
C ALA C 764 -0.91 -21.74 -46.88
N ASN C 765 -1.43 -20.52 -46.71
CA ASN C 765 -2.87 -20.33 -46.64
C ASN C 765 -3.55 -20.78 -47.93
N MET C 766 -2.95 -20.45 -49.07
CA MET C 766 -3.57 -20.80 -50.34
C MET C 766 -3.65 -22.31 -50.54
N THR C 767 -2.81 -23.08 -49.85
CA THR C 767 -2.89 -24.53 -50.00
C THR C 767 -4.14 -25.12 -49.36
N GLN C 768 -4.68 -24.48 -48.33
CA GLN C 768 -5.90 -24.94 -47.66
C GLN C 768 -7.10 -24.26 -48.29
N ILE C 769 -7.85 -25.00 -49.10
CA ILE C 769 -8.89 -24.44 -49.95
C ILE C 769 -10.19 -25.21 -49.75
N ASP C 770 -11.30 -24.49 -49.85
CA ASP C 770 -12.60 -25.07 -50.12
C ASP C 770 -12.92 -24.79 -51.58
N TYR C 771 -13.31 -25.82 -52.32
CA TYR C 771 -13.50 -25.66 -53.75
C TYR C 771 -14.91 -25.23 -54.07
N ASP C 772 -15.40 -24.24 -53.34
CA ASP C 772 -16.72 -23.66 -53.58
C ASP C 772 -16.63 -22.16 -53.82
N ARG C 773 -15.92 -21.46 -52.92
CA ARG C 773 -15.82 -20.01 -52.97
C ARG C 773 -14.43 -19.53 -53.39
N GLU C 774 -13.43 -20.39 -53.32
CA GLU C 774 -12.08 -20.02 -53.73
C GLU C 774 -11.48 -21.18 -54.50
N MET C 775 -10.76 -20.87 -55.58
CA MET C 775 -10.16 -21.89 -56.43
C MET C 775 -8.74 -21.51 -56.77
N ALA C 776 -7.92 -22.53 -57.00
CA ALA C 776 -6.53 -22.32 -57.40
C ALA C 776 -6.09 -23.49 -58.26
N PHE C 777 -5.39 -23.18 -59.34
CA PHE C 777 -4.83 -24.17 -60.26
C PHE C 777 -3.32 -24.06 -60.26
N VAL C 778 -2.65 -25.20 -60.42
CA VAL C 778 -1.20 -25.23 -60.56
C VAL C 778 -0.84 -26.03 -61.80
N ALA C 779 0.29 -25.66 -62.39
CA ALA C 779 0.88 -26.37 -63.52
C ALA C 779 2.14 -27.08 -63.03
N VAL C 780 2.19 -28.39 -63.20
CA VAL C 780 3.20 -29.23 -62.56
C VAL C 780 3.92 -30.06 -63.60
N ARG C 781 5.20 -30.34 -63.32
CA ARG C 781 6.08 -31.13 -64.17
C ARG C 781 6.71 -32.23 -63.34
N ARG C 782 6.77 -33.43 -63.91
CA ARG C 782 7.30 -34.59 -63.21
C ARG C 782 8.76 -34.81 -63.60
N ILE C 783 9.64 -34.92 -62.61
CA ILE C 783 11.05 -35.18 -62.85
C ILE C 783 11.57 -36.07 -61.73
N ASP C 784 11.93 -37.30 -62.06
CA ASP C 784 12.70 -38.18 -61.18
C ASP C 784 12.09 -38.26 -59.78
N GLN C 785 10.88 -38.82 -59.73
CA GLN C 785 10.22 -39.13 -58.46
C GLN C 785 9.96 -37.88 -57.63
N THR C 786 9.65 -36.77 -58.28
CA THR C 786 9.23 -35.56 -57.58
C THR C 786 8.46 -34.68 -58.54
N GLU C 787 7.80 -33.67 -57.99
CA GLU C 787 7.01 -32.71 -58.76
C GLU C 787 7.57 -31.32 -58.53
N GLU C 788 7.65 -30.56 -59.61
CA GLU C 788 8.16 -29.19 -59.57
C GLU C 788 7.13 -28.26 -60.21
N ILE C 789 6.86 -27.14 -59.55
CA ILE C 789 5.78 -26.24 -59.96
C ILE C 789 6.33 -25.20 -60.92
N LEU C 790 5.55 -24.89 -61.96
CA LEU C 790 5.89 -23.88 -62.93
C LEU C 790 5.06 -22.61 -62.81
N GLY C 791 3.75 -22.73 -62.57
CA GLY C 791 2.89 -21.57 -62.53
C GLY C 791 1.66 -21.81 -61.67
N VAL C 792 1.15 -20.72 -61.11
CA VAL C 792 -0.01 -20.76 -60.21
C VAL C 792 -1.02 -19.73 -60.66
N THR C 793 -2.30 -20.03 -60.43
CA THR C 793 -3.36 -19.04 -60.62
C THR C 793 -4.42 -19.25 -59.55
N ARG C 794 -5.03 -18.15 -59.11
CA ARG C 794 -6.02 -18.18 -58.04
C ARG C 794 -7.17 -17.24 -58.35
N ALA C 795 -8.35 -17.60 -57.86
CA ALA C 795 -9.54 -16.77 -57.96
C ALA C 795 -10.36 -16.87 -56.66
N ILE C 796 -10.80 -15.72 -56.16
CA ILE C 796 -11.59 -15.63 -54.93
C ILE C 796 -12.88 -14.89 -55.25
N SER C 797 -14.00 -15.45 -54.81
CA SER C 797 -15.33 -14.92 -55.09
C SER C 797 -15.92 -14.29 -53.85
N ASP C 798 -16.94 -13.47 -54.05
CA ASP C 798 -17.58 -12.73 -52.96
C ASP C 798 -18.79 -13.47 -52.45
N PRO C 799 -19.30 -13.08 -51.27
CA PRO C 799 -20.44 -13.81 -50.69
C PRO C 799 -21.67 -13.84 -51.58
N ASP C 800 -21.95 -12.75 -52.29
CA ASP C 800 -23.16 -12.65 -53.09
C ASP C 800 -22.99 -13.21 -54.50
N ASN C 801 -21.78 -13.64 -54.86
CA ASN C 801 -21.54 -14.31 -56.14
C ASN C 801 -21.76 -13.36 -57.32
N ILE C 802 -21.15 -12.19 -57.23
CA ILE C 802 -21.25 -11.20 -58.29
C ILE C 802 -19.90 -10.64 -58.74
N ASP C 803 -18.85 -10.78 -57.94
CA ASP C 803 -17.52 -10.27 -58.28
C ASP C 803 -16.49 -11.32 -57.92
N ALA C 804 -15.27 -11.16 -58.44
CA ALA C 804 -14.18 -12.04 -58.07
C ALA C 804 -12.86 -11.34 -58.36
N GLU C 805 -11.83 -11.81 -57.67
CA GLU C 805 -10.47 -11.28 -57.82
C GLU C 805 -9.54 -12.41 -58.19
N PHE C 806 -8.64 -12.16 -59.13
CA PHE C 806 -7.76 -13.18 -59.66
C PHE C 806 -6.30 -12.77 -59.53
N ALA C 807 -5.42 -13.76 -59.61
CA ALA C 807 -3.98 -13.51 -59.61
C ALA C 807 -3.26 -14.65 -60.31
N VAL C 808 -2.18 -14.33 -61.01
CA VAL C 808 -1.40 -15.29 -61.78
C VAL C 808 0.08 -15.07 -61.48
N LEU C 809 0.83 -16.16 -61.35
CA LEU C 809 2.27 -16.10 -61.12
C LEU C 809 2.95 -17.14 -61.99
N VAL C 810 4.04 -16.73 -62.64
CA VAL C 810 4.84 -17.61 -63.50
C VAL C 810 6.29 -17.48 -63.08
N ARG C 811 7.05 -18.56 -63.31
CA ARG C 811 8.44 -18.61 -62.89
C ARG C 811 9.33 -17.88 -63.89
N SER C 812 10.51 -17.52 -63.43
CA SER C 812 11.51 -16.95 -64.33
C SER C 812 12.01 -18.01 -65.31
N ASP C 813 12.52 -17.54 -66.44
CA ASP C 813 13.03 -18.36 -67.54
C ASP C 813 11.95 -19.22 -68.19
N LEU C 814 10.68 -18.97 -67.89
CA LEU C 814 9.56 -19.67 -68.53
C LEU C 814 8.68 -18.75 -69.35
N LYS C 815 9.09 -17.49 -69.54
CA LYS C 815 8.23 -16.52 -70.20
C LYS C 815 8.17 -16.77 -71.71
N GLY C 816 7.07 -16.33 -72.31
CA GLY C 816 6.86 -16.43 -73.74
C GLY C 816 6.33 -17.76 -74.23
N LEU C 817 6.11 -18.74 -73.35
CA LEU C 817 5.67 -20.07 -73.76
C LEU C 817 4.17 -20.25 -73.66
N GLY C 818 3.41 -19.21 -73.34
CA GLY C 818 1.96 -19.31 -73.30
C GLY C 818 1.39 -19.90 -72.03
N LEU C 819 2.23 -20.22 -71.04
CA LEU C 819 1.73 -20.80 -69.80
C LEU C 819 0.68 -19.91 -69.16
N GLY C 820 0.98 -18.61 -69.07
CA GLY C 820 0.03 -17.68 -68.47
C GLY C 820 -1.30 -17.65 -69.21
N ARG C 821 -1.25 -17.69 -70.54
CA ARG C 821 -2.48 -17.64 -71.32
C ARG C 821 -3.33 -18.89 -71.09
N ARG C 822 -2.68 -20.06 -71.02
CA ARG C 822 -3.42 -21.29 -70.76
C ARG C 822 -4.08 -21.25 -69.39
N LEU C 823 -3.32 -20.84 -68.37
CA LEU C 823 -3.90 -20.76 -67.03
C LEU C 823 -5.07 -19.78 -67.00
N MET C 824 -4.91 -18.63 -67.65
CA MET C 824 -5.97 -17.63 -67.66
C MET C 824 -7.23 -18.16 -68.34
N GLU C 825 -7.07 -18.89 -69.46
CA GLU C 825 -8.24 -19.42 -70.15
C GLU C 825 -8.94 -20.48 -69.32
N LYS C 826 -8.16 -21.32 -68.62
CA LYS C 826 -8.71 -22.37 -67.73
C LYS C 826 -9.52 -21.70 -66.62
N LEU C 827 -9.02 -20.58 -66.07
CA LEU C 827 -9.74 -19.84 -65.03
C LEU C 827 -11.01 -19.20 -65.58
N ILE C 828 -10.93 -18.65 -66.80
CA ILE C 828 -12.10 -18.03 -67.40
C ILE C 828 -13.22 -19.06 -67.57
N THR C 829 -12.86 -20.24 -68.06
CA THR C 829 -13.86 -21.30 -68.25
C THR C 829 -14.53 -21.64 -66.92
N TYR C 830 -13.72 -21.92 -65.89
CA TYR C 830 -14.30 -22.32 -64.61
C TYR C 830 -15.18 -21.22 -64.05
N THR C 831 -14.72 -19.97 -64.11
CA THR C 831 -15.47 -18.88 -63.52
C THR C 831 -16.80 -18.65 -64.25
N ARG C 832 -16.77 -18.68 -65.58
CA ARG C 832 -18.02 -18.50 -66.32
C ARG C 832 -18.98 -19.64 -66.04
N ASP C 833 -18.47 -20.86 -65.89
CA ASP C 833 -19.34 -21.97 -65.54
C ASP C 833 -19.95 -21.79 -64.16
N HIS C 834 -19.18 -21.25 -63.22
CA HIS C 834 -19.68 -21.10 -61.86
C HIS C 834 -20.91 -20.21 -61.80
N GLY C 835 -20.94 -19.16 -62.61
CA GLY C 835 -22.09 -18.28 -62.68
C GLY C 835 -21.80 -16.86 -62.20
N LEU C 836 -20.57 -16.41 -62.40
CA LEU C 836 -20.15 -15.09 -61.98
C LEU C 836 -20.40 -14.06 -63.09
N GLN C 837 -20.24 -12.79 -62.74
CA GLN C 837 -20.47 -11.69 -63.67
C GLN C 837 -19.17 -11.17 -64.27
N ARG C 838 -18.22 -10.74 -63.44
CA ARG C 838 -17.01 -10.12 -63.92
C ARG C 838 -15.81 -10.57 -63.08
N LEU C 839 -14.62 -10.21 -63.55
CA LEU C 839 -13.37 -10.55 -62.90
C LEU C 839 -12.50 -9.31 -62.82
N ASN C 840 -11.85 -9.12 -61.68
CA ASN C 840 -11.06 -7.92 -61.40
C ASN C 840 -9.64 -8.30 -61.04
N GLY C 841 -8.70 -7.43 -61.40
CA GLY C 841 -7.31 -7.67 -61.05
C GLY C 841 -6.52 -6.38 -61.18
N ILE C 842 -5.23 -6.46 -60.84
CA ILE C 842 -4.34 -5.31 -60.94
C ILE C 842 -2.93 -5.80 -61.22
N THR C 843 -2.12 -4.91 -61.80
CA THR C 843 -0.70 -5.17 -62.00
C THR C 843 0.01 -3.85 -62.25
N MET C 844 1.33 -3.92 -62.39
CA MET C 844 2.15 -2.74 -62.55
C MET C 844 2.11 -2.21 -63.98
N PRO C 845 2.37 -0.91 -64.18
CA PRO C 845 2.43 -0.36 -65.54
C PRO C 845 3.74 -0.71 -66.24
N ASN C 846 4.83 -0.77 -65.47
CA ASN C 846 6.12 -1.10 -66.06
C ASN C 846 6.10 -2.49 -66.69
N ASN C 847 5.38 -3.43 -66.09
CA ASN C 847 5.29 -4.79 -66.62
C ASN C 847 4.43 -4.77 -67.87
N ARG C 848 5.06 -4.98 -69.01
CA ARG C 848 4.37 -4.88 -70.30
C ARG C 848 3.82 -6.21 -70.78
N GLY C 849 4.39 -7.33 -70.33
CA GLY C 849 3.91 -8.63 -70.81
C GLY C 849 2.48 -8.91 -70.39
N MET C 850 2.16 -8.67 -69.11
CA MET C 850 0.83 -9.00 -68.62
C MET C 850 -0.22 -8.07 -69.23
N VAL C 851 0.10 -6.78 -69.37
CA VAL C 851 -0.86 -5.89 -70.02
C VAL C 851 -1.01 -6.24 -71.49
N ALA C 852 0.06 -6.69 -72.13
CA ALA C 852 -0.04 -7.14 -73.52
C ALA C 852 -0.98 -8.34 -73.61
N LEU C 853 -0.86 -9.28 -72.68
CA LEU C 853 -1.75 -10.45 -72.68
C LEU C 853 -3.20 -10.03 -72.46
N ALA C 854 -3.43 -9.14 -71.49
CA ALA C 854 -4.78 -8.68 -71.22
C ALA C 854 -5.39 -7.98 -72.44
N ARG C 855 -4.59 -7.13 -73.10
CA ARG C 855 -5.06 -6.51 -74.34
C ARG C 855 -5.36 -7.56 -75.39
N LYS C 856 -4.48 -8.55 -75.54
CA LYS C 856 -4.74 -9.64 -76.47
C LYS C 856 -6.12 -10.24 -76.22
N LEU C 857 -6.46 -10.44 -74.94
CA LEU C 857 -7.83 -10.80 -74.63
C LEU C 857 -8.80 -9.71 -75.04
N GLY C 858 -8.35 -8.46 -75.05
CA GLY C 858 -9.21 -7.35 -75.45
C GLY C 858 -10.09 -6.83 -74.35
N PHE C 859 -9.73 -7.07 -73.10
CA PHE C 859 -10.56 -6.74 -71.95
C PHE C 859 -9.97 -5.53 -71.22
N ASN C 860 -10.84 -4.83 -70.51
CA ASN C 860 -10.57 -3.44 -70.16
C ASN C 860 -9.33 -3.30 -69.29
N VAL C 861 -8.51 -2.29 -69.60
CA VAL C 861 -7.35 -1.92 -68.81
C VAL C 861 -7.42 -0.42 -68.54
N ASP C 862 -7.38 -0.05 -67.26
CA ASP C 862 -7.39 1.34 -66.84
C ASP C 862 -6.11 1.64 -66.06
N ILE C 863 -5.72 2.91 -66.05
CA ILE C 863 -4.48 3.34 -65.44
C ILE C 863 -4.79 4.32 -64.33
N GLN C 864 -4.10 4.17 -63.20
CA GLN C 864 -4.22 5.06 -62.06
C GLN C 864 -2.91 5.83 -61.89
N LEU C 865 -3.01 7.13 -61.64
CA LEU C 865 -1.86 8.01 -61.57
C LEU C 865 -1.58 8.42 -60.15
N GLU C 866 -0.28 8.64 -59.86
CA GLU C 866 0.30 8.88 -58.55
C GLU C 866 0.30 7.64 -57.67
N GLU C 867 -0.25 6.52 -58.15
CA GLU C 867 -0.11 5.23 -57.49
C GLU C 867 0.57 4.19 -58.36
N GLY C 868 0.59 4.39 -59.67
CA GLY C 868 1.23 3.45 -60.57
C GLY C 868 0.62 2.07 -60.54
N ILE C 869 -0.71 1.98 -60.56
CA ILE C 869 -1.43 0.71 -60.56
C ILE C 869 -2.33 0.68 -61.78
N VAL C 870 -2.33 -0.46 -62.48
CA VAL C 870 -3.18 -0.69 -63.63
C VAL C 870 -4.25 -1.69 -63.24
N GLY C 871 -5.51 -1.29 -63.40
CA GLY C 871 -6.64 -2.14 -63.06
C GLY C 871 -7.16 -2.84 -64.29
N LEU C 872 -7.35 -4.15 -64.17
CA LEU C 872 -7.79 -5.01 -65.25
C LEU C 872 -9.20 -5.49 -64.94
N THR C 873 -10.09 -5.39 -65.92
CA THR C 873 -11.47 -5.81 -65.78
C THR C 873 -11.83 -6.71 -66.95
N LEU C 874 -12.49 -7.84 -66.64
CA LEU C 874 -12.85 -8.82 -67.64
C LEU C 874 -14.29 -9.24 -67.40
N ASN C 875 -15.20 -8.79 -68.25
CA ASN C 875 -16.63 -9.05 -68.09
C ASN C 875 -16.98 -10.36 -68.80
N LEU C 876 -17.42 -11.35 -68.01
CA LEU C 876 -17.65 -12.69 -68.54
C LEU C 876 -18.99 -12.81 -69.26
N ALA C 877 -19.80 -11.76 -69.27
CA ALA C 877 -21.13 -11.80 -69.85
C ALA C 877 -22.03 -12.70 -69.01
N GLY D 1 -1.06 -42.41 27.59
CA GLY D 1 -1.88 -41.24 27.38
C GLY D 1 -1.20 -40.21 26.50
N LEU D 2 -1.99 -39.26 25.99
CA LEU D 2 -1.48 -38.22 25.10
C LEU D 2 -1.59 -36.83 25.71
N GLU D 3 -1.73 -36.74 27.03
CA GLU D 3 -1.89 -35.44 27.65
C GLU D 3 -0.56 -34.74 27.91
N ALA D 4 0.54 -35.48 28.00
CA ALA D 4 1.85 -34.84 28.08
C ALA D 4 2.34 -34.33 26.73
N LEU D 5 1.70 -34.75 25.64
CA LEU D 5 2.03 -34.29 24.31
C LEU D 5 1.14 -33.14 23.85
N LEU D 6 -0.18 -33.29 24.00
CA LEU D 6 -1.13 -32.28 23.53
C LEU D 6 -1.40 -31.21 24.57
N ARG D 7 -0.83 -31.32 25.75
CA ARG D 7 -1.03 -30.32 26.79
C ARG D 7 0.12 -30.33 27.77
N PRO D 8 1.35 -30.12 27.31
CA PRO D 8 2.50 -30.16 28.21
C PRO D 8 2.53 -28.96 29.15
N LYS D 9 3.21 -29.15 30.27
CA LYS D 9 3.46 -28.08 31.23
C LYS D 9 4.88 -27.54 31.17
N SER D 10 5.81 -28.31 30.58
CA SER D 10 7.21 -27.90 30.48
C SER D 10 7.80 -28.57 29.25
N ILE D 11 8.80 -27.91 28.66
CA ILE D 11 9.45 -28.40 27.45
C ILE D 11 10.95 -28.21 27.59
N ALA D 12 11.70 -29.19 27.11
CA ALA D 12 13.17 -29.11 27.04
C ALA D 12 13.59 -29.29 25.58
N VAL D 13 14.34 -28.33 25.07
CA VAL D 13 14.85 -28.37 23.70
C VAL D 13 16.30 -28.82 23.77
N ILE D 14 16.58 -29.99 23.20
CA ILE D 14 17.90 -30.59 23.22
C ILE D 14 18.54 -30.32 21.87
N GLY D 15 19.59 -29.51 21.86
CA GLY D 15 20.20 -29.03 20.65
C GLY D 15 19.93 -27.57 20.33
N ALA D 16 19.46 -26.79 21.30
CA ALA D 16 19.22 -25.37 21.05
C ALA D 16 20.51 -24.68 20.67
N SER D 17 20.44 -23.83 19.64
CA SER D 17 21.63 -23.22 19.07
C SER D 17 21.36 -21.75 18.76
N MET D 18 22.45 -20.99 18.68
CA MET D 18 22.41 -19.59 18.27
C MET D 18 22.80 -19.41 16.80
N LYS D 19 22.90 -20.51 16.05
CA LYS D 19 23.20 -20.44 14.62
C LYS D 19 21.89 -20.39 13.84
N PRO D 20 21.62 -19.34 13.06
CA PRO D 20 20.33 -19.24 12.38
C PRO D 20 20.06 -20.36 11.39
N ASN D 21 21.09 -21.10 10.96
CA ASN D 21 20.93 -22.16 9.98
C ASN D 21 20.59 -23.50 10.62
N ARG D 22 20.08 -23.50 11.85
CA ARG D 22 19.87 -24.72 12.61
C ARG D 22 18.38 -24.91 12.91
N ALA D 23 18.02 -26.17 13.15
CA ALA D 23 16.66 -26.50 13.56
C ALA D 23 16.41 -26.14 15.02
N GLY D 24 17.43 -26.22 15.88
CA GLY D 24 17.28 -25.77 17.25
C GLY D 24 16.97 -24.30 17.33
N TYR D 25 17.63 -23.49 16.50
CA TYR D 25 17.33 -22.06 16.45
C TYR D 25 15.87 -21.83 16.12
N LEU D 26 15.37 -22.48 15.07
CA LEU D 26 13.99 -22.27 14.65
C LEU D 26 13.01 -22.77 15.69
N MET D 27 13.31 -23.90 16.33
CA MET D 27 12.42 -24.43 17.35
C MET D 27 12.32 -23.48 18.53
N MET D 28 13.47 -22.96 19.00
CA MET D 28 13.44 -22.00 20.11
C MET D 28 12.67 -20.74 19.73
N ARG D 29 12.91 -20.23 18.52
CA ARG D 29 12.23 -19.00 18.11
C ARG D 29 10.73 -19.20 17.98
N ASN D 30 10.31 -20.34 17.44
CA ASN D 30 8.88 -20.64 17.33
C ASN D 30 8.26 -20.82 18.71
N LEU D 31 8.98 -21.45 19.63
CA LEU D 31 8.41 -21.69 20.96
C LEU D 31 8.28 -20.40 21.75
N LEU D 32 9.21 -19.47 21.58
CA LEU D 32 9.18 -18.24 22.36
C LEU D 32 8.24 -17.19 21.79
N ALA D 33 7.64 -17.42 20.62
CA ALA D 33 6.76 -16.46 19.98
C ALA D 33 5.30 -16.92 19.96
N GLY D 34 4.94 -17.88 20.80
CA GLY D 34 3.63 -18.48 20.72
C GLY D 34 2.66 -18.04 21.79
N GLY D 35 3.15 -17.89 23.02
CA GLY D 35 2.27 -17.58 24.14
C GLY D 35 2.15 -18.74 25.10
N PHE D 36 3.24 -19.52 25.23
CA PHE D 36 3.26 -20.65 26.14
C PHE D 36 3.33 -20.17 27.59
N ASN D 37 2.76 -20.98 28.49
CA ASN D 37 2.62 -20.62 29.89
C ASN D 37 3.52 -21.44 30.81
N GLY D 38 4.56 -22.04 30.27
CA GLY D 38 5.50 -22.81 31.07
C GLY D 38 6.92 -22.47 30.71
N PRO D 39 7.88 -23.09 31.38
CA PRO D 39 9.29 -22.85 31.06
C PRO D 39 9.74 -23.57 29.81
N VAL D 40 10.63 -22.93 29.07
CA VAL D 40 11.33 -23.51 27.93
C VAL D 40 12.79 -23.63 28.32
N LEU D 41 13.31 -24.86 28.32
CA LEU D 41 14.64 -25.13 28.86
C LEU D 41 15.61 -25.53 27.76
N PRO D 42 16.56 -24.69 27.36
CA PRO D 42 17.56 -25.12 26.38
C PRO D 42 18.71 -25.89 27.03
N VAL D 43 19.10 -26.98 26.38
CA VAL D 43 20.15 -27.87 26.88
C VAL D 43 21.28 -27.88 25.86
N THR D 44 22.43 -27.33 26.24
CA THR D 44 23.60 -27.31 25.38
C THR D 44 24.82 -26.84 26.17
N PRO D 45 26.00 -27.42 25.94
CA PRO D 45 27.23 -26.88 26.53
C PRO D 45 28.00 -25.90 25.63
N ALA D 46 27.49 -25.57 24.45
CA ALA D 46 28.18 -24.71 23.52
C ALA D 46 27.79 -23.25 23.63
N TRP D 47 26.88 -22.90 24.54
CA TRP D 47 26.50 -21.51 24.79
C TRP D 47 26.14 -21.37 26.25
N LYS D 48 26.14 -20.13 26.73
CA LYS D 48 25.65 -19.83 28.08
C LYS D 48 24.21 -19.36 28.09
N ALA D 49 23.69 -18.87 26.98
CA ALA D 49 22.30 -18.49 26.85
C ALA D 49 21.93 -18.51 25.37
N VAL D 50 20.70 -18.92 25.08
CA VAL D 50 20.19 -18.98 23.71
C VAL D 50 19.01 -18.03 23.62
N LEU D 51 19.16 -16.98 22.81
CA LEU D 51 18.11 -15.97 22.60
C LEU D 51 17.68 -15.33 23.91
N GLY D 52 18.61 -15.21 24.86
CA GLY D 52 18.35 -14.55 26.12
C GLY D 52 17.88 -15.44 27.25
N VAL D 53 17.97 -16.76 27.10
CA VAL D 53 17.53 -17.69 28.13
C VAL D 53 18.73 -18.52 28.57
N LEU D 54 18.93 -18.61 29.87
CA LEU D 54 20.04 -19.39 30.43
C LEU D 54 19.93 -20.85 30.03
N ALA D 55 21.06 -21.43 29.65
CA ALA D 55 21.12 -22.80 29.14
C ALA D 55 21.79 -23.72 30.16
N TRP D 56 21.56 -25.02 29.98
CA TRP D 56 22.10 -26.06 30.83
C TRP D 56 22.99 -26.99 30.01
N PRO D 57 24.05 -27.54 30.61
CA PRO D 57 24.98 -28.35 29.81
C PRO D 57 24.44 -29.72 29.44
N ASP D 58 23.78 -30.44 30.35
CA ASP D 58 23.40 -31.82 30.10
C ASP D 58 22.02 -32.09 30.69
N ILE D 59 21.49 -33.26 30.36
CA ILE D 59 20.16 -33.65 30.82
C ILE D 59 20.16 -33.85 32.33
N ALA D 60 21.25 -34.37 32.88
CA ALA D 60 21.30 -34.64 34.32
C ALA D 60 21.32 -33.37 35.16
N SER D 61 21.74 -32.24 34.59
CA SER D 61 21.82 -30.99 35.31
C SER D 61 20.51 -30.21 35.31
N LEU D 62 19.47 -30.72 34.65
CA LEU D 62 18.20 -30.02 34.62
C LEU D 62 17.64 -29.92 36.04
N PRO D 63 17.10 -28.76 36.43
CA PRO D 63 16.57 -28.64 37.80
C PRO D 63 15.44 -29.59 38.12
N PHE D 64 14.59 -29.95 37.16
CA PHE D 64 13.49 -30.85 37.39
C PHE D 64 13.26 -31.68 36.13
N THR D 65 12.25 -32.56 36.19
CA THR D 65 11.92 -33.44 35.07
C THR D 65 10.92 -32.75 34.14
N PRO D 66 11.15 -32.73 32.82
CA PRO D 66 10.20 -32.08 31.91
C PRO D 66 9.07 -33.03 31.51
N ASP D 67 8.05 -32.43 30.89
CA ASP D 67 6.93 -33.16 30.31
C ASP D 67 7.21 -33.60 28.87
N LEU D 68 7.81 -32.71 28.08
CA LEU D 68 8.02 -32.92 26.66
C LEU D 68 9.45 -32.60 26.32
N ALA D 69 10.02 -33.34 25.38
CA ALA D 69 11.38 -33.11 24.91
C ALA D 69 11.39 -33.18 23.39
N VAL D 70 12.15 -32.26 22.77
CA VAL D 70 12.31 -32.21 21.32
C VAL D 70 13.80 -32.39 21.03
N LEU D 71 14.11 -33.36 20.18
CA LEU D 71 15.50 -33.69 19.84
C LEU D 71 15.85 -33.02 18.52
N CYS D 72 16.59 -31.92 18.60
CA CYS D 72 17.06 -31.20 17.43
C CYS D 72 18.50 -31.51 17.08
N THR D 73 19.13 -32.42 17.82
CA THR D 73 20.51 -32.82 17.55
C THR D 73 20.53 -33.80 16.37
N ASN D 74 21.68 -34.42 16.13
CA ASN D 74 21.81 -35.31 14.99
C ASN D 74 21.30 -36.71 15.35
N ALA D 75 21.23 -37.56 14.31
CA ALA D 75 20.70 -38.91 14.49
C ALA D 75 21.68 -39.80 15.23
N SER D 76 22.99 -39.59 15.02
CA SER D 76 23.99 -40.46 15.61
C SER D 76 23.84 -40.55 17.13
N ARG D 77 23.42 -39.45 17.76
CA ARG D 77 23.32 -39.40 19.22
C ARG D 77 21.99 -39.94 19.74
N ASN D 78 21.02 -40.17 18.85
CA ASN D 78 19.66 -40.50 19.26
C ASN D 78 19.63 -41.53 20.39
N LEU D 79 20.12 -42.74 20.11
CA LEU D 79 19.98 -43.82 21.07
C LEU D 79 20.56 -43.47 22.43
N ALA D 80 21.64 -42.70 22.46
CA ALA D 80 22.19 -42.29 23.74
C ALA D 80 21.24 -41.35 24.47
N LEU D 81 20.81 -40.30 23.78
CA LEU D 81 20.04 -39.25 24.44
C LEU D 81 18.75 -39.80 25.02
N LEU D 82 18.03 -40.61 24.24
CA LEU D 82 16.82 -41.23 24.74
C LEU D 82 17.07 -41.92 26.08
N GLU D 83 18.15 -42.70 26.15
CA GLU D 83 18.44 -43.42 27.39
C GLU D 83 18.50 -42.46 28.56
N GLU D 84 19.23 -41.35 28.39
CA GLU D 84 19.34 -40.37 29.46
C GLU D 84 17.95 -39.89 29.89
N LEU D 85 17.11 -39.56 28.92
CA LEU D 85 15.77 -39.10 29.25
C LEU D 85 15.04 -40.16 30.06
N GLY D 86 15.18 -41.43 29.67
CA GLY D 86 14.53 -42.49 30.42
C GLY D 86 14.95 -42.50 31.87
N GLU D 87 16.23 -42.24 32.14
CA GLU D 87 16.69 -42.16 33.52
C GLU D 87 16.07 -40.96 34.23
N LYS D 88 15.99 -39.82 33.54
CA LYS D 88 15.39 -38.63 34.16
C LYS D 88 13.91 -38.86 34.47
N GLY D 89 13.19 -39.47 33.54
CA GLY D 89 11.81 -39.83 33.78
C GLY D 89 10.79 -39.02 33.00
N CYS D 90 11.14 -38.61 31.77
CA CYS D 90 10.20 -37.86 30.95
C CYS D 90 9.24 -38.82 30.26
N LYS D 91 8.14 -38.26 29.75
CA LYS D 91 7.03 -39.06 29.24
C LYS D 91 6.99 -39.16 27.72
N THR D 92 7.20 -38.07 26.99
CA THR D 92 7.11 -38.09 25.53
C THR D 92 8.29 -37.33 24.94
N CYS D 93 8.64 -37.69 23.71
CA CYS D 93 9.71 -37.03 22.97
C CYS D 93 9.36 -36.97 21.50
N ILE D 94 9.70 -35.84 20.87
CA ILE D 94 9.56 -35.65 19.43
C ILE D 94 10.93 -35.76 18.80
N ILE D 95 11.05 -36.61 17.78
CA ILE D 95 12.33 -36.86 17.11
C ILE D 95 12.28 -36.23 15.72
N LEU D 96 13.37 -35.56 15.35
CA LEU D 96 13.41 -34.81 14.10
C LEU D 96 13.71 -35.71 12.91
N SER D 97 14.74 -36.54 13.00
CA SER D 97 15.17 -37.34 11.86
C SER D 97 15.79 -38.64 12.34
N ALA D 98 15.70 -39.67 11.50
CA ALA D 98 16.30 -40.96 11.74
C ALA D 98 16.78 -41.52 10.42
N PRO D 99 17.78 -42.40 10.43
CA PRO D 99 18.35 -42.94 9.18
C PRO D 99 17.63 -44.15 8.59
N ALA D 100 16.39 -44.41 8.97
CA ALA D 100 15.56 -45.52 8.49
C ALA D 100 15.90 -46.82 9.18
N SER D 101 16.89 -46.84 10.08
CA SER D 101 17.18 -48.01 10.88
C SER D 101 17.09 -47.65 12.35
N GLN D 102 17.51 -48.58 13.22
CA GLN D 102 17.38 -48.43 14.67
C GLN D 102 15.95 -48.15 15.10
N HIS D 103 14.96 -48.38 14.23
CA HIS D 103 13.57 -48.32 14.66
C HIS D 103 13.32 -49.33 15.76
N GLU D 104 13.90 -50.53 15.64
CA GLU D 104 13.70 -51.56 16.65
C GLU D 104 14.29 -51.14 17.99
N ASP D 105 15.50 -50.56 17.99
CA ASP D 105 16.10 -50.13 19.24
C ASP D 105 15.32 -48.97 19.86
N LEU D 106 14.81 -48.07 19.04
CA LEU D 106 13.97 -46.98 19.55
C LEU D 106 12.71 -47.54 20.20
N ARG D 107 12.06 -48.50 19.54
CA ARG D 107 10.87 -49.12 20.12
C ARG D 107 11.21 -49.80 21.45
N ALA D 108 12.32 -50.54 21.48
CA ALA D 108 12.69 -51.25 22.70
C ALA D 108 12.95 -50.27 23.84
N CYS D 109 13.70 -49.19 23.57
CA CYS D 109 13.99 -48.22 24.60
C CYS D 109 12.72 -47.57 25.13
N ALA D 110 11.83 -47.14 24.21
CA ALA D 110 10.60 -46.49 24.61
C ALA D 110 9.73 -47.41 25.45
N LEU D 111 9.59 -48.67 25.03
CA LEU D 111 8.78 -49.61 25.80
C LEU D 111 9.41 -49.90 27.15
N ARG D 112 10.74 -50.00 27.20
CA ARG D 112 11.43 -50.26 28.46
C ARG D 112 11.20 -49.14 29.45
N HIS D 113 11.24 -47.89 29.01
CA HIS D 113 11.11 -46.75 29.90
C HIS D 113 9.69 -46.19 29.95
N ASN D 114 8.74 -46.80 29.27
CA ASN D 114 7.36 -46.32 29.23
C ASN D 114 7.28 -44.89 28.70
N MET D 115 7.70 -44.74 27.45
CA MET D 115 7.75 -43.44 26.79
C MET D 115 7.05 -43.54 25.44
N ARG D 116 6.53 -42.40 24.99
CA ARG D 116 5.79 -42.30 23.74
C ARG D 116 6.54 -41.38 22.78
N LEU D 117 6.64 -41.80 21.53
CA LEU D 117 7.42 -41.06 20.52
C LEU D 117 6.50 -40.53 19.43
N LEU D 118 6.71 -39.28 19.04
CA LEU D 118 6.11 -38.74 17.84
C LEU D 118 7.02 -39.04 16.65
N GLY D 119 6.47 -39.72 15.66
CA GLY D 119 7.24 -40.38 14.63
C GLY D 119 8.43 -39.57 14.13
N PRO D 120 9.57 -40.23 13.91
CA PRO D 120 10.71 -39.52 13.33
C PRO D 120 10.39 -39.00 11.94
N ASN D 121 11.07 -37.91 11.58
CA ASN D 121 10.81 -37.22 10.32
C ASN D 121 9.46 -36.51 10.36
N SER D 122 9.12 -35.98 11.52
CA SER D 122 7.87 -35.26 11.73
C SER D 122 8.15 -33.77 11.83
N LEU D 123 7.26 -32.97 11.23
CA LEU D 123 7.42 -31.52 11.24
C LEU D 123 7.07 -30.90 12.57
N GLY D 124 6.20 -31.52 13.36
CA GLY D 124 5.93 -31.07 14.71
C GLY D 124 4.45 -30.95 14.98
N LEU D 125 4.12 -30.03 15.88
CA LEU D 125 2.77 -29.93 16.42
C LEU D 125 2.43 -28.48 16.72
N LEU D 126 1.21 -28.08 16.37
CA LEU D 126 0.70 -26.73 16.62
C LEU D 126 -0.62 -26.83 17.37
N ALA D 127 -0.70 -26.16 18.51
CA ALA D 127 -1.92 -26.08 19.33
C ALA D 127 -2.16 -24.61 19.65
N PRO D 128 -2.86 -23.88 18.76
CA PRO D 128 -3.07 -22.45 19.01
C PRO D 128 -3.82 -22.12 20.28
N TRP D 129 -4.77 -22.96 20.69
CA TRP D 129 -5.56 -22.66 21.88
C TRP D 129 -4.74 -22.77 23.16
N GLN D 130 -3.55 -23.37 23.10
CA GLN D 130 -2.61 -23.36 24.22
C GLN D 130 -1.41 -22.45 23.96
N GLY D 131 -1.34 -21.81 22.79
CA GLY D 131 -0.17 -21.05 22.42
C GLY D 131 1.06 -21.91 22.23
N LEU D 132 0.91 -23.10 21.64
CA LEU D 132 2.00 -24.04 21.47
C LEU D 132 2.36 -24.15 19.99
N ASN D 133 3.64 -24.00 19.68
CA ASN D 133 4.15 -24.01 18.31
C ASN D 133 5.39 -24.88 18.21
N ALA D 134 5.32 -26.12 18.68
CA ALA D 134 6.49 -27.00 18.69
C ALA D 134 6.67 -27.60 17.31
N SER D 135 7.11 -26.76 16.38
CA SER D 135 7.16 -27.12 14.96
C SER D 135 8.39 -26.52 14.30
N PHE D 136 8.65 -26.97 13.08
CA PHE D 136 9.77 -26.51 12.27
C PHE D 136 9.33 -25.70 11.06
N SER D 137 8.06 -25.30 10.98
CA SER D 137 7.55 -24.65 9.79
C SER D 137 7.83 -23.15 9.82
N PRO D 138 7.89 -22.50 8.66
CA PRO D 138 8.17 -21.06 8.59
C PRO D 138 6.95 -20.15 8.49
N VAL D 139 5.74 -20.68 8.54
CA VAL D 139 4.55 -19.84 8.33
C VAL D 139 3.66 -19.90 9.57
N PRO D 140 3.01 -18.80 9.95
CA PRO D 140 2.20 -18.81 11.18
C PRO D 140 0.81 -19.37 10.94
N ILE D 141 0.09 -19.62 12.04
CA ILE D 141 -1.29 -20.09 11.99
C ILE D 141 -2.09 -19.37 13.06
N LYS D 142 -3.41 -19.52 12.98
CA LYS D 142 -4.38 -18.80 13.79
C LYS D 142 -5.30 -19.77 14.49
N ARG D 143 -6.04 -19.26 15.48
CA ARG D 143 -7.03 -20.07 16.17
C ARG D 143 -8.21 -20.36 15.26
N GLY D 144 -8.88 -21.49 15.51
CA GLY D 144 -9.99 -21.90 14.67
C GLY D 144 -10.70 -23.14 15.16
N LYS D 145 -11.24 -23.94 14.23
CA LYS D 145 -12.04 -25.10 14.58
C LYS D 145 -11.78 -26.32 13.71
N LEU D 146 -10.73 -26.32 12.88
CA LEU D 146 -10.46 -27.39 11.94
C LEU D 146 -9.18 -28.11 12.32
N ALA D 147 -9.25 -29.42 12.45
CA ALA D 147 -8.10 -30.24 12.80
C ALA D 147 -7.57 -30.98 11.58
N PHE D 148 -6.25 -31.02 11.43
CA PHE D 148 -5.62 -31.63 10.28
C PHE D 148 -4.56 -32.63 10.73
N ILE D 149 -4.53 -33.77 10.05
CA ILE D 149 -3.54 -34.83 10.28
C ILE D 149 -2.88 -35.14 8.94
N SER D 150 -1.55 -35.23 8.94
CA SER D 150 -0.79 -35.49 7.74
C SER D 150 0.25 -36.57 8.03
N GLN D 151 0.73 -37.21 6.96
CA GLN D 151 1.59 -38.38 7.07
C GLN D 151 3.05 -38.10 6.74
N SER D 152 3.33 -37.45 5.60
CA SER D 152 4.69 -37.27 5.14
C SER D 152 5.18 -35.86 5.41
N ALA D 153 6.45 -35.74 5.78
CA ALA D 153 7.02 -34.42 6.06
C ALA D 153 7.00 -33.53 4.84
N ALA D 154 7.31 -34.08 3.67
CA ALA D 154 7.13 -33.33 2.43
C ALA D 154 5.67 -32.96 2.25
N VAL D 155 4.78 -33.93 2.47
CA VAL D 155 3.35 -33.64 2.43
C VAL D 155 2.98 -32.63 3.50
N SER D 156 3.54 -32.77 4.70
CA SER D 156 3.20 -31.85 5.78
C SER D 156 3.58 -30.42 5.40
N ASN D 157 4.79 -30.23 4.86
CA ASN D 157 5.21 -28.89 4.44
C ASN D 157 4.33 -28.36 3.32
N THR D 158 4.05 -29.20 2.32
CA THR D 158 3.21 -28.76 1.21
C THR D 158 1.83 -28.33 1.70
N ILE D 159 1.23 -29.14 2.57
CA ILE D 159 -0.12 -28.87 3.03
C ILE D 159 -0.14 -27.65 3.94
N LEU D 160 0.82 -27.55 4.87
CA LEU D 160 0.80 -26.41 5.78
C LEU D 160 1.06 -25.12 5.00
N ASP D 161 1.90 -25.18 3.97
CA ASP D 161 1.97 -24.06 3.04
C ASP D 161 0.59 -23.75 2.49
N TRP D 162 0.06 -24.66 1.66
CA TRP D 162 -1.22 -24.40 1.01
C TRP D 162 -2.24 -23.87 2.00
N ALA D 163 -2.13 -24.28 3.27
CA ALA D 163 -3.06 -23.81 4.30
C ALA D 163 -2.79 -22.37 4.70
N GLN D 164 -1.58 -22.08 5.21
CA GLN D 164 -1.30 -20.73 5.68
C GLN D 164 -1.47 -19.73 4.55
N GLN D 165 -1.02 -20.07 3.35
CA GLN D 165 -1.32 -19.24 2.20
C GLN D 165 -2.81 -19.24 1.90
N ARG D 166 -3.54 -20.27 2.29
CA ARG D 166 -4.99 -20.22 2.31
C ARG D 166 -5.53 -19.57 3.57
N LYS D 167 -4.68 -19.34 4.57
CA LYS D 167 -4.89 -18.53 5.77
C LYS D 167 -5.76 -19.23 6.81
N MET D 168 -6.34 -20.39 6.51
CA MET D 168 -7.41 -20.88 7.36
C MET D 168 -6.93 -21.15 8.78
N GLY D 169 -7.78 -20.82 9.76
CA GLY D 169 -7.47 -21.15 11.13
C GLY D 169 -7.58 -22.64 11.40
N PHE D 170 -6.93 -23.06 12.48
CA PHE D 170 -6.86 -24.47 12.83
C PHE D 170 -7.04 -24.67 14.32
N SER D 171 -7.48 -25.87 14.68
CA SER D 171 -7.58 -26.31 16.07
C SER D 171 -6.36 -27.14 16.48
N TYR D 172 -6.01 -28.14 15.67
CA TYR D 172 -4.81 -28.93 15.88
C TYR D 172 -4.13 -29.15 14.54
N PHE D 173 -2.83 -29.43 14.59
CA PHE D 173 -2.06 -29.70 13.39
C PHE D 173 -0.94 -30.66 13.79
N ILE D 174 -1.12 -31.93 13.49
CA ILE D 174 -0.17 -32.98 13.87
C ILE D 174 0.39 -33.59 12.60
N ALA D 175 1.73 -33.71 12.56
CA ALA D 175 2.44 -34.30 11.42
C ALA D 175 3.12 -35.57 11.90
N LEU D 176 2.56 -36.71 11.53
CA LEU D 176 3.16 -37.99 11.89
C LEU D 176 4.39 -38.24 11.02
N GLY D 177 5.10 -39.32 11.32
CA GLY D 177 6.25 -39.72 10.54
C GLY D 177 6.15 -41.15 10.10
N ASP D 178 7.10 -41.97 10.51
CA ASP D 178 7.01 -43.41 10.29
C ASP D 178 5.93 -44.06 11.14
N SER D 179 5.24 -43.29 11.97
CA SER D 179 4.15 -43.82 12.80
C SER D 179 4.62 -45.02 13.60
N LEU D 180 5.83 -44.92 14.16
CA LEU D 180 6.43 -46.04 14.86
C LEU D 180 5.65 -46.40 16.12
N ASP D 181 5.18 -45.40 16.86
CA ASP D 181 4.53 -45.61 18.14
C ASP D 181 3.15 -45.01 18.23
N ILE D 182 2.93 -43.82 17.66
CA ILE D 182 1.64 -43.14 17.69
C ILE D 182 1.08 -43.12 16.28
N ASP D 183 -0.18 -43.55 16.14
CA ASP D 183 -0.81 -43.77 14.85
C ASP D 183 -2.12 -43.00 14.77
N VAL D 184 -2.82 -43.17 13.65
CA VAL D 184 -4.03 -42.38 13.38
C VAL D 184 -5.17 -42.81 14.30
N ASP D 185 -5.31 -44.12 14.53
CA ASP D 185 -6.44 -44.60 15.31
C ASP D 185 -6.44 -43.99 16.70
N GLU D 186 -5.28 -43.90 17.35
CA GLU D 186 -5.21 -43.32 18.68
C GLU D 186 -5.62 -41.86 18.67
N LEU D 187 -5.18 -41.10 17.67
CA LEU D 187 -5.50 -39.68 17.61
C LEU D 187 -6.98 -39.44 17.33
N LEU D 188 -7.62 -40.35 16.60
CA LEU D 188 -9.01 -40.11 16.21
C LEU D 188 -9.93 -40.02 17.42
N ASP D 189 -9.72 -40.87 18.43
CA ASP D 189 -10.57 -40.81 19.62
C ASP D 189 -10.44 -39.47 20.32
N TYR D 190 -9.19 -39.07 20.60
CA TYR D 190 -8.97 -37.80 21.27
C TYR D 190 -9.61 -36.65 20.49
N LEU D 191 -9.43 -36.63 19.17
CA LEU D 191 -9.98 -35.53 18.38
C LEU D 191 -11.49 -35.55 18.39
N ALA D 192 -12.10 -36.74 18.33
CA ALA D 192 -13.56 -36.82 18.36
C ALA D 192 -14.10 -36.27 19.66
N ARG D 193 -13.48 -36.62 20.79
CA ARG D 193 -13.96 -36.14 22.08
C ARG D 193 -13.66 -34.66 22.31
N ASP D 194 -12.82 -34.04 21.50
CA ASP D 194 -12.47 -32.65 21.71
C ASP D 194 -13.63 -31.73 21.36
N SER D 195 -13.62 -30.55 21.97
CA SER D 195 -14.71 -29.59 21.82
C SER D 195 -14.38 -28.43 20.89
N LYS D 196 -13.11 -28.06 20.77
CA LYS D 196 -12.74 -27.00 19.84
C LYS D 196 -12.70 -27.47 18.39
N THR D 197 -12.72 -28.78 18.16
CA THR D 197 -12.70 -29.31 16.81
C THR D 197 -14.12 -29.45 16.28
N SER D 198 -14.31 -29.06 15.02
CA SER D 198 -15.60 -29.16 14.35
C SER D 198 -15.57 -30.05 13.12
N ALA D 199 -14.43 -30.22 12.48
CA ALA D 199 -14.29 -31.16 11.38
C ALA D 199 -12.85 -31.66 11.37
N ILE D 200 -12.64 -32.81 10.74
CA ILE D 200 -11.35 -33.45 10.69
C ILE D 200 -10.96 -33.68 9.23
N LEU D 201 -9.71 -33.38 8.91
CA LEU D 201 -9.16 -33.56 7.58
C LEU D 201 -7.96 -34.50 7.66
N LEU D 202 -7.86 -35.40 6.69
CA LEU D 202 -6.80 -36.40 6.66
C LEU D 202 -6.06 -36.35 5.33
N TYR D 203 -4.80 -36.74 5.36
CA TYR D 203 -4.01 -36.95 4.15
C TYR D 203 -3.23 -38.23 4.37
N LEU D 204 -3.66 -39.31 3.73
CA LEU D 204 -3.08 -40.63 3.95
C LEU D 204 -2.28 -41.06 2.73
N GLU D 205 -1.23 -41.83 3.00
CA GLU D 205 -0.33 -42.29 1.96
C GLU D 205 -0.05 -43.78 2.11
N GLN D 206 -0.23 -44.30 3.33
CA GLN D 206 -0.05 -45.72 3.59
C GLN D 206 -0.60 -46.01 4.98
N LEU D 207 -0.94 -47.28 5.20
CA LEU D 207 -1.48 -47.72 6.49
C LEU D 207 -0.81 -49.02 6.92
N SER D 208 -0.81 -49.24 8.23
CA SER D 208 -0.26 -50.46 8.81
C SER D 208 -1.33 -51.53 8.96
N ASP D 209 -2.37 -51.24 9.74
CA ASP D 209 -3.52 -52.14 9.89
C ASP D 209 -4.78 -51.34 9.66
N ALA D 210 -5.58 -51.75 8.69
CA ALA D 210 -6.80 -51.03 8.35
C ALA D 210 -7.97 -51.38 9.26
N ARG D 211 -7.88 -52.48 10.01
CA ARG D 211 -8.98 -52.86 10.88
C ARG D 211 -9.23 -51.80 11.95
N ARG D 212 -8.18 -51.44 12.69
CA ARG D 212 -8.34 -50.42 13.72
C ARG D 212 -8.69 -49.07 13.12
N PHE D 213 -8.14 -48.77 11.94
CA PHE D 213 -8.48 -47.50 11.29
C PHE D 213 -9.98 -47.43 11.03
N VAL D 214 -10.54 -48.48 10.43
CA VAL D 214 -11.97 -48.50 10.14
C VAL D 214 -12.77 -48.44 11.42
N SER D 215 -12.36 -49.19 12.44
CA SER D 215 -13.12 -49.20 13.69
C SER D 215 -13.16 -47.81 14.31
N ALA D 216 -12.01 -47.18 14.48
CA ALA D 216 -11.96 -45.87 15.12
C ALA D 216 -12.68 -44.82 14.29
N ALA D 217 -12.50 -44.84 12.96
CA ALA D 217 -13.17 -43.87 12.11
C ALA D 217 -14.69 -44.03 12.20
N ARG D 218 -15.16 -45.27 12.20
CA ARG D 218 -16.58 -45.54 12.39
C ARG D 218 -17.06 -44.95 13.71
N SER D 219 -16.28 -45.14 14.77
CA SER D 219 -16.71 -44.63 16.07
C SER D 219 -16.77 -43.11 16.08
N ALA D 220 -15.82 -42.44 15.43
CA ALA D 220 -15.71 -40.99 15.52
C ALA D 220 -16.48 -40.24 14.45
N SER D 221 -17.07 -40.93 13.48
CA SER D 221 -17.71 -40.26 12.34
C SER D 221 -19.11 -39.76 12.64
N ARG D 222 -19.71 -40.18 13.75
CA ARG D 222 -21.06 -39.72 14.06
C ARG D 222 -21.07 -38.40 14.82
N ASN D 223 -19.91 -37.89 15.23
CA ASN D 223 -19.82 -36.61 15.91
C ASN D 223 -19.66 -35.45 14.93
N LYS D 224 -18.70 -35.55 14.04
CA LYS D 224 -18.35 -34.46 13.14
C LYS D 224 -18.07 -35.04 11.76
N PRO D 225 -18.13 -34.21 10.72
CA PRO D 225 -17.72 -34.69 9.39
C PRO D 225 -16.23 -34.98 9.32
N ILE D 226 -15.87 -35.93 8.48
CA ILE D 226 -14.49 -36.33 8.27
C ILE D 226 -14.26 -36.55 6.78
N LEU D 227 -13.15 -36.03 6.27
CA LEU D 227 -12.80 -36.11 4.86
C LEU D 227 -11.40 -36.66 4.70
N VAL D 228 -11.15 -37.27 3.53
CA VAL D 228 -9.89 -37.93 3.26
C VAL D 228 -9.40 -37.53 1.88
N ILE D 229 -8.12 -37.78 1.64
CA ILE D 229 -7.53 -37.70 0.30
C ILE D 229 -6.34 -38.65 0.27
N LYS D 230 -6.27 -39.47 -0.77
CA LYS D 230 -5.19 -40.44 -0.96
C LYS D 230 -4.59 -40.25 -2.35
N SER D 231 -3.32 -40.61 -2.50
CA SER D 231 -2.55 -40.23 -3.68
C SER D 231 -1.79 -41.36 -4.35
N GLY D 232 -1.85 -42.58 -3.85
CA GLY D 232 -1.13 -43.68 -4.47
C GLY D 232 -1.93 -44.42 -5.54
N ARG D 233 -2.12 -43.80 -6.71
CA ARG D 233 -2.99 -44.36 -7.73
C ARG D 233 -2.30 -44.71 -9.04
N SER D 234 -1.09 -44.22 -9.28
CA SER D 234 -0.39 -44.52 -10.53
C SER D 234 0.97 -45.14 -10.23
N PRO D 235 1.48 -45.98 -11.13
CA PRO D 235 2.72 -46.72 -10.82
C PRO D 235 3.92 -45.84 -10.54
N ALA D 236 4.06 -44.71 -11.26
CA ALA D 236 5.17 -43.80 -10.99
C ALA D 236 5.03 -43.17 -9.60
N ALA D 237 3.83 -42.76 -9.24
CA ALA D 237 3.59 -42.25 -7.90
C ALA D 237 3.84 -43.32 -6.85
N GLN D 238 3.47 -44.57 -7.15
CA GLN D 238 3.75 -45.65 -6.23
C GLN D 238 5.25 -45.83 -6.02
N ARG D 239 6.02 -45.76 -7.10
CA ARG D 239 7.46 -45.98 -6.99
C ARG D 239 8.18 -44.82 -6.31
N LEU D 240 7.72 -43.58 -6.53
CA LEU D 240 8.40 -42.45 -5.89
C LEU D 240 8.09 -42.36 -4.40
N LEU D 241 6.97 -42.91 -3.95
CA LEU D 241 6.60 -42.88 -2.55
C LEU D 241 6.85 -44.21 -1.84
N ASN D 242 7.23 -45.26 -2.56
CA ASN D 242 7.52 -46.56 -1.98
C ASN D 242 6.29 -47.13 -1.25
N THR D 243 5.24 -47.39 -2.03
CA THR D 243 4.02 -48.01 -1.52
C THR D 243 3.56 -49.09 -2.49
N THR D 244 2.84 -50.08 -1.95
CA THR D 244 2.35 -51.18 -2.77
C THR D 244 1.14 -50.72 -3.59
N ALA D 245 0.85 -51.46 -4.66
CA ALA D 245 -0.05 -50.98 -5.72
C ALA D 245 -1.47 -51.52 -5.61
N GLY D 246 -1.63 -52.85 -5.67
CA GLY D 246 -2.91 -53.42 -6.05
C GLY D 246 -3.98 -53.54 -4.96
N MET D 247 -4.38 -52.40 -4.38
CA MET D 247 -5.51 -52.39 -3.45
C MET D 247 -6.39 -51.16 -3.57
N ASP D 248 -6.34 -50.43 -4.69
CA ASP D 248 -7.06 -49.17 -4.76
C ASP D 248 -8.57 -49.33 -4.62
N PRO D 249 -9.24 -50.22 -5.37
CA PRO D 249 -10.71 -50.31 -5.23
C PRO D 249 -11.15 -50.71 -3.83
N ALA D 250 -10.31 -51.38 -3.05
CA ALA D 250 -10.68 -51.72 -1.68
C ALA D 250 -10.72 -50.49 -0.79
N TRP D 251 -9.91 -49.48 -1.10
CA TRP D 251 -9.90 -48.27 -0.29
C TRP D 251 -11.24 -47.55 -0.37
N ASP D 252 -11.85 -47.51 -1.56
CA ASP D 252 -13.17 -46.92 -1.69
C ASP D 252 -14.19 -47.65 -0.84
N ALA D 253 -14.14 -48.99 -0.85
CA ALA D 253 -15.07 -49.76 -0.05
C ALA D 253 -14.90 -49.48 1.44
N ALA D 254 -13.65 -49.44 1.91
CA ALA D 254 -13.41 -49.17 3.33
C ALA D 254 -13.88 -47.76 3.70
N ILE D 255 -13.61 -46.78 2.84
CA ILE D 255 -14.03 -45.41 3.14
C ILE D 255 -15.54 -45.32 3.19
N GLN D 256 -16.23 -45.99 2.26
CA GLN D 256 -17.69 -46.00 2.31
C GLN D 256 -18.19 -46.65 3.60
N ARG D 257 -17.59 -47.78 3.99
CA ARG D 257 -18.05 -48.48 5.19
C ARG D 257 -17.87 -47.63 6.43
N ALA D 258 -16.76 -46.90 6.54
CA ALA D 258 -16.53 -46.09 7.72
C ALA D 258 -17.39 -44.84 7.77
N GLY D 259 -18.05 -44.47 6.66
CA GLY D 259 -18.88 -43.29 6.64
C GLY D 259 -18.16 -42.00 6.31
N LEU D 260 -17.00 -42.07 5.65
CA LEU D 260 -16.20 -40.90 5.34
C LEU D 260 -16.40 -40.49 3.89
N LEU D 261 -15.77 -39.37 3.51
CA LEU D 261 -15.87 -38.81 2.17
C LEU D 261 -14.49 -38.67 1.57
N ARG D 262 -14.41 -38.84 0.25
CA ARG D 262 -13.15 -38.81 -0.48
C ARG D 262 -13.17 -37.66 -1.49
N VAL D 263 -12.04 -36.97 -1.62
CA VAL D 263 -11.87 -35.90 -2.60
C VAL D 263 -10.73 -36.29 -3.53
N GLN D 264 -10.78 -35.77 -4.76
CA GLN D 264 -9.85 -36.22 -5.80
C GLN D 264 -8.51 -35.52 -5.69
N ASP D 265 -8.49 -34.20 -5.85
CA ASP D 265 -7.26 -33.44 -5.96
C ASP D 265 -7.25 -32.30 -4.94
N THR D 266 -6.20 -31.49 -5.00
CA THR D 266 -6.07 -30.34 -4.12
C THR D 266 -6.87 -29.15 -4.58
N HIS D 267 -7.36 -29.16 -5.82
CA HIS D 267 -8.15 -28.02 -6.29
C HIS D 267 -9.51 -27.99 -5.61
N GLU D 268 -10.02 -29.15 -5.24
CA GLU D 268 -11.22 -29.26 -4.42
C GLU D 268 -10.91 -29.21 -2.93
N LEU D 269 -9.64 -29.05 -2.57
CA LEU D 269 -9.25 -29.07 -1.17
C LEU D 269 -9.35 -27.69 -0.53
N PHE D 270 -9.00 -26.61 -1.23
CA PHE D 270 -9.26 -25.31 -0.63
C PHE D 270 -10.74 -24.98 -0.64
N SER D 271 -11.49 -25.50 -1.61
CA SER D 271 -12.94 -25.50 -1.48
C SER D 271 -13.36 -26.25 -0.23
N ALA D 272 -12.64 -27.33 0.11
CA ALA D 272 -12.97 -28.12 1.28
C ALA D 272 -12.72 -27.34 2.57
N VAL D 273 -11.64 -26.56 2.63
CA VAL D 273 -11.39 -25.77 3.82
C VAL D 273 -12.36 -24.59 3.88
N GLU D 274 -12.75 -24.05 2.73
CA GLU D 274 -13.74 -22.96 2.75
C GLU D 274 -15.10 -23.46 3.17
N THR D 275 -15.45 -24.71 2.86
CA THR D 275 -16.78 -25.22 3.20
C THR D 275 -16.85 -25.86 4.57
N LEU D 276 -15.76 -26.47 5.05
CA LEU D 276 -15.80 -27.07 6.38
C LEU D 276 -15.95 -26.02 7.46
N SER D 277 -15.34 -24.85 7.27
CA SER D 277 -15.62 -23.67 8.07
C SER D 277 -16.53 -22.73 7.28
N HIS D 278 -17.15 -21.80 8.01
CA HIS D 278 -17.97 -20.72 7.48
C HIS D 278 -19.29 -21.18 6.89
N MET D 279 -19.55 -22.49 6.80
CA MET D 279 -20.79 -22.99 6.22
C MET D 279 -21.53 -23.81 7.27
N ARG D 280 -22.80 -23.47 7.49
CA ARG D 280 -23.59 -24.21 8.46
C ARG D 280 -24.20 -25.46 7.83
N PRO D 281 -24.44 -26.51 8.62
CA PRO D 281 -25.01 -27.74 8.06
C PRO D 281 -26.38 -27.50 7.44
N LEU D 282 -26.69 -28.28 6.41
CA LEU D 282 -27.91 -28.11 5.66
C LEU D 282 -29.08 -28.79 6.36
N ARG D 283 -30.28 -28.49 5.86
CA ARG D 283 -31.50 -29.18 6.26
C ARG D 283 -32.19 -29.88 5.10
N GLY D 284 -31.70 -29.73 3.87
CA GLY D 284 -32.30 -30.37 2.74
C GLY D 284 -31.38 -30.32 1.55
N ASP D 285 -31.97 -30.42 0.35
CA ASP D 285 -31.20 -30.50 -0.89
C ASP D 285 -31.75 -29.62 -2.00
N ARG D 286 -32.57 -28.61 -1.66
CA ARG D 286 -33.13 -27.71 -2.65
C ARG D 286 -32.31 -26.44 -2.73
N LEU D 287 -31.97 -26.04 -3.95
CA LEU D 287 -31.04 -24.93 -4.19
C LEU D 287 -31.71 -23.86 -5.04
N MET D 288 -31.46 -22.60 -4.70
CA MET D 288 -31.98 -21.45 -5.42
C MET D 288 -30.81 -20.55 -5.82
N ILE D 289 -30.85 -20.04 -7.05
CA ILE D 289 -29.75 -19.26 -7.61
C ILE D 289 -30.29 -17.89 -8.03
N ILE D 290 -29.48 -16.85 -7.83
CA ILE D 290 -29.76 -15.52 -8.34
C ILE D 290 -28.48 -14.91 -8.87
N SER D 291 -28.57 -14.18 -9.98
CA SER D 291 -27.40 -13.61 -10.62
C SER D 291 -27.82 -12.46 -11.53
N ASN D 292 -26.83 -11.65 -11.92
CA ASN D 292 -27.02 -10.54 -12.84
C ASN D 292 -26.51 -10.86 -14.24
N GLY D 293 -26.56 -12.14 -14.65
CA GLY D 293 -26.18 -12.54 -15.98
C GLY D 293 -26.82 -13.87 -16.29
N ALA D 294 -26.57 -14.36 -17.51
CA ALA D 294 -27.15 -15.61 -17.98
C ALA D 294 -26.15 -16.76 -18.02
N ALA D 295 -24.99 -16.56 -18.65
CA ALA D 295 -24.03 -17.65 -18.76
C ALA D 295 -23.54 -18.16 -17.42
N PRO D 296 -23.16 -17.32 -16.46
CA PRO D 296 -22.65 -17.87 -15.19
C PRO D 296 -23.60 -18.86 -14.54
N ALA D 297 -24.90 -18.59 -14.60
CA ALA D 297 -25.88 -19.54 -14.09
C ALA D 297 -25.92 -20.79 -14.96
N ALA D 298 -25.96 -20.62 -16.28
CA ALA D 298 -26.04 -21.77 -17.18
C ALA D 298 -24.92 -22.76 -16.89
N LEU D 299 -23.68 -22.29 -16.84
CA LEU D 299 -22.57 -23.16 -16.51
C LEU D 299 -22.85 -23.91 -15.23
N ALA D 300 -23.25 -23.19 -14.17
CA ALA D 300 -23.54 -23.84 -12.90
C ALA D 300 -24.55 -24.96 -13.11
N LEU D 301 -25.63 -24.68 -13.85
CA LEU D 301 -26.66 -25.68 -14.05
C LEU D 301 -26.06 -26.96 -14.62
N ASP D 302 -25.19 -26.82 -15.64
CA ASP D 302 -24.60 -27.99 -16.25
C ASP D 302 -23.90 -28.84 -15.21
N ALA D 303 -23.11 -28.21 -14.34
CA ALA D 303 -22.45 -28.96 -13.28
C ALA D 303 -23.47 -29.64 -12.38
N LEU D 304 -24.50 -28.91 -11.95
CA LEU D 304 -25.53 -29.50 -11.13
C LEU D 304 -26.27 -30.61 -11.86
N TRP D 305 -26.26 -30.58 -13.19
CA TRP D 305 -26.90 -31.64 -13.96
C TRP D 305 -26.03 -32.88 -14.06
N SER D 306 -24.73 -32.75 -13.85
CA SER D 306 -23.82 -33.88 -13.95
C SER D 306 -23.63 -34.61 -12.63
N ARG D 307 -24.21 -34.10 -11.55
CA ARG D 307 -24.16 -34.76 -10.24
C ARG D 307 -25.56 -35.04 -9.71
N ASN D 308 -26.58 -34.92 -10.55
CA ASN D 308 -27.96 -35.21 -10.18
C ASN D 308 -28.38 -34.41 -8.95
N GLY D 309 -28.30 -33.08 -9.08
CA GLY D 309 -28.75 -32.20 -8.03
C GLY D 309 -30.23 -31.85 -8.16
N LYS D 310 -30.74 -31.17 -7.14
CA LYS D 310 -32.14 -30.81 -7.03
C LYS D 310 -32.29 -29.30 -7.04
N LEU D 311 -33.25 -28.81 -7.83
CA LEU D 311 -33.57 -27.40 -7.88
C LEU D 311 -34.84 -27.13 -7.08
N ALA D 312 -35.17 -25.85 -6.94
CA ALA D 312 -36.31 -25.42 -6.16
C ALA D 312 -37.41 -24.90 -7.09
N THR D 313 -38.65 -25.01 -6.63
CA THR D 313 -39.80 -24.45 -7.32
C THR D 313 -40.46 -23.38 -6.44
N LEU D 314 -40.81 -22.26 -7.05
CA LEU D 314 -41.28 -21.10 -6.32
C LEU D 314 -42.79 -21.14 -6.14
N SER D 315 -43.24 -20.72 -4.96
CA SER D 315 -44.66 -20.66 -4.68
C SER D 315 -45.32 -19.54 -5.47
N GLU D 316 -46.64 -19.68 -5.68
CA GLU D 316 -47.38 -18.66 -6.41
C GLU D 316 -47.39 -17.34 -5.66
N ALA D 317 -47.51 -17.39 -4.33
CA ALA D 317 -47.48 -16.16 -3.55
C ALA D 317 -46.10 -15.49 -3.63
N THR D 318 -45.03 -16.27 -3.50
CA THR D 318 -43.69 -15.71 -3.64
C THR D 318 -43.48 -15.15 -5.05
N CYS D 319 -43.97 -15.87 -6.06
CA CYS D 319 -43.86 -15.37 -7.43
C CYS D 319 -44.58 -14.05 -7.59
N GLN D 320 -45.79 -13.95 -7.02
CA GLN D 320 -46.57 -12.71 -7.13
C GLN D 320 -45.86 -11.56 -6.43
N LYS D 321 -45.35 -11.81 -5.22
CA LYS D 321 -44.64 -10.76 -4.49
C LYS D 321 -43.39 -10.31 -5.24
N LEU D 322 -42.68 -11.26 -5.84
CA LEU D 322 -41.49 -10.92 -6.60
C LEU D 322 -41.83 -10.00 -7.76
N ARG D 323 -42.96 -10.23 -8.42
CA ARG D 323 -43.41 -9.34 -9.47
C ARG D 323 -43.64 -7.94 -8.89
N ASP D 324 -43.56 -6.94 -9.75
CA ASP D 324 -43.66 -5.51 -9.45
C ASP D 324 -42.36 -4.95 -8.89
N ALA D 325 -41.32 -5.77 -8.69
CA ALA D 325 -40.03 -5.23 -8.30
C ALA D 325 -39.37 -4.53 -9.48
N LEU D 326 -39.49 -5.09 -10.68
CA LEU D 326 -39.04 -4.43 -11.90
C LEU D 326 -39.62 -5.17 -13.09
N PRO D 327 -40.07 -4.48 -14.14
CA PRO D 327 -40.58 -5.18 -15.32
C PRO D 327 -39.51 -5.95 -16.06
N GLU D 328 -39.83 -6.46 -17.25
CA GLU D 328 -38.91 -7.13 -18.15
C GLU D 328 -38.02 -8.13 -17.42
N HIS D 329 -38.57 -8.79 -16.40
CA HIS D 329 -37.88 -9.86 -15.69
C HIS D 329 -38.71 -11.12 -15.80
N VAL D 330 -38.52 -11.86 -16.90
CA VAL D 330 -39.18 -13.15 -17.07
C VAL D 330 -38.70 -14.14 -16.04
N ALA D 331 -37.57 -13.88 -15.40
CA ALA D 331 -36.94 -14.87 -14.55
C ALA D 331 -37.84 -15.29 -13.38
N ILE D 332 -38.97 -14.62 -13.19
CA ILE D 332 -39.92 -15.04 -12.17
C ILE D 332 -40.51 -16.41 -12.46
N SER D 333 -40.37 -16.89 -13.69
CA SER D 333 -40.89 -18.20 -14.10
C SER D 333 -39.78 -19.24 -14.16
N ASN D 334 -38.79 -19.13 -13.28
CA ASN D 334 -37.69 -20.09 -13.23
C ASN D 334 -36.94 -19.91 -11.91
N PRO D 335 -36.19 -20.95 -11.46
CA PRO D 335 -35.51 -20.87 -10.17
C PRO D 335 -34.12 -20.26 -10.20
N LEU D 336 -33.82 -19.51 -11.27
CA LEU D 336 -32.66 -18.63 -11.33
C LEU D 336 -33.16 -17.27 -11.78
N ASP D 337 -33.10 -16.29 -10.89
CA ASP D 337 -33.39 -14.92 -11.28
C ASP D 337 -32.33 -14.42 -12.25
N LEU D 338 -32.74 -13.56 -13.17
CA LEU D 338 -31.88 -13.11 -14.25
C LEU D 338 -31.99 -11.60 -14.39
N ARG D 339 -30.85 -10.93 -14.38
CA ARG D 339 -30.78 -9.50 -14.61
C ARG D 339 -29.61 -9.23 -15.55
N ASP D 340 -29.57 -8.04 -16.09
CA ASP D 340 -28.45 -7.63 -16.93
C ASP D 340 -27.77 -6.36 -16.43
N ASP D 341 -28.54 -5.37 -15.98
CA ASP D 341 -28.03 -4.10 -15.51
C ASP D 341 -28.64 -3.75 -14.16
N ALA D 342 -28.91 -4.75 -13.33
CA ALA D 342 -29.51 -4.51 -12.04
C ALA D 342 -28.58 -3.68 -11.16
N SER D 343 -29.15 -3.14 -10.09
CA SER D 343 -28.43 -2.39 -9.09
C SER D 343 -28.53 -3.10 -7.74
N SER D 344 -27.94 -2.49 -6.72
CA SER D 344 -27.98 -3.08 -5.39
C SER D 344 -29.39 -3.12 -4.82
N GLU D 345 -30.20 -2.11 -5.15
CA GLU D 345 -31.57 -2.08 -4.65
C GLU D 345 -32.36 -3.30 -5.09
N HIS D 346 -32.21 -3.71 -6.34
CA HIS D 346 -32.87 -4.93 -6.80
C HIS D 346 -32.34 -6.14 -6.03
N TYR D 347 -31.04 -6.15 -5.71
CA TYR D 347 -30.49 -7.25 -4.94
C TYR D 347 -31.18 -7.37 -3.58
N ILE D 348 -31.30 -6.26 -2.86
CA ILE D 348 -31.91 -6.33 -1.52
C ILE D 348 -33.41 -6.62 -1.63
N LYS D 349 -34.08 -6.05 -2.63
CA LYS D 349 -35.51 -6.30 -2.79
C LYS D 349 -35.78 -7.75 -3.14
N THR D 350 -34.83 -8.41 -3.81
CA THR D 350 -34.97 -9.85 -4.04
C THR D 350 -34.67 -10.63 -2.77
N LEU D 351 -33.61 -10.25 -2.05
CA LEU D 351 -33.19 -11.03 -0.89
C LEU D 351 -34.26 -11.02 0.20
N ASP D 352 -34.86 -9.87 0.47
CA ASP D 352 -35.82 -9.79 1.56
C ASP D 352 -37.05 -10.66 1.28
N ILE D 353 -37.56 -10.62 0.06
CA ILE D 353 -38.70 -11.46 -0.29
C ILE D 353 -38.30 -12.93 -0.25
N LEU D 354 -37.15 -13.28 -0.83
CA LEU D 354 -36.76 -14.68 -0.92
C LEU D 354 -36.56 -15.29 0.45
N LEU D 355 -35.92 -14.56 1.37
CA LEU D 355 -35.64 -15.11 2.68
C LEU D 355 -36.90 -15.35 3.50
N HIS D 356 -38.02 -14.73 3.12
CA HIS D 356 -39.25 -14.86 3.89
C HIS D 356 -40.00 -16.15 3.61
N SER D 357 -39.69 -16.84 2.51
CA SER D 357 -40.43 -18.03 2.13
C SER D 357 -39.80 -19.28 2.76
N GLN D 358 -40.39 -20.43 2.45
CA GLN D 358 -39.90 -21.73 2.88
C GLN D 358 -39.73 -22.64 1.68
N ASP D 359 -39.12 -22.13 0.62
CA ASP D 359 -39.12 -22.80 -0.67
C ASP D 359 -37.83 -23.54 -0.99
N PHE D 360 -36.72 -23.21 -0.33
CA PHE D 360 -35.43 -23.81 -0.65
C PHE D 360 -34.63 -24.02 0.63
N ASP D 361 -33.44 -24.59 0.46
CA ASP D 361 -32.54 -24.88 1.58
C ASP D 361 -31.19 -24.19 1.46
N ALA D 362 -30.88 -23.58 0.31
CA ALA D 362 -29.61 -22.89 0.15
C ALA D 362 -29.72 -21.90 -1.00
N LEU D 363 -29.06 -20.76 -0.85
CA LEU D 363 -29.11 -19.66 -1.81
C LEU D 363 -27.72 -19.36 -2.34
N MET D 364 -27.60 -19.25 -3.66
CA MET D 364 -26.33 -19.00 -4.33
C MET D 364 -26.45 -17.71 -5.11
N VAL D 365 -25.62 -16.73 -4.76
CA VAL D 365 -25.66 -15.40 -5.34
C VAL D 365 -24.41 -15.20 -6.19
N ILE D 366 -24.60 -14.83 -7.45
CA ILE D 366 -23.52 -14.64 -8.40
C ILE D 366 -23.48 -13.17 -8.80
N HIS D 367 -22.29 -12.59 -8.86
CA HIS D 367 -22.11 -11.21 -9.27
C HIS D 367 -21.04 -11.10 -10.35
N SER D 368 -21.28 -10.22 -11.31
CA SER D 368 -20.33 -9.88 -12.36
C SER D 368 -20.16 -8.38 -12.41
N PRO D 369 -19.02 -7.89 -12.91
CA PRO D 369 -18.77 -6.45 -12.93
C PRO D 369 -19.78 -5.70 -13.77
N SER D 370 -20.11 -4.50 -13.31
CA SER D 370 -21.05 -3.62 -13.98
C SER D 370 -20.95 -2.24 -13.35
N ALA D 371 -21.25 -1.21 -14.13
CA ALA D 371 -21.26 0.14 -13.60
C ALA D 371 -22.41 0.36 -12.64
N ALA D 372 -23.52 -0.33 -12.85
CA ALA D 372 -24.69 -0.14 -11.98
C ALA D 372 -24.43 -0.66 -10.57
N ALA D 373 -23.75 -1.79 -10.44
CA ALA D 373 -23.57 -2.46 -9.15
C ALA D 373 -22.09 -2.74 -8.91
N PRO D 374 -21.37 -1.78 -8.32
CA PRO D 374 -19.97 -2.03 -7.96
C PRO D 374 -19.85 -3.14 -6.92
N ALA D 375 -18.69 -3.81 -6.93
CA ALA D 375 -18.51 -5.00 -6.12
C ALA D 375 -18.57 -4.70 -4.62
N THR D 376 -17.84 -3.68 -4.17
CA THR D 376 -17.75 -3.42 -2.74
C THR D 376 -19.11 -3.01 -2.16
N GLU D 377 -19.86 -2.17 -2.88
CA GLU D 377 -21.15 -1.73 -2.38
C GLU D 377 -22.13 -2.89 -2.32
N SER D 378 -22.15 -3.73 -3.34
CA SER D 378 -23.04 -4.89 -3.32
C SER D 378 -22.68 -5.83 -2.19
N ALA D 379 -21.38 -6.04 -1.96
CA ALA D 379 -20.97 -6.90 -0.84
C ALA D 379 -21.44 -6.34 0.49
N GLN D 380 -21.23 -5.04 0.70
CA GLN D 380 -21.65 -4.42 1.96
C GLN D 380 -23.16 -4.52 2.14
N VAL D 381 -23.92 -4.27 1.07
CA VAL D 381 -25.37 -4.33 1.16
C VAL D 381 -25.84 -5.74 1.48
N LEU D 382 -25.26 -6.74 0.80
CA LEU D 382 -25.63 -8.12 1.09
C LEU D 382 -25.32 -8.49 2.53
N ILE D 383 -24.17 -8.05 3.03
CA ILE D 383 -23.78 -8.39 4.40
C ILE D 383 -24.77 -7.79 5.39
N GLU D 384 -25.11 -6.51 5.22
CA GLU D 384 -26.04 -5.89 6.17
C GLU D 384 -27.43 -6.52 6.06
N ALA D 385 -27.86 -6.86 4.84
CA ALA D 385 -29.17 -7.50 4.68
C ALA D 385 -29.22 -8.83 5.39
N VAL D 386 -28.17 -9.64 5.26
CA VAL D 386 -28.13 -10.92 5.97
C VAL D 386 -28.09 -10.68 7.48
N LYS D 387 -27.40 -9.61 7.89
CA LYS D 387 -27.33 -9.31 9.32
C LYS D 387 -28.72 -9.07 9.90
N HIS D 388 -29.50 -8.18 9.27
CA HIS D 388 -30.73 -7.70 9.90
C HIS D 388 -31.91 -8.65 9.78
N HIS D 389 -31.85 -9.65 8.90
CA HIS D 389 -33.00 -10.54 8.73
C HIS D 389 -33.11 -11.51 9.89
N PRO D 390 -34.33 -11.89 10.30
CA PRO D 390 -34.47 -12.87 11.39
C PRO D 390 -34.47 -14.31 10.90
N ARG D 391 -34.72 -14.51 9.60
CA ARG D 391 -34.80 -15.85 9.03
C ARG D 391 -33.46 -16.37 8.52
N SER D 392 -32.40 -15.57 8.59
CA SER D 392 -31.11 -15.98 8.06
C SER D 392 -30.51 -17.17 8.81
N LYS D 393 -31.03 -17.50 9.98
CA LYS D 393 -30.47 -18.61 10.77
C LYS D 393 -30.79 -19.96 10.17
N TYR D 394 -31.82 -20.07 9.33
CA TYR D 394 -32.29 -21.35 8.81
C TYR D 394 -31.90 -21.58 7.36
N VAL D 395 -31.04 -20.75 6.80
CA VAL D 395 -30.68 -20.81 5.39
C VAL D 395 -29.17 -20.80 5.26
N SER D 396 -28.63 -21.66 4.39
CA SER D 396 -27.22 -21.62 4.06
C SER D 396 -26.98 -20.64 2.92
N LEU D 397 -25.86 -19.95 2.97
CA LEU D 397 -25.53 -18.91 2.01
C LEU D 397 -24.21 -19.22 1.31
N LEU D 398 -24.19 -19.02 -0.01
CA LEU D 398 -22.99 -19.16 -0.82
C LEU D 398 -22.88 -17.94 -1.72
N THR D 399 -21.66 -17.42 -1.85
CA THR D 399 -21.41 -16.23 -2.67
C THR D 399 -20.37 -16.55 -3.72
N ASN D 400 -20.42 -15.79 -4.83
CA ASN D 400 -19.45 -15.95 -5.90
C ASN D 400 -19.32 -14.61 -6.62
N TRP D 401 -18.30 -13.84 -6.27
CA TRP D 401 -17.95 -12.61 -6.96
C TRP D 401 -16.90 -12.96 -8.01
N CYS D 402 -17.27 -12.87 -9.29
CA CYS D 402 -16.52 -13.49 -10.36
C CYS D 402 -15.43 -12.60 -10.96
N GLY D 403 -14.98 -11.57 -10.24
CA GLY D 403 -13.90 -10.72 -10.71
C GLY D 403 -12.69 -10.77 -9.80
N GLU D 404 -11.57 -11.23 -10.37
CA GLU D 404 -10.35 -11.39 -9.58
C GLU D 404 -9.78 -10.04 -9.15
N HIS D 405 -9.50 -9.16 -10.10
CA HIS D 405 -8.83 -7.91 -9.78
C HIS D 405 -9.67 -7.04 -8.86
N SER D 406 -10.97 -6.90 -9.15
CA SER D 406 -11.79 -5.88 -8.53
C SER D 406 -12.59 -6.38 -7.32
N SER D 407 -12.43 -7.64 -6.92
CA SER D 407 -13.26 -8.21 -5.87
C SER D 407 -12.45 -8.72 -4.68
N GLN D 408 -11.22 -8.23 -4.50
CA GLN D 408 -10.42 -8.66 -3.35
C GLN D 408 -10.99 -8.11 -2.05
N GLU D 409 -11.36 -6.83 -2.04
CA GLU D 409 -11.88 -6.22 -0.82
C GLU D 409 -13.22 -6.83 -0.43
N ALA D 410 -14.10 -7.05 -1.42
CA ALA D 410 -15.39 -7.68 -1.12
C ALA D 410 -15.20 -9.07 -0.56
N ARG D 411 -14.26 -9.83 -1.12
CA ARG D 411 -13.99 -11.18 -0.62
C ARG D 411 -13.45 -11.13 0.80
N ARG D 412 -12.59 -10.15 1.10
CA ARG D 412 -12.07 -10.02 2.46
C ARG D 412 -13.19 -9.67 3.44
N LEU D 413 -14.11 -8.78 3.03
CA LEU D 413 -15.24 -8.46 3.89
C LEU D 413 -16.12 -9.67 4.13
N PHE D 414 -16.38 -10.45 3.08
CA PHE D 414 -17.17 -11.67 3.25
C PHE D 414 -16.49 -12.61 4.24
N SER D 415 -15.17 -12.80 4.08
CA SER D 415 -14.45 -13.69 4.98
C SER D 415 -14.54 -13.20 6.42
N GLU D 416 -14.44 -11.89 6.63
CA GLU D 416 -14.56 -11.35 7.98
C GLU D 416 -15.94 -11.61 8.56
N ALA D 417 -16.99 -11.43 7.75
CA ALA D 417 -18.35 -11.67 8.23
C ALA D 417 -18.60 -13.14 8.53
N GLY D 418 -17.76 -14.04 8.02
CA GLY D 418 -17.94 -15.47 8.26
C GLY D 418 -18.81 -16.13 7.21
N LEU D 419 -18.65 -15.72 5.96
CA LEU D 419 -19.47 -16.22 4.87
C LEU D 419 -18.59 -16.95 3.85
N PRO D 420 -19.03 -18.10 3.34
CA PRO D 420 -18.23 -18.79 2.34
C PRO D 420 -18.23 -18.03 1.02
N THR D 421 -17.13 -18.18 0.27
CA THR D 421 -16.99 -17.50 -1.00
C THR D 421 -16.05 -18.32 -1.88
N TYR D 422 -16.36 -18.38 -3.17
CA TYR D 422 -15.67 -19.24 -4.11
C TYR D 422 -15.32 -18.47 -5.37
N ARG D 423 -14.22 -18.87 -6.02
CA ARG D 423 -13.67 -18.08 -7.11
C ARG D 423 -14.51 -18.16 -8.37
N THR D 424 -14.97 -19.35 -8.72
CA THR D 424 -15.63 -19.59 -10.00
C THR D 424 -16.89 -20.40 -9.79
N PRO D 425 -17.84 -20.33 -10.71
CA PRO D 425 -19.03 -21.18 -10.60
C PRO D 425 -18.66 -22.63 -10.85
N GLU D 426 -19.61 -23.52 -10.56
CA GLU D 426 -19.36 -24.96 -10.49
C GLU D 426 -18.12 -25.28 -9.66
N GLY D 427 -17.76 -24.38 -8.75
CA GLY D 427 -16.89 -24.68 -7.64
C GLY D 427 -17.71 -24.55 -6.38
N THR D 428 -18.74 -23.72 -6.46
CA THR D 428 -19.78 -23.68 -5.43
C THR D 428 -20.66 -24.91 -5.51
N ILE D 429 -21.02 -25.33 -6.72
CA ILE D 429 -21.86 -26.51 -6.87
C ILE D 429 -21.13 -27.75 -6.38
N THR D 430 -19.82 -27.81 -6.61
CA THR D 430 -19.06 -28.95 -6.12
C THR D 430 -19.15 -29.06 -4.60
N ALA D 431 -18.98 -27.93 -3.90
CA ALA D 431 -19.09 -27.95 -2.45
C ALA D 431 -20.50 -28.31 -1.99
N PHE D 432 -21.51 -27.75 -2.64
CA PHE D 432 -22.89 -28.05 -2.26
C PHE D 432 -23.19 -29.55 -2.42
N MET D 433 -22.78 -30.13 -3.55
CA MET D 433 -23.02 -31.55 -3.78
C MET D 433 -22.19 -32.40 -2.83
N HIS D 434 -20.96 -31.96 -2.51
CA HIS D 434 -20.18 -32.64 -1.49
C HIS D 434 -20.97 -32.76 -0.19
N MET D 435 -21.51 -31.63 0.28
CA MET D 435 -22.22 -31.64 1.55
C MET D 435 -23.47 -32.50 1.47
N VAL D 436 -24.21 -32.42 0.36
CA VAL D 436 -25.42 -33.23 0.22
C VAL D 436 -25.07 -34.71 0.28
N GLU D 437 -24.04 -35.12 -0.47
CA GLU D 437 -23.64 -36.52 -0.47
C GLU D 437 -23.19 -36.98 0.91
N TYR D 438 -22.44 -36.13 1.61
CA TYR D 438 -22.02 -36.50 2.95
C TYR D 438 -23.22 -36.75 3.85
N ARG D 439 -24.19 -35.84 3.82
CA ARG D 439 -25.36 -35.98 4.66
C ARG D 439 -26.12 -37.27 4.34
N ARG D 440 -26.28 -37.57 3.05
CA ARG D 440 -26.96 -38.80 2.67
C ARG D 440 -26.22 -40.03 3.18
N ASN D 441 -24.92 -40.11 2.91
CA ASN D 441 -24.16 -41.28 3.31
C ASN D 441 -24.20 -41.47 4.83
N GLN D 442 -24.02 -40.40 5.59
CA GLN D 442 -24.08 -40.53 7.03
C GLN D 442 -25.47 -40.88 7.52
N LYS D 443 -26.51 -40.51 6.76
CA LYS D 443 -27.84 -41.01 7.08
C LYS D 443 -27.91 -42.51 6.87
N GLN D 444 -27.14 -43.03 5.92
CA GLN D 444 -27.17 -44.45 5.58
C GLN D 444 -26.27 -45.32 6.45
N LEU D 445 -25.50 -44.74 7.38
CA LEU D 445 -24.64 -45.57 8.24
C LEU D 445 -25.45 -46.36 9.25
N ARG D 446 -26.44 -45.72 9.87
CA ARG D 446 -27.16 -46.34 10.97
C ARG D 446 -27.78 -47.65 10.52
N GLU D 447 -27.53 -48.72 11.27
CA GLU D 447 -27.99 -50.04 10.89
C GLU D 447 -28.12 -50.91 12.13
N THR D 448 -28.56 -52.16 11.91
CA THR D 448 -28.75 -53.15 12.96
C THR D 448 -27.84 -54.32 12.66
N PRO D 449 -26.53 -54.20 12.92
CA PRO D 449 -25.63 -55.32 12.62
C PRO D 449 -26.01 -56.54 13.45
N ALA D 450 -25.83 -57.72 12.87
CA ALA D 450 -26.28 -58.94 13.53
C ALA D 450 -25.69 -60.16 12.83
N LEU D 451 -26.06 -61.33 13.36
CA LEU D 451 -25.76 -62.64 12.76
C LEU D 451 -27.08 -63.39 12.69
N PRO D 452 -28.03 -62.92 11.87
CA PRO D 452 -29.36 -63.54 11.85
C PRO D 452 -29.33 -65.00 11.42
N SER D 453 -28.33 -65.41 10.64
CA SER D 453 -28.25 -66.78 10.15
C SER D 453 -28.18 -67.79 11.29
N ASN D 454 -27.74 -67.38 12.48
CA ASN D 454 -27.73 -68.24 13.67
C ASN D 454 -26.96 -69.52 13.34
N LEU D 455 -27.49 -70.70 13.66
CA LEU D 455 -26.75 -71.95 13.54
C LEU D 455 -27.53 -72.93 12.68
N THR D 456 -26.84 -73.52 11.71
CA THR D 456 -27.36 -74.63 10.92
C THR D 456 -26.47 -75.85 11.11
N SER D 457 -27.10 -77.00 11.30
CA SER D 457 -26.34 -78.22 11.53
C SER D 457 -25.67 -78.73 10.26
N ASN D 458 -26.38 -78.69 9.13
CA ASN D 458 -25.86 -79.27 7.90
C ASN D 458 -24.53 -78.65 7.50
N THR D 459 -24.33 -77.36 7.77
CA THR D 459 -23.06 -76.74 7.43
C THR D 459 -21.90 -77.52 8.03
N ALA D 460 -22.04 -77.96 9.28
CA ALA D 460 -21.00 -78.78 9.90
C ALA D 460 -20.71 -80.00 9.02
N GLU D 461 -21.76 -80.73 8.63
CA GLU D 461 -21.59 -81.83 7.69
C GLU D 461 -20.95 -81.33 6.40
N ALA D 462 -21.44 -80.20 5.89
CA ALA D 462 -20.84 -79.63 4.69
C ALA D 462 -19.36 -79.41 4.87
N HIS D 463 -18.94 -78.98 6.07
CA HIS D 463 -17.53 -78.77 6.33
C HIS D 463 -16.73 -80.04 6.07
N LEU D 464 -17.29 -81.19 6.45
CA LEU D 464 -16.58 -82.44 6.22
C LEU D 464 -16.24 -82.60 4.75
N LEU D 465 -17.15 -82.21 3.86
CA LEU D 465 -16.88 -82.34 2.44
C LEU D 465 -15.59 -81.65 2.06
N LEU D 466 -15.33 -80.47 2.64
CA LEU D 466 -14.04 -79.82 2.42
C LEU D 466 -12.93 -80.55 3.17
N GLN D 467 -13.18 -80.90 4.44
CA GLN D 467 -12.15 -81.52 5.26
C GLN D 467 -11.50 -82.69 4.53
N GLN D 468 -12.29 -83.70 4.19
CA GLN D 468 -11.74 -84.86 3.49
C GLN D 468 -10.99 -84.42 2.23
N ALA D 469 -11.55 -83.47 1.49
CA ALA D 469 -10.87 -83.00 0.28
C ALA D 469 -9.49 -82.46 0.60
N ILE D 470 -9.37 -81.68 1.68
CA ILE D 470 -8.05 -81.21 2.08
C ILE D 470 -7.28 -82.30 2.80
N ALA D 471 -7.96 -83.27 3.40
CA ALA D 471 -7.25 -84.42 3.97
C ALA D 471 -6.60 -85.24 2.87
N GLU D 472 -7.31 -85.43 1.75
CA GLU D 472 -6.76 -86.10 0.59
C GLU D 472 -5.68 -85.27 -0.10
N GLY D 473 -5.52 -84.01 0.28
CA GLY D 473 -4.52 -83.14 -0.31
C GLY D 473 -5.03 -82.23 -1.40
N ALA D 474 -6.24 -82.47 -1.91
CA ALA D 474 -6.76 -81.63 -2.97
C ALA D 474 -6.81 -80.17 -2.52
N THR D 475 -6.44 -79.28 -3.43
CA THR D 475 -6.44 -77.85 -3.14
C THR D 475 -7.42 -77.07 -4.00
N SER D 476 -7.97 -77.65 -5.06
CA SER D 476 -8.96 -77.00 -5.88
C SER D 476 -10.11 -77.97 -6.16
N LEU D 477 -11.23 -77.41 -6.61
CA LEU D 477 -12.41 -78.20 -6.90
C LEU D 477 -13.10 -77.65 -8.14
N ASP D 478 -13.94 -78.47 -8.75
CA ASP D 478 -14.71 -78.11 -9.93
C ASP D 478 -16.20 -78.09 -9.58
N THR D 479 -17.02 -77.83 -10.60
CA THR D 479 -18.46 -77.74 -10.39
C THR D 479 -19.02 -79.05 -9.84
N HIS D 480 -18.59 -80.17 -10.41
CA HIS D 480 -19.14 -81.46 -10.02
C HIS D 480 -18.90 -81.73 -8.54
N GLU D 481 -17.70 -81.42 -8.04
CA GLU D 481 -17.40 -81.62 -6.64
C GLU D 481 -18.03 -80.55 -5.76
N VAL D 482 -18.24 -79.34 -6.30
CA VAL D 482 -18.67 -78.20 -5.49
C VAL D 482 -20.18 -78.10 -5.37
N GLN D 483 -20.94 -78.85 -6.17
CA GLN D 483 -22.40 -78.73 -6.14
C GLN D 483 -22.99 -78.82 -4.74
N PRO D 484 -22.71 -79.85 -3.93
CA PRO D 484 -23.37 -79.94 -2.61
C PRO D 484 -23.08 -78.78 -1.69
N ILE D 485 -21.85 -78.25 -1.71
CA ILE D 485 -21.52 -77.14 -0.82
C ILE D 485 -22.38 -75.93 -1.13
N LEU D 486 -22.50 -75.60 -2.42
CA LEU D 486 -23.37 -74.49 -2.81
C LEU D 486 -24.82 -74.79 -2.46
N GLN D 487 -25.26 -76.03 -2.68
CA GLN D 487 -26.66 -76.37 -2.38
C GLN D 487 -26.96 -76.20 -0.90
N ALA D 488 -25.99 -76.47 -0.03
CA ALA D 488 -26.24 -76.37 1.40
C ALA D 488 -26.62 -74.97 1.82
N TYR D 489 -26.15 -73.94 1.11
CA TYR D 489 -26.37 -72.55 1.48
C TYR D 489 -27.48 -71.89 0.67
N GLY D 490 -28.21 -72.66 -0.15
CA GLY D 490 -29.34 -72.12 -0.88
C GLY D 490 -29.04 -71.65 -2.28
N MET D 491 -27.86 -71.93 -2.81
CA MET D 491 -27.52 -71.55 -4.17
C MET D 491 -28.03 -72.59 -5.16
N ASN D 492 -28.26 -72.16 -6.39
CA ASN D 492 -28.74 -73.01 -7.46
C ASN D 492 -27.62 -73.22 -8.48
N THR D 493 -27.44 -74.47 -8.88
CA THR D 493 -26.42 -74.83 -9.87
C THR D 493 -27.01 -75.81 -10.87
N LEU D 494 -26.49 -75.76 -12.12
CA LEU D 494 -27.00 -76.67 -13.13
C LEU D 494 -26.21 -77.98 -13.12
N PRO D 495 -26.83 -79.08 -13.52
CA PRO D 495 -26.12 -80.36 -13.54
C PRO D 495 -25.08 -80.41 -14.66
N THR D 496 -24.07 -81.25 -14.45
CA THR D 496 -23.02 -81.46 -15.44
C THR D 496 -22.59 -82.91 -15.39
N TRP D 497 -21.95 -83.36 -16.47
CA TRP D 497 -21.56 -84.75 -16.60
C TRP D 497 -20.08 -84.85 -16.93
N ILE D 498 -19.51 -86.01 -16.66
CA ILE D 498 -18.09 -86.27 -16.89
C ILE D 498 -17.97 -87.51 -17.77
N ALA D 499 -17.14 -87.41 -18.81
CA ALA D 499 -16.95 -88.48 -19.76
C ALA D 499 -15.51 -88.99 -19.70
N SER D 500 -15.33 -90.27 -20.03
CA SER D 500 -13.99 -90.86 -20.06
C SER D 500 -13.32 -90.71 -21.42
N ASP D 501 -14.09 -90.81 -22.50
CA ASP D 501 -13.56 -90.63 -23.84
C ASP D 501 -14.62 -89.90 -24.68
N SER D 502 -14.38 -89.80 -25.99
CA SER D 502 -15.28 -89.06 -26.86
C SER D 502 -16.59 -89.80 -27.09
N THR D 503 -16.56 -91.13 -27.15
CA THR D 503 -17.75 -91.88 -27.52
C THR D 503 -18.88 -91.66 -26.53
N GLU D 504 -18.61 -91.87 -25.24
CA GLU D 504 -19.65 -91.62 -24.24
C GLU D 504 -20.01 -90.14 -24.17
N ALA D 505 -19.03 -89.27 -24.42
CA ALA D 505 -19.32 -87.84 -24.42
C ALA D 505 -20.42 -87.51 -25.42
N VAL D 506 -20.25 -87.96 -26.67
CA VAL D 506 -21.28 -87.71 -27.68
C VAL D 506 -22.55 -88.49 -27.35
N HIS D 507 -22.40 -89.70 -26.80
CA HIS D 507 -23.55 -90.54 -26.50
C HIS D 507 -24.48 -89.83 -25.52
N ILE D 508 -23.92 -89.09 -24.57
CA ILE D 508 -24.74 -88.34 -23.62
C ILE D 508 -25.07 -86.95 -24.12
N ALA D 509 -24.23 -86.37 -24.99
CA ALA D 509 -24.54 -85.07 -25.56
C ALA D 509 -25.80 -85.13 -26.40
N GLU D 510 -25.96 -86.20 -27.18
CA GLU D 510 -27.18 -86.35 -27.96
C GLU D 510 -28.42 -86.46 -27.07
N GLN D 511 -28.25 -86.93 -25.84
CA GLN D 511 -29.40 -87.09 -24.93
C GLN D 511 -29.74 -85.78 -24.25
N ILE D 512 -28.74 -85.10 -23.70
CA ILE D 512 -29.00 -83.88 -22.94
C ILE D 512 -29.67 -82.84 -23.83
N GLY D 513 -29.25 -82.75 -25.10
CA GLY D 513 -29.85 -81.83 -26.03
C GLY D 513 -28.90 -80.72 -26.44
N TYR D 514 -28.78 -80.49 -27.74
CA TYR D 514 -27.89 -79.45 -28.25
C TYR D 514 -28.46 -78.07 -27.92
N PRO D 515 -27.60 -77.05 -27.84
CA PRO D 515 -26.13 -77.08 -27.96
C PRO D 515 -25.48 -77.73 -26.74
N VAL D 516 -24.17 -77.89 -26.73
CA VAL D 516 -23.48 -78.55 -25.63
C VAL D 516 -22.11 -77.90 -25.46
N ALA D 517 -21.72 -77.68 -24.20
CA ALA D 517 -20.45 -77.05 -23.87
C ALA D 517 -19.50 -78.08 -23.27
N LEU D 518 -18.23 -78.01 -23.70
CA LEU D 518 -17.19 -78.94 -23.28
C LEU D 518 -16.09 -78.20 -22.54
N LYS D 519 -15.36 -78.93 -21.71
CA LYS D 519 -14.17 -78.40 -21.05
C LYS D 519 -13.38 -79.57 -20.48
N LEU D 520 -12.13 -79.30 -20.13
CA LEU D 520 -11.21 -80.30 -19.61
C LEU D 520 -10.90 -80.03 -18.14
N ARG D 521 -10.58 -81.10 -17.41
CA ARG D 521 -10.17 -80.99 -16.01
C ARG D 521 -8.78 -81.57 -15.86
N SER D 522 -7.91 -80.85 -15.16
CA SER D 522 -6.56 -81.30 -14.89
C SER D 522 -6.01 -80.53 -13.69
N PRO D 523 -5.55 -81.22 -12.63
CA PRO D 523 -5.10 -80.50 -11.44
C PRO D 523 -3.87 -79.63 -11.69
N ASP D 524 -2.83 -80.22 -12.30
CA ASP D 524 -1.58 -79.51 -12.47
C ASP D 524 -1.72 -78.31 -13.40
N ILE D 525 -2.47 -78.47 -14.49
CA ILE D 525 -2.56 -77.43 -15.50
C ILE D 525 -3.10 -76.15 -14.86
N PRO D 526 -2.40 -75.01 -14.97
CA PRO D 526 -2.92 -73.79 -14.33
C PRO D 526 -4.22 -73.30 -14.94
N HIS D 527 -4.32 -73.27 -16.27
CA HIS D 527 -5.50 -72.72 -16.93
C HIS D 527 -5.89 -73.60 -18.09
N LYS D 528 -7.19 -73.58 -18.42
CA LYS D 528 -7.71 -74.22 -19.61
C LYS D 528 -7.92 -73.24 -20.76
N SER D 529 -7.52 -71.98 -20.57
CA SER D 529 -7.54 -71.03 -21.68
C SER D 529 -6.73 -71.54 -22.86
N GLU D 530 -5.62 -72.23 -22.58
CA GLU D 530 -4.88 -72.89 -23.64
C GLU D 530 -5.75 -73.90 -24.38
N VAL D 531 -6.55 -74.67 -23.63
CA VAL D 531 -7.40 -75.67 -24.24
C VAL D 531 -8.51 -75.01 -25.05
N GLN D 532 -9.19 -74.01 -24.46
CA GLN D 532 -10.26 -73.28 -25.14
C GLN D 532 -11.28 -74.24 -25.75
N GLY D 533 -11.80 -75.13 -24.92
CA GLY D 533 -12.72 -76.15 -25.36
C GLY D 533 -14.18 -75.73 -25.47
N VAL D 534 -14.48 -74.46 -25.22
CA VAL D 534 -15.88 -74.02 -25.24
C VAL D 534 -16.45 -74.25 -26.63
N MET D 535 -17.63 -74.88 -26.69
CA MET D 535 -18.32 -75.17 -27.93
C MET D 535 -19.76 -74.72 -27.80
N LEU D 536 -20.26 -74.02 -28.80
CA LEU D 536 -21.65 -73.56 -28.81
C LEU D 536 -22.21 -73.63 -30.22
N TYR D 537 -23.53 -73.84 -30.28
CA TYR D 537 -24.34 -73.73 -31.50
C TYR D 537 -24.00 -74.76 -32.56
N LEU D 538 -23.10 -75.69 -32.27
CA LEU D 538 -22.78 -76.78 -33.17
C LEU D 538 -23.67 -77.98 -32.86
N ARG D 539 -24.25 -78.56 -33.90
CA ARG D 539 -25.27 -79.61 -33.76
C ARG D 539 -24.88 -80.88 -34.49
N THR D 540 -23.59 -81.12 -34.69
CA THR D 540 -23.09 -82.32 -35.34
C THR D 540 -22.27 -83.13 -34.35
N ALA D 541 -22.60 -84.41 -34.20
CA ALA D 541 -21.86 -85.27 -33.28
C ALA D 541 -20.42 -85.46 -33.74
N ASN D 542 -20.21 -85.61 -35.04
CA ASN D 542 -18.86 -85.88 -35.54
C ASN D 542 -17.91 -84.74 -35.24
N GLU D 543 -18.37 -83.49 -35.39
CA GLU D 543 -17.51 -82.35 -35.10
C GLU D 543 -17.23 -82.24 -33.61
N VAL D 544 -18.20 -82.59 -32.77
CA VAL D 544 -17.96 -82.63 -31.32
C VAL D 544 -16.89 -83.66 -31.01
N GLN D 545 -16.97 -84.83 -31.63
CA GLN D 545 -15.96 -85.86 -31.44
C GLN D 545 -14.60 -85.36 -31.88
N GLN D 546 -14.55 -84.67 -33.02
CA GLN D 546 -13.29 -84.15 -33.53
C GLN D 546 -12.70 -83.13 -32.56
N ALA D 547 -13.53 -82.24 -32.01
CA ALA D 547 -13.04 -81.27 -31.04
C ALA D 547 -12.54 -81.96 -29.79
N ALA D 548 -13.24 -83.00 -29.34
CA ALA D 548 -12.80 -83.75 -28.17
C ALA D 548 -11.43 -84.37 -28.40
N ASN D 549 -11.24 -84.98 -29.58
CA ASN D 549 -9.93 -85.53 -29.92
C ASN D 549 -8.87 -84.44 -29.99
N ALA D 550 -9.23 -83.28 -30.53
CA ALA D 550 -8.27 -82.18 -30.61
C ALA D 550 -7.82 -81.76 -29.21
N ILE D 551 -8.78 -81.61 -28.28
CA ILE D 551 -8.44 -81.22 -26.92
C ILE D 551 -7.57 -82.29 -26.26
N PHE D 552 -7.96 -83.56 -26.42
CA PHE D 552 -7.22 -84.65 -25.81
C PHE D 552 -5.77 -84.67 -26.30
N ASP D 553 -5.58 -84.58 -27.63
CA ASP D 553 -4.24 -84.61 -28.19
C ASP D 553 -3.45 -83.36 -27.80
N ARG D 554 -4.11 -82.20 -27.77
CA ARG D 554 -3.42 -80.99 -27.33
C ARG D 554 -2.87 -81.17 -25.93
N VAL D 555 -3.72 -81.59 -25.00
CA VAL D 555 -3.27 -81.72 -23.61
C VAL D 555 -2.22 -82.82 -23.48
N LYS D 556 -2.32 -83.89 -24.27
CA LYS D 556 -1.36 -84.99 -24.16
C LYS D 556 -0.01 -84.60 -24.73
N MET D 557 0.04 -84.29 -26.02
CA MET D 557 1.32 -83.92 -26.66
C MET D 557 1.95 -82.72 -25.97
N ALA D 558 1.16 -81.69 -25.69
CA ALA D 558 1.73 -80.48 -25.07
C ALA D 558 2.35 -80.81 -23.71
N TRP D 559 1.69 -81.66 -22.93
CA TRP D 559 2.21 -82.07 -21.63
C TRP D 559 1.69 -83.45 -21.29
N PRO D 560 2.35 -84.52 -21.75
CA PRO D 560 1.81 -85.88 -21.53
C PRO D 560 1.67 -86.23 -20.06
N GLN D 561 2.50 -85.68 -19.18
CA GLN D 561 2.45 -86.03 -17.77
C GLN D 561 1.19 -85.53 -17.08
N ALA D 562 0.42 -84.65 -17.72
CA ALA D 562 -0.73 -84.06 -17.07
C ALA D 562 -1.73 -85.12 -16.65
N ARG D 563 -2.21 -85.03 -15.41
CA ARG D 563 -3.26 -85.92 -14.92
C ARG D 563 -4.60 -85.49 -15.50
N VAL D 564 -5.32 -86.44 -16.08
CA VAL D 564 -6.65 -86.19 -16.64
C VAL D 564 -7.61 -87.19 -16.04
N HIS D 565 -8.67 -86.69 -15.41
CA HIS D 565 -9.67 -87.52 -14.76
C HIS D 565 -11.00 -87.53 -15.53
N GLY D 566 -11.01 -87.01 -16.75
CA GLY D 566 -12.22 -87.00 -17.54
C GLY D 566 -12.42 -85.70 -18.30
N LEU D 567 -13.56 -85.58 -18.97
CA LEU D 567 -13.92 -84.39 -19.74
C LEU D 567 -15.28 -83.92 -19.26
N LEU D 568 -15.36 -82.65 -18.85
CA LEU D 568 -16.62 -82.11 -18.37
C LEU D 568 -17.47 -81.66 -19.54
N VAL D 569 -18.74 -82.04 -19.52
CA VAL D 569 -19.67 -81.69 -20.59
C VAL D 569 -20.99 -81.30 -19.95
N GLN D 570 -21.62 -80.25 -20.47
CA GLN D 570 -22.88 -79.79 -19.94
C GLN D 570 -23.80 -79.33 -21.06
N SER D 571 -25.09 -79.36 -20.78
CA SER D 571 -26.08 -78.84 -21.70
C SER D 571 -26.26 -77.35 -21.46
N MET D 572 -27.01 -76.70 -22.35
CA MET D 572 -27.30 -75.28 -22.25
C MET D 572 -28.75 -75.06 -21.86
N ALA D 573 -28.99 -73.93 -21.19
CA ALA D 573 -30.31 -73.34 -21.10
C ALA D 573 -30.58 -72.63 -22.43
N ASN D 574 -31.58 -71.75 -22.47
CA ASN D 574 -31.88 -70.97 -23.71
C ASN D 574 -31.10 -69.79 -23.07
N ARG D 575 -30.04 -69.34 -23.74
CA ARG D 575 -29.14 -68.32 -23.20
C ARG D 575 -29.16 -67.02 -23.97
N ALA D 576 -29.80 -66.99 -25.14
CA ALA D 576 -29.85 -65.75 -25.92
C ALA D 576 -30.54 -64.64 -25.15
N GLY D 577 -31.62 -64.97 -24.42
CA GLY D 577 -32.33 -64.00 -23.63
C GLY D 577 -31.85 -63.96 -22.19
N ALA D 578 -30.65 -64.48 -21.94
CA ALA D 578 -30.08 -64.58 -20.61
C ALA D 578 -28.95 -63.59 -20.42
N GLN D 579 -28.86 -63.03 -19.22
CA GLN D 579 -27.82 -62.07 -18.87
C GLN D 579 -26.68 -62.78 -18.17
N GLU D 580 -25.46 -62.31 -18.42
CA GLU D 580 -24.25 -62.94 -17.91
C GLU D 580 -23.54 -61.98 -16.96
N LEU D 581 -23.18 -62.49 -15.78
CA LEU D 581 -22.44 -61.71 -14.79
C LEU D 581 -21.22 -62.52 -14.36
N ARG D 582 -20.41 -61.94 -13.48
CA ARG D 582 -19.24 -62.63 -12.93
C ARG D 582 -19.05 -62.20 -11.48
N VAL D 583 -18.71 -63.17 -10.63
CA VAL D 583 -18.52 -62.93 -9.20
C VAL D 583 -17.18 -63.52 -8.77
N VAL D 584 -16.45 -62.78 -7.95
CA VAL D 584 -15.17 -63.24 -7.44
C VAL D 584 -15.08 -62.90 -5.95
N VAL D 585 -14.41 -63.77 -5.20
CA VAL D 585 -14.11 -63.53 -3.80
C VAL D 585 -12.64 -63.83 -3.59
N GLU D 586 -11.89 -62.82 -3.13
CA GLU D 586 -10.44 -62.88 -2.98
C GLU D 586 -10.06 -62.55 -1.55
N HIS D 587 -8.76 -62.62 -1.26
CA HIS D 587 -8.22 -62.35 0.08
C HIS D 587 -7.14 -61.27 -0.04
N ASP D 588 -7.55 -60.01 0.02
CA ASP D 588 -6.59 -58.92 0.05
C ASP D 588 -5.84 -58.94 1.38
N PRO D 589 -4.53 -58.69 1.40
CA PRO D 589 -3.78 -58.77 2.65
C PRO D 589 -3.88 -57.54 3.53
N VAL D 590 -4.46 -56.45 3.04
CA VAL D 590 -4.61 -55.25 3.84
C VAL D 590 -5.95 -55.22 4.57
N PHE D 591 -7.03 -55.60 3.89
CA PHE D 591 -8.37 -55.53 4.45
C PHE D 591 -8.97 -56.90 4.74
N GLY D 592 -8.43 -57.98 4.19
CA GLY D 592 -8.97 -59.30 4.40
C GLY D 592 -9.77 -59.79 3.21
N PRO D 593 -10.78 -60.63 3.44
CA PRO D 593 -11.61 -61.09 2.33
C PRO D 593 -12.32 -59.93 1.66
N LEU D 594 -12.57 -60.09 0.36
CA LEU D 594 -13.15 -59.03 -0.45
C LEU D 594 -14.03 -59.66 -1.52
N ILE D 595 -15.17 -59.03 -1.81
CA ILE D 595 -16.14 -59.56 -2.76
C ILE D 595 -16.28 -58.58 -3.92
N MET D 596 -16.10 -59.07 -5.14
CA MET D 596 -16.13 -58.25 -6.34
C MET D 596 -17.16 -58.79 -7.32
N LEU D 597 -17.85 -57.88 -8.00
CA LEU D 597 -18.88 -58.21 -8.96
C LEU D 597 -18.59 -57.47 -10.26
N GLY D 598 -18.89 -58.11 -11.39
CA GLY D 598 -18.67 -57.52 -12.69
C GLY D 598 -19.27 -58.30 -13.83
N GLU D 599 -18.68 -58.17 -15.02
CA GLU D 599 -19.17 -58.83 -16.23
C GLU D 599 -18.15 -59.83 -16.74
N GLY D 600 -18.60 -60.68 -17.66
CA GLY D 600 -17.78 -61.77 -18.16
C GLY D 600 -16.81 -61.34 -19.25
N GLY D 601 -15.96 -62.29 -19.64
CA GLY D 601 -14.97 -62.09 -20.67
C GLY D 601 -13.56 -61.99 -20.09
N VAL D 602 -12.58 -62.38 -20.92
CA VAL D 602 -11.18 -62.27 -20.54
C VAL D 602 -10.78 -60.84 -20.24
N GLU D 603 -11.60 -59.88 -20.66
CA GLU D 603 -11.45 -58.47 -20.28
C GLU D 603 -11.41 -58.26 -18.76
N TRP D 604 -11.77 -59.27 -17.98
CA TRP D 604 -11.92 -59.09 -16.54
C TRP D 604 -10.64 -58.56 -15.91
N ARG D 605 -10.70 -57.31 -15.44
CA ARG D 605 -9.60 -56.71 -14.68
C ARG D 605 -10.24 -55.87 -13.58
N PRO D 606 -10.09 -56.24 -12.31
CA PRO D 606 -10.89 -55.59 -11.27
C PRO D 606 -10.69 -54.09 -11.18
N GLU D 607 -9.50 -53.59 -11.49
CA GLU D 607 -9.20 -52.18 -11.26
C GLU D 607 -10.13 -51.26 -12.03
N ASP D 608 -10.76 -51.73 -13.11
CA ASP D 608 -11.57 -50.87 -13.97
C ASP D 608 -13.06 -51.21 -13.92
N GLN D 609 -13.44 -52.48 -14.13
CA GLN D 609 -14.84 -52.82 -14.33
C GLN D 609 -15.50 -53.44 -13.10
N ALA D 610 -14.77 -53.69 -12.02
CA ALA D 610 -15.31 -54.42 -10.88
C ALA D 610 -15.83 -53.47 -9.80
N VAL D 611 -16.93 -53.85 -9.17
CA VAL D 611 -17.48 -53.15 -8.02
C VAL D 611 -17.31 -54.05 -6.81
N VAL D 612 -16.81 -53.48 -5.72
CA VAL D 612 -16.22 -54.27 -4.64
C VAL D 612 -16.89 -53.91 -3.31
N ALA D 613 -16.83 -54.86 -2.37
CA ALA D 613 -17.42 -54.66 -1.04
C ALA D 613 -16.75 -55.59 -0.04
N LEU D 614 -17.00 -55.31 1.26
CA LEU D 614 -16.48 -56.01 2.41
C LEU D 614 -17.56 -56.87 3.08
N PRO D 615 -17.27 -58.10 3.48
CA PRO D 615 -18.24 -58.87 4.27
C PRO D 615 -18.21 -58.45 5.72
N PRO D 616 -19.24 -58.76 6.50
CA PRO D 616 -20.49 -59.44 6.12
C PRO D 616 -21.49 -58.50 5.47
N LEU D 617 -22.57 -59.02 4.90
CA LEU D 617 -23.57 -58.21 4.22
C LEU D 617 -24.96 -58.60 4.68
N ASN D 618 -25.87 -57.65 4.62
CA ASN D 618 -27.30 -57.89 4.75
C ASN D 618 -27.97 -57.39 3.47
N MET D 619 -29.30 -57.40 3.45
CA MET D 619 -30.02 -57.07 2.22
C MET D 619 -29.77 -55.62 1.82
N ASN D 620 -29.76 -54.69 2.78
CA ASN D 620 -29.62 -53.28 2.44
C ASN D 620 -28.27 -52.98 1.82
N LEU D 621 -27.19 -53.52 2.39
CA LEU D 621 -25.86 -53.27 1.84
C LEU D 621 -25.72 -53.86 0.45
N ALA D 622 -26.26 -55.06 0.23
CA ALA D 622 -26.22 -55.65 -1.11
C ALA D 622 -27.00 -54.82 -2.11
N ARG D 623 -28.17 -54.33 -1.70
CA ARG D 623 -28.96 -53.47 -2.58
C ARG D 623 -28.19 -52.20 -2.93
N TYR D 624 -27.52 -51.60 -1.95
CA TYR D 624 -26.73 -50.41 -2.24
C TYR D 624 -25.61 -50.73 -3.22
N LEU D 625 -24.93 -51.86 -3.04
CA LEU D 625 -23.86 -52.24 -3.97
C LEU D 625 -24.42 -52.38 -5.38
N VAL D 626 -25.55 -53.06 -5.52
CA VAL D 626 -26.12 -53.27 -6.85
C VAL D 626 -26.50 -51.94 -7.50
N ILE D 627 -27.14 -51.06 -6.72
CA ILE D 627 -27.57 -49.78 -7.27
C ILE D 627 -26.36 -48.95 -7.69
N GLN D 628 -25.33 -48.92 -6.84
CA GLN D 628 -24.12 -48.16 -7.20
C GLN D 628 -23.49 -48.72 -8.47
N GLY D 629 -23.41 -50.04 -8.58
CA GLY D 629 -22.82 -50.63 -9.77
C GLY D 629 -23.59 -50.29 -11.03
N ILE D 630 -24.92 -50.39 -10.97
CA ILE D 630 -25.73 -50.08 -12.14
C ILE D 630 -25.60 -48.60 -12.50
N LYS D 631 -25.70 -47.72 -11.52
CA LYS D 631 -25.73 -46.29 -11.79
C LYS D 631 -24.44 -45.81 -12.44
N SER D 632 -23.30 -46.30 -11.96
CA SER D 632 -22.02 -45.96 -12.56
C SER D 632 -21.81 -46.65 -13.90
N LYS D 633 -22.77 -47.45 -14.36
CA LYS D 633 -22.72 -48.13 -15.64
C LYS D 633 -21.61 -49.17 -15.72
N LYS D 634 -21.09 -49.61 -14.57
CA LYS D 634 -20.21 -50.78 -14.57
C LYS D 634 -20.96 -52.02 -15.00
N ILE D 635 -22.27 -52.07 -14.75
CA ILE D 635 -23.13 -53.19 -15.13
C ILE D 635 -24.37 -52.63 -15.82
N ARG D 636 -24.70 -53.21 -16.96
CA ARG D 636 -25.85 -52.77 -17.73
C ARG D 636 -27.13 -53.40 -17.19
N ALA D 637 -28.21 -52.60 -17.21
CA ALA D 637 -29.48 -53.02 -16.62
C ALA D 637 -30.35 -53.83 -17.56
N ARG D 638 -30.31 -53.51 -18.86
CA ARG D 638 -31.15 -54.18 -19.85
C ARG D 638 -30.33 -54.68 -21.04
N SER D 639 -29.22 -55.36 -20.76
CA SER D 639 -28.47 -55.99 -21.84
C SER D 639 -29.30 -57.04 -22.56
N ALA D 640 -30.36 -57.54 -21.92
CA ALA D 640 -31.28 -58.50 -22.51
C ALA D 640 -32.62 -57.81 -22.76
N LEU D 641 -33.60 -58.61 -23.20
CA LEU D 641 -34.92 -58.08 -23.50
C LEU D 641 -35.70 -57.68 -22.26
N ARG D 642 -35.26 -58.08 -21.08
CA ARG D 642 -35.96 -57.85 -19.83
C ARG D 642 -35.08 -57.10 -18.84
N PRO D 643 -35.67 -56.41 -17.87
CA PRO D 643 -34.86 -55.72 -16.86
C PRO D 643 -34.13 -56.68 -15.95
N LEU D 644 -33.35 -56.15 -15.03
CA LEU D 644 -32.62 -56.93 -14.04
C LEU D 644 -33.28 -56.77 -12.68
N ASP D 645 -33.64 -57.89 -12.06
CA ASP D 645 -34.23 -57.88 -10.73
C ASP D 645 -33.11 -57.81 -9.69
N VAL D 646 -33.23 -56.89 -8.74
CA VAL D 646 -32.18 -56.64 -7.78
C VAL D 646 -32.35 -57.44 -6.49
N ALA D 647 -33.58 -57.83 -6.13
CA ALA D 647 -33.79 -58.60 -4.91
C ALA D 647 -33.06 -59.94 -4.99
N GLY D 648 -33.19 -60.63 -6.12
CA GLY D 648 -32.55 -61.93 -6.26
C GLY D 648 -31.03 -61.84 -6.23
N LEU D 649 -30.47 -60.84 -6.92
CA LEU D 649 -29.02 -60.67 -6.92
C LEU D 649 -28.52 -60.33 -5.52
N SER D 650 -29.24 -59.46 -4.81
CA SER D 650 -28.85 -59.13 -3.45
C SER D 650 -28.90 -60.35 -2.54
N GLN D 651 -29.93 -61.19 -2.70
CA GLN D 651 -30.01 -62.41 -1.91
C GLN D 651 -28.84 -63.34 -2.23
N LEU D 652 -28.49 -63.45 -3.51
CA LEU D 652 -27.36 -64.29 -3.88
C LEU D 652 -26.07 -63.78 -3.23
N LEU D 653 -25.88 -62.47 -3.23
CA LEU D 653 -24.69 -61.90 -2.60
C LEU D 653 -24.69 -62.16 -1.09
N VAL D 654 -25.85 -62.05 -0.44
CA VAL D 654 -25.92 -62.34 0.99
C VAL D 654 -25.55 -63.79 1.27
N GLN D 655 -26.05 -64.72 0.43
CA GLN D 655 -25.71 -66.12 0.62
C GLN D 655 -24.22 -66.36 0.45
N VAL D 656 -23.61 -65.72 -0.55
CA VAL D 656 -22.17 -65.86 -0.75
C VAL D 656 -21.41 -65.35 0.45
N SER D 657 -21.82 -64.20 0.99
CA SER D 657 -21.16 -63.65 2.17
C SER D 657 -21.25 -64.61 3.35
N ASN D 658 -22.44 -65.17 3.58
CA ASN D 658 -22.60 -66.15 4.65
C ASN D 658 -21.64 -67.30 4.46
N LEU D 659 -21.59 -67.84 3.24
CA LEU D 659 -20.75 -69.01 2.98
C LEU D 659 -19.30 -68.71 3.25
N ILE D 660 -18.79 -67.59 2.73
CA ILE D 660 -17.36 -67.32 2.86
C ILE D 660 -17.00 -67.01 4.31
N VAL D 661 -17.86 -66.29 5.03
CA VAL D 661 -17.54 -65.97 6.41
C VAL D 661 -17.57 -67.22 7.28
N ASP D 662 -18.51 -68.13 7.02
CA ASP D 662 -18.59 -69.35 7.82
C ASP D 662 -17.36 -70.23 7.64
N CYS D 663 -16.93 -70.42 6.40
CA CYS D 663 -15.87 -71.38 6.10
C CYS D 663 -14.57 -70.65 5.80
N PRO D 664 -13.57 -70.71 6.67
CA PRO D 664 -12.29 -70.04 6.37
C PRO D 664 -11.34 -70.86 5.53
N GLU D 665 -11.63 -72.14 5.28
CA GLU D 665 -10.76 -72.95 4.44
C GLU D 665 -10.72 -72.43 3.01
N ILE D 666 -11.74 -71.71 2.58
CA ILE D 666 -11.78 -71.17 1.23
C ILE D 666 -10.87 -69.96 1.14
N GLN D 667 -9.97 -69.96 0.16
CA GLN D 667 -9.10 -68.83 -0.09
C GLN D 667 -9.53 -68.00 -1.29
N ARG D 668 -10.04 -68.64 -2.35
CA ARG D 668 -10.55 -67.91 -3.50
C ARG D 668 -11.78 -68.61 -4.05
N LEU D 669 -12.75 -67.81 -4.50
CA LEU D 669 -13.96 -68.33 -5.13
C LEU D 669 -14.21 -67.57 -6.42
N ASP D 670 -14.58 -68.28 -7.48
CA ASP D 670 -14.84 -67.65 -8.77
C ASP D 670 -16.06 -68.29 -9.42
N ILE D 671 -17.08 -67.48 -9.70
CA ILE D 671 -18.27 -67.91 -10.42
C ILE D 671 -18.30 -67.14 -11.73
N HIS D 672 -18.16 -67.87 -12.84
CA HIS D 672 -18.13 -67.29 -14.17
C HIS D 672 -18.52 -68.34 -15.21
N PRO D 673 -19.58 -68.12 -16.00
CA PRO D 673 -20.56 -67.04 -15.94
C PRO D 673 -21.62 -67.28 -14.87
N LEU D 674 -22.28 -66.21 -14.42
CA LEU D 674 -23.47 -66.31 -13.59
C LEU D 674 -24.66 -65.95 -14.47
N LEU D 675 -25.61 -66.87 -14.60
CA LEU D 675 -26.72 -66.73 -15.54
C LEU D 675 -27.91 -66.14 -14.80
N ALA D 676 -28.35 -64.97 -15.24
CA ALA D 676 -29.52 -64.30 -14.66
C ALA D 676 -30.61 -64.26 -15.71
N SER D 677 -31.80 -64.75 -15.35
CA SER D 677 -32.97 -64.76 -16.22
C SER D 677 -34.18 -64.41 -15.37
N GLY D 678 -34.59 -63.15 -15.41
CA GLY D 678 -35.70 -62.72 -14.59
C GLY D 678 -35.39 -62.94 -13.12
N SER D 679 -36.33 -63.57 -12.41
CA SER D 679 -36.13 -63.85 -11.00
C SER D 679 -35.19 -65.02 -10.75
N GLU D 680 -34.77 -65.73 -11.79
CA GLU D 680 -33.96 -66.93 -11.63
C GLU D 680 -32.48 -66.61 -11.78
N PHE D 681 -31.67 -67.16 -10.88
CA PHE D 681 -30.23 -67.01 -10.93
C PHE D 681 -29.60 -68.38 -10.82
N THR D 682 -28.60 -68.66 -11.67
CA THR D 682 -27.97 -69.97 -11.71
C THR D 682 -26.47 -69.79 -11.93
N ALA D 683 -25.72 -70.80 -11.50
CA ALA D 683 -24.28 -70.84 -11.66
C ALA D 683 -23.90 -71.84 -12.75
N LEU D 684 -22.98 -71.43 -13.63
CA LEU D 684 -22.55 -72.27 -14.73
C LEU D 684 -21.26 -73.01 -14.41
N ASP D 685 -20.19 -72.27 -14.08
CA ASP D 685 -18.91 -72.85 -13.70
C ASP D 685 -18.42 -72.19 -12.42
N VAL D 686 -17.93 -73.00 -11.50
CA VAL D 686 -17.47 -72.52 -10.20
C VAL D 686 -16.09 -73.10 -9.93
N THR D 687 -15.20 -72.27 -9.41
CA THR D 687 -13.85 -72.69 -9.05
C THR D 687 -13.55 -72.26 -7.63
N LEU D 688 -13.08 -73.20 -6.81
CA LEU D 688 -12.73 -72.96 -5.43
C LEU D 688 -11.26 -73.31 -5.21
N ASP D 689 -10.50 -72.36 -4.66
CA ASP D 689 -9.14 -72.60 -4.22
C ASP D 689 -9.11 -72.55 -2.70
N ILE D 690 -8.69 -73.65 -2.08
CA ILE D 690 -8.82 -73.84 -0.64
C ILE D 690 -7.45 -74.14 -0.05
N SER D 691 -7.27 -73.76 1.20
CA SER D 691 -6.06 -74.00 1.97
C SER D 691 -6.45 -74.47 3.37
N PRO D 692 -5.54 -75.10 4.09
CA PRO D 692 -5.91 -75.70 5.39
C PRO D 692 -5.82 -74.73 6.56
N PHE D 693 -6.82 -74.80 7.45
CA PHE D 693 -6.74 -74.22 8.79
C PHE D 693 -6.90 -72.71 8.80
N GLU D 694 -7.41 -72.19 9.91
CA GLU D 694 -7.43 -70.75 10.18
C GLU D 694 -7.36 -70.56 11.70
N GLY D 695 -6.40 -69.75 12.15
CA GLY D 695 -6.18 -69.63 13.58
C GLY D 695 -7.38 -69.04 14.31
N ASP D 696 -7.94 -67.95 13.78
CA ASP D 696 -9.10 -67.30 14.36
C ASP D 696 -9.98 -66.78 13.25
N ASN D 697 -11.20 -67.32 13.14
CA ASN D 697 -12.09 -66.90 12.06
C ASN D 697 -12.44 -65.42 12.17
N GLU D 698 -12.70 -64.94 13.37
CA GLU D 698 -13.19 -63.58 13.54
C GLU D 698 -12.09 -62.55 13.28
N SER D 699 -10.89 -62.79 13.81
CA SER D 699 -9.82 -61.81 13.67
C SER D 699 -9.46 -61.56 12.21
N ARG D 700 -9.71 -62.53 11.34
CA ARG D 700 -9.36 -62.41 9.93
C ARG D 700 -10.17 -61.34 9.22
N LEU D 701 -11.27 -60.87 9.82
CA LEU D 701 -12.14 -59.88 9.21
C LEU D 701 -11.73 -58.47 9.65
N ALA D 702 -12.47 -57.47 9.16
CA ALA D 702 -12.25 -56.08 9.51
C ALA D 702 -13.37 -55.45 10.32
N VAL D 703 -14.60 -55.96 10.21
CA VAL D 703 -15.75 -55.47 10.98
C VAL D 703 -16.40 -56.65 11.66
N ARG D 704 -16.66 -56.53 12.97
CA ARG D 704 -17.20 -57.66 13.71
C ARG D 704 -18.66 -57.44 14.07
N PRO D 705 -19.49 -58.48 14.02
CA PRO D 705 -20.93 -58.29 14.15
C PRO D 705 -21.44 -58.18 15.57
N TYR D 706 -22.76 -58.09 15.70
CA TYR D 706 -23.45 -57.89 16.96
C TYR D 706 -23.48 -59.19 17.76
N PRO D 707 -23.05 -59.20 19.02
CA PRO D 707 -23.05 -60.45 19.83
C PRO D 707 -24.38 -60.77 20.48
N HIS D 708 -25.26 -61.43 19.73
CA HIS D 708 -26.61 -61.72 20.19
C HIS D 708 -26.66 -62.80 21.26
N GLN D 709 -25.54 -63.45 21.57
CA GLN D 709 -25.53 -64.49 22.59
C GLN D 709 -25.41 -63.94 24.00
N LEU D 710 -25.36 -62.63 24.18
CA LEU D 710 -25.37 -62.00 25.49
C LEU D 710 -26.73 -61.46 25.89
N GLU D 711 -27.75 -61.64 25.05
CA GLU D 711 -29.08 -61.10 25.34
C GLU D 711 -29.75 -61.94 26.42
N GLU D 712 -30.30 -61.28 27.44
CA GLU D 712 -30.81 -61.97 28.62
C GLU D 712 -32.15 -61.42 29.07
N TRP D 713 -32.98 -62.31 29.61
CA TRP D 713 -34.21 -61.96 30.31
C TRP D 713 -33.98 -62.16 31.79
N VAL D 714 -34.25 -61.13 32.60
CA VAL D 714 -33.98 -61.19 34.03
C VAL D 714 -35.20 -60.72 34.80
N GLU D 715 -35.52 -61.44 35.87
CA GLU D 715 -36.60 -61.09 36.78
C GLU D 715 -35.98 -60.35 37.97
N LEU D 716 -36.60 -59.24 38.35
CA LEU D 716 -35.99 -58.29 39.27
C LEU D 716 -36.14 -58.78 40.71
N LYS D 717 -35.83 -57.91 41.67
CA LYS D 717 -36.01 -58.26 43.07
C LYS D 717 -37.48 -58.24 43.46
N ASN D 718 -38.31 -57.46 42.77
CA ASN D 718 -39.72 -57.36 43.06
C ASN D 718 -40.57 -58.22 42.12
N GLY D 719 -39.95 -59.11 41.35
CA GLY D 719 -40.67 -59.97 40.45
C GLY D 719 -40.97 -59.37 39.09
N GLU D 720 -40.34 -58.26 38.72
CA GLU D 720 -40.59 -57.64 37.43
C GLU D 720 -39.60 -58.17 36.39
N ARG D 721 -40.05 -58.19 35.14
CA ARG D 721 -39.25 -58.70 34.02
C ARG D 721 -38.60 -57.54 33.28
N CYS D 722 -37.36 -57.76 32.82
CA CYS D 722 -36.68 -56.79 31.97
C CYS D 722 -35.64 -57.52 31.14
N LEU D 723 -35.09 -56.82 30.14
CA LEU D 723 -34.14 -57.42 29.22
C LEU D 723 -32.81 -56.70 29.31
N PHE D 724 -31.73 -57.45 29.51
CA PHE D 724 -30.37 -56.92 29.50
C PHE D 724 -29.73 -57.26 28.17
N ARG D 725 -29.23 -56.26 27.45
CA ARG D 725 -28.68 -56.52 26.13
C ARG D 725 -27.69 -55.44 25.75
N PRO D 726 -26.84 -55.70 24.76
CA PRO D 726 -25.91 -54.66 24.28
C PRO D 726 -26.63 -53.54 23.58
N ILE D 727 -25.93 -52.41 23.47
CA ILE D 727 -26.54 -51.18 22.98
C ILE D 727 -26.52 -51.15 21.45
N LEU D 728 -27.42 -50.37 20.88
CA LEU D 728 -27.60 -50.21 19.45
C LEU D 728 -27.67 -48.74 19.10
N PRO D 729 -27.39 -48.38 17.85
CA PRO D 729 -27.50 -46.96 17.46
C PRO D 729 -28.90 -46.40 17.55
N GLU D 730 -29.94 -47.23 17.57
CA GLU D 730 -31.31 -46.75 17.57
C GLU D 730 -31.77 -46.29 18.95
N ASP D 731 -30.97 -46.47 19.99
CA ASP D 731 -31.35 -46.15 21.35
C ASP D 731 -31.08 -44.70 21.71
N GLU D 732 -30.63 -43.89 20.77
CA GLU D 732 -30.24 -42.52 21.11
C GLU D 732 -31.40 -41.70 21.65
N PRO D 733 -32.57 -41.65 21.00
CA PRO D 733 -33.69 -40.90 21.59
C PRO D 733 -33.98 -41.32 23.01
N GLN D 734 -34.24 -42.62 23.22
CA GLN D 734 -34.56 -43.10 24.55
C GLN D 734 -33.50 -42.69 25.56
N LEU D 735 -32.24 -42.59 25.10
CA LEU D 735 -31.15 -42.30 26.02
C LEU D 735 -31.23 -40.89 26.57
N GLN D 736 -31.77 -39.95 25.80
CA GLN D 736 -31.79 -38.56 26.26
C GLN D 736 -32.82 -38.39 27.38
N GLN D 737 -34.03 -38.93 27.21
CA GLN D 737 -35.03 -38.80 28.26
C GLN D 737 -34.52 -39.40 29.56
N PHE D 738 -33.93 -40.59 29.48
CA PHE D 738 -33.43 -41.26 30.68
C PHE D 738 -32.42 -40.39 31.42
N ILE D 739 -31.75 -39.47 30.73
CA ILE D 739 -30.73 -38.67 31.40
C ILE D 739 -31.33 -37.51 32.18
N SER D 740 -32.60 -37.18 31.94
CA SER D 740 -33.22 -36.11 32.72
C SER D 740 -33.48 -36.56 34.14
N ARG D 741 -34.01 -37.77 34.31
CA ARG D 741 -34.44 -38.27 35.61
C ARG D 741 -33.33 -39.07 36.28
N VAL D 742 -32.16 -38.45 36.39
CA VAL D 742 -31.00 -39.06 37.03
C VAL D 742 -30.33 -38.02 37.91
N THR D 743 -29.97 -38.42 39.12
CA THR D 743 -29.36 -37.50 40.08
C THR D 743 -28.10 -36.88 39.51
N LYS D 744 -27.62 -35.80 40.12
CA LYS D 744 -26.46 -35.09 39.60
C LYS D 744 -25.15 -35.67 40.10
N GLU D 745 -25.11 -36.17 41.34
CA GLU D 745 -23.84 -36.63 41.90
C GLU D 745 -23.25 -37.77 41.07
N ASP D 746 -24.09 -38.72 40.66
CA ASP D 746 -23.59 -39.89 39.95
C ASP D 746 -23.15 -39.59 38.52
N LEU D 747 -23.42 -38.39 38.01
CA LEU D 747 -23.17 -38.08 36.61
C LEU D 747 -21.71 -37.72 36.33
N TYR D 748 -20.79 -37.94 37.26
CA TYR D 748 -19.40 -37.56 37.05
C TYR D 748 -18.58 -38.77 36.67
N TYR D 749 -17.54 -38.53 35.87
CA TYR D 749 -16.57 -39.55 35.49
C TYR D 749 -15.22 -38.89 35.30
N ARG D 750 -14.18 -39.72 35.21
CA ARG D 750 -12.80 -39.27 35.12
C ARG D 750 -12.25 -39.52 33.73
N TYR D 751 -11.89 -38.43 33.04
CA TYR D 751 -11.25 -38.48 31.73
C TYR D 751 -9.96 -37.67 31.82
N PHE D 752 -8.84 -38.31 31.48
CA PHE D 752 -7.53 -37.66 31.43
C PHE D 752 -7.28 -36.81 32.67
N SER D 753 -7.22 -37.50 33.81
CA SER D 753 -6.92 -36.87 35.09
C SER D 753 -7.77 -35.63 35.33
N GLU D 754 -8.97 -35.60 34.78
CA GLU D 754 -9.92 -34.54 35.00
C GLU D 754 -11.28 -35.15 35.29
N ILE D 755 -12.13 -34.40 35.97
CA ILE D 755 -13.48 -34.83 36.32
C ILE D 755 -14.46 -34.04 35.48
N ASN D 756 -15.29 -34.74 34.71
CA ASN D 756 -16.36 -34.09 33.95
C ASN D 756 -17.65 -34.83 34.22
N GLU D 757 -18.74 -34.36 33.61
CA GLU D 757 -20.04 -34.99 33.78
C GLU D 757 -20.69 -35.20 32.42
N PHE D 758 -21.48 -36.27 32.34
CA PHE D 758 -22.05 -36.69 31.07
C PHE D 758 -22.94 -35.60 30.49
N THR D 759 -22.89 -35.47 29.16
CA THR D 759 -23.79 -34.60 28.41
C THR D 759 -24.41 -35.43 27.30
N HIS D 760 -25.21 -34.78 26.45
CA HIS D 760 -25.89 -35.50 25.39
C HIS D 760 -24.91 -36.10 24.39
N GLU D 761 -23.89 -35.33 24.00
CA GLU D 761 -22.93 -35.83 23.03
C GLU D 761 -22.24 -37.08 23.53
N ASP D 762 -21.97 -37.17 24.84
CA ASP D 762 -21.31 -38.36 25.37
C ASP D 762 -22.17 -39.60 25.14
N LEU D 763 -23.48 -39.49 25.37
CA LEU D 763 -24.35 -40.64 25.19
C LEU D 763 -24.50 -40.99 23.71
N ALA D 764 -24.67 -39.98 22.86
CA ALA D 764 -24.72 -40.24 21.43
C ALA D 764 -23.47 -40.97 20.97
N ASN D 765 -22.30 -40.56 21.47
CA ASN D 765 -21.07 -41.26 21.17
C ASN D 765 -21.12 -42.69 21.69
N MET D 766 -21.66 -42.88 22.90
CA MET D 766 -21.69 -44.21 23.49
C MET D 766 -22.55 -45.16 22.66
N THR D 767 -23.49 -44.64 21.87
CA THR D 767 -24.31 -45.54 21.06
C THR D 767 -23.52 -46.18 19.92
N GLN D 768 -22.51 -45.50 19.37
CA GLN D 768 -21.68 -46.05 18.30
C GLN D 768 -20.51 -46.80 18.93
N ILE D 769 -20.55 -48.12 18.87
CA ILE D 769 -19.63 -48.97 19.60
C ILE D 769 -19.04 -50.02 18.68
N ASP D 770 -17.79 -50.37 18.94
CA ASP D 770 -17.20 -51.61 18.46
C ASP D 770 -17.16 -52.57 19.64
N TYR D 771 -17.63 -53.78 19.43
CA TYR D 771 -17.75 -54.73 20.55
C TYR D 771 -16.47 -55.55 20.70
N ASP D 772 -15.33 -54.87 20.67
CA ASP D 772 -14.03 -55.47 20.90
C ASP D 772 -13.27 -54.78 22.01
N ARG D 773 -13.17 -53.45 21.97
CA ARG D 773 -12.42 -52.69 22.94
C ARG D 773 -13.29 -51.89 23.89
N GLU D 774 -14.56 -51.69 23.58
CA GLU D 774 -15.48 -50.97 24.44
C GLU D 774 -16.81 -51.69 24.42
N MET D 775 -17.44 -51.80 25.59
CA MET D 775 -18.72 -52.50 25.71
C MET D 775 -19.67 -51.67 26.55
N ALA D 776 -20.96 -51.84 26.29
CA ALA D 776 -22.00 -51.17 27.04
C ALA D 776 -23.24 -52.04 27.05
N PHE D 777 -23.86 -52.16 28.23
CA PHE D 777 -25.10 -52.91 28.41
C PHE D 777 -26.20 -51.96 28.85
N VAL D 778 -27.42 -52.26 28.41
CA VAL D 778 -28.60 -51.52 28.84
C VAL D 778 -29.65 -52.50 29.36
N ALA D 779 -30.44 -52.01 30.31
CA ALA D 779 -31.59 -52.73 30.84
C ALA D 779 -32.86 -52.05 30.34
N VAL D 780 -33.72 -52.80 29.67
CA VAL D 780 -34.82 -52.22 28.91
C VAL D 780 -36.13 -52.89 29.32
N ARG D 781 -37.22 -52.11 29.21
CA ARG D 781 -38.57 -52.52 29.55
C ARG D 781 -39.49 -52.19 28.39
N ARG D 782 -40.41 -53.10 28.10
CA ARG D 782 -41.33 -52.97 26.98
C ARG D 782 -42.67 -52.45 27.46
N ILE D 783 -43.13 -51.35 26.87
CA ILE D 783 -44.44 -50.79 27.21
C ILE D 783 -45.09 -50.25 25.94
N ASP D 784 -46.14 -50.91 25.48
CA ASP D 784 -46.99 -50.41 24.39
C ASP D 784 -46.16 -50.06 23.15
N GLN D 785 -45.53 -51.10 22.59
CA GLN D 785 -44.79 -50.97 21.34
C GLN D 785 -43.72 -49.88 21.43
N THR D 786 -43.07 -49.80 22.59
CA THR D 786 -41.98 -48.86 22.80
C THR D 786 -41.04 -49.46 23.84
N GLU D 787 -39.84 -48.91 23.90
CA GLU D 787 -38.83 -49.33 24.86
C GLU D 787 -38.41 -48.16 25.71
N GLU D 788 -38.29 -48.39 27.01
CA GLU D 788 -37.89 -47.38 27.97
C GLU D 788 -36.71 -47.92 28.76
N ILE D 789 -35.66 -47.11 28.87
CA ILE D 789 -34.40 -47.56 29.48
C ILE D 789 -34.46 -47.30 30.98
N LEU D 790 -33.92 -48.26 31.75
CA LEU D 790 -33.84 -48.15 33.20
C LEU D 790 -32.43 -47.93 33.71
N GLY D 791 -31.43 -48.58 33.10
CA GLY D 791 -30.07 -48.47 33.60
C GLY D 791 -29.06 -48.78 32.52
N VAL D 792 -27.89 -48.18 32.65
CA VAL D 792 -26.80 -48.30 31.68
C VAL D 792 -25.52 -48.64 32.41
N THR D 793 -24.68 -49.43 31.76
CA THR D 793 -23.32 -49.65 32.25
C THR D 793 -22.36 -49.71 31.07
N ARG D 794 -21.14 -49.24 31.28
CA ARG D 794 -20.13 -49.17 30.23
C ARG D 794 -18.76 -49.55 30.77
N ALA D 795 -17.94 -50.12 29.90
CA ALA D 795 -16.55 -50.44 30.21
C ALA D 795 -15.67 -50.18 28.99
N ILE D 796 -14.54 -49.50 29.22
CA ILE D 796 -13.59 -49.16 28.17
C ILE D 796 -12.23 -49.73 28.55
N SER D 797 -11.60 -50.43 27.61
CA SER D 797 -10.33 -51.09 27.84
C SER D 797 -9.20 -50.35 27.14
N ASP D 798 -7.98 -50.66 27.54
CA ASP D 798 -6.79 -49.97 27.04
C ASP D 798 -6.15 -50.76 25.92
N PRO D 799 -5.25 -50.13 25.16
CA PRO D 799 -4.65 -50.83 24.00
C PRO D 799 -3.92 -52.10 24.36
N ASP D 800 -3.23 -52.13 25.49
CA ASP D 800 -2.43 -53.30 25.87
C ASP D 800 -3.23 -54.35 26.61
N ASN D 801 -4.51 -54.10 26.88
CA ASN D 801 -5.40 -55.09 27.48
C ASN D 801 -4.97 -55.46 28.90
N ILE D 802 -4.72 -54.43 29.72
CA ILE D 802 -4.31 -54.63 31.09
C ILE D 802 -5.14 -53.84 32.09
N ASP D 803 -5.85 -52.79 31.67
CA ASP D 803 -6.67 -51.98 32.56
C ASP D 803 -7.99 -51.67 31.87
N ALA D 804 -8.96 -51.22 32.64
CA ALA D 804 -10.21 -50.75 32.06
C ALA D 804 -10.93 -49.85 33.06
N GLU D 805 -11.82 -49.02 32.53
CA GLU D 805 -12.59 -48.08 33.30
C GLU D 805 -14.07 -48.34 33.10
N PHE D 806 -14.84 -48.28 34.17
CA PHE D 806 -16.25 -48.63 34.14
C PHE D 806 -17.11 -47.47 34.64
N ALA D 807 -18.39 -47.52 34.32
CA ALA D 807 -19.35 -46.54 34.81
C ALA D 807 -20.74 -47.15 34.79
N VAL D 808 -21.55 -46.78 35.77
CA VAL D 808 -22.91 -47.28 35.93
C VAL D 808 -23.85 -46.12 36.21
N LEU D 809 -25.04 -46.16 35.62
CA LEU D 809 -26.05 -45.14 35.83
C LEU D 809 -27.41 -45.80 35.99
N VAL D 810 -28.16 -45.37 36.99
CA VAL D 810 -29.50 -45.88 37.26
C VAL D 810 -30.46 -44.71 37.39
N ARG D 811 -31.72 -44.94 37.04
CA ARG D 811 -32.72 -43.89 37.05
C ARG D 811 -33.21 -43.61 38.47
N SER D 812 -33.78 -42.43 38.65
CA SER D 812 -34.42 -42.12 39.92
C SER D 812 -35.68 -42.96 40.08
N ASP D 813 -36.09 -43.12 41.35
CA ASP D 813 -37.24 -43.91 41.75
C ASP D 813 -37.10 -45.39 41.43
N LEU D 814 -35.89 -45.84 41.08
CA LEU D 814 -35.63 -47.25 40.82
C LEU D 814 -34.59 -47.83 41.78
N LYS D 815 -34.24 -47.12 42.83
CA LYS D 815 -33.16 -47.55 43.72
C LYS D 815 -33.63 -48.64 44.66
N GLY D 816 -32.66 -49.42 45.14
CA GLY D 816 -32.93 -50.49 46.10
C GLY D 816 -33.35 -51.81 45.50
N LEU D 817 -33.53 -51.90 44.18
CA LEU D 817 -34.02 -53.11 43.54
C LEU D 817 -32.91 -54.01 43.03
N GLY D 818 -31.65 -53.68 43.30
CA GLY D 818 -30.54 -54.51 42.88
C GLY D 818 -30.16 -54.40 41.43
N LEU D 819 -30.79 -53.50 40.67
CA LEU D 819 -30.49 -53.38 39.24
C LEU D 819 -29.01 -53.07 39.01
N GLY D 820 -28.48 -52.13 39.78
CA GLY D 820 -27.05 -51.83 39.66
C GLY D 820 -26.19 -53.04 39.94
N ARG D 821 -26.56 -53.83 40.95
CA ARG D 821 -25.78 -55.02 41.28
C ARG D 821 -25.78 -56.00 40.12
N ARG D 822 -26.94 -56.23 39.51
CA ARG D 822 -27.01 -57.16 38.38
C ARG D 822 -26.16 -56.67 37.22
N LEU D 823 -26.26 -55.38 36.90
CA LEU D 823 -25.45 -54.85 35.80
C LEU D 823 -23.97 -55.02 36.10
N MET D 824 -23.55 -54.74 37.33
CA MET D 824 -22.14 -54.87 37.67
C MET D 824 -21.68 -56.33 37.57
N GLU D 825 -22.52 -57.26 37.99
CA GLU D 825 -22.15 -58.68 37.89
C GLU D 825 -21.97 -59.09 36.43
N LYS D 826 -22.90 -58.64 35.57
CA LYS D 826 -22.84 -58.93 34.12
C LYS D 826 -21.54 -58.36 33.55
N LEU D 827 -21.14 -57.16 33.96
CA LEU D 827 -19.91 -56.54 33.48
C LEU D 827 -18.69 -57.31 33.97
N ILE D 828 -18.71 -57.75 35.23
CA ILE D 828 -17.57 -58.51 35.76
C ILE D 828 -17.39 -59.80 34.98
N THR D 829 -18.49 -60.50 34.71
CA THR D 829 -18.39 -61.74 33.93
C THR D 829 -17.76 -61.49 32.57
N TYR D 830 -18.28 -60.50 31.84
CA TYR D 830 -17.75 -60.25 30.50
C TYR D 830 -16.28 -59.85 30.55
N THR D 831 -15.91 -58.98 31.49
CA THR D 831 -14.54 -58.50 31.54
C THR D 831 -13.57 -59.61 31.91
N ARG D 832 -13.93 -60.45 32.87
CA ARG D 832 -13.06 -61.56 33.21
C ARG D 832 -12.92 -62.53 32.06
N ASP D 833 -14.01 -62.77 31.32
CA ASP D 833 -13.91 -63.62 30.14
C ASP D 833 -12.98 -63.02 29.10
N HIS D 834 -13.02 -61.70 28.94
CA HIS D 834 -12.20 -61.05 27.91
C HIS D 834 -10.71 -61.31 28.15
N GLY D 835 -10.27 -61.25 29.41
CA GLY D 835 -8.89 -61.52 29.74
C GLY D 835 -8.17 -60.33 30.32
N LEU D 836 -8.89 -59.49 31.05
CA LEU D 836 -8.31 -58.30 31.66
C LEU D 836 -7.80 -58.63 33.07
N GLN D 837 -7.07 -57.67 33.64
CA GLN D 837 -6.49 -57.82 34.96
C GLN D 837 -7.31 -57.15 36.06
N ARG D 838 -7.56 -55.85 35.94
CA ARG D 838 -8.23 -55.09 36.99
C ARG D 838 -9.22 -54.12 36.38
N LEU D 839 -10.02 -53.52 37.26
CA LEU D 839 -11.08 -52.60 36.86
C LEU D 839 -11.05 -51.38 37.79
N ASN D 840 -11.18 -50.20 37.20
CA ASN D 840 -11.02 -48.94 37.92
C ASN D 840 -12.25 -48.08 37.76
N GLY D 841 -12.55 -47.29 38.79
CA GLY D 841 -13.67 -46.37 38.72
C GLY D 841 -13.57 -45.32 39.81
N ILE D 842 -14.53 -44.41 39.82
CA ILE D 842 -14.58 -43.36 40.84
C ILE D 842 -16.02 -42.96 41.08
N THR D 843 -16.28 -42.43 42.28
CA THR D 843 -17.58 -41.86 42.60
C THR D 843 -17.41 -40.94 43.80
N MET D 844 -18.49 -40.23 44.14
CA MET D 844 -18.46 -39.26 45.22
C MET D 844 -18.51 -39.93 46.59
N PRO D 845 -18.00 -39.26 47.63
CA PRO D 845 -18.11 -39.82 48.98
C PRO D 845 -19.51 -39.66 49.57
N ASN D 846 -20.16 -38.55 49.23
CA ASN D 846 -21.51 -38.31 49.73
C ASN D 846 -22.46 -39.42 49.29
N ASN D 847 -22.32 -39.89 48.06
CA ASN D 847 -23.15 -41.00 47.58
C ASN D 847 -22.75 -42.27 48.32
N ARG D 848 -23.60 -42.70 49.25
CA ARG D 848 -23.27 -43.84 50.10
C ARG D 848 -23.76 -45.16 49.54
N GLY D 849 -24.77 -45.16 48.67
CA GLY D 849 -25.27 -46.42 48.13
C GLY D 849 -24.26 -47.13 47.27
N MET D 850 -23.59 -46.38 46.40
CA MET D 850 -22.63 -47.01 45.49
C MET D 850 -21.43 -47.56 46.26
N VAL D 851 -20.93 -46.81 47.24
CA VAL D 851 -19.83 -47.32 48.05
C VAL D 851 -20.29 -48.52 48.87
N ALA D 852 -21.53 -48.51 49.34
CA ALA D 852 -22.07 -49.68 50.02
C ALA D 852 -22.05 -50.89 49.11
N LEU D 853 -22.46 -50.72 47.86
CA LEU D 853 -22.43 -51.83 46.91
C LEU D 853 -21.01 -52.32 46.67
N ALA D 854 -20.07 -51.38 46.47
CA ALA D 854 -18.69 -51.77 46.24
C ALA D 854 -18.12 -52.53 47.43
N ARG D 855 -18.41 -52.07 48.65
CA ARG D 855 -18.01 -52.82 49.84
C ARG D 855 -18.66 -54.19 49.86
N LYS D 856 -19.94 -54.27 49.53
CA LYS D 856 -20.61 -55.57 49.46
C LYS D 856 -19.82 -56.51 48.57
N LEU D 857 -19.33 -56.01 47.44
CA LEU D 857 -18.39 -56.81 46.66
C LEU D 857 -17.11 -57.08 47.45
N GLY D 858 -16.75 -56.16 48.35
CA GLY D 858 -15.55 -56.34 49.16
C GLY D 858 -14.29 -55.88 48.49
N PHE D 859 -14.41 -55.01 47.49
CA PHE D 859 -13.28 -54.60 46.64
C PHE D 859 -12.86 -53.18 47.00
N ASN D 860 -11.61 -52.86 46.69
CA ASN D 860 -10.93 -51.77 47.36
C ASN D 860 -11.59 -50.42 47.10
N VAL D 861 -11.71 -49.61 48.15
CA VAL D 861 -12.18 -48.24 48.06
C VAL D 861 -11.18 -47.36 48.79
N ASP D 862 -10.62 -46.39 48.09
CA ASP D 862 -9.71 -45.41 48.67
C ASP D 862 -10.33 -44.03 48.51
N ILE D 863 -9.93 -43.11 49.40
CA ILE D 863 -10.58 -41.81 49.50
C ILE D 863 -9.52 -40.72 49.33
N GLN D 864 -9.82 -39.73 48.49
CA GLN D 864 -8.91 -38.63 48.20
C GLN D 864 -9.40 -37.38 48.93
N LEU D 865 -8.46 -36.60 49.47
CA LEU D 865 -8.78 -35.44 50.28
C LEU D 865 -8.45 -34.16 49.51
N GLU D 866 -9.26 -33.12 49.75
CA GLU D 866 -9.26 -31.83 49.05
C GLU D 866 -9.78 -31.95 47.62
N GLU D 867 -10.13 -33.14 47.14
CA GLU D 867 -10.83 -33.32 45.89
C GLU D 867 -12.17 -34.00 46.04
N GLY D 868 -12.41 -34.71 47.13
CA GLY D 868 -13.68 -35.35 47.35
C GLY D 868 -14.03 -36.42 46.34
N ILE D 869 -13.04 -37.20 45.90
CA ILE D 869 -13.24 -38.28 44.95
C ILE D 869 -12.83 -39.58 45.63
N VAL D 870 -13.67 -40.61 45.48
CA VAL D 870 -13.41 -41.93 46.04
C VAL D 870 -13.12 -42.86 44.87
N GLY D 871 -11.93 -43.47 44.90
CA GLY D 871 -11.49 -44.37 43.84
C GLY D 871 -11.79 -45.81 44.20
N LEU D 872 -12.40 -46.52 43.24
CA LEU D 872 -12.81 -47.90 43.40
C LEU D 872 -11.93 -48.79 42.53
N THR D 873 -11.43 -49.87 43.11
CA THR D 873 -10.57 -50.80 42.40
C THR D 873 -11.08 -52.21 42.63
N LEU D 874 -11.14 -52.99 41.54
CA LEU D 874 -11.68 -54.34 41.57
C LEU D 874 -10.73 -55.23 40.78
N ASN D 875 -9.97 -56.08 41.48
CA ASN D 875 -8.96 -56.93 40.85
C ASN D 875 -9.60 -58.25 40.44
N LEU D 876 -9.70 -58.48 39.13
CA LEU D 876 -10.39 -59.66 38.63
C LEU D 876 -9.60 -60.94 38.85
N ALA D 877 -8.33 -60.81 39.24
CA ALA D 877 -7.45 -61.97 39.40
C ALA D 877 -7.27 -62.68 38.07
#